data_1QUN
#
_entry.id   1QUN
#
_cell.length_a   139.410
_cell.length_b   139.570
_cell.length_c   215.720
_cell.angle_alpha   90.00
_cell.angle_beta   90.00
_cell.angle_gamma   90.00
#
_symmetry.space_group_name_H-M   'C 1 2 1'
#
loop_
_entity.id
_entity.type
_entity.pdbx_description
1 polymer 'PAPD-LIKE CHAPERONE FIMC'
2 polymer 'MANNOSE-SPECIFIC ADHESIN FIMH'
3 water water
#
loop_
_entity_poly.entity_id
_entity_poly.type
_entity_poly.pdbx_seq_one_letter_code
_entity_poly.pdbx_strand_id
1 'polypeptide(L)'
;GVALGATRVIYPAGQKQVQLAVTNNDENSTYLIQSWVENADGVKDGRFIVTPPLFAMKGKKENTLRILDATNNQLPQDRE
SLFWMNVKAIPSMDKSKLTENTLQLAIISRIKLYYRPAKLALPPDQAAEKLRFRRSANSLTLINPTPYYLTVTELNAGTR
VLENALVPPMGESAVKLPSDAGSNITYRTINDYGALTPKMTGVME
;
A,C,E,G,I,K,M,O
2 'polypeptide(L)'
;FACKTANGTAIPIGGGSANVYVNLAPVVNVGQNLVVDLSTQIFCHNDYPETITDYVTLQRGSAYGGVLSNFSGTVKYSGS
SYPFPTTSETPRVVYNSRTDKPWPVALYLTPVSSAGGVAIKAGSLIAVLILRQTNNYNSDDFQFVWNIYANNDVVVPTGG
CDVSARDVTVTLPDYPGSVPIPLTVYCAKSQNLGYYLSGTTADAGNSIFTNTASFSPAQGVGVQLTRNGTIIPANNTVSL
GAVGTSAVSLGLTANYARTGGQVTAGNVQSIIGVTFVYQ
;
B,D,F,H,J,L,N,P
#
# COMPACT_ATOMS: atom_id res chain seq x y z
N GLY A 1 -88.69 -39.82 9.76
CA GLY A 1 -87.61 -40.28 8.82
C GLY A 1 -88.23 -39.93 7.42
N VAL A 2 -87.84 -40.70 6.46
CA VAL A 2 -88.36 -40.84 5.12
C VAL A 2 -89.47 -41.91 5.04
N ALA A 3 -90.60 -41.52 4.43
CA ALA A 3 -91.71 -42.48 4.28
C ALA A 3 -92.26 -42.50 2.85
N LEU A 4 -92.76 -43.56 2.31
CA LEU A 4 -93.36 -43.69 1.01
C LEU A 4 -94.80 -43.27 1.02
N GLY A 5 -95.33 -42.70 -0.10
CA GLY A 5 -96.76 -42.35 -0.12
C GLY A 5 -97.67 -43.47 -0.52
N ALA A 6 -97.34 -44.72 -0.43
CA ALA A 6 -98.19 -45.86 -0.65
C ALA A 6 -97.54 -47.09 0.06
N THR A 7 -98.31 -48.14 0.25
CA THR A 7 -97.82 -49.35 0.79
C THR A 7 -97.73 -50.34 -0.36
N ARG A 8 -98.02 -49.99 -1.64
CA ARG A 8 -97.79 -50.98 -2.68
C ARG A 8 -97.71 -50.25 -4.01
N VAL A 9 -97.26 -50.87 -5.09
CA VAL A 9 -97.28 -50.10 -6.33
C VAL A 9 -97.94 -51.01 -7.37
N ILE A 10 -98.95 -50.55 -8.07
CA ILE A 10 -99.53 -51.29 -9.19
C ILE A 10 -98.82 -50.83 -10.46
N TYR A 11 -98.04 -51.59 -11.20
CA TYR A 11 -97.45 -51.17 -12.44
C TYR A 11 -98.32 -51.75 -13.58
N PRO A 12 -99.07 -50.96 -14.32
CA PRO A 12 -99.90 -51.43 -15.39
C PRO A 12 -99.07 -51.68 -16.62
N ALA A 13 -99.06 -52.88 -17.19
CA ALA A 13 -98.24 -53.11 -18.39
C ALA A 13 -98.53 -52.09 -19.48
N GLY A 14 -97.55 -51.64 -20.25
CA GLY A 14 -97.78 -50.65 -21.28
C GLY A 14 -97.25 -49.29 -20.84
N GLN A 15 -97.57 -48.88 -19.60
CA GLN A 15 -97.11 -47.56 -19.14
C GLN A 15 -95.59 -47.56 -19.06
N LYS A 16 -94.97 -46.45 -19.49
CA LYS A 16 -93.53 -46.30 -19.44
C LYS A 16 -93.07 -45.94 -18.02
N GLN A 17 -93.91 -45.48 -17.11
CA GLN A 17 -93.45 -45.15 -15.79
C GLN A 17 -94.60 -44.91 -14.80
N VAL A 18 -94.39 -45.51 -13.64
CA VAL A 18 -95.27 -45.36 -12.49
C VAL A 18 -94.49 -44.50 -11.52
N GLN A 19 -95.18 -43.66 -10.81
CA GLN A 19 -94.68 -42.64 -9.92
C GLN A 19 -94.84 -43.11 -8.49
N LEU A 20 -93.83 -42.78 -7.65
CA LEU A 20 -94.09 -43.16 -6.24
C LEU A 20 -93.55 -42.00 -5.43
N ALA A 21 -94.37 -41.55 -4.49
CA ALA A 21 -93.94 -40.44 -3.66
C ALA A 21 -93.12 -40.93 -2.46
N VAL A 22 -92.09 -40.14 -2.11
CA VAL A 22 -91.27 -40.33 -0.91
C VAL A 22 -91.23 -39.05 -0.05
N THR A 23 -91.20 -39.08 1.28
CA THR A 23 -91.15 -37.70 1.85
C THR A 23 -90.22 -37.68 3.05
N ASN A 24 -89.29 -36.75 3.18
CA ASN A 24 -88.46 -36.64 4.36
C ASN A 24 -89.11 -35.68 5.35
N ASN A 25 -89.42 -36.07 6.55
CA ASN A 25 -89.97 -35.32 7.63
C ASN A 25 -88.98 -34.63 8.59
N ASP A 26 -87.74 -35.07 8.60
CA ASP A 26 -86.81 -34.66 9.64
C ASP A 26 -86.17 -33.36 9.20
N GLU A 27 -86.74 -32.28 9.64
CA GLU A 27 -86.34 -30.91 9.36
C GLU A 27 -84.85 -30.69 9.26
N ASN A 28 -84.02 -31.31 10.09
CA ASN A 28 -82.57 -31.16 10.09
C ASN A 28 -81.73 -32.36 9.74
N SER A 29 -82.26 -33.29 8.95
CA SER A 29 -81.49 -34.43 8.49
C SER A 29 -81.44 -34.44 6.96
N THR A 30 -80.31 -34.90 6.42
CA THR A 30 -80.14 -34.98 4.98
C THR A 30 -80.02 -36.48 4.67
N TYR A 31 -80.65 -37.03 3.66
CA TYR A 31 -80.55 -38.42 3.27
C TYR A 31 -80.28 -38.63 1.78
N LEU A 32 -79.46 -39.63 1.51
CA LEU A 32 -79.23 -39.99 0.10
C LEU A 32 -80.27 -41.10 -0.18
N ILE A 33 -81.16 -40.91 -1.12
CA ILE A 33 -82.17 -41.97 -1.37
C ILE A 33 -81.77 -42.87 -2.52
N GLN A 34 -81.69 -44.18 -2.29
CA GLN A 34 -81.35 -45.16 -3.34
C GLN A 34 -82.51 -46.16 -3.38
N SER A 35 -82.92 -46.59 -4.53
CA SER A 35 -84.11 -47.39 -4.71
C SER A 35 -83.85 -48.44 -5.74
N TRP A 36 -84.48 -49.58 -5.45
CA TRP A 36 -84.38 -50.70 -6.39
C TRP A 36 -85.52 -51.65 -6.21
N VAL A 37 -85.69 -52.49 -7.26
CA VAL A 37 -86.77 -53.51 -7.30
C VAL A 37 -86.22 -54.88 -7.39
N GLU A 38 -86.68 -55.88 -6.65
CA GLU A 38 -86.22 -57.25 -6.74
C GLU A 38 -87.38 -58.12 -7.27
N ASN A 39 -87.06 -59.30 -7.79
CA ASN A 39 -88.17 -60.17 -8.17
C ASN A 39 -88.68 -60.92 -6.94
N ALA A 40 -89.57 -61.90 -7.13
CA ALA A 40 -90.20 -62.62 -6.04
C ALA A 40 -89.14 -63.42 -5.28
N ASP A 41 -88.07 -63.79 -5.95
CA ASP A 41 -87.03 -64.52 -5.29
C ASP A 41 -86.00 -63.67 -4.59
N GLY A 42 -86.16 -62.38 -4.43
CA GLY A 42 -85.10 -61.64 -3.74
C GLY A 42 -83.98 -61.23 -4.69
N VAL A 43 -83.98 -61.54 -6.02
CA VAL A 43 -82.78 -61.23 -6.79
C VAL A 43 -82.90 -59.81 -7.32
N LYS A 44 -81.78 -59.07 -7.31
CA LYS A 44 -81.89 -57.75 -7.83
C LYS A 44 -81.82 -57.91 -9.37
N ASP A 45 -82.98 -58.21 -9.93
CA ASP A 45 -83.20 -58.27 -11.33
C ASP A 45 -82.94 -56.96 -12.01
N GLY A 46 -82.95 -56.95 -13.32
CA GLY A 46 -82.99 -55.48 -13.76
C GLY A 46 -84.41 -55.29 -14.29
N ARG A 47 -85.37 -56.12 -13.94
CA ARG A 47 -86.70 -56.00 -14.54
C ARG A 47 -87.41 -54.67 -14.50
N PHE A 48 -87.26 -54.01 -13.33
CA PHE A 48 -87.69 -52.68 -13.04
C PHE A 48 -86.51 -51.91 -12.44
N ILE A 49 -86.52 -50.62 -12.76
CA ILE A 49 -85.54 -49.68 -12.34
C ILE A 49 -86.27 -48.38 -11.93
N VAL A 50 -85.64 -47.80 -10.91
CA VAL A 50 -86.08 -46.61 -10.29
C VAL A 50 -85.37 -45.34 -10.73
N THR A 51 -86.26 -44.36 -10.98
CA THR A 51 -85.91 -43.02 -11.28
C THR A 51 -85.81 -41.98 -10.26
N PRO A 52 -85.09 -40.95 -9.82
CA PRO A 52 -83.61 -40.72 -9.86
C PRO A 52 -83.02 -41.84 -9.05
N PRO A 53 -82.03 -42.52 -9.58
CA PRO A 53 -81.42 -43.68 -8.95
C PRO A 53 -80.67 -43.27 -7.71
N LEU A 54 -80.46 -41.96 -7.47
CA LEU A 54 -79.69 -41.59 -6.27
C LEU A 54 -79.73 -40.11 -5.99
N PHE A 55 -80.52 -39.60 -5.06
CA PHE A 55 -80.52 -38.13 -4.90
C PHE A 55 -80.54 -37.81 -3.39
N ALA A 56 -80.41 -36.55 -3.00
CA ALA A 56 -80.43 -36.11 -1.66
C ALA A 56 -81.79 -35.56 -1.24
N MET A 57 -82.23 -35.85 0.00
CA MET A 57 -83.43 -35.11 0.42
C MET A 57 -83.02 -34.39 1.73
N LYS A 58 -82.81 -33.10 1.61
CA LYS A 58 -82.36 -32.24 2.69
C LYS A 58 -83.53 -31.67 3.44
N GLY A 59 -83.68 -31.91 4.75
CA GLY A 59 -84.83 -31.27 5.42
C GLY A 59 -86.16 -31.70 4.81
N LYS A 60 -87.24 -31.22 5.42
CA LYS A 60 -88.63 -31.55 5.09
C LYS A 60 -88.70 -31.41 3.57
N LYS A 61 -89.13 -32.38 2.81
CA LYS A 61 -89.00 -32.33 1.36
C LYS A 61 -89.90 -33.42 0.77
N GLU A 62 -90.27 -33.27 -0.50
CA GLU A 62 -91.13 -34.27 -1.11
C GLU A 62 -90.53 -34.68 -2.45
N ASN A 63 -90.43 -35.98 -2.77
CA ASN A 63 -89.81 -36.22 -4.10
C ASN A 63 -90.64 -37.25 -4.83
N THR A 64 -90.41 -37.39 -6.12
CA THR A 64 -91.11 -38.40 -6.87
C THR A 64 -90.18 -39.49 -7.39
N LEU A 65 -90.60 -40.75 -7.15
CA LEU A 65 -89.75 -41.84 -7.70
C LEU A 65 -90.43 -42.31 -9.00
N ARG A 66 -89.70 -42.70 -10.03
CA ARG A 66 -90.31 -43.11 -11.27
C ARG A 66 -89.77 -44.52 -11.47
N ILE A 67 -90.67 -45.46 -11.58
CA ILE A 67 -90.32 -46.85 -11.69
C ILE A 67 -90.50 -47.09 -13.18
N LEU A 68 -89.44 -47.45 -13.86
CA LEU A 68 -89.53 -47.69 -15.27
C LEU A 68 -89.60 -49.18 -15.59
N ASP A 69 -90.43 -49.56 -16.55
CA ASP A 69 -90.50 -50.91 -17.05
C ASP A 69 -89.31 -51.24 -17.92
N ALA A 70 -88.37 -52.01 -17.44
CA ALA A 70 -87.20 -52.47 -18.12
C ALA A 70 -87.44 -53.92 -18.58
N THR A 71 -88.61 -54.47 -18.32
CA THR A 71 -88.88 -55.85 -18.78
C THR A 71 -88.80 -55.74 -20.31
N ASN A 72 -88.67 -56.75 -21.13
CA ASN A 72 -88.65 -56.35 -22.58
C ASN A 72 -89.93 -56.87 -23.20
N ASN A 73 -90.99 -56.80 -22.38
CA ASN A 73 -92.29 -57.41 -22.59
C ASN A 73 -92.08 -58.93 -22.50
N GLN A 74 -91.13 -59.35 -21.67
CA GLN A 74 -90.77 -60.73 -21.41
C GLN A 74 -91.55 -61.38 -20.26
N LEU A 75 -92.51 -60.67 -19.65
CA LEU A 75 -93.21 -61.19 -18.49
C LEU A 75 -94.56 -61.81 -18.84
N PRO A 76 -95.02 -62.78 -18.09
CA PRO A 76 -96.30 -63.44 -18.36
C PRO A 76 -97.36 -62.38 -18.60
N GLN A 77 -98.26 -62.57 -19.58
CA GLN A 77 -99.22 -61.53 -19.92
C GLN A 77 -100.61 -61.89 -19.50
N ASP A 78 -100.83 -63.00 -18.83
CA ASP A 78 -102.13 -63.42 -18.34
C ASP A 78 -102.29 -63.44 -16.84
N ARG A 79 -101.38 -62.87 -16.07
CA ARG A 79 -101.37 -62.86 -14.61
C ARG A 79 -100.31 -61.87 -14.09
N GLU A 80 -100.48 -61.29 -12.92
CA GLU A 80 -99.53 -60.44 -12.26
C GLU A 80 -98.24 -61.22 -11.93
N SER A 81 -97.15 -60.56 -11.63
CA SER A 81 -95.87 -61.10 -11.23
C SER A 81 -95.48 -60.22 -10.02
N LEU A 82 -95.00 -60.84 -8.98
CA LEU A 82 -94.72 -60.09 -7.77
C LEU A 82 -93.28 -59.64 -7.76
N PHE A 83 -93.00 -58.38 -7.51
CA PHE A 83 -91.68 -57.79 -7.33
C PHE A 83 -91.64 -57.01 -5.99
N TRP A 84 -90.49 -56.66 -5.47
CA TRP A 84 -90.37 -55.86 -4.24
C TRP A 84 -89.55 -54.59 -4.50
N MET A 85 -90.13 -53.47 -4.19
CA MET A 85 -89.50 -52.14 -4.34
C MET A 85 -88.97 -51.68 -2.98
N ASN A 86 -87.69 -51.29 -2.93
CA ASN A 86 -87.05 -50.89 -1.74
C ASN A 86 -86.50 -49.50 -1.98
N VAL A 87 -86.77 -48.66 -1.00
CA VAL A 87 -86.28 -47.28 -1.02
C VAL A 87 -85.50 -47.09 0.31
N LYS A 88 -84.22 -46.82 0.22
CA LYS A 88 -83.28 -46.81 1.31
C LYS A 88 -82.80 -45.36 1.63
N ALA A 89 -82.72 -45.02 2.94
CA ALA A 89 -82.41 -43.62 3.21
C ALA A 89 -81.06 -43.59 3.97
N ILE A 90 -80.03 -43.32 3.18
CA ILE A 90 -78.67 -43.40 3.66
C ILE A 90 -78.41 -42.10 4.40
N PRO A 91 -78.25 -42.14 5.68
CA PRO A 91 -77.95 -40.95 6.46
C PRO A 91 -76.51 -40.48 6.23
N SER A 92 -76.38 -39.17 6.32
CA SER A 92 -75.04 -38.58 6.11
C SER A 92 -73.99 -38.91 7.18
N MET A 93 -72.76 -38.93 6.65
CA MET A 93 -71.60 -39.11 7.49
C MET A 93 -71.68 -37.94 8.49
N ASP A 94 -71.60 -38.29 9.76
CA ASP A 94 -71.61 -37.33 10.85
C ASP A 94 -70.14 -37.19 11.29
N LYS A 95 -69.51 -36.12 10.84
CA LYS A 95 -68.10 -35.86 11.06
C LYS A 95 -67.71 -35.69 12.51
N SER A 96 -68.60 -35.14 13.32
CA SER A 96 -68.46 -34.90 14.73
C SER A 96 -67.97 -36.11 15.53
N LYS A 97 -68.55 -37.25 15.19
CA LYS A 97 -68.47 -38.55 15.79
C LYS A 97 -67.50 -39.53 15.15
N LEU A 98 -66.59 -38.99 14.34
CA LEU A 98 -65.52 -39.79 13.77
C LEU A 98 -64.70 -40.54 14.83
N THR A 99 -64.48 -39.94 16.00
CA THR A 99 -63.59 -40.38 17.04
C THR A 99 -64.29 -41.01 18.24
N GLU A 100 -65.54 -41.34 18.04
CA GLU A 100 -66.36 -42.04 19.01
C GLU A 100 -66.87 -43.32 18.32
N ASN A 101 -67.49 -44.20 19.10
CA ASN A 101 -68.17 -45.41 18.75
C ASN A 101 -69.65 -45.13 18.48
N THR A 102 -69.98 -45.54 17.21
CA THR A 102 -71.27 -45.21 16.66
C THR A 102 -71.97 -46.35 15.93
N LEU A 103 -73.31 -46.20 15.94
CA LEU A 103 -74.15 -47.14 15.21
C LEU A 103 -74.97 -46.33 14.21
N GLN A 104 -74.83 -46.52 12.91
CA GLN A 104 -75.80 -45.76 12.07
C GLN A 104 -76.85 -46.76 11.59
N LEU A 105 -78.10 -46.46 11.62
CA LEU A 105 -79.23 -47.14 11.04
C LEU A 105 -79.67 -46.57 9.69
N ALA A 106 -79.71 -47.37 8.63
CA ALA A 106 -80.19 -46.96 7.30
C ALA A 106 -81.62 -47.48 7.17
N ILE A 107 -82.67 -46.73 7.24
CA ILE A 107 -84.04 -47.17 7.21
C ILE A 107 -84.49 -47.33 5.77
N ILE A 108 -85.06 -48.52 5.49
CA ILE A 108 -85.49 -48.85 4.15
C ILE A 108 -86.96 -49.19 4.15
N SER A 109 -87.72 -48.79 3.09
CA SER A 109 -89.09 -49.31 3.13
C SER A 109 -89.21 -50.29 2.00
N ARG A 110 -89.84 -51.44 2.18
CA ARG A 110 -90.01 -52.48 1.22
C ARG A 110 -91.47 -52.80 1.00
N ILE A 111 -91.99 -52.53 -0.19
CA ILE A 111 -93.36 -52.74 -0.58
C ILE A 111 -93.53 -53.52 -1.90
N LYS A 112 -94.72 -54.22 -1.90
CA LYS A 112 -95.06 -54.98 -3.08
C LYS A 112 -95.20 -54.11 -4.36
N LEU A 113 -94.80 -54.81 -5.42
CA LEU A 113 -94.84 -54.16 -6.72
C LEU A 113 -95.37 -55.28 -7.59
N TYR A 114 -96.55 -55.02 -8.12
CA TYR A 114 -97.19 -56.04 -8.97
C TYR A 114 -97.18 -55.60 -10.44
N TYR A 115 -96.56 -56.28 -11.35
CA TYR A 115 -96.70 -55.90 -12.76
C TYR A 115 -98.04 -56.45 -13.22
N ARG A 116 -98.88 -55.59 -13.82
CA ARG A 116 -100.26 -56.03 -14.13
C ARG A 116 -100.51 -55.95 -15.60
N PRO A 117 -100.49 -57.08 -16.27
CA PRO A 117 -100.78 -57.13 -17.73
C PRO A 117 -102.12 -56.46 -18.03
N ALA A 118 -102.17 -55.65 -19.06
CA ALA A 118 -103.19 -54.79 -19.57
C ALA A 118 -104.54 -55.38 -19.96
N LYS A 119 -104.65 -56.69 -20.20
CA LYS A 119 -105.96 -57.15 -20.66
C LYS A 119 -106.55 -58.24 -19.78
N LEU A 120 -106.28 -58.15 -18.48
CA LEU A 120 -106.93 -59.16 -17.65
C LEU A 120 -108.45 -58.96 -17.83
N ALA A 121 -109.08 -60.14 -17.98
CA ALA A 121 -110.51 -60.22 -18.20
C ALA A 121 -111.23 -59.96 -16.89
N LEU A 122 -111.03 -60.73 -15.81
CA LEU A 122 -111.75 -60.30 -14.58
C LEU A 122 -111.05 -59.09 -13.95
N PRO A 123 -111.80 -58.16 -13.39
CA PRO A 123 -111.32 -56.91 -12.81
C PRO A 123 -110.83 -56.99 -11.38
N PRO A 124 -109.96 -56.06 -11.00
CA PRO A 124 -109.27 -56.13 -9.73
C PRO A 124 -110.16 -56.29 -8.53
N ASP A 125 -111.33 -55.70 -8.57
CA ASP A 125 -112.30 -55.74 -7.50
C ASP A 125 -113.15 -56.98 -7.49
N GLN A 126 -113.19 -57.79 -8.53
CA GLN A 126 -113.97 -59.01 -8.54
C GLN A 126 -113.14 -60.24 -8.18
N ALA A 127 -111.90 -60.01 -7.78
CA ALA A 127 -110.86 -60.90 -7.39
C ALA A 127 -111.02 -61.53 -6.01
N ALA A 128 -111.05 -60.80 -4.92
CA ALA A 128 -111.17 -61.33 -3.58
C ALA A 128 -112.24 -62.41 -3.49
N GLU A 129 -113.52 -62.07 -3.69
CA GLU A 129 -114.55 -63.08 -3.54
C GLU A 129 -114.24 -64.38 -4.31
N LYS A 130 -113.65 -64.35 -5.49
CA LYS A 130 -113.32 -65.52 -6.28
C LYS A 130 -112.37 -66.52 -5.65
N LEU A 131 -111.93 -66.33 -4.45
CA LEU A 131 -111.14 -67.26 -3.70
C LEU A 131 -111.96 -68.47 -3.25
N ARG A 132 -111.33 -69.64 -3.20
CA ARG A 132 -111.91 -70.81 -2.58
C ARG A 132 -110.91 -71.57 -1.69
N PHE A 133 -111.49 -72.45 -0.88
CA PHE A 133 -110.80 -73.24 0.12
C PHE A 133 -110.96 -74.77 0.04
N ARG A 134 -109.93 -75.47 0.49
CA ARG A 134 -109.90 -76.93 0.53
C ARG A 134 -109.36 -77.27 1.92
N ARG A 135 -110.13 -77.93 2.77
CA ARG A 135 -109.66 -78.25 4.12
C ARG A 135 -109.01 -79.63 4.19
N SER A 136 -108.17 -79.84 5.19
CA SER A 136 -107.44 -81.04 5.55
C SER A 136 -107.54 -81.09 7.08
N ALA A 137 -106.93 -81.98 7.83
CA ALA A 137 -107.13 -81.84 9.29
C ALA A 137 -105.87 -81.28 9.93
N ASN A 138 -104.88 -80.96 9.11
CA ASN A 138 -103.64 -80.33 9.48
C ASN A 138 -103.59 -78.86 9.04
N SER A 139 -104.04 -78.67 7.82
CA SER A 139 -104.02 -77.45 7.04
C SER A 139 -105.31 -77.07 6.33
N LEU A 140 -105.38 -75.79 6.00
CA LEU A 140 -106.31 -75.03 5.24
C LEU A 140 -105.56 -74.44 4.03
N THR A 141 -105.89 -74.84 2.84
CA THR A 141 -105.40 -74.39 1.58
C THR A 141 -106.31 -73.46 0.78
N LEU A 142 -105.71 -72.31 0.42
CA LEU A 142 -106.32 -71.24 -0.29
C LEU A 142 -106.18 -71.37 -1.80
N ILE A 143 -107.37 -71.40 -2.49
CA ILE A 143 -107.23 -71.50 -3.95
C ILE A 143 -107.73 -70.25 -4.64
N ASN A 144 -106.74 -69.61 -5.24
CA ASN A 144 -106.82 -68.34 -5.89
C ASN A 144 -106.78 -68.70 -7.38
N PRO A 145 -107.92 -68.59 -8.02
CA PRO A 145 -108.08 -68.88 -9.41
C PRO A 145 -107.97 -67.71 -10.36
N THR A 146 -107.96 -66.56 -9.74
CA THR A 146 -107.90 -65.28 -10.43
C THR A 146 -106.47 -65.06 -10.90
N PRO A 147 -106.28 -64.03 -11.70
CA PRO A 147 -104.95 -63.67 -12.15
C PRO A 147 -104.29 -62.62 -11.28
N TYR A 148 -104.81 -62.31 -10.11
CA TYR A 148 -104.22 -61.32 -9.21
C TYR A 148 -103.63 -61.87 -7.90
N TYR A 149 -102.55 -61.23 -7.41
CA TYR A 149 -102.05 -61.69 -6.11
C TYR A 149 -103.06 -61.30 -5.06
N LEU A 150 -103.37 -62.15 -4.12
CA LEU A 150 -104.32 -61.86 -3.08
C LEU A 150 -103.70 -61.81 -1.68
N THR A 151 -103.70 -60.67 -1.05
CA THR A 151 -103.24 -60.48 0.30
C THR A 151 -104.37 -60.84 1.27
N VAL A 152 -104.29 -62.11 1.64
CA VAL A 152 -105.34 -62.65 2.54
C VAL A 152 -104.85 -62.35 3.92
N THR A 153 -105.69 -61.67 4.64
CA THR A 153 -105.41 -61.21 6.01
C THR A 153 -106.73 -61.34 6.78
N GLU A 154 -106.65 -61.39 8.07
CA GLU A 154 -107.77 -61.68 8.96
C GLU A 154 -108.46 -62.96 8.56
N LEU A 155 -107.66 -64.04 8.51
CA LEU A 155 -108.13 -65.37 8.14
C LEU A 155 -108.67 -66.09 9.38
N ASN A 156 -110.02 -66.17 9.42
CA ASN A 156 -110.60 -66.82 10.58
C ASN A 156 -111.29 -68.14 10.28
N ALA A 157 -110.99 -69.14 11.11
CA ALA A 157 -111.68 -70.43 11.03
C ALA A 157 -112.46 -70.64 12.33
N GLY A 158 -113.59 -69.97 12.48
CA GLY A 158 -114.41 -70.03 13.68
C GLY A 158 -113.78 -69.06 14.70
N THR A 159 -113.26 -69.64 15.76
CA THR A 159 -112.56 -68.99 16.84
C THR A 159 -111.11 -68.73 16.42
N ARG A 160 -110.65 -69.52 15.44
CA ARG A 160 -109.22 -69.47 15.17
C ARG A 160 -108.75 -68.52 14.11
N VAL A 161 -107.69 -67.84 14.57
CA VAL A 161 -106.89 -66.84 13.89
C VAL A 161 -105.80 -67.58 13.10
N LEU A 162 -105.82 -67.58 11.79
CA LEU A 162 -104.73 -68.28 11.09
C LEU A 162 -103.70 -67.28 10.54
N GLU A 163 -102.58 -67.83 10.07
CA GLU A 163 -101.48 -67.13 9.40
C GLU A 163 -102.13 -66.17 8.38
N ASN A 164 -101.70 -64.93 8.29
CA ASN A 164 -102.02 -64.01 7.22
C ASN A 164 -101.46 -64.59 5.94
N ALA A 165 -101.85 -64.29 4.71
CA ALA A 165 -101.23 -65.00 3.63
C ALA A 165 -101.35 -64.40 2.24
N LEU A 166 -100.33 -64.72 1.46
CA LEU A 166 -100.10 -64.20 0.14
C LEU A 166 -100.29 -65.35 -0.86
N VAL A 167 -101.39 -65.29 -1.60
CA VAL A 167 -101.82 -66.32 -2.52
C VAL A 167 -101.65 -65.85 -3.95
N PRO A 168 -100.79 -66.52 -4.68
CA PRO A 168 -100.47 -66.09 -6.04
C PRO A 168 -101.50 -66.41 -7.09
N PRO A 169 -101.41 -65.67 -8.20
CA PRO A 169 -102.28 -65.88 -9.35
C PRO A 169 -102.48 -67.32 -9.73
N MET A 170 -103.71 -67.83 -9.95
CA MET A 170 -103.96 -69.19 -10.41
C MET A 170 -103.08 -70.23 -9.73
N GLY A 171 -102.89 -70.09 -8.42
CA GLY A 171 -102.06 -70.95 -7.61
C GLY A 171 -102.73 -71.00 -6.23
N GLU A 172 -102.00 -71.45 -5.19
CA GLU A 172 -102.53 -71.72 -3.87
C GLU A 172 -101.49 -71.59 -2.75
N SER A 173 -101.91 -71.41 -1.52
CA SER A 173 -101.07 -71.25 -0.36
C SER A 173 -101.62 -72.17 0.72
N ALA A 174 -100.88 -72.43 1.80
CA ALA A 174 -101.44 -73.38 2.77
C ALA A 174 -101.16 -72.87 4.15
N VAL A 175 -102.05 -73.04 5.10
CA VAL A 175 -101.88 -72.49 6.43
C VAL A 175 -102.30 -73.65 7.36
N LYS A 176 -101.72 -73.67 8.54
CA LYS A 176 -101.94 -74.62 9.58
C LYS A 176 -103.38 -74.42 10.09
N LEU A 177 -104.09 -75.56 10.18
CA LEU A 177 -105.45 -75.42 10.72
C LEU A 177 -105.52 -76.45 11.86
N SER A 183 -114.26 -74.88 10.49
CA SER A 183 -115.52 -74.32 10.97
C SER A 183 -116.06 -73.33 9.93
N ASN A 184 -116.47 -72.15 10.37
CA ASN A 184 -116.87 -71.13 9.40
C ASN A 184 -115.61 -70.28 9.12
N ILE A 185 -115.35 -70.12 7.82
CA ILE A 185 -114.14 -69.38 7.42
C ILE A 185 -114.36 -67.92 7.05
N THR A 186 -113.69 -67.00 7.76
CA THR A 186 -113.78 -65.59 7.38
C THR A 186 -112.39 -65.05 6.99
N TYR A 187 -112.45 -64.04 6.11
CA TYR A 187 -111.20 -63.50 5.60
C TYR A 187 -111.40 -62.17 4.92
N ARG A 188 -110.35 -61.36 5.07
CA ARG A 188 -110.32 -60.09 4.34
C ARG A 188 -109.12 -60.10 3.38
N THR A 189 -109.04 -59.08 2.52
CA THR A 189 -107.91 -58.96 1.65
C THR A 189 -107.49 -57.47 1.66
N ILE A 190 -106.24 -57.17 1.37
CA ILE A 190 -105.79 -55.76 1.24
C ILE A 190 -105.89 -55.39 -0.22
N ASN A 191 -106.45 -54.30 -0.65
CA ASN A 191 -106.56 -54.04 -2.09
C ASN A 191 -105.40 -53.23 -2.64
N ASP A 192 -105.48 -52.79 -3.87
CA ASP A 192 -104.52 -51.99 -4.58
C ASP A 192 -104.19 -50.66 -3.88
N TYR A 193 -105.10 -50.20 -3.02
CA TYR A 193 -105.04 -48.97 -2.28
C TYR A 193 -104.53 -49.16 -0.86
N GLY A 194 -104.23 -50.43 -0.54
CA GLY A 194 -103.79 -50.59 0.84
C GLY A 194 -104.94 -50.66 1.83
N ALA A 195 -106.19 -50.68 1.40
CA ALA A 195 -107.30 -50.75 2.33
C ALA A 195 -107.84 -52.18 2.48
N LEU A 196 -108.36 -52.47 3.70
CA LEU A 196 -108.92 -53.79 3.95
C LEU A 196 -110.22 -54.02 3.23
N THR A 197 -110.33 -55.06 2.42
CA THR A 197 -111.63 -55.29 1.75
C THR A 197 -112.65 -55.66 2.84
N PRO A 198 -113.91 -55.78 2.44
CA PRO A 198 -114.96 -56.17 3.38
C PRO A 198 -114.87 -57.60 3.87
N LYS A 199 -115.07 -57.85 5.17
CA LYS A 199 -115.01 -59.23 5.70
C LYS A 199 -115.84 -60.13 4.81
N MET A 200 -115.30 -61.28 4.42
CA MET A 200 -115.98 -62.15 3.47
C MET A 200 -116.20 -63.55 3.95
N THR A 201 -117.10 -64.31 3.32
CA THR A 201 -117.38 -65.67 3.83
C THR A 201 -116.57 -66.74 3.15
N GLY A 202 -115.88 -67.54 3.95
CA GLY A 202 -115.02 -68.62 3.43
C GLY A 202 -115.81 -69.71 2.72
N VAL A 203 -115.96 -69.58 1.41
CA VAL A 203 -116.63 -70.56 0.56
C VAL A 203 -115.65 -71.65 0.16
N MET A 204 -115.99 -72.94 0.31
CA MET A 204 -115.25 -74.11 -0.10
C MET A 204 -115.11 -74.35 -1.58
N GLU A 205 -114.30 -75.36 -1.92
CA GLU A 205 -114.15 -75.78 -3.33
C GLU A 205 -115.00 -77.06 -3.40
N PHE B 1 -134.26 -13.53 -12.19
CA PHE B 1 -133.09 -14.45 -12.04
C PHE B 1 -133.42 -15.91 -11.78
N ALA B 2 -132.64 -16.77 -12.45
CA ALA B 2 -132.89 -18.22 -12.34
C ALA B 2 -131.64 -18.95 -12.73
N CYS B 3 -131.58 -20.21 -12.44
CA CYS B 3 -130.43 -21.05 -12.66
C CYS B 3 -130.91 -22.50 -12.87
N LYS B 4 -129.97 -23.21 -13.44
CA LYS B 4 -130.25 -24.59 -13.77
C LYS B 4 -128.91 -25.31 -13.68
N THR B 5 -128.99 -26.61 -13.80
CA THR B 5 -127.83 -27.52 -13.68
C THR B 5 -127.41 -28.10 -14.97
N ALA B 6 -126.15 -28.47 -15.22
CA ALA B 6 -125.90 -29.18 -16.53
C ALA B 6 -126.79 -30.37 -16.81
N ASN B 7 -127.46 -31.05 -15.94
CA ASN B 7 -128.46 -32.08 -16.18
C ASN B 7 -129.82 -31.44 -16.43
N GLY B 8 -129.88 -30.17 -16.78
CA GLY B 8 -130.98 -29.31 -17.09
C GLY B 8 -132.12 -29.17 -16.13
N THR B 9 -131.90 -29.39 -14.82
CA THR B 9 -132.77 -29.30 -13.67
C THR B 9 -132.62 -27.95 -12.97
N ALA B 10 -133.71 -27.17 -12.95
CA ALA B 10 -133.83 -25.78 -12.69
C ALA B 10 -134.32 -25.40 -11.30
N ILE B 11 -134.06 -24.16 -10.95
CA ILE B 11 -134.49 -23.46 -9.77
C ILE B 11 -134.92 -22.08 -10.33
N PRO B 12 -136.22 -21.81 -10.29
CA PRO B 12 -136.82 -20.65 -10.90
C PRO B 12 -136.67 -19.39 -10.15
N ILE B 13 -137.23 -18.33 -10.78
CA ILE B 13 -137.23 -17.01 -10.21
C ILE B 13 -137.43 -17.06 -8.71
N GLY B 14 -138.37 -17.57 -7.96
CA GLY B 14 -138.03 -17.22 -6.52
C GLY B 14 -136.87 -17.88 -5.79
N GLY B 15 -135.92 -18.66 -6.37
CA GLY B 15 -134.97 -19.31 -5.43
C GLY B 15 -135.44 -20.66 -5.03
N GLY B 16 -134.83 -21.43 -4.16
CA GLY B 16 -135.40 -22.82 -4.01
C GLY B 16 -134.32 -23.90 -3.99
N SER B 17 -134.52 -25.16 -4.42
CA SER B 17 -133.40 -26.05 -4.18
C SER B 17 -133.09 -27.05 -5.25
N ALA B 18 -131.89 -27.62 -5.25
CA ALA B 18 -131.71 -28.67 -6.31
C ALA B 18 -130.49 -29.54 -5.97
N ASN B 19 -130.43 -30.71 -6.53
CA ASN B 19 -129.34 -31.64 -6.35
C ASN B 19 -128.38 -31.43 -7.53
N VAL B 20 -127.07 -31.53 -7.24
CA VAL B 20 -126.08 -31.61 -8.30
C VAL B 20 -125.24 -32.85 -7.96
N TYR B 21 -125.04 -33.74 -8.89
CA TYR B 21 -124.40 -34.99 -9.01
C TYR B 21 -123.01 -34.88 -9.69
N VAL B 22 -121.93 -34.92 -8.87
CA VAL B 22 -120.60 -34.76 -9.36
C VAL B 22 -119.75 -36.07 -9.40
N ASN B 23 -119.01 -36.17 -10.48
CA ASN B 23 -118.20 -37.42 -10.76
C ASN B 23 -116.88 -37.00 -10.19
N LEU B 24 -116.32 -37.72 -9.19
CA LEU B 24 -115.06 -37.08 -8.66
C LEU B 24 -113.79 -37.72 -9.14
N ALA B 25 -112.59 -37.20 -8.95
CA ALA B 25 -111.36 -37.99 -9.14
C ALA B 25 -111.49 -39.18 -8.18
N PRO B 26 -111.38 -40.36 -8.72
CA PRO B 26 -111.63 -41.62 -8.03
C PRO B 26 -110.57 -41.99 -7.04
N VAL B 27 -109.37 -41.49 -7.09
CA VAL B 27 -108.25 -41.71 -6.21
C VAL B 27 -107.51 -40.44 -5.86
N VAL B 28 -107.39 -39.99 -4.61
CA VAL B 28 -106.68 -38.81 -4.22
C VAL B 28 -105.74 -39.13 -3.06
N ASN B 29 -104.48 -38.92 -3.21
CA ASN B 29 -103.45 -39.03 -2.16
C ASN B 29 -103.48 -37.92 -1.13
N VAL B 30 -103.04 -38.33 0.06
CA VAL B 30 -102.96 -37.39 1.18
C VAL B 30 -102.44 -36.02 0.80
N GLY B 31 -101.35 -35.88 0.06
CA GLY B 31 -101.01 -34.45 -0.26
C GLY B 31 -101.80 -33.73 -1.33
N GLN B 32 -102.52 -34.38 -2.23
CA GLN B 32 -103.18 -33.82 -3.40
C GLN B 32 -104.51 -33.15 -3.18
N ASN B 33 -104.94 -32.43 -4.17
CA ASN B 33 -106.20 -31.69 -4.20
C ASN B 33 -107.18 -32.56 -5.04
N LEU B 34 -108.35 -32.69 -4.46
CA LEU B 34 -109.59 -33.16 -4.97
C LEU B 34 -110.37 -31.84 -5.34
N VAL B 35 -110.52 -31.56 -6.62
CA VAL B 35 -111.12 -30.29 -7.06
C VAL B 35 -112.56 -30.58 -7.36
N VAL B 36 -113.55 -29.94 -6.83
CA VAL B 36 -114.94 -30.25 -7.22
C VAL B 36 -115.35 -28.90 -7.86
N ASP B 37 -115.36 -28.87 -9.16
CA ASP B 37 -115.51 -27.61 -9.93
C ASP B 37 -117.00 -27.37 -10.14
N LEU B 38 -117.77 -26.53 -9.47
CA LEU B 38 -119.20 -26.43 -9.69
C LEU B 38 -119.53 -25.45 -10.76
N SER B 39 -118.50 -24.79 -11.28
CA SER B 39 -118.80 -23.85 -12.40
C SER B 39 -119.04 -24.54 -13.72
N THR B 40 -118.94 -25.78 -13.94
CA THR B 40 -119.23 -26.59 -15.12
C THR B 40 -120.55 -27.31 -14.94
N GLN B 41 -121.25 -27.19 -13.82
CA GLN B 41 -122.58 -27.77 -13.65
C GLN B 41 -123.65 -26.79 -13.16
N ILE B 42 -123.26 -25.62 -12.66
CA ILE B 42 -124.29 -24.74 -12.10
C ILE B 42 -124.26 -23.45 -12.88
N PHE B 43 -125.41 -23.12 -13.48
CA PHE B 43 -125.45 -22.05 -14.46
C PHE B 43 -126.57 -21.09 -14.14
N CYS B 44 -126.25 -19.78 -14.20
CA CYS B 44 -127.37 -18.85 -13.97
C CYS B 44 -127.47 -17.77 -15.07
N HIS B 45 -128.58 -17.06 -15.08
CA HIS B 45 -128.80 -15.93 -15.97
C HIS B 45 -129.64 -14.86 -15.29
N ASN B 46 -129.53 -13.62 -15.80
CA ASN B 46 -130.40 -12.53 -15.22
C ASN B 46 -131.52 -12.47 -16.26
N ASP B 47 -132.75 -12.25 -15.81
CA ASP B 47 -133.90 -12.35 -16.69
C ASP B 47 -134.31 -11.04 -17.38
N TYR B 48 -133.85 -9.91 -16.86
CA TYR B 48 -134.14 -8.57 -17.33
C TYR B 48 -132.93 -7.60 -17.21
N PRO B 49 -131.82 -7.94 -17.89
CA PRO B 49 -130.54 -7.29 -17.80
C PRO B 49 -130.46 -5.86 -18.29
N GLU B 50 -131.31 -5.48 -19.26
CA GLU B 50 -131.43 -4.09 -19.70
C GLU B 50 -131.96 -3.19 -18.58
N THR B 51 -132.54 -3.62 -17.46
CA THR B 51 -133.04 -2.70 -16.45
C THR B 51 -132.54 -2.97 -15.04
N ILE B 52 -132.53 -4.26 -14.65
CA ILE B 52 -132.16 -4.73 -13.36
C ILE B 52 -130.76 -5.32 -13.37
N THR B 53 -130.03 -5.14 -12.28
CA THR B 53 -128.71 -5.78 -12.18
C THR B 53 -128.82 -6.81 -11.07
N ASP B 54 -128.31 -8.01 -11.28
CA ASP B 54 -128.35 -9.06 -10.22
C ASP B 54 -127.02 -9.22 -9.49
N TYR B 55 -127.03 -9.47 -8.18
CA TYR B 55 -125.90 -9.62 -7.30
C TYR B 55 -125.88 -11.04 -6.67
N VAL B 56 -124.76 -11.73 -6.97
CA VAL B 56 -124.75 -13.14 -6.48
C VAL B 56 -123.49 -13.44 -5.62
N THR B 57 -123.87 -14.07 -4.51
CA THR B 57 -122.92 -14.44 -3.44
C THR B 57 -122.99 -15.94 -3.14
N LEU B 58 -121.86 -16.44 -2.58
CA LEU B 58 -121.75 -17.74 -1.99
C LEU B 58 -122.20 -17.49 -0.54
N GLN B 59 -123.47 -17.68 -0.24
CA GLN B 59 -123.89 -17.24 1.09
C GLN B 59 -123.21 -18.08 2.20
N ARG B 60 -123.17 -19.38 1.95
CA ARG B 60 -122.55 -20.30 2.89
C ARG B 60 -122.16 -21.56 2.15
N GLY B 61 -121.13 -22.25 2.61
CA GLY B 61 -120.88 -23.59 2.07
C GLY B 61 -120.63 -24.45 3.33
N SER B 62 -121.17 -25.59 3.46
CA SER B 62 -121.12 -26.58 4.44
C SER B 62 -120.72 -27.91 3.76
N ALA B 63 -119.99 -28.66 4.57
CA ALA B 63 -119.44 -29.94 4.16
C ALA B 63 -120.14 -31.02 4.93
N TYR B 64 -120.39 -32.16 4.30
CA TYR B 64 -121.06 -33.30 4.98
C TYR B 64 -120.32 -34.61 4.81
N GLY B 65 -120.68 -35.67 5.58
CA GLY B 65 -120.13 -37.00 5.50
C GLY B 65 -118.62 -36.99 5.44
N GLY B 66 -117.95 -37.68 4.52
CA GLY B 66 -116.58 -37.80 4.24
C GLY B 66 -115.89 -36.54 3.82
N VAL B 67 -116.52 -35.52 3.28
CA VAL B 67 -115.80 -34.21 3.11
C VAL B 67 -115.54 -33.51 4.42
N LEU B 68 -116.30 -33.64 5.46
CA LEU B 68 -116.24 -32.91 6.70
C LEU B 68 -115.23 -33.58 7.65
N SER B 69 -115.21 -34.91 7.60
CA SER B 69 -114.32 -35.69 8.42
C SER B 69 -112.98 -35.95 7.77
N ASN B 70 -112.84 -36.07 6.45
CA ASN B 70 -111.53 -36.43 5.94
C ASN B 70 -110.81 -35.41 5.10
N PHE B 71 -111.36 -34.22 4.98
CA PHE B 71 -110.76 -33.25 4.08
C PHE B 71 -110.67 -31.87 4.70
N SER B 72 -109.68 -31.15 4.14
CA SER B 72 -109.59 -29.79 4.63
C SER B 72 -109.54 -29.06 3.29
N GLY B 73 -109.84 -27.77 3.37
CA GLY B 73 -109.62 -27.11 2.06
C GLY B 73 -110.38 -25.82 1.92
N THR B 74 -110.38 -25.37 0.68
CA THR B 74 -110.94 -24.10 0.39
C THR B 74 -112.02 -24.09 -0.68
N VAL B 75 -112.67 -22.90 -0.74
CA VAL B 75 -113.59 -22.67 -1.82
C VAL B 75 -113.14 -21.41 -2.56
N LYS B 76 -113.03 -21.60 -3.88
CA LYS B 76 -112.63 -20.48 -4.71
C LYS B 76 -113.95 -19.94 -5.29
N TYR B 77 -114.24 -18.68 -5.01
CA TYR B 77 -115.42 -18.08 -5.55
C TYR B 77 -114.97 -16.96 -6.45
N SER B 78 -115.25 -17.09 -7.73
CA SER B 78 -114.91 -15.93 -8.60
C SER B 78 -113.51 -15.40 -8.33
N GLY B 79 -112.46 -16.25 -8.38
CA GLY B 79 -111.11 -15.69 -8.28
C GLY B 79 -110.58 -15.57 -6.86
N SER B 80 -111.37 -15.67 -5.81
CA SER B 80 -110.85 -15.61 -4.47
C SER B 80 -111.15 -16.91 -3.74
N SER B 81 -110.25 -17.25 -2.84
CA SER B 81 -110.27 -18.43 -2.00
C SER B 81 -110.54 -18.02 -0.57
N TYR B 82 -111.56 -18.69 -0.02
CA TYR B 82 -111.99 -18.52 1.34
C TYR B 82 -111.87 -19.93 1.98
N PRO B 83 -111.93 -19.96 3.29
CA PRO B 83 -111.96 -21.21 3.98
C PRO B 83 -113.25 -21.94 3.66
N PHE B 84 -113.25 -23.28 3.55
CA PHE B 84 -114.43 -24.09 3.43
C PHE B 84 -114.34 -25.24 4.46
N PRO B 85 -115.31 -25.58 5.27
CA PRO B 85 -116.62 -24.91 5.35
C PRO B 85 -116.44 -23.42 5.39
N THR B 86 -117.37 -22.58 4.97
CA THR B 86 -117.09 -21.16 4.89
C THR B 86 -117.35 -20.45 6.21
N THR B 87 -116.62 -19.35 6.34
CA THR B 87 -116.90 -18.59 7.60
C THR B 87 -117.76 -17.37 7.35
N SER B 88 -118.07 -17.04 6.07
CA SER B 88 -118.98 -15.90 5.94
C SER B 88 -119.28 -15.75 4.43
N GLU B 89 -120.27 -14.91 4.19
CA GLU B 89 -120.79 -14.64 2.88
C GLU B 89 -119.69 -13.91 2.13
N THR B 90 -119.33 -14.42 0.99
CA THR B 90 -118.46 -13.80 0.03
C THR B 90 -119.04 -12.51 -0.55
N PRO B 91 -118.14 -11.81 -1.24
CA PRO B 91 -118.48 -10.60 -2.00
C PRO B 91 -119.44 -10.94 -3.14
N ARG B 92 -120.10 -10.00 -3.79
CA ARG B 92 -120.98 -10.16 -4.91
C ARG B 92 -120.27 -10.49 -6.21
N VAL B 93 -120.94 -11.17 -7.11
CA VAL B 93 -120.60 -11.27 -8.50
C VAL B 93 -121.85 -10.69 -9.23
N VAL B 94 -121.69 -10.01 -10.34
CA VAL B 94 -122.78 -9.42 -11.11
C VAL B 94 -123.17 -10.28 -12.29
N TYR B 95 -124.50 -10.45 -12.37
CA TYR B 95 -125.09 -11.21 -13.50
C TYR B 95 -125.97 -10.23 -14.25
N ASN B 96 -125.53 -10.14 -15.50
CA ASN B 96 -126.23 -9.02 -16.23
C ASN B 96 -126.49 -9.51 -17.63
N SER B 97 -126.81 -10.80 -17.69
CA SER B 97 -127.09 -11.34 -19.01
C SER B 97 -128.15 -12.41 -18.92
N ARG B 98 -128.93 -12.49 -20.01
CA ARG B 98 -129.96 -13.52 -20.14
C ARG B 98 -129.29 -14.81 -20.55
N THR B 99 -128.04 -14.79 -20.99
CA THR B 99 -127.43 -16.07 -21.42
C THR B 99 -126.78 -16.66 -20.17
N ASP B 100 -126.98 -17.94 -20.03
CA ASP B 100 -126.55 -18.74 -18.93
C ASP B 100 -125.02 -18.64 -18.94
N LYS B 101 -124.56 -18.24 -17.78
CA LYS B 101 -123.15 -18.20 -17.46
C LYS B 101 -123.01 -19.11 -16.25
N PRO B 102 -121.87 -19.73 -15.98
CA PRO B 102 -121.56 -20.50 -14.79
C PRO B 102 -121.63 -19.76 -13.45
N TRP B 103 -121.92 -20.45 -12.31
CA TRP B 103 -121.68 -19.77 -11.02
C TRP B 103 -120.25 -20.25 -10.63
N PRO B 104 -119.33 -19.35 -10.58
CA PRO B 104 -117.90 -19.67 -10.52
C PRO B 104 -117.47 -20.19 -9.16
N VAL B 105 -117.83 -21.37 -8.72
CA VAL B 105 -117.54 -21.88 -7.40
C VAL B 105 -116.76 -23.17 -7.57
N ALA B 106 -115.63 -23.29 -6.89
CA ALA B 106 -114.90 -24.58 -6.93
C ALA B 106 -114.41 -24.91 -5.53
N LEU B 107 -114.50 -26.19 -5.16
CA LEU B 107 -114.02 -26.65 -3.85
C LEU B 107 -112.67 -27.32 -4.06
N TYR B 108 -111.73 -26.96 -3.24
CA TYR B 108 -110.35 -27.51 -3.41
C TYR B 108 -110.13 -28.39 -2.15
N LEU B 109 -110.22 -29.71 -2.21
CA LEU B 109 -110.15 -30.43 -0.96
C LEU B 109 -108.95 -31.37 -0.82
N THR B 110 -108.20 -31.25 0.29
CA THR B 110 -107.03 -32.14 0.52
C THR B 110 -107.31 -33.15 1.62
N PRO B 111 -107.15 -34.42 1.33
CA PRO B 111 -107.31 -35.45 2.35
C PRO B 111 -106.32 -35.19 3.49
N VAL B 112 -106.77 -35.32 4.71
CA VAL B 112 -105.86 -35.23 5.88
C VAL B 112 -105.20 -36.60 5.99
N SER B 113 -104.32 -36.80 6.94
CA SER B 113 -103.53 -37.99 7.17
C SER B 113 -104.27 -39.16 7.75
N SER B 114 -105.25 -38.75 8.58
CA SER B 114 -106.09 -39.80 9.18
C SER B 114 -107.10 -40.31 8.16
N ALA B 115 -107.26 -39.72 6.98
CA ALA B 115 -108.33 -40.27 6.14
C ALA B 115 -107.85 -41.61 5.59
N GLY B 116 -108.69 -42.60 5.44
CA GLY B 116 -108.20 -43.84 4.77
C GLY B 116 -109.40 -44.44 3.99
N GLY B 117 -109.10 -45.42 3.20
CA GLY B 117 -109.94 -46.17 2.31
C GLY B 117 -110.74 -45.13 1.50
N VAL B 118 -112.03 -45.37 1.66
CA VAL B 118 -113.13 -44.59 1.17
C VAL B 118 -113.29 -43.33 1.99
N ALA B 119 -112.82 -42.21 1.42
CA ALA B 119 -112.87 -40.98 2.23
C ALA B 119 -114.19 -40.24 1.86
N ILE B 120 -114.77 -40.58 0.68
CA ILE B 120 -116.04 -40.04 0.33
C ILE B 120 -116.80 -41.23 -0.26
N LYS B 121 -117.97 -41.53 0.33
CA LYS B 121 -118.68 -42.71 -0.18
C LYS B 121 -119.55 -42.32 -1.37
N ALA B 122 -119.55 -43.28 -2.31
CA ALA B 122 -120.46 -43.06 -3.46
C ALA B 122 -121.85 -42.67 -3.08
N GLY B 123 -122.56 -41.76 -3.81
CA GLY B 123 -124.02 -41.61 -3.53
C GLY B 123 -124.25 -40.70 -2.35
N SER B 124 -123.39 -40.37 -1.44
CA SER B 124 -123.53 -39.53 -0.29
C SER B 124 -123.37 -38.03 -0.59
N LEU B 125 -123.88 -37.22 0.30
CA LEU B 125 -123.98 -35.80 0.33
C LEU B 125 -122.60 -35.31 0.67
N ILE B 126 -121.99 -34.49 -0.11
CA ILE B 126 -120.59 -33.99 0.12
C ILE B 126 -120.63 -32.60 0.64
N ALA B 127 -121.61 -31.79 0.16
CA ALA B 127 -121.72 -30.40 0.44
C ALA B 127 -123.06 -29.76 0.14
N VAL B 128 -123.29 -28.67 0.88
CA VAL B 128 -124.45 -27.83 0.61
C VAL B 128 -123.91 -26.37 0.42
N LEU B 129 -124.19 -25.84 -0.75
CA LEU B 129 -123.79 -24.52 -1.22
C LEU B 129 -125.04 -23.63 -1.42
N ILE B 130 -125.06 -22.54 -0.70
CA ILE B 130 -126.18 -21.61 -0.82
C ILE B 130 -125.81 -20.39 -1.70
N LEU B 131 -126.60 -20.27 -2.80
CA LEU B 131 -126.34 -19.14 -3.70
C LEU B 131 -127.37 -18.11 -3.21
N ARG B 132 -126.95 -16.90 -2.83
CA ARG B 132 -127.78 -15.80 -2.47
C ARG B 132 -127.83 -14.69 -3.58
N GLN B 133 -129.05 -14.39 -4.06
CA GLN B 133 -129.20 -13.38 -5.12
C GLN B 133 -129.99 -12.14 -4.72
N THR B 134 -129.42 -10.96 -4.81
CA THR B 134 -130.10 -9.69 -4.50
C THR B 134 -130.09 -8.83 -5.74
N ASN B 135 -130.47 -7.57 -5.76
CA ASN B 135 -130.55 -6.78 -7.00
C ASN B 135 -130.55 -5.27 -6.75
N ASN B 136 -130.41 -4.45 -7.80
CA ASN B 136 -130.49 -2.98 -7.57
C ASN B 136 -131.86 -2.38 -7.87
N TYR B 137 -132.96 -3.07 -7.68
CA TYR B 137 -134.29 -2.72 -8.05
C TYR B 137 -135.17 -2.87 -6.81
N ASN B 138 -135.47 -4.14 -6.45
CA ASN B 138 -136.36 -4.23 -5.28
C ASN B 138 -135.54 -4.82 -4.13
N SER B 139 -136.25 -5.40 -3.19
CA SER B 139 -135.58 -5.86 -1.97
C SER B 139 -135.54 -7.39 -1.96
N ASP B 140 -135.74 -8.01 -3.11
CA ASP B 140 -135.68 -9.42 -3.37
C ASP B 140 -134.35 -10.04 -2.91
N ASP B 141 -134.44 -11.03 -2.01
CA ASP B 141 -133.32 -11.71 -1.39
C ASP B 141 -133.57 -13.21 -1.35
N PHE B 142 -133.17 -13.90 -2.38
CA PHE B 142 -133.51 -15.30 -2.60
C PHE B 142 -132.38 -16.31 -2.42
N GLN B 143 -132.71 -17.55 -2.08
CA GLN B 143 -131.68 -18.50 -1.76
C GLN B 143 -131.89 -19.65 -2.71
N PHE B 144 -130.73 -19.97 -3.35
CA PHE B 144 -130.75 -21.09 -4.27
C PHE B 144 -129.87 -22.17 -3.63
N VAL B 145 -130.44 -23.27 -3.20
CA VAL B 145 -129.79 -24.33 -2.46
C VAL B 145 -129.38 -25.53 -3.28
N TRP B 146 -128.09 -25.84 -3.38
CA TRP B 146 -127.47 -26.81 -4.25
C TRP B 146 -126.79 -27.83 -3.31
N ASN B 147 -127.32 -29.02 -3.45
CA ASN B 147 -127.04 -30.16 -2.64
C ASN B 147 -126.14 -31.02 -3.56
N ILE B 148 -124.86 -31.10 -3.15
CA ILE B 148 -123.85 -31.76 -3.95
C ILE B 148 -123.63 -33.20 -3.45
N TYR B 149 -124.03 -34.05 -4.40
CA TYR B 149 -123.95 -35.47 -4.16
C TYR B 149 -122.88 -36.08 -5.05
N ALA B 150 -122.07 -36.86 -4.31
CA ALA B 150 -120.98 -37.54 -5.01
C ALA B 150 -121.53 -38.74 -5.75
N ASN B 151 -121.25 -38.98 -7.01
CA ASN B 151 -121.63 -40.21 -7.69
C ASN B 151 -120.76 -41.41 -7.45
N ASN B 152 -119.53 -41.20 -7.04
CA ASN B 152 -118.62 -42.35 -6.87
C ASN B 152 -117.73 -42.16 -5.65
N ASP B 153 -117.14 -43.24 -5.22
CA ASP B 153 -116.16 -43.41 -4.18
C ASP B 153 -114.89 -42.63 -4.45
N VAL B 154 -114.38 -42.00 -3.44
CA VAL B 154 -113.11 -41.28 -3.54
C VAL B 154 -112.19 -42.02 -2.56
N VAL B 155 -111.16 -42.65 -3.07
CA VAL B 155 -110.22 -43.44 -2.25
C VAL B 155 -108.91 -42.71 -1.96
N VAL B 156 -108.48 -42.78 -0.69
CA VAL B 156 -107.24 -42.15 -0.23
C VAL B 156 -106.32 -43.28 0.18
N PRO B 157 -105.48 -43.70 -0.76
CA PRO B 157 -104.59 -44.89 -0.56
C PRO B 157 -103.80 -44.80 0.72
N THR B 158 -103.64 -45.78 1.56
CA THR B 158 -102.81 -45.56 2.72
C THR B 158 -101.35 -45.30 2.46
N GLY B 159 -100.66 -44.45 3.21
CA GLY B 159 -99.19 -44.29 3.09
C GLY B 159 -98.35 -45.20 3.89
N GLY B 160 -97.03 -45.27 3.69
CA GLY B 160 -96.12 -46.17 4.43
C GLY B 160 -96.02 -45.46 5.80
N CYS B 161 -95.39 -46.05 6.78
CA CYS B 161 -95.31 -45.38 8.09
C CYS B 161 -94.06 -44.55 8.24
N ASP B 162 -93.89 -43.93 9.36
CA ASP B 162 -92.79 -43.09 9.75
C ASP B 162 -91.99 -43.69 10.91
N VAL B 163 -90.74 -43.88 10.57
CA VAL B 163 -89.79 -44.54 11.44
C VAL B 163 -88.94 -43.42 11.99
N SER B 164 -89.28 -43.07 13.22
CA SER B 164 -88.61 -41.96 13.87
C SER B 164 -87.45 -42.49 14.72
N ALA B 165 -86.23 -42.23 14.30
CA ALA B 165 -84.99 -42.56 15.00
C ALA B 165 -84.27 -41.29 15.53
N ARG B 166 -84.54 -40.98 16.80
CA ARG B 166 -84.01 -39.79 17.46
C ARG B 166 -82.59 -39.40 17.06
N ASP B 167 -81.58 -40.29 17.12
CA ASP B 167 -80.24 -39.96 16.69
C ASP B 167 -79.67 -40.81 15.56
N VAL B 168 -78.37 -40.73 15.35
CA VAL B 168 -77.32 -41.44 14.64
C VAL B 168 -76.35 -41.88 15.75
N THR B 169 -76.72 -42.69 16.70
CA THR B 169 -76.33 -43.13 17.99
C THR B 169 -74.88 -43.39 18.43
N VAL B 170 -74.50 -42.72 19.50
CA VAL B 170 -73.17 -42.90 20.13
C VAL B 170 -73.14 -44.17 20.95
N THR B 171 -72.38 -45.17 20.54
CA THR B 171 -72.46 -46.47 21.19
C THR B 171 -71.14 -46.59 21.95
N LEU B 172 -70.82 -45.69 22.88
CA LEU B 172 -69.82 -45.61 23.03
C LEU B 172 -70.78 -46.53 23.81
N PRO B 173 -70.33 -47.28 24.79
CA PRO B 173 -69.02 -47.19 25.36
C PRO B 173 -67.85 -47.25 24.40
N ASP B 174 -67.24 -46.58 24.48
CA ASP B 174 -66.01 -47.09 23.99
C ASP B 174 -65.80 -48.26 24.95
N TYR B 175 -66.77 -48.26 25.86
CA TYR B 175 -66.85 -49.36 26.66
C TYR B 175 -68.01 -50.22 26.27
N PRO B 176 -67.46 -51.10 26.65
CA PRO B 176 -67.24 -51.92 26.95
C PRO B 176 -68.66 -52.47 26.99
N GLY B 177 -69.69 -51.66 27.11
CA GLY B 177 -71.08 -51.90 27.27
C GLY B 177 -72.22 -51.87 26.26
N SER B 178 -73.46 -51.76 26.72
CA SER B 178 -74.67 -51.81 25.90
C SER B 178 -75.40 -50.47 25.99
N VAL B 179 -76.29 -50.09 25.10
CA VAL B 179 -77.05 -48.90 24.96
C VAL B 179 -78.34 -49.07 24.10
N PRO B 180 -79.40 -48.44 24.59
CA PRO B 180 -80.69 -48.56 23.93
C PRO B 180 -80.51 -47.76 22.67
N ILE B 181 -81.33 -48.02 21.66
CA ILE B 181 -81.27 -47.33 20.37
C ILE B 181 -82.72 -46.88 20.12
N PRO B 182 -82.95 -45.58 20.29
CA PRO B 182 -84.34 -45.07 20.29
C PRO B 182 -84.87 -45.28 18.91
N LEU B 183 -85.84 -46.13 18.70
CA LEU B 183 -86.38 -46.48 17.42
C LEU B 183 -87.81 -47.05 17.59
N THR B 184 -88.64 -46.16 17.07
CA THR B 184 -90.10 -46.19 17.10
C THR B 184 -90.67 -45.99 15.72
N VAL B 185 -91.82 -46.58 15.38
CA VAL B 185 -92.50 -46.46 14.16
C VAL B 185 -93.99 -46.06 14.39
N TYR B 186 -94.52 -45.26 13.48
CA TYR B 186 -95.99 -45.11 13.69
C TYR B 186 -96.66 -45.06 12.31
N CYS B 187 -97.85 -45.60 12.22
CA CYS B 187 -98.57 -45.48 10.95
C CYS B 187 -99.80 -44.59 11.09
N ALA B 188 -100.08 -43.72 10.13
CA ALA B 188 -101.36 -43.00 10.09
C ALA B 188 -102.46 -44.01 9.94
N LYS B 189 -102.39 -45.12 9.21
CA LYS B 189 -103.44 -46.09 9.16
C LYS B 189 -102.82 -47.42 9.62
N SER B 190 -103.44 -47.98 10.65
CA SER B 190 -103.06 -49.19 11.25
C SER B 190 -102.88 -50.24 10.13
N GLN B 191 -101.69 -50.86 10.18
CA GLN B 191 -101.28 -51.94 9.30
C GLN B 191 -100.27 -52.87 9.99
N ASN B 192 -100.15 -54.09 9.48
CA ASN B 192 -99.17 -55.02 10.03
C ASN B 192 -97.78 -54.70 9.56
N LEU B 193 -96.79 -54.61 10.45
CA LEU B 193 -95.44 -54.35 9.96
C LEU B 193 -94.51 -55.50 10.43
N GLY B 194 -93.45 -55.63 9.65
CA GLY B 194 -92.39 -56.58 9.89
C GLY B 194 -91.13 -55.78 9.58
N TYR B 195 -90.02 -56.19 10.14
CA TYR B 195 -88.74 -55.58 9.82
C TYR B 195 -87.66 -56.71 9.78
N TYR B 196 -86.58 -56.41 9.03
CA TYR B 196 -85.43 -57.26 9.03
C TYR B 196 -84.19 -56.38 8.91
N LEU B 197 -83.07 -56.84 9.40
CA LEU B 197 -81.79 -56.16 9.48
C LEU B 197 -80.95 -56.64 8.27
N SER B 198 -80.03 -55.76 7.88
CA SER B 198 -79.18 -56.22 6.79
C SER B 198 -77.86 -55.47 6.91
N GLY B 199 -76.79 -56.10 6.52
CA GLY B 199 -75.46 -55.56 6.46
C GLY B 199 -74.41 -56.62 6.42
N THR B 200 -73.15 -56.37 6.58
CA THR B 200 -72.04 -57.27 6.74
C THR B 200 -71.94 -57.80 8.17
N THR B 201 -71.96 -59.10 8.20
CA THR B 201 -71.90 -59.89 9.40
C THR B 201 -70.65 -60.81 9.45
N ALA B 202 -70.18 -61.03 10.66
CA ALA B 202 -68.94 -61.75 10.87
C ALA B 202 -69.01 -63.20 11.30
N ASP B 203 -70.17 -63.66 11.70
CA ASP B 203 -70.32 -64.90 12.41
C ASP B 203 -71.19 -65.86 11.65
N ALA B 204 -71.08 -67.14 12.01
CA ALA B 204 -71.86 -68.17 11.34
C ALA B 204 -73.33 -67.86 11.59
N GLY B 205 -73.66 -67.32 12.73
CA GLY B 205 -74.98 -67.02 13.23
C GLY B 205 -75.58 -65.81 12.61
N ASN B 206 -74.65 -65.03 12.05
CA ASN B 206 -74.96 -63.87 11.21
C ASN B 206 -75.84 -62.87 11.94
N SER B 207 -75.37 -62.51 13.13
CA SER B 207 -75.95 -61.49 13.97
C SER B 207 -74.88 -60.51 14.46
N ILE B 208 -73.62 -60.62 13.98
CA ILE B 208 -72.65 -59.69 14.55
C ILE B 208 -72.17 -58.84 13.39
N PHE B 209 -72.59 -57.58 13.41
CA PHE B 209 -72.21 -56.68 12.32
C PHE B 209 -70.77 -56.18 12.42
N THR B 210 -70.04 -56.30 11.33
CA THR B 210 -68.64 -55.91 11.27
C THR B 210 -68.39 -54.49 11.71
N ASN B 211 -67.19 -54.23 12.20
CA ASN B 211 -66.61 -52.92 12.50
C ASN B 211 -66.12 -52.39 11.14
N THR B 212 -66.36 -51.10 10.99
CA THR B 212 -66.08 -50.46 9.68
C THR B 212 -65.52 -49.09 9.93
N ALA B 213 -65.12 -48.80 11.17
CA ALA B 213 -64.42 -47.52 11.43
C ALA B 213 -63.18 -47.48 10.53
N SER B 214 -62.83 -46.33 9.98
CA SER B 214 -61.65 -46.27 9.10
C SER B 214 -60.78 -45.10 9.55
N PHE B 215 -60.54 -44.99 10.81
CA PHE B 215 -59.82 -43.99 11.55
C PHE B 215 -59.55 -44.71 12.89
N SER B 216 -58.31 -45.10 13.06
CA SER B 216 -57.83 -45.84 14.24
C SER B 216 -58.85 -46.83 14.77
N PRO B 217 -59.10 -47.89 14.01
CA PRO B 217 -60.10 -48.87 14.41
C PRO B 217 -59.81 -49.82 15.56
N ALA B 218 -60.83 -50.15 16.35
CA ALA B 218 -60.67 -51.24 17.29
C ALA B 218 -60.53 -52.54 16.46
N GLN B 219 -60.41 -53.68 17.15
CA GLN B 219 -60.25 -54.94 16.46
C GLN B 219 -60.94 -55.95 17.36
N GLY B 220 -61.42 -57.04 16.78
CA GLY B 220 -62.08 -58.07 17.49
C GLY B 220 -63.53 -57.90 17.92
N VAL B 221 -64.08 -56.70 17.71
CA VAL B 221 -65.38 -56.28 18.10
C VAL B 221 -66.35 -55.93 16.95
N GLY B 222 -67.57 -56.45 17.19
CA GLY B 222 -68.67 -56.24 16.18
C GLY B 222 -69.80 -55.62 16.99
N VAL B 223 -70.94 -55.39 16.28
CA VAL B 223 -72.03 -54.77 17.04
C VAL B 223 -73.26 -55.64 16.85
N GLN B 224 -73.89 -56.05 17.92
CA GLN B 224 -75.05 -56.96 17.76
C GLN B 224 -76.26 -56.25 18.31
N LEU B 225 -77.43 -56.53 17.80
CA LEU B 225 -78.68 -55.97 18.24
C LEU B 225 -79.56 -57.00 18.95
N THR B 226 -80.40 -56.43 19.82
CA THR B 226 -81.21 -57.11 20.79
C THR B 226 -82.46 -56.24 20.86
N ARG B 227 -83.61 -56.87 20.84
CA ARG B 227 -84.97 -56.43 21.01
C ARG B 227 -85.28 -57.15 22.35
N ASN B 228 -85.45 -56.36 23.38
CA ASN B 228 -85.56 -56.80 24.77
C ASN B 228 -84.80 -58.09 25.07
N GLY B 229 -83.48 -58.08 24.93
CA GLY B 229 -82.78 -59.38 25.16
C GLY B 229 -82.71 -60.33 23.97
N THR B 230 -83.63 -60.35 22.98
CA THR B 230 -83.59 -61.29 21.92
C THR B 230 -82.75 -60.77 20.73
N ILE B 231 -81.74 -61.55 20.41
CA ILE B 231 -80.75 -61.21 19.41
C ILE B 231 -81.52 -61.25 18.09
N ILE B 232 -81.14 -60.26 17.29
CA ILE B 232 -81.78 -60.22 15.95
C ILE B 232 -80.73 -60.51 14.89
N PRO B 233 -80.82 -61.64 14.24
CA PRO B 233 -79.82 -61.98 13.18
C PRO B 233 -80.20 -61.18 11.92
N ALA B 234 -79.44 -60.93 10.87
CA ALA B 234 -79.70 -60.20 9.66
C ALA B 234 -80.68 -61.00 8.81
N ASN B 235 -81.49 -60.38 7.98
CA ASN B 235 -82.48 -61.15 7.21
C ASN B 235 -83.41 -62.01 8.00
N ASN B 236 -83.75 -61.85 9.25
CA ASN B 236 -84.72 -62.73 9.95
C ASN B 236 -85.92 -61.84 10.21
N THR B 237 -87.02 -61.87 9.50
CA THR B 237 -88.10 -60.89 9.76
C THR B 237 -88.66 -60.87 11.19
N VAL B 238 -88.65 -59.71 11.87
CA VAL B 238 -89.33 -59.59 13.14
C VAL B 238 -90.69 -58.92 12.93
N SER B 239 -91.73 -59.60 13.32
CA SER B 239 -93.13 -59.26 13.33
C SER B 239 -93.52 -58.26 14.38
N LEU B 240 -94.04 -57.07 14.03
CA LEU B 240 -94.44 -56.08 15.01
C LEU B 240 -95.94 -56.10 15.25
N GLY B 241 -96.67 -56.74 14.41
CA GLY B 241 -98.15 -56.78 14.54
C GLY B 241 -98.64 -55.46 13.90
N ALA B 242 -99.78 -55.03 14.42
CA ALA B 242 -100.51 -53.90 13.86
C ALA B 242 -99.93 -52.68 14.49
N VAL B 243 -99.52 -51.72 13.70
CA VAL B 243 -98.95 -50.49 14.26
C VAL B 243 -99.86 -49.39 13.78
N GLY B 244 -100.41 -48.63 14.74
CA GLY B 244 -101.32 -47.53 14.40
C GLY B 244 -100.67 -46.20 14.76
N THR B 245 -101.52 -45.27 15.17
CA THR B 245 -101.21 -43.91 15.55
C THR B 245 -100.19 -43.74 16.67
N SER B 246 -100.33 -44.70 17.62
CA SER B 246 -99.39 -44.64 18.75
C SER B 246 -98.03 -45.25 18.42
N ALA B 247 -96.92 -44.54 18.46
CA ALA B 247 -95.60 -45.08 18.16
C ALA B 247 -95.26 -46.40 18.88
N VAL B 248 -94.94 -47.49 18.18
CA VAL B 248 -94.56 -48.74 18.83
C VAL B 248 -93.02 -48.79 18.95
N SER B 249 -92.38 -48.96 20.11
CA SER B 249 -90.94 -49.00 20.13
C SER B 249 -90.47 -50.31 19.55
N LEU B 250 -89.32 -50.47 18.95
CA LEU B 250 -88.83 -51.78 18.47
C LEU B 250 -88.00 -52.40 19.61
N GLY B 251 -87.70 -51.63 20.68
CA GLY B 251 -86.97 -51.98 21.86
C GLY B 251 -85.56 -52.53 21.62
N LEU B 252 -84.80 -51.84 20.86
CA LEU B 252 -83.47 -52.13 20.44
C LEU B 252 -82.36 -51.72 21.40
N THR B 253 -81.43 -52.68 21.56
CA THR B 253 -80.20 -52.36 22.23
C THR B 253 -79.02 -52.66 21.33
N ALA B 254 -77.98 -51.82 21.33
CA ALA B 254 -76.78 -52.04 20.58
C ALA B 254 -75.87 -52.75 21.56
N ASN B 255 -75.12 -53.76 21.16
CA ASN B 255 -74.19 -54.35 22.13
C ASN B 255 -72.92 -54.66 21.31
N TYR B 256 -71.86 -54.78 22.09
CA TYR B 256 -70.61 -55.21 21.47
C TYR B 256 -70.50 -56.72 21.68
N ALA B 257 -70.12 -57.35 20.56
CA ALA B 257 -69.93 -58.79 20.60
C ALA B 257 -68.61 -59.05 19.90
N ARG B 258 -67.94 -60.12 20.25
CA ARG B 258 -66.60 -60.40 19.75
C ARG B 258 -66.71 -61.07 18.40
N THR B 259 -65.72 -60.76 17.60
CA THR B 259 -65.61 -61.27 16.25
C THR B 259 -64.42 -62.06 15.79
N GLY B 260 -63.42 -62.32 16.66
CA GLY B 260 -62.17 -62.92 16.31
C GLY B 260 -61.00 -63.04 17.26
N GLY B 261 -59.88 -62.43 16.92
CA GLY B 261 -58.61 -62.45 17.62
C GLY B 261 -58.55 -61.33 18.64
N GLN B 262 -57.40 -60.90 19.10
CA GLN B 262 -57.21 -59.91 20.15
C GLN B 262 -58.28 -58.81 20.15
N VAL B 263 -58.93 -58.46 21.25
CA VAL B 263 -59.80 -57.30 21.18
C VAL B 263 -58.87 -56.11 21.31
N THR B 264 -58.97 -55.11 20.48
CA THR B 264 -58.12 -53.93 20.45
C THR B 264 -58.88 -52.63 20.60
N ALA B 265 -58.30 -51.68 21.38
CA ALA B 265 -58.94 -50.43 21.64
C ALA B 265 -59.00 -49.63 20.33
N GLY B 266 -60.02 -48.76 20.26
CA GLY B 266 -60.08 -47.90 19.07
C GLY B 266 -61.55 -47.58 18.79
N ASN B 267 -61.76 -47.04 17.61
CA ASN B 267 -63.15 -46.69 17.27
C ASN B 267 -63.88 -47.91 16.68
N VAL B 268 -65.13 -48.03 17.04
CA VAL B 268 -66.08 -49.05 16.64
C VAL B 268 -67.25 -48.36 15.96
N GLN B 269 -67.39 -48.52 14.66
CA GLN B 269 -68.50 -47.87 13.95
C GLN B 269 -69.14 -48.84 12.97
N SER B 270 -70.47 -48.98 13.07
CA SER B 270 -71.09 -49.86 12.07
C SER B 270 -72.35 -49.18 11.60
N ILE B 271 -72.81 -49.53 10.42
CA ILE B 271 -73.99 -49.07 9.71
C ILE B 271 -74.81 -50.29 9.38
N ILE B 272 -76.04 -50.41 9.82
CA ILE B 272 -76.89 -51.57 9.60
C ILE B 272 -78.17 -51.24 8.83
N GLY B 273 -78.72 -52.03 7.92
CA GLY B 273 -80.03 -51.61 7.45
C GLY B 273 -81.15 -52.10 8.34
N VAL B 274 -82.33 -51.46 8.29
CA VAL B 274 -83.54 -51.91 8.99
C VAL B 274 -84.66 -51.80 7.97
N THR B 275 -85.13 -52.86 7.34
CA THR B 275 -86.11 -52.83 6.26
C THR B 275 -87.53 -53.06 6.82
N PHE B 276 -88.44 -52.13 6.71
CA PHE B 276 -89.78 -52.38 7.24
C PHE B 276 -90.58 -52.93 6.05
N VAL B 277 -91.32 -54.01 6.21
CA VAL B 277 -91.96 -54.72 5.10
C VAL B 277 -93.48 -54.56 5.26
N TYR B 278 -94.08 -54.07 4.16
CA TYR B 278 -95.51 -53.77 4.18
C TYR B 278 -96.32 -54.97 3.73
N GLN B 279 -97.46 -55.11 4.40
CA GLN B 279 -98.42 -56.10 4.00
C GLN B 279 -99.26 -55.58 2.82
N GLY C 1 82.70 15.88 -32.39
CA GLY C 1 84.07 15.49 -32.82
C GLY C 1 83.91 13.99 -33.15
N VAL C 2 84.98 13.26 -33.04
CA VAL C 2 85.17 11.85 -33.06
C VAL C 2 85.07 11.27 -31.63
N ALA C 3 84.28 10.24 -31.46
CA ALA C 3 84.07 9.58 -30.17
C ALA C 3 84.18 8.04 -30.26
N LEU C 4 84.71 7.32 -29.33
CA LEU C 4 84.83 5.90 -29.26
C LEU C 4 83.56 5.27 -28.78
N GLY C 5 83.26 4.03 -29.29
CA GLY C 5 82.03 3.36 -28.84
C GLY C 5 82.20 2.62 -27.54
N ALA C 6 83.20 2.84 -26.73
CA ALA C 6 83.33 2.23 -25.42
C ALA C 6 84.24 3.12 -24.55
N THR C 7 84.30 2.90 -23.25
CA THR C 7 85.19 3.61 -22.41
C THR C 7 86.30 2.64 -22.03
N ARG C 8 86.28 1.37 -22.51
CA ARG C 8 87.42 0.54 -22.12
C ARG C 8 87.49 -0.63 -23.09
N VAL C 9 88.58 -1.38 -23.16
CA VAL C 9 88.54 -2.45 -24.12
C VAL C 9 88.99 -3.69 -23.33
N ILE C 10 88.22 -4.77 -23.33
CA ILE C 10 88.69 -6.02 -22.75
C ILE C 10 89.35 -6.82 -23.88
N TYR C 11 90.61 -7.14 -23.94
CA TYR C 11 91.24 -8.00 -24.90
C TYR C 11 91.41 -9.39 -24.29
N PRO C 12 90.63 -10.38 -24.72
CA PRO C 12 90.74 -11.73 -24.20
C PRO C 12 91.92 -12.43 -24.78
N ALA C 13 92.88 -12.91 -24.00
CA ALA C 13 94.02 -13.63 -24.62
C ALA C 13 93.56 -14.73 -25.59
N GLY C 14 94.24 -14.96 -26.69
CA GLY C 14 93.84 -16.00 -27.64
C GLY C 14 93.23 -15.40 -28.90
N GLN C 15 92.30 -14.43 -28.70
CA GLN C 15 91.66 -13.81 -29.87
C GLN C 15 92.71 -13.03 -30.65
N LYS C 16 92.65 -13.12 -31.97
CA LYS C 16 93.54 -12.42 -32.87
C LYS C 16 93.14 -10.95 -32.99
N GLN C 17 91.91 -10.55 -32.66
CA GLN C 17 91.57 -9.14 -32.79
C GLN C 17 90.27 -8.78 -32.08
N VAL C 18 90.38 -7.60 -31.45
CA VAL C 18 89.27 -6.98 -30.74
C VAL C 18 88.96 -5.74 -31.57
N GLN C 19 87.67 -5.46 -31.66
CA GLN C 19 87.10 -4.44 -32.47
C GLN C 19 86.76 -3.24 -31.60
N LEU C 20 86.99 -2.04 -32.18
CA LEU C 20 86.55 -0.89 -31.32
C LEU C 20 85.95 0.09 -32.31
N ALA C 21 84.76 0.54 -31.98
CA ALA C 21 84.11 1.51 -32.83
C ALA C 21 84.57 2.93 -32.60
N VAL C 22 84.66 3.74 -33.65
CA VAL C 22 84.94 5.18 -33.60
C VAL C 22 83.88 5.95 -34.41
N THR C 23 83.47 7.17 -34.07
CA THR C 23 82.43 7.69 -34.98
C THR C 23 82.64 9.20 -35.20
N ASN C 24 82.67 9.72 -36.39
CA ASN C 24 82.83 11.17 -36.58
C ASN C 24 81.45 11.76 -36.66
N ASN C 25 81.03 12.69 -35.84
CA ASN C 25 79.80 13.44 -35.87
C ASN C 25 79.75 14.72 -36.69
N ASP C 26 80.88 15.29 -37.02
CA ASP C 26 80.91 16.64 -37.56
C ASP C 26 80.73 16.53 -39.06
N GLU C 27 79.51 16.68 -39.47
CA GLU C 27 79.06 16.61 -40.86
C GLU C 27 80.02 17.23 -41.86
N ASN C 28 80.72 18.31 -41.55
CA ASN C 28 81.63 18.99 -42.45
C ASN C 28 83.10 19.05 -42.07
N SER C 29 83.56 18.12 -41.25
CA SER C 29 84.98 18.04 -40.93
C SER C 29 85.54 16.71 -41.38
N THR C 30 86.81 16.71 -41.78
CA THR C 30 87.49 15.49 -42.22
C THR C 30 88.58 15.27 -41.15
N TYR C 31 88.90 14.10 -40.68
CA TYR C 31 89.93 13.77 -39.72
C TYR C 31 90.78 12.55 -40.10
N LEU C 32 92.07 12.68 -39.83
CA LEU C 32 92.94 11.51 -40.07
C LEU C 32 92.99 10.78 -38.69
N ILE C 33 92.55 9.54 -38.64
CA ILE C 33 92.55 8.84 -37.36
C ILE C 33 93.82 8.01 -37.15
N GLN C 34 94.61 8.26 -36.13
CA GLN C 34 95.82 7.43 -35.84
C GLN C 34 95.65 6.89 -34.41
N SER C 35 96.01 5.66 -34.16
CA SER C 35 95.70 4.99 -32.93
C SER C 35 96.88 4.16 -32.51
N TRP C 36 97.05 4.17 -31.20
CA TRP C 36 98.11 3.31 -30.65
C TRP C 36 97.80 2.96 -29.21
N VAL C 37 98.54 1.92 -28.81
CA VAL C 37 98.44 1.40 -27.43
C VAL C 37 99.70 1.60 -26.66
N GLU C 38 99.70 2.04 -25.41
CA GLU C 38 100.89 2.13 -24.57
C GLU C 38 100.79 1.11 -23.41
N ASN C 39 101.91 0.83 -22.74
CA ASN C 39 101.81 -0.03 -21.56
C ASN C 39 101.48 0.83 -20.33
N ALA C 40 101.48 0.26 -19.12
CA ALA C 40 101.07 0.91 -17.90
C ALA C 40 102.06 2.05 -17.59
N ASP C 41 103.28 1.92 -18.07
CA ASP C 41 104.24 2.97 -17.90
C ASP C 41 104.21 4.06 -18.95
N GLY C 42 103.25 4.14 -19.83
CA GLY C 42 103.31 5.24 -20.81
C GLY C 42 104.21 4.93 -21.98
N VAL C 43 104.88 3.77 -22.13
CA VAL C 43 105.81 3.61 -23.24
C VAL C 43 105.05 3.07 -24.44
N LYS C 44 105.39 3.61 -25.63
CA LYS C 44 104.69 3.10 -26.79
C LYS C 44 105.40 1.77 -27.14
N ASP C 45 104.87 0.76 -26.47
CA ASP C 45 105.29 -0.60 -26.68
C ASP C 45 104.94 -1.06 -28.04
N GLY C 46 105.41 -2.23 -28.39
CA GLY C 46 104.60 -2.64 -29.68
C GLY C 46 103.68 -3.76 -29.22
N ARG C 47 103.35 -3.89 -27.95
CA ARG C 47 102.56 -5.05 -27.49
C ARG C 47 101.22 -5.30 -28.16
N PHE C 48 100.55 -4.18 -28.44
CA PHE C 48 99.29 -4.11 -29.14
C PHE C 48 99.45 -3.04 -30.23
N ILE C 49 98.79 -3.29 -31.34
CA ILE C 49 98.78 -2.48 -32.50
C ILE C 49 97.31 -2.46 -33.04
N VAL C 50 97.07 -1.25 -33.54
CA VAL C 50 95.80 -0.89 -34.07
C VAL C 50 95.67 -0.97 -35.58
N THR C 51 94.53 -1.56 -35.95
CA THR C 51 94.05 -1.68 -37.29
C THR C 51 93.12 -0.73 -37.87
N PRO C 52 92.87 -0.01 -38.97
CA PRO C 52 93.82 0.63 -39.95
C PRO C 52 94.60 1.63 -39.14
N PRO C 53 95.91 1.59 -39.29
CA PRO C 53 96.83 2.42 -38.53
C PRO C 53 96.65 3.87 -38.94
N LEU C 54 95.96 4.19 -40.04
CA LEU C 54 95.85 5.63 -40.36
C LEU C 54 94.79 5.87 -41.43
N PHE C 55 93.61 6.42 -41.16
CA PHE C 55 92.64 6.54 -42.28
C PHE C 55 91.86 7.86 -42.07
N ALA C 56 91.09 8.27 -43.07
CA ALA C 56 90.31 9.46 -43.05
C ALA C 56 88.86 9.22 -42.62
N MET C 57 88.30 10.12 -41.81
CA MET C 57 86.84 9.96 -41.59
C MET C 57 86.25 11.30 -42.03
N LYS C 58 85.60 11.28 -43.16
CA LYS C 58 85.04 12.45 -43.80
C LYS C 58 83.60 12.61 -43.43
N GLY C 59 83.15 13.71 -42.83
CA GLY C 59 81.71 13.77 -42.54
C GLY C 59 81.27 12.64 -41.64
N LYS C 60 80.00 12.70 -41.25
CA LYS C 60 79.35 11.77 -40.31
C LYS C 60 79.76 10.39 -40.81
N LYS C 61 80.31 9.52 -39.99
CA LYS C 61 80.90 8.28 -40.54
C LYS C 61 81.12 7.33 -39.36
N GLU C 62 81.21 6.04 -39.62
CA GLU C 62 81.43 5.09 -38.54
C GLU C 62 82.56 4.14 -38.93
N ASN C 63 83.55 3.90 -38.04
CA ASN C 63 84.60 3.01 -38.57
C ASN C 63 84.92 1.98 -37.51
N THR C 64 85.68 0.95 -37.88
CA THR C 64 86.02 -0.06 -36.89
C THR C 64 87.52 -0.13 -36.67
N LEU C 65 87.92 -0.10 -35.37
CA LEU C 65 89.38 -0.21 -35.16
C LEU C 65 89.64 -1.68 -34.81
N ARG C 66 90.75 -2.26 -35.19
CA ARG C 66 91.03 -3.65 -34.88
C ARG C 66 92.34 -3.60 -34.09
N ILE C 67 92.28 -4.11 -32.88
CA ILE C 67 93.40 -4.07 -31.98
C ILE C 67 93.94 -5.48 -32.11
N LEU C 68 95.17 -5.58 -32.59
CA LEU C 68 95.75 -6.92 -32.74
C LEU C 68 96.72 -7.23 -31.61
N ASP C 69 96.69 -8.44 -31.11
CA ASP C 69 97.65 -8.97 -30.16
C ASP C 69 98.99 -9.21 -30.79
N ALA C 70 99.95 -8.36 -30.52
CA ALA C 70 101.31 -8.46 -30.99
C ALA C 70 102.20 -8.96 -29.84
N THR C 71 101.60 -9.27 -28.69
CA THR C 71 102.44 -9.81 -27.59
C THR C 71 102.96 -11.13 -28.16
N ASN C 72 103.97 -11.81 -27.67
CA ASN C 72 104.25 -13.08 -28.42
C ASN C 72 103.89 -14.21 -27.47
N ASN C 73 102.79 -13.99 -26.75
CA ASN C 73 102.33 -14.76 -25.62
C ASN C 73 103.36 -14.59 -24.50
N GLN C 74 103.98 -13.40 -24.42
CA GLN C 74 104.98 -13.02 -23.45
C GLN C 74 104.42 -12.36 -22.18
N LEU C 75 103.09 -12.27 -22.07
CA LEU C 75 102.48 -11.56 -20.95
C LEU C 75 102.03 -12.47 -19.82
N PRO C 76 102.03 -12.00 -18.60
CA PRO C 76 101.62 -12.83 -17.47
C PRO C 76 100.32 -13.55 -17.82
N GLN C 77 100.15 -14.82 -17.48
CA GLN C 77 98.94 -15.54 -17.87
C GLN C 77 98.02 -15.79 -16.71
N ASP C 78 98.33 -15.31 -15.52
CA ASP C 78 97.49 -15.45 -14.34
C ASP C 78 96.86 -14.18 -13.81
N ARG C 79 96.88 -13.09 -14.57
CA ARG C 79 96.35 -11.79 -14.16
C ARG C 79 96.35 -10.83 -15.37
N GLU C 80 95.46 -9.87 -15.40
CA GLU C 80 95.36 -8.84 -16.39
C GLU C 80 96.61 -7.95 -16.38
N SER C 81 96.90 -7.22 -17.42
CA SER C 81 98.01 -6.28 -17.56
C SER C 81 97.31 -5.02 -18.10
N LEU C 82 97.69 -3.86 -17.58
CA LEU C 82 97.01 -2.65 -17.99
C LEU C 82 97.72 -1.99 -19.13
N PHE C 83 97.07 -1.67 -20.22
CA PHE C 83 97.58 -0.87 -21.33
C PHE C 83 96.66 0.35 -21.58
N TRP C 84 97.08 1.33 -22.38
CA TRP C 84 96.26 2.51 -22.72
C TRP C 84 96.10 2.67 -24.22
N MET C 85 94.87 2.70 -24.68
CA MET C 85 94.60 2.84 -26.14
C MET C 85 94.20 4.27 -26.41
N ASN C 86 94.88 4.90 -27.38
CA ASN C 86 94.66 6.27 -27.74
C ASN C 86 94.29 6.31 -29.20
N VAL C 87 93.26 7.14 -29.45
CA VAL C 87 92.76 7.31 -30.81
C VAL C 87 92.72 8.86 -31.03
N LYS C 88 93.49 9.34 -31.97
CA LYS C 88 93.78 10.72 -32.16
C LYS C 88 93.12 11.26 -33.45
N ALA C 89 92.50 12.45 -33.39
CA ALA C 89 91.76 12.83 -34.62
C ALA C 89 92.42 14.11 -35.17
N ILE C 90 93.32 13.87 -36.12
CA ILE C 90 94.15 14.92 -36.68
C ILE C 90 93.30 15.71 -37.65
N PRO C 91 92.94 16.92 -37.31
CA PRO C 91 92.17 17.76 -38.22
C PRO C 91 93.00 18.21 -39.43
N SER C 92 92.26 18.33 -40.55
CA SER C 92 92.91 18.78 -41.79
C SER C 92 93.47 20.21 -41.78
N MET C 93 94.55 20.30 -42.57
CA MET C 93 95.19 21.58 -42.81
C MET C 93 94.07 22.43 -43.42
N ASP C 94 93.86 23.59 -42.82
CA ASP C 94 92.89 24.55 -43.29
C ASP C 94 93.68 25.60 -44.07
N LYS C 95 93.64 25.52 -45.40
CA LYS C 95 94.42 26.36 -46.29
C LYS C 95 94.07 27.83 -46.21
N SER C 96 92.82 28.15 -45.94
CA SER C 96 92.28 29.48 -45.82
C SER C 96 93.06 30.42 -44.90
N LYS C 97 93.49 29.87 -43.78
CA LYS C 97 94.11 30.42 -42.62
C LYS C 97 95.62 30.27 -42.55
N LEU C 98 96.23 29.95 -43.69
CA LEU C 98 97.69 29.92 -43.79
C LEU C 98 98.35 31.23 -43.33
N THR C 99 97.72 32.37 -43.60
CA THR C 99 98.24 33.71 -43.46
C THR C 99 97.71 34.46 -42.24
N GLU C 100 97.11 33.71 -41.37
CA GLU C 100 96.63 34.17 -40.09
C GLU C 100 97.29 33.32 -39.00
N ASN C 101 97.10 33.71 -37.74
CA ASN C 101 97.46 33.09 -36.51
C ASN C 101 96.34 32.18 -35.99
N THR C 102 96.80 30.90 -35.85
CA THR C 102 95.90 29.82 -35.57
C THR C 102 96.34 28.83 -34.51
N LEU C 103 95.28 28.24 -33.89
CA LEU C 103 95.51 27.21 -32.90
C LEU C 103 94.81 25.95 -33.36
N GLN C 104 95.50 24.86 -33.67
CA GLN C 104 94.65 23.69 -33.98
C GLN C 104 94.66 22.76 -32.77
N LEU C 105 93.59 22.26 -32.29
CA LEU C 105 93.41 21.22 -31.33
C LEU C 105 93.23 19.84 -31.95
N ALA C 106 94.08 18.87 -31.55
CA ALA C 106 93.95 17.47 -32.01
C ALA C 106 93.28 16.70 -30.86
N ILE C 107 92.06 16.26 -30.89
CA ILE C 107 91.38 15.61 -29.79
C ILE C 107 91.68 14.14 -29.83
N ILE C 108 92.08 13.59 -28.68
CA ILE C 108 92.46 12.20 -28.57
C ILE C 108 91.61 11.53 -27.48
N SER C 109 91.21 10.28 -27.67
CA SER C 109 90.54 9.67 -26.54
C SER C 109 91.47 8.57 -26.01
N ARG C 110 91.66 8.52 -24.69
CA ARG C 110 92.51 7.56 -24.03
C ARG C 110 91.72 6.71 -23.06
N ILE C 111 91.66 5.41 -23.31
CA ILE C 111 90.96 4.42 -22.55
C ILE C 111 91.79 3.18 -22.20
N LYS C 112 91.34 2.59 -21.02
CA LYS C 112 91.96 1.40 -20.56
C LYS C 112 91.78 0.20 -21.53
N LEU C 113 92.87 -0.58 -21.49
CA LEU C 113 92.89 -1.74 -22.32
C LEU C 113 93.49 -2.77 -21.40
N TYR C 114 92.67 -3.77 -21.12
CA TYR C 114 93.17 -4.83 -20.23
C TYR C 114 93.42 -6.14 -20.97
N TYR C 115 94.60 -6.66 -21.08
CA TYR C 115 94.77 -7.98 -21.68
C TYR C 115 94.31 -9.01 -20.64
N ARG C 116 93.39 -9.88 -21.02
CA ARG C 116 92.82 -10.79 -20.02
C ARG C 116 93.12 -12.23 -20.35
N PRO C 117 94.06 -12.82 -19.67
CA PRO C 117 94.41 -14.26 -19.89
C PRO C 117 93.16 -15.12 -19.80
N ALA C 118 92.99 -16.06 -20.71
CA ALA C 118 91.92 -16.95 -20.96
C ALA C 118 91.46 -17.93 -19.88
N LYS C 119 92.26 -18.20 -18.83
CA LYS C 119 91.77 -19.22 -17.89
C LYS C 119 91.68 -18.71 -16.47
N LEU C 120 91.38 -17.43 -16.30
CA LEU C 120 91.23 -16.99 -14.93
C LEU C 120 90.07 -17.82 -14.32
N ALA C 121 90.40 -18.28 -13.10
CA ALA C 121 89.51 -19.11 -12.32
C ALA C 121 88.39 -18.25 -11.78
N LEU C 122 88.63 -17.20 -10.97
CA LEU C 122 87.41 -16.44 -10.56
C LEU C 122 86.95 -15.56 -11.71
N PRO C 123 85.65 -15.36 -11.87
CA PRO C 123 85.04 -14.64 -12.96
C PRO C 123 84.93 -13.14 -12.78
N PRO C 124 84.89 -12.39 -13.87
CA PRO C 124 84.93 -10.94 -13.82
C PRO C 124 83.96 -10.30 -12.88
N ASP C 125 82.78 -10.89 -12.74
CA ASP C 125 81.74 -10.37 -11.88
C ASP C 125 81.88 -10.74 -10.43
N GLN C 126 82.71 -11.70 -10.05
CA GLN C 126 82.92 -12.05 -8.67
C GLN C 126 84.14 -11.37 -8.05
N ALA C 127 84.75 -10.48 -8.81
CA ALA C 127 85.87 -9.65 -8.54
C ALA C 127 85.65 -8.47 -7.57
N ALA C 128 84.79 -7.51 -7.86
CA ALA C 128 84.56 -6.38 -6.96
C ALA C 128 84.43 -6.81 -5.51
N GLU C 129 83.37 -7.55 -5.13
CA GLU C 129 83.20 -7.90 -3.73
C GLU C 129 84.47 -8.46 -3.07
N LYS C 130 85.31 -9.23 -3.74
CA LYS C 130 86.54 -9.79 -3.24
C LYS C 130 87.60 -8.83 -2.77
N LEU C 131 87.36 -7.54 -2.81
CA LEU C 131 88.23 -6.54 -2.28
C LEU C 131 88.23 -6.49 -0.76
N ARG C 132 89.38 -6.24 -0.16
CA ARG C 132 89.45 -5.93 1.26
C ARG C 132 90.29 -4.68 1.55
N PHE C 133 90.16 -4.22 2.79
CA PHE C 133 90.78 -3.01 3.32
C PHE C 133 91.61 -3.17 4.60
N ARG C 134 92.61 -2.30 4.73
CA ARG C 134 93.49 -2.29 5.90
C ARG C 134 93.58 -0.80 6.27
N ARG C 135 93.13 -0.38 7.43
CA ARG C 135 93.20 1.04 7.81
C ARG C 135 94.47 1.39 8.57
N SER C 136 94.83 2.65 8.57
CA SER C 136 95.95 3.28 9.25
C SER C 136 95.37 4.60 9.77
N ALA C 137 96.10 5.54 10.37
CA ALA C 137 95.34 6.75 10.77
C ALA C 137 95.67 7.89 9.83
N ASN C 138 96.49 7.63 8.82
CA ASN C 138 96.84 8.53 7.75
C ASN C 138 96.14 8.18 6.45
N SER C 139 96.12 6.87 6.17
CA SER C 139 95.65 6.22 4.98
C SER C 139 94.77 5.00 5.15
N LEU C 140 94.06 4.69 4.08
CA LEU C 140 93.22 3.58 3.76
C LEU C 140 93.81 2.83 2.57
N THR C 141 94.27 1.62 2.72
CA THR C 141 94.79 0.72 1.75
C THR C 141 93.86 -0.41 1.27
N LEU C 142 93.72 -0.43 -0.06
CA LEU C 142 92.86 -1.33 -0.77
C LEU C 142 93.58 -2.60 -1.17
N ILE C 143 93.01 -3.75 -0.71
CA ILE C 143 93.70 -5.01 -1.11
C ILE C 143 92.82 -5.82 -2.02
N ASN C 144 93.35 -5.90 -3.25
CA ASN C 144 92.74 -6.53 -4.40
C ASN C 144 93.51 -7.84 -4.54
N PRO C 145 92.86 -8.93 -4.21
CA PRO C 145 93.42 -10.24 -4.27
C PRO C 145 93.09 -11.02 -5.55
N THR C 146 92.18 -10.39 -6.29
CA THR C 146 91.71 -11.02 -7.53
C THR C 146 92.75 -10.78 -8.59
N PRO C 147 92.55 -11.41 -9.73
CA PRO C 147 93.43 -11.22 -10.87
C PRO C 147 92.95 -10.14 -11.80
N TYR C 148 91.99 -9.30 -11.43
CA TYR C 148 91.47 -8.24 -12.30
C TYR C 148 91.73 -6.80 -11.83
N TYR C 149 91.97 -5.86 -12.76
CA TYR C 149 92.13 -4.49 -12.33
C TYR C 149 90.80 -3.99 -11.78
N LEU C 150 90.80 -3.27 -10.68
CA LEU C 150 89.56 -2.83 -10.08
C LEU C 150 89.44 -1.33 -10.05
N THR C 151 88.52 -0.73 -10.77
CA THR C 151 88.27 0.67 -10.81
C THR C 151 87.34 1.01 -9.64
N VAL C 152 88.06 1.36 -8.57
CA VAL C 152 87.30 1.70 -7.34
C VAL C 152 86.98 3.16 -7.46
N THR C 153 85.73 3.42 -7.31
CA THR C 153 85.15 4.78 -7.45
C THR C 153 84.02 4.86 -6.40
N GLU C 154 83.64 6.07 -6.06
CA GLU C 154 82.71 6.34 -4.96
C GLU C 154 83.16 5.64 -3.70
N LEU C 155 84.40 5.95 -3.28
CA LEU C 155 85.03 5.40 -2.08
C LEU C 155 84.65 6.26 -0.87
N ASN C 156 83.73 5.68 -0.06
CA ASN C 156 83.28 6.45 1.09
C ASN C 156 83.68 5.87 2.43
N ALA C 157 84.23 6.72 3.29
CA ALA C 157 84.55 6.33 4.67
C ALA C 157 83.65 7.14 5.64
N GLY C 158 82.38 6.77 5.74
CA GLY C 158 81.42 7.47 6.57
C GLY C 158 80.91 8.66 5.73
N THR C 159 81.27 9.84 6.22
CA THR C 159 80.99 11.12 5.63
C THR C 159 82.00 11.42 4.50
N ARG C 160 83.16 10.75 4.62
CA ARG C 160 84.24 11.15 3.74
C ARG C 160 84.39 10.41 2.42
N VAL C 161 84.55 11.29 1.44
CA VAL C 161 84.77 11.08 0.03
C VAL C 161 86.26 10.88 -0.18
N LEU C 162 86.73 9.71 -0.51
CA LEU C 162 88.17 9.55 -0.74
C LEU C 162 88.49 9.54 -2.25
N GLU C 163 89.78 9.61 -2.58
CA GLU C 163 90.37 9.50 -3.92
C GLU C 163 89.69 8.33 -4.63
N ASN C 164 89.30 8.45 -5.89
CA ASN C 164 88.85 7.38 -6.75
C ASN C 164 90.03 6.45 -6.96
N ALA C 165 90.01 5.18 -7.30
CA ALA C 165 91.27 4.49 -7.38
C ALA C 165 91.31 3.19 -8.15
N LEU C 166 92.51 2.96 -8.68
CA LEU C 166 92.84 1.91 -9.60
C LEU C 166 93.74 0.93 -8.89
N VAL C 167 93.21 -0.24 -8.54
CA VAL C 167 93.87 -1.23 -7.74
C VAL C 167 94.21 -2.43 -8.62
N PRO C 168 95.48 -2.70 -8.77
CA PRO C 168 95.92 -3.76 -9.64
C PRO C 168 95.73 -5.18 -9.11
N PRO C 169 95.75 -6.12 -10.06
CA PRO C 169 95.63 -7.53 -9.75
C PRO C 169 96.53 -7.98 -8.62
N MET C 170 96.07 -8.75 -7.62
CA MET C 170 96.88 -9.27 -6.54
C MET C 170 97.91 -8.26 -6.00
N GLY C 171 97.49 -7.03 -5.79
CA GLY C 171 98.31 -5.94 -5.32
C GLY C 171 97.38 -4.97 -4.56
N GLU C 172 97.80 -3.74 -4.29
CA GLU C 172 97.13 -2.80 -3.45
C GLU C 172 97.37 -1.32 -3.81
N SER C 173 96.53 -0.43 -3.38
CA SER C 173 96.62 0.99 -3.63
C SER C 173 96.37 1.67 -2.28
N ALA C 174 96.72 2.97 -2.19
CA ALA C 174 96.55 3.58 -0.86
C ALA C 174 95.96 4.95 -1.03
N VAL C 175 95.08 5.40 -0.18
CA VAL C 175 94.40 6.66 -0.29
C VAL C 175 94.49 7.28 1.12
N LYS C 176 94.46 8.59 1.16
CA LYS C 176 94.53 9.42 2.32
C LYS C 176 93.19 9.24 3.08
N LEU C 177 93.37 8.98 4.38
CA LEU C 177 92.12 8.85 5.18
C LEU C 177 92.30 9.82 6.35
N SER C 183 85.59 4.68 9.42
CA SER C 183 84.20 4.51 9.82
C SER C 183 83.58 3.36 9.04
N ASN C 184 82.40 3.57 8.44
CA ASN C 184 81.86 2.53 7.56
C ASN C 184 82.33 2.86 6.13
N ILE C 185 82.89 1.84 5.50
CA ILE C 185 83.45 2.04 4.14
C ILE C 185 82.52 1.63 3.01
N THR C 186 82.19 2.54 2.10
CA THR C 186 81.41 2.15 0.93
C THR C 186 82.22 2.45 -0.36
N TYR C 187 81.89 1.63 -1.36
CA TYR C 187 82.61 1.76 -2.61
C TYR C 187 81.88 1.08 -3.75
N ARG C 188 82.08 1.70 -4.92
CA ARG C 188 81.59 1.09 -6.16
C ARG C 188 82.78 0.78 -7.08
N THR C 189 82.54 0.04 -8.14
CA THR C 189 83.57 -0.22 -9.12
C THR C 189 82.95 -0.01 -10.52
N ILE C 190 83.74 0.28 -11.54
CA ILE C 190 83.26 0.37 -12.92
C ILE C 190 83.50 -0.97 -13.58
N ASN C 191 82.55 -1.59 -14.26
CA ASN C 191 82.86 -2.93 -14.82
C ASN C 191 83.43 -2.87 -16.22
N ASP C 192 83.53 -3.98 -16.89
CA ASP C 192 83.95 -4.20 -18.25
C ASP C 192 83.11 -3.41 -19.27
N TYR C 193 81.90 -3.02 -18.89
CA TYR C 193 80.92 -2.35 -19.70
C TYR C 193 80.91 -0.86 -19.42
N GLY C 194 81.79 -0.47 -18.46
CA GLY C 194 81.69 1.00 -18.22
C GLY C 194 80.56 1.33 -17.29
N ALA C 195 79.84 0.38 -16.70
CA ALA C 195 78.75 0.72 -15.80
C ALA C 195 79.18 0.61 -14.33
N LEU C 196 78.55 1.45 -13.49
CA LEU C 196 78.88 1.40 -12.06
C LEU C 196 78.37 0.16 -11.37
N THR C 197 79.21 -0.61 -10.72
CA THR C 197 78.66 -1.77 -10.00
C THR C 197 77.80 -1.28 -8.84
N PRO C 198 77.12 -2.21 -8.18
CA PRO C 198 76.26 -1.85 -7.04
C PRO C 198 77.04 -1.38 -5.82
N LYS C 199 76.59 -0.30 -5.15
CA LYS C 199 77.27 0.17 -3.92
C LYS C 199 77.53 -1.05 -3.02
N MET C 200 78.75 -1.16 -2.52
CA MET C 200 79.14 -2.30 -1.73
C MET C 200 79.69 -1.98 -0.37
N THR C 201 79.72 -2.94 0.54
CA THR C 201 80.17 -2.62 1.92
C THR C 201 81.65 -2.85 2.12
N GLY C 202 82.32 -1.83 2.65
CA GLY C 202 83.76 -1.91 2.91
C GLY C 202 84.11 -2.94 3.98
N VAL C 203 84.41 -4.16 3.60
CA VAL C 203 84.83 -5.24 4.46
C VAL C 203 86.35 -5.17 4.68
N MET C 204 86.83 -5.17 5.92
CA MET C 204 88.21 -5.21 6.35
C MET C 204 88.97 -6.49 6.04
N GLU C 205 90.28 -6.47 6.30
CA GLU C 205 91.13 -7.66 6.17
C GLU C 205 91.33 -8.10 7.63
N PHE D 1 42.06 -24.15 -34.88
CA PHE D 1 43.40 -23.49 -34.76
C PHE D 1 44.00 -23.39 -33.37
N ALA D 2 45.31 -23.69 -33.31
CA ALA D 2 45.96 -23.71 -32.00
C ALA D 2 47.44 -23.45 -32.18
N CYS D 3 48.14 -23.19 -31.11
CA CYS D 3 49.54 -22.87 -31.12
C CYS D 3 50.19 -23.30 -29.79
N LYS D 4 51.49 -23.38 -29.92
CA LYS D 4 52.25 -23.80 -28.75
C LYS D 4 53.61 -23.14 -28.86
N THR D 5 54.38 -23.28 -27.83
CA THR D 5 55.72 -22.67 -27.69
C THR D 5 56.83 -23.66 -27.83
N ALA D 6 58.04 -23.29 -28.27
CA ALA D 6 59.12 -24.33 -28.22
C ALA D 6 59.29 -25.00 -26.88
N ASN D 7 58.95 -24.53 -25.73
CA ASN D 7 58.92 -25.21 -24.44
C ASN D 7 57.64 -26.02 -24.28
N GLY D 8 56.92 -26.34 -25.35
CA GLY D 8 55.77 -27.15 -25.48
C GLY D 8 54.53 -26.82 -24.68
N THR D 9 54.38 -25.54 -24.31
CA THR D 9 53.30 -24.88 -23.62
C THR D 9 52.34 -24.21 -24.58
N ALA D 10 51.09 -24.67 -24.61
CA ALA D 10 50.06 -24.49 -25.57
C ALA D 10 48.99 -23.45 -25.23
N ILE D 11 48.31 -23.05 -26.30
CA ILE D 11 47.16 -22.17 -26.26
C ILE D 11 46.17 -22.83 -27.26
N PRO D 12 45.08 -23.39 -26.74
CA PRO D 12 44.17 -24.22 -27.51
C PRO D 12 43.24 -23.48 -28.39
N ILE D 13 42.42 -24.27 -29.08
CA ILE D 13 41.42 -23.73 -29.97
C ILE D 13 40.75 -22.50 -29.38
N GLY D 14 40.12 -22.28 -28.26
CA GLY D 14 39.64 -20.83 -28.30
C GLY D 14 40.62 -19.68 -28.22
N GLY D 15 41.97 -19.74 -28.29
CA GLY D 15 42.71 -18.46 -28.05
C GLY D 15 43.06 -18.38 -26.58
N GLY D 16 43.68 -17.34 -26.04
CA GLY D 16 44.07 -17.45 -24.60
C GLY D 16 45.47 -16.91 -24.36
N SER D 17 46.22 -17.40 -23.35
CA SER D 17 47.48 -16.71 -23.17
C SER D 17 48.68 -17.53 -22.86
N ALA D 18 49.90 -17.01 -23.03
CA ALA D 18 51.04 -17.88 -22.58
C ALA D 18 52.30 -17.01 -22.48
N ASN D 19 53.26 -17.53 -21.75
CA ASN D 19 54.54 -16.88 -21.56
C ASN D 19 55.52 -17.48 -22.59
N VAL D 20 56.38 -16.60 -23.15
CA VAL D 20 57.53 -17.09 -23.90
C VAL D 20 58.77 -16.45 -23.26
N TYR D 21 59.78 -17.19 -22.94
CA TYR D 21 61.05 -17.01 -22.30
C TYR D 21 62.20 -16.99 -23.33
N VAL D 22 62.72 -15.75 -23.62
CA VAL D 22 63.74 -15.60 -24.60
C VAL D 22 65.14 -15.25 -24.03
N ASN D 23 66.13 -15.87 -24.67
CA ASN D 23 67.55 -15.78 -24.18
C ASN D 23 68.05 -14.66 -25.06
N LEU D 24 68.53 -13.50 -24.52
CA LEU D 24 68.82 -12.48 -25.57
C LEU D 24 70.28 -12.32 -25.86
N ALA D 25 70.74 -11.64 -26.91
CA ALA D 25 72.15 -11.25 -26.98
C ALA D 25 72.47 -10.49 -25.69
N PRO D 26 73.47 -10.92 -24.97
CA PRO D 26 73.80 -10.41 -23.64
C PRO D 26 74.39 -9.04 -23.63
N VAL D 27 75.00 -8.56 -24.70
CA VAL D 27 75.62 -7.28 -24.89
C VAL D 27 75.26 -6.57 -26.18
N VAL D 28 74.65 -5.41 -26.22
CA VAL D 28 74.26 -4.73 -27.45
C VAL D 28 74.69 -3.26 -27.39
N ASN D 29 75.53 -2.86 -28.32
CA ASN D 29 75.96 -1.48 -28.47
C ASN D 29 74.90 -0.54 -29.01
N VAL D 30 75.04 0.71 -28.57
CA VAL D 30 74.10 1.75 -29.05
C VAL D 30 73.79 1.65 -30.53
N GLY D 31 74.73 1.48 -31.45
CA GLY D 31 74.24 1.35 -32.84
C GLY D 31 73.63 0.06 -33.32
N GLN D 32 73.80 -1.07 -32.62
CA GLN D 32 73.43 -2.40 -33.09
C GLN D 32 71.99 -2.81 -32.84
N ASN D 33 71.56 -3.87 -33.48
CA ASN D 33 70.25 -4.44 -33.37
C ASN D 33 70.37 -5.64 -32.40
N LEU D 34 69.40 -5.66 -31.50
CA LEU D 34 69.01 -6.69 -30.61
C LEU D 34 67.81 -7.37 -31.34
N VAL D 35 68.00 -8.56 -31.85
CA VAL D 35 66.93 -9.23 -32.65
C VAL D 35 66.19 -10.13 -31.73
N VAL D 36 64.91 -10.09 -31.53
CA VAL D 36 64.25 -11.07 -30.62
C VAL D 36 63.35 -11.84 -31.65
N ASP D 37 63.78 -12.98 -32.08
CA ASP D 37 63.19 -13.74 -33.19
C ASP D 37 62.04 -14.59 -32.65
N LEU D 38 60.76 -14.33 -32.72
CA LEU D 38 59.77 -15.17 -32.10
C LEU D 38 59.29 -16.28 -33.00
N SER D 39 59.82 -16.27 -34.22
CA SER D 39 59.42 -17.39 -35.11
C SER D 39 60.14 -18.67 -34.79
N THR D 40 61.07 -18.81 -33.93
CA THR D 40 61.76 -20.04 -33.51
C THR D 40 61.19 -20.47 -32.17
N GLN D 41 60.19 -19.83 -31.56
CA GLN D 41 59.58 -20.28 -30.33
C GLN D 41 58.04 -20.33 -30.38
N ILE D 42 57.43 -19.64 -31.34
CA ILE D 42 55.97 -19.63 -31.31
C ILE D 42 55.47 -20.32 -32.58
N PHE D 43 54.68 -21.39 -32.37
CA PHE D 43 54.33 -22.25 -33.50
C PHE D 43 52.83 -22.45 -33.56
N CYS D 44 52.30 -22.41 -34.79
CA CYS D 44 50.86 -22.67 -34.89
C CYS D 44 50.54 -23.68 -35.99
N HIS D 45 49.30 -24.17 -35.94
CA HIS D 45 48.77 -25.05 -36.99
C HIS D 45 47.28 -24.82 -37.20
N ASN D 46 46.77 -25.21 -38.39
CA ASN D 46 45.30 -25.08 -38.64
C ASN D 46 44.83 -26.51 -38.41
N ASP D 47 43.69 -26.65 -37.73
CA ASP D 47 43.24 -27.94 -37.29
C ASP D 47 42.42 -28.74 -38.32
N TYR D 48 41.85 -28.07 -39.30
CA TYR D 48 41.02 -28.62 -40.37
C TYR D 48 41.23 -27.93 -41.74
N PRO D 49 42.46 -28.05 -42.28
CA PRO D 49 42.94 -27.38 -43.44
C PRO D 49 42.28 -27.78 -44.75
N GLU D 50 41.78 -29.02 -44.86
CA GLU D 50 41.02 -29.47 -46.02
C GLU D 50 39.69 -28.69 -46.13
N THR D 51 39.16 -27.95 -45.16
CA THR D 51 37.90 -27.27 -45.36
C THR D 51 37.93 -25.80 -45.03
N ILE D 52 38.58 -25.48 -43.89
CA ILE D 52 38.71 -24.17 -43.35
C ILE D 52 40.06 -23.55 -43.68
N THR D 53 40.04 -22.22 -43.86
CA THR D 53 41.32 -21.53 -44.05
C THR D 53 41.45 -20.60 -42.86
N ASP D 54 42.60 -20.57 -42.21
CA ASP D 54 42.84 -19.66 -41.07
C ASP D 54 43.64 -18.41 -41.48
N TYR D 55 43.34 -17.26 -40.88
CA TYR D 55 43.90 -15.95 -41.13
C TYR D 55 44.58 -15.39 -39.86
N VAL D 56 45.91 -15.14 -40.01
CA VAL D 56 46.60 -14.72 -38.76
C VAL D 56 47.33 -13.38 -38.94
N THR D 57 47.08 -12.60 -37.91
CA THR D 57 47.59 -11.21 -37.82
C THR D 57 48.36 -10.99 -36.52
N LEU D 58 49.23 -9.97 -36.56
CA LEU D 58 49.92 -9.43 -35.42
C LEU D 58 48.93 -8.32 -34.99
N GLN D 59 48.05 -8.61 -34.05
CA GLN D 59 47.02 -7.62 -33.79
C GLN D 59 47.61 -6.33 -33.19
N ARG D 60 48.53 -6.55 -32.25
CA ARG D 60 49.21 -5.45 -31.58
C ARG D 60 50.52 -5.99 -31.00
N GLY D 61 51.51 -5.13 -30.89
CA GLY D 61 52.70 -5.47 -30.10
C GLY D 61 52.96 -4.22 -29.24
N SER D 62 53.25 -4.36 -28.00
CA SER D 62 53.51 -3.46 -26.97
C SER D 62 54.85 -3.89 -26.32
N ALA D 63 55.53 -2.85 -25.86
CA ALA D 63 56.83 -3.00 -25.26
C ALA D 63 56.73 -2.63 -23.82
N TYR D 64 57.45 -3.26 -22.93
CA TYR D 64 57.43 -3.00 -21.48
C TYR D 64 58.84 -2.87 -20.88
N GLY D 65 58.93 -2.32 -19.63
CA GLY D 65 60.14 -2.13 -18.89
C GLY D 65 61.25 -1.50 -19.72
N GLY D 66 62.44 -2.03 -19.81
CA GLY D 66 63.61 -1.67 -20.52
C GLY D 66 63.47 -1.70 -22.00
N VAL D 67 62.58 -2.43 -22.63
CA VAL D 67 62.34 -2.29 -24.11
C VAL D 67 61.63 -0.99 -24.44
N LEU D 68 60.80 -0.40 -23.63
CA LEU D 68 59.98 0.74 -23.90
C LEU D 68 60.79 2.02 -23.64
N SER D 69 61.63 1.94 -22.61
CA SER D 69 62.43 3.09 -22.24
C SER D 69 63.78 3.13 -22.93
N ASN D 70 64.42 2.02 -23.28
CA ASN D 70 65.76 2.13 -23.84
C ASN D 70 65.96 1.74 -25.28
N PHE D 71 64.90 1.40 -25.97
CA PHE D 71 65.09 0.89 -27.31
C PHE D 71 64.09 1.48 -28.30
N SER D 72 64.52 1.39 -29.57
CA SER D 72 63.58 1.86 -30.56
C SER D 72 63.63 0.69 -31.54
N GLY D 73 62.61 0.65 -32.40
CA GLY D 73 62.83 -0.42 -33.37
C GLY D 73 61.53 -0.88 -34.00
N THR D 74 61.72 -1.99 -34.72
CA THR D 74 60.63 -2.45 -35.52
C THR D 74 60.24 -3.90 -35.27
N VAL D 75 59.07 -4.22 -35.84
CA VAL D 75 58.65 -5.58 -35.87
C VAL D 75 58.46 -6.04 -37.32
N LYS D 76 59.12 -7.17 -37.57
CA LYS D 76 59.04 -7.73 -38.91
C LYS D 76 57.99 -8.84 -38.81
N TYR D 77 56.93 -8.72 -39.60
CA TYR D 77 55.90 -9.71 -39.58
C TYR D 77 55.81 -10.30 -40.97
N SER D 78 56.17 -11.57 -41.05
CA SER D 78 56.03 -12.16 -42.42
C SER D 78 56.60 -11.29 -43.53
N GLY D 79 57.89 -10.89 -43.45
CA GLY D 79 58.48 -10.19 -44.58
C GLY D 79 58.28 -8.68 -44.56
N SER D 80 57.38 -8.11 -43.78
CA SER D 80 57.24 -6.68 -43.69
C SER D 80 57.58 -6.17 -42.29
N SER D 81 58.12 -4.98 -42.26
CA SER D 81 58.52 -4.23 -41.09
C SER D 81 57.57 -3.08 -40.86
N TYR D 82 57.04 -3.07 -39.62
CA TYR D 82 56.15 -2.02 -39.15
C TYR D 82 56.83 -1.44 -37.90
N PRO D 83 56.36 -0.29 -37.48
CA PRO D 83 56.91 0.30 -36.28
C PRO D 83 56.56 -0.59 -35.12
N PHE D 84 57.40 -0.71 -34.07
CA PHE D 84 57.10 -1.31 -32.81
C PHE D 84 57.47 -0.35 -31.67
N PRO D 85 56.71 -0.08 -30.64
CA PRO D 85 55.35 -0.61 -30.46
C PRO D 85 54.57 -0.49 -31.73
N THR D 86 53.57 -1.28 -32.04
CA THR D 86 52.90 -1.21 -33.31
C THR D 86 51.82 -0.15 -33.33
N THR D 87 51.61 0.34 -34.54
CA THR D 87 50.50 1.33 -34.62
C THR D 87 49.24 0.73 -35.21
N SER D 88 49.24 -0.53 -35.67
CA SER D 88 47.96 -1.06 -36.15
C SER D 88 48.20 -2.53 -36.51
N GLU D 89 47.09 -3.18 -36.73
CA GLU D 89 47.00 -4.59 -37.03
C GLU D 89 47.60 -4.78 -38.40
N THR D 90 48.56 -5.64 -38.48
CA THR D 90 49.15 -6.09 -39.73
C THR D 90 48.17 -6.83 -40.63
N PRO D 91 48.61 -7.05 -41.88
CA PRO D 91 47.90 -7.87 -42.85
C PRO D 91 47.84 -9.32 -42.39
N ARG D 92 47.01 -10.19 -42.94
CA ARG D 92 46.90 -11.60 -42.68
C ARG D 92 48.05 -12.45 -43.18
N VAL D 93 48.28 -13.56 -42.53
CA VAL D 93 49.13 -14.65 -43.05
C VAL D 93 48.15 -15.85 -43.04
N VAL D 94 48.23 -16.78 -43.93
CA VAL D 94 47.37 -17.94 -44.04
C VAL D 94 48.05 -19.18 -43.49
N TYR D 95 47.24 -19.85 -42.65
CA TYR D 95 47.69 -21.13 -42.05
C TYR D 95 46.73 -22.19 -42.58
N ASN D 96 47.41 -23.09 -43.22
CA ASN D 96 46.49 -24.05 -43.97
C ASN D 96 47.11 -25.42 -43.82
N SER D 97 47.68 -25.65 -42.65
CA SER D 97 48.28 -26.96 -42.44
C SER D 97 48.13 -27.37 -40.98
N ARG D 98 48.04 -28.68 -40.81
CA ARG D 98 47.96 -29.25 -39.48
C ARG D 98 49.37 -29.35 -38.90
N THR D 99 50.40 -29.21 -39.71
CA THR D 99 51.76 -29.31 -39.14
C THR D 99 52.14 -27.89 -38.69
N ASP D 100 52.70 -27.86 -37.52
CA ASP D 100 53.14 -26.69 -36.83
C ASP D 100 54.15 -26.00 -37.73
N LYS D 101 53.82 -24.77 -38.00
CA LYS D 101 54.70 -23.84 -38.69
C LYS D 101 54.93 -22.71 -37.69
N PRO D 102 56.02 -21.96 -37.75
CA PRO D 102 56.29 -20.77 -36.95
C PRO D 102 55.31 -19.61 -37.12
N TRP D 103 55.13 -18.71 -36.11
CA TRP D 103 54.41 -17.45 -36.41
C TRP D 103 55.57 -16.45 -36.67
N PRO D 104 55.64 -15.97 -37.87
CA PRO D 104 56.85 -15.30 -38.38
C PRO D 104 57.01 -13.90 -37.82
N VAL D 105 57.32 -13.69 -36.55
CA VAL D 105 57.37 -12.39 -35.96
C VAL D 105 58.76 -12.16 -35.40
N ALA D 106 59.40 -11.03 -35.75
CA ALA D 106 60.71 -10.76 -35.10
C ALA D 106 60.78 -9.28 -34.70
N LEU D 107 61.35 -9.04 -33.52
CA LEU D 107 61.51 -7.65 -33.06
C LEU D 107 62.93 -7.23 -33.35
N TYR D 108 63.13 -6.07 -33.87
CA TYR D 108 64.49 -5.60 -34.23
C TYR D 108 64.75 -4.40 -33.29
N LEU D 109 65.50 -4.50 -32.19
CA LEU D 109 65.55 -3.33 -31.33
C LEU D 109 66.92 -2.71 -31.22
N THR D 110 67.03 -1.39 -31.40
CA THR D 110 68.30 -0.67 -31.23
C THR D 110 68.33 0.19 -29.97
N PRO D 111 69.28 0.00 -29.12
CA PRO D 111 69.44 0.85 -27.93
C PRO D 111 69.56 2.31 -28.35
N VAL D 112 68.88 3.20 -27.65
CA VAL D 112 69.08 4.65 -27.91
C VAL D 112 70.36 5.04 -27.16
N SER D 113 70.72 6.32 -27.18
CA SER D 113 71.93 6.84 -26.57
C SER D 113 71.94 6.98 -25.09
N SER D 114 70.72 7.27 -24.63
CA SER D 114 70.54 7.44 -23.18
C SER D 114 70.44 6.07 -22.53
N ALA D 115 70.39 4.95 -23.24
CA ALA D 115 70.30 3.70 -22.48
C ALA D 115 71.66 3.45 -21.85
N GLY D 116 71.70 2.85 -20.67
CA GLY D 116 73.04 2.47 -20.13
C GLY D 116 72.83 1.24 -19.21
N GLY D 117 73.93 0.73 -18.77
CA GLY D 117 74.09 -0.47 -18.01
C GLY D 117 73.18 -1.53 -18.63
N VAL D 118 72.34 -1.95 -17.70
CA VAL D 118 71.28 -2.91 -17.85
C VAL D 118 70.09 -2.28 -18.54
N ALA D 119 69.97 -2.53 -19.86
CA ALA D 119 68.91 -1.83 -20.57
C ALA D 119 67.66 -2.75 -20.52
N ILE D 120 67.88 -4.06 -20.26
CA ILE D 120 66.77 -4.96 -20.13
C ILE D 120 67.15 -5.84 -18.95
N LYS D 121 66.30 -5.87 -17.93
CA LYS D 121 66.68 -6.62 -16.74
C LYS D 121 66.25 -8.06 -16.90
N ALA D 122 67.17 -8.92 -16.47
CA ALA D 122 66.76 -10.35 -16.48
C ALA D 122 65.43 -10.66 -15.86
N GLY D 123 64.64 -11.64 -16.40
CA GLY D 123 63.39 -12.03 -15.69
C GLY D 123 62.29 -11.04 -15.95
N SER D 124 62.38 -9.85 -16.47
CA SER D 124 61.33 -8.87 -16.69
C SER D 124 60.65 -9.04 -18.07
N LEU D 125 59.46 -8.53 -18.16
CA LEU D 125 58.52 -8.51 -19.22
C LEU D 125 59.06 -7.56 -20.27
N ILE D 126 59.31 -7.98 -21.47
CA ILE D 126 59.90 -7.12 -22.55
C ILE D 126 58.84 -6.68 -23.50
N ALA D 127 57.83 -7.56 -23.72
CA ALA D 127 56.80 -7.35 -24.73
C ALA D 127 55.56 -8.24 -24.61
N VAL D 128 54.46 -7.66 -25.13
CA VAL D 128 53.23 -8.42 -25.24
C VAL D 128 52.80 -8.32 -26.73
N LEU D 129 52.72 -9.47 -27.37
CA LEU D 129 52.34 -9.73 -28.76
C LEU D 129 50.97 -10.44 -28.83
N ILE D 130 50.05 -9.78 -29.48
CA ILE D 130 48.73 -10.40 -29.66
C ILE D 130 48.55 -11.04 -31.04
N LEU D 131 48.28 -12.36 -31.02
CA LEU D 131 48.13 -13.05 -32.32
C LEU D 131 46.61 -13.09 -32.47
N ARG D 132 46.01 -12.53 -33.51
CA ARG D 132 44.62 -12.58 -33.85
C ARG D 132 44.33 -13.56 -35.03
N GLN D 133 43.50 -14.56 -34.74
CA GLN D 133 43.12 -15.55 -35.77
C GLN D 133 41.66 -15.51 -36.19
N THR D 134 41.38 -15.36 -37.48
CA THR D 134 40.00 -15.36 -38.02
C THR D 134 39.88 -16.46 -39.05
N ASN D 135 38.88 -16.58 -39.89
CA ASN D 135 38.80 -17.75 -40.82
C ASN D 135 37.78 -17.52 -41.92
N ASN D 136 37.77 -18.36 -42.95
CA ASN D 136 36.72 -18.19 -44.02
C ASN D 136 35.50 -19.07 -43.83
N TYR D 137 35.09 -19.44 -42.64
CA TYR D 137 34.05 -20.37 -42.32
C TYR D 137 33.08 -19.67 -41.38
N ASN D 138 33.50 -19.47 -40.11
CA ASN D 138 32.52 -18.83 -39.23
C ASN D 138 33.01 -17.44 -38.86
N SER D 139 32.54 -16.96 -37.72
CA SER D 139 32.86 -15.58 -37.39
C SER D 139 33.83 -15.54 -36.19
N ASP D 140 34.46 -16.69 -35.92
CA ASP D 140 35.49 -16.90 -34.94
C ASP D 140 36.65 -15.88 -35.03
N ASP D 141 36.89 -15.16 -33.93
CA ASP D 141 37.85 -14.08 -33.82
C ASP D 141 38.57 -14.16 -32.47
N PHE D 142 39.67 -14.88 -32.44
CA PHE D 142 40.32 -15.26 -31.20
C PHE D 142 41.68 -14.59 -30.95
N GLN D 143 42.07 -14.45 -29.70
CA GLN D 143 43.26 -13.70 -29.42
C GLN D 143 44.16 -14.66 -28.67
N PHE D 144 45.39 -14.73 -29.22
CA PHE D 144 46.39 -15.57 -28.57
C PHE D 144 47.43 -14.62 -27.99
N VAL D 145 47.55 -14.50 -26.69
CA VAL D 145 48.41 -13.54 -26.01
C VAL D 145 49.71 -14.11 -25.50
N TRP D 146 50.85 -13.63 -25.98
CA TRP D 146 52.18 -14.10 -25.77
C TRP D 146 52.96 -12.97 -25.06
N ASN D 147 53.35 -13.33 -23.86
CA ASN D 147 53.97 -12.49 -22.87
C ASN D 147 55.47 -12.89 -22.91
N ILE D 148 56.28 -11.98 -23.51
CA ILE D 148 57.66 -12.23 -23.73
C ILE D 148 58.51 -11.69 -22.57
N TYR D 149 59.12 -12.68 -21.94
CA TYR D 149 59.93 -12.44 -20.77
C TYR D 149 61.38 -12.73 -21.16
N ALA D 150 62.17 -11.76 -20.70
CA ALA D 150 63.61 -11.92 -20.96
C ALA D 150 64.19 -12.84 -19.93
N ASN D 151 64.98 -13.85 -20.25
CA ASN D 151 65.70 -14.65 -19.25
C ASN D 151 66.98 -14.02 -18.73
N ASN D 152 67.56 -13.08 -19.46
CA ASN D 152 68.85 -12.55 -18.98
C ASN D 152 68.97 -11.06 -19.27
N ASP D 153 69.81 -10.37 -18.53
CA ASP D 153 70.26 -9.03 -18.65
C ASP D 153 70.82 -8.73 -20.05
N VAL D 154 70.46 -7.60 -20.58
CA VAL D 154 70.97 -7.11 -21.84
C VAL D 154 71.70 -5.81 -21.46
N VAL D 155 73.00 -5.77 -21.65
CA VAL D 155 73.86 -4.63 -21.31
C VAL D 155 74.25 -3.80 -22.51
N VAL D 156 74.19 -2.47 -22.34
CA VAL D 156 74.50 -1.50 -23.39
C VAL D 156 75.67 -0.69 -22.89
N PRO D 157 76.86 -1.17 -23.23
CA PRO D 157 78.12 -0.60 -22.70
C PRO D 157 78.16 0.91 -22.83
N THR D 158 78.63 1.73 -21.92
CA THR D 158 78.67 3.13 -22.20
C THR D 158 79.71 3.57 -23.23
N GLY D 159 79.39 4.52 -24.10
CA GLY D 159 80.33 5.08 -25.07
C GLY D 159 81.19 6.18 -24.55
N GLY D 160 82.22 6.62 -25.27
CA GLY D 160 83.17 7.69 -24.88
C GLY D 160 82.32 8.95 -25.10
N CYS D 161 82.75 10.11 -24.66
CA CYS D 161 81.93 11.31 -24.90
C CYS D 161 82.28 12.00 -26.18
N ASP D 162 81.62 13.10 -26.43
CA ASP D 162 81.77 13.95 -27.59
C ASP D 162 82.29 15.34 -27.22
N VAL D 163 83.39 15.64 -27.85
CA VAL D 163 84.18 16.83 -27.58
C VAL D 163 83.92 17.71 -28.79
N SER D 164 83.02 18.64 -28.53
CA SER D 164 82.57 19.54 -29.59
C SER D 164 83.41 20.82 -29.57
N ALA D 165 84.29 20.98 -30.54
CA ALA D 165 85.12 22.16 -30.74
C ALA D 165 84.66 22.98 -31.97
N ARG D 166 83.81 23.97 -31.72
CA ARG D 166 83.23 24.83 -32.76
C ARG D 166 84.16 25.13 -33.94
N ASP D 167 85.39 25.62 -33.79
CA ASP D 167 86.31 25.83 -34.88
C ASP D 167 87.64 25.09 -34.82
N VAL D 168 88.59 25.45 -35.65
CA VAL D 168 90.01 25.32 -35.86
C VAL D 168 90.57 26.75 -35.73
N THR D 169 90.50 27.41 -34.61
CA THR D 169 90.59 28.74 -34.12
C THR D 169 91.60 29.79 -34.56
N VAL D 170 91.08 30.94 -34.99
CA VAL D 170 91.91 32.08 -35.39
C VAL D 170 92.40 32.81 -34.16
N THR D 171 93.70 32.79 -33.87
CA THR D 171 94.20 33.35 -32.62
C THR D 171 94.93 34.61 -33.05
N LEU D 172 94.29 35.60 -33.68
CA LEU D 172 95.01 36.09 -34.31
C LEU D 172 94.62 36.36 -32.84
N PRO D 173 95.06 37.42 -32.21
CA PRO D 173 95.72 38.52 -32.84
C PRO D 173 96.93 38.22 -33.69
N ASP D 174 96.91 38.55 -34.53
CA ASP D 174 98.27 38.66 -34.92
C ASP D 174 98.80 39.59 -33.85
N TYR D 175 97.78 39.96 -33.06
CA TYR D 175 98.12 40.64 -31.92
C TYR D 175 97.95 39.76 -30.72
N PRO D 176 98.72 40.33 -30.20
CA PRO D 176 99.20 40.78 -29.48
C PRO D 176 98.50 40.16 -28.28
N GLY D 177 97.22 39.80 -28.36
CA GLY D 177 96.34 39.29 -27.37
C GLY D 177 95.87 37.88 -27.06
N SER D 178 94.78 37.72 -26.31
CA SER D 178 94.22 36.47 -25.86
C SER D 178 92.85 36.25 -26.52
N VAL D 179 92.30 35.05 -26.56
CA VAL D 179 91.08 34.60 -27.14
C VAL D 179 90.59 33.25 -26.53
N PRO D 180 89.27 33.20 -26.34
CA PRO D 180 88.66 32.03 -25.76
C PRO D 180 88.76 30.98 -26.84
N ILE D 181 88.69 29.71 -26.48
CA ILE D 181 88.77 28.59 -27.41
C ILE D 181 87.56 27.70 -27.09
N PRO D 182 86.53 27.79 -27.91
CA PRO D 182 85.23 27.16 -27.58
C PRO D 182 85.48 25.70 -27.53
N LEU D 183 85.38 25.06 -26.38
CA LEU D 183 85.68 23.68 -26.18
C LEU D 183 84.95 23.15 -24.94
N THR D 184 84.00 22.31 -25.37
CA THR D 184 82.98 21.68 -24.55
C THR D 184 82.93 20.19 -24.74
N VAL D 185 82.62 19.38 -23.75
CA VAL D 185 82.44 17.99 -23.81
C VAL D 185 81.06 17.55 -23.25
N TYR D 186 80.52 16.50 -23.86
CA TYR D 186 79.32 15.99 -23.15
C TYR D 186 79.33 14.46 -23.23
N CYS D 187 78.80 13.82 -22.22
CA CYS D 187 78.70 12.36 -22.26
C CYS D 187 77.22 11.93 -22.20
N ALA D 188 76.82 10.97 -23.04
CA ALA D 188 75.49 10.39 -22.90
C ALA D 188 75.39 9.73 -21.56
N LYS D 189 76.39 9.12 -20.94
CA LYS D 189 76.25 8.56 -19.62
C LYS D 189 77.32 9.25 -18.75
N SER D 190 76.85 9.88 -17.69
CA SER D 190 77.66 10.56 -16.75
C SER D 190 78.82 9.66 -16.33
N GLN D 191 80.03 10.24 -16.51
CA GLN D 191 81.29 9.62 -16.11
C GLN D 191 82.30 10.70 -15.69
N ASN D 192 83.34 10.26 -14.97
CA ASN D 192 84.38 11.20 -14.59
C ASN D 192 85.38 11.41 -15.73
N LEU D 193 85.72 12.65 -16.07
CA LEU D 193 86.69 12.82 -17.16
C LEU D 193 87.86 13.67 -16.62
N GLY D 194 89.00 13.41 -17.28
CA GLY D 194 90.22 14.14 -17.05
C GLY D 194 90.73 14.44 -18.46
N TYR D 195 91.62 15.39 -18.55
CA TYR D 195 92.24 15.70 -19.84
C TYR D 195 93.68 16.18 -19.56
N TYR D 196 94.52 16.02 -20.58
CA TYR D 196 95.85 16.53 -20.51
C TYR D 196 96.26 17.02 -21.90
N LEU D 197 97.13 17.99 -21.98
CA LEU D 197 97.62 18.60 -23.23
C LEU D 197 98.93 17.91 -23.63
N SER D 198 99.21 17.97 -24.92
CA SER D 198 100.51 17.38 -25.28
C SER D 198 100.95 18.08 -26.55
N GLY D 199 102.22 18.13 -26.79
CA GLY D 199 102.82 18.72 -27.97
C GLY D 199 104.22 19.22 -27.67
N THR D 200 104.92 19.94 -28.52
CA THR D 200 106.21 20.54 -28.37
C THR D 200 106.15 21.85 -27.60
N THR D 201 106.94 21.80 -26.54
CA THR D 201 106.95 23.01 -25.66
C THR D 201 108.35 23.58 -25.56
N ALA D 202 108.42 24.88 -25.28
CA ALA D 202 109.68 25.59 -25.30
C ALA D 202 110.35 25.95 -24.00
N ASP D 203 109.69 25.73 -22.88
CA ASP D 203 110.07 26.33 -21.61
C ASP D 203 110.26 25.25 -20.59
N ALA D 204 110.98 25.65 -19.52
CA ALA D 204 111.32 24.67 -18.50
C ALA D 204 110.00 24.22 -17.87
N GLY D 205 109.05 25.14 -17.77
CA GLY D 205 107.75 24.94 -17.17
C GLY D 205 106.80 24.14 -18.02
N ASN D 206 107.18 24.01 -19.26
CA ASN D 206 106.55 23.13 -20.25
C ASN D 206 105.08 23.39 -20.39
N SER D 207 104.74 24.64 -20.62
CA SER D 207 103.45 25.18 -20.87
C SER D 207 103.46 26.13 -22.06
N ILE D 208 104.61 26.31 -22.77
CA ILE D 208 104.48 27.23 -23.90
C ILE D 208 104.73 26.44 -25.18
N PHE D 209 103.65 26.27 -25.95
CA PHE D 209 103.75 25.46 -27.17
C PHE D 209 104.42 26.21 -28.32
N THR D 210 105.42 25.57 -28.93
CA THR D 210 106.20 26.16 -29.99
C THR D 210 105.36 26.65 -31.14
N ASN D 211 105.89 27.61 -31.87
CA ASN D 211 105.40 28.18 -33.12
C ASN D 211 105.88 27.19 -34.20
N THR D 212 104.96 26.94 -35.10
CA THR D 212 105.25 25.93 -36.14
C THR D 212 104.72 26.42 -37.47
N ALA D 213 104.37 27.71 -37.56
CA ALA D 213 104.00 28.26 -38.87
C ALA D 213 105.18 28.04 -39.84
N SER D 214 104.93 27.68 -41.10
CA SER D 214 106.04 27.46 -42.02
C SER D 214 105.83 28.26 -43.29
N PHE D 215 105.47 29.50 -43.13
CA PHE D 215 105.11 30.49 -44.11
C PHE D 215 105.27 31.79 -43.31
N SER D 216 106.33 32.50 -43.64
CA SER D 216 106.68 33.77 -42.98
C SER D 216 106.36 33.77 -41.48
N PRO D 217 107.09 32.96 -40.72
CA PRO D 217 106.83 32.84 -39.28
C PRO D 217 107.22 34.00 -38.38
N ALA D 218 106.48 34.22 -37.32
CA ALA D 218 106.89 35.15 -36.30
C ALA D 218 108.07 34.49 -35.56
N GLN D 219 108.58 35.15 -34.52
CA GLN D 219 109.70 34.57 -33.80
C GLN D 219 109.53 35.05 -32.39
N GLY D 220 110.04 34.31 -31.43
CA GLY D 220 109.94 34.63 -30.04
C GLY D 220 108.65 34.35 -29.29
N VAL D 221 107.61 33.97 -30.03
CA VAL D 221 106.28 33.68 -29.54
C VAL D 221 105.81 32.23 -29.61
N GLY D 222 105.16 31.87 -28.49
CA GLY D 222 104.63 30.49 -28.36
C GLY D 222 103.13 30.72 -27.98
N VAL D 223 102.44 29.57 -27.76
CA VAL D 223 101.04 29.75 -27.43
C VAL D 223 100.77 28.97 -26.15
N GLN D 224 100.16 29.61 -25.18
CA GLN D 224 99.96 28.98 -23.87
C GLN D 224 98.46 28.95 -23.63
N LEU D 225 98.01 27.97 -22.92
CA LEU D 225 96.62 27.79 -22.57
C LEU D 225 96.36 28.01 -21.10
N THR D 226 95.13 28.44 -20.84
CA THR D 226 94.64 28.91 -19.55
C THR D 226 93.21 28.39 -19.54
N ARG D 227 92.77 27.84 -18.46
CA ARG D 227 91.48 27.39 -18.03
C ARG D 227 91.19 28.45 -16.94
N ASN D 228 90.21 29.28 -17.17
CA ASN D 228 89.92 30.49 -16.36
C ASN D 228 91.14 31.10 -15.66
N GLY D 229 92.09 31.66 -16.38
CA GLY D 229 93.29 32.14 -15.68
C GLY D 229 94.31 31.06 -15.30
N THR D 230 94.08 29.75 -15.11
CA THR D 230 95.07 28.83 -14.69
C THR D 230 95.76 28.15 -15.90
N ILE D 231 97.08 28.29 -15.90
CA ILE D 231 97.93 27.85 -16.98
C ILE D 231 97.88 26.33 -16.87
N ILE D 232 97.81 25.77 -18.07
CA ILE D 232 97.80 24.31 -18.13
C ILE D 232 99.09 23.84 -18.77
N PRO D 233 100.01 23.31 -18.04
CA PRO D 233 101.29 22.79 -18.64
C PRO D 233 100.96 21.50 -19.43
N ALA D 234 101.72 20.84 -20.29
CA ALA D 234 101.53 19.67 -21.07
C ALA D 234 101.58 18.45 -20.13
N ASN D 235 101.00 17.32 -20.45
CA ASN D 235 101.02 16.21 -19.51
C ASN D 235 100.61 16.51 -18.11
N ASN D 236 99.81 17.46 -17.70
CA ASN D 236 99.39 17.63 -16.29
C ASN D 236 97.90 17.32 -16.24
N THR D 237 97.40 16.19 -15.82
CA THR D 237 95.94 15.94 -15.97
C THR D 237 95.03 16.94 -15.29
N VAL D 238 94.11 17.59 -16.00
CA VAL D 238 93.09 18.43 -15.41
C VAL D 238 91.78 17.61 -15.25
N SER D 239 91.32 17.50 -14.04
CA SER D 239 90.11 16.86 -13.56
C SER D 239 88.85 17.63 -13.87
N LEU D 240 87.85 17.10 -14.58
CA LEU D 240 86.63 17.78 -14.90
C LEU D 240 85.49 17.32 -14.02
N GLY D 241 85.67 16.22 -13.34
CA GLY D 241 84.58 15.69 -12.49
C GLY D 241 83.66 14.92 -13.47
N ALA D 242 82.40 14.88 -13.05
CA ALA D 242 81.38 14.05 -13.67
C ALA D 242 80.83 14.88 -14.77
N VAL D 243 80.82 14.36 -15.98
CA VAL D 243 80.29 15.13 -17.10
C VAL D 243 79.15 14.27 -17.61
N GLY D 244 77.97 14.89 -17.69
CA GLY D 244 76.79 14.18 -18.20
C GLY D 244 76.28 14.82 -19.48
N THR D 245 74.95 14.80 -19.60
CA THR D 245 74.21 15.30 -20.75
C THR D 245 74.43 16.77 -21.13
N SER D 246 74.56 17.53 -20.03
CA SER D 246 74.81 18.98 -20.26
C SER D 246 76.27 19.29 -20.60
N ALA D 247 76.61 19.83 -21.76
CA ALA D 247 77.98 20.16 -22.12
C ALA D 247 78.76 20.97 -21.06
N VAL D 248 79.90 20.49 -20.54
CA VAL D 248 80.72 21.20 -19.59
C VAL D 248 81.79 22.00 -20.35
N SER D 249 81.91 23.34 -20.21
CA SER D 249 82.96 24.01 -20.94
C SER D 249 84.32 23.70 -20.35
N LEU D 250 85.44 23.69 -21.04
CA LEU D 250 86.74 23.46 -20.40
C LEU D 250 87.34 24.83 -20.04
N GLY D 251 86.71 25.94 -20.48
CA GLY D 251 87.02 27.30 -20.25
C GLY D 251 88.41 27.77 -20.63
N LEU D 252 88.81 27.37 -21.81
CA LEU D 252 90.10 27.61 -22.37
C LEU D 252 90.31 28.97 -23.05
N THR D 253 91.50 29.52 -22.76
CA THR D 253 91.92 30.67 -23.51
C THR D 253 93.25 30.39 -24.15
N ALA D 254 93.50 30.85 -25.36
CA ALA D 254 94.76 30.76 -26.04
C ALA D 254 95.49 32.04 -25.70
N ASN D 255 96.78 32.00 -25.40
CA ASN D 255 97.44 33.29 -25.18
C ASN D 255 98.80 33.16 -25.85
N TYR D 256 99.37 34.33 -26.11
CA TYR D 256 100.73 34.33 -26.62
C TYR D 256 101.65 34.56 -25.41
N ALA D 257 102.74 33.79 -25.45
CA ALA D 257 103.70 33.90 -24.38
C ALA D 257 105.05 33.84 -25.07
N ARG D 258 106.06 34.42 -24.49
CA ARG D 258 107.36 34.56 -25.13
C ARG D 258 108.18 33.31 -24.92
N THR D 259 108.98 33.04 -25.92
CA THR D 259 109.83 31.88 -25.97
C THR D 259 111.33 32.03 -26.11
N GLY D 260 111.89 33.24 -26.19
CA GLY D 260 113.25 33.50 -26.50
C GLY D 260 113.82 34.87 -26.76
N GLY D 261 114.37 35.10 -27.93
CA GLY D 261 115.03 36.30 -28.39
C GLY D 261 114.05 37.25 -29.04
N GLN D 262 114.43 38.17 -29.87
CA GLN D 262 113.58 39.21 -30.46
C GLN D 262 112.16 38.73 -30.79
N VAL D 263 111.09 39.39 -30.37
CA VAL D 263 109.79 38.95 -30.85
C VAL D 263 109.70 39.53 -32.27
N THR D 264 109.31 38.76 -33.25
CA THR D 264 109.19 39.12 -34.64
C THR D 264 107.81 38.89 -35.23
N ALA D 265 107.40 39.83 -36.10
CA ALA D 265 106.08 39.81 -36.67
C ALA D 265 105.99 38.62 -37.63
N GLY D 266 104.77 38.09 -37.75
CA GLY D 266 104.65 37.00 -38.75
C GLY D 266 103.50 36.11 -38.33
N ASN D 267 103.41 34.98 -38.99
CA ASN D 267 102.33 34.06 -38.58
C ASN D 267 102.76 33.21 -37.38
N VAL D 268 101.81 33.00 -36.49
CA VAL D 268 101.91 32.15 -35.30
C VAL D 268 100.89 31.04 -35.44
N GLN D 269 101.35 29.81 -35.59
CA GLN D 269 100.45 28.66 -35.70
C GLN D 269 100.93 27.51 -34.83
N SER D 270 100.01 26.98 -34.00
CA SER D 270 100.46 25.79 -33.25
C SER D 270 99.35 24.80 -33.22
N ILE D 271 99.70 23.55 -33.05
CA ILE D 271 98.83 22.37 -32.99
C ILE D 271 99.04 21.70 -31.66
N ILE D 272 98.06 21.52 -30.79
CA ILE D 272 98.26 20.94 -29.47
C ILE D 272 97.43 19.68 -29.25
N GLY D 273 97.87 18.63 -28.57
CA GLY D 273 96.85 17.60 -28.34
C GLY D 273 96.03 17.88 -27.10
N VAL D 274 94.84 17.30 -26.96
CA VAL D 274 94.02 17.39 -25.75
C VAL D 274 93.49 15.96 -25.59
N THR D 275 94.00 15.18 -24.66
CA THR D 275 93.67 13.79 -24.48
C THR D 275 92.61 13.66 -23.37
N PHE D 276 91.45 13.13 -23.61
CA PHE D 276 90.48 13.02 -22.53
C PHE D 276 90.67 11.58 -21.99
N VAL D 277 90.72 11.37 -20.70
CA VAL D 277 91.09 10.08 -20.12
C VAL D 277 89.85 9.57 -19.39
N TYR D 278 89.52 8.32 -19.75
CA TYR D 278 88.34 7.65 -19.24
C TYR D 278 88.65 6.86 -17.98
N GLN D 279 87.71 6.96 -17.03
CA GLN D 279 87.74 6.18 -15.85
C GLN D 279 87.25 4.75 -16.16
N GLY E 1 -29.58 -21.72 -1.05
CA GLY E 1 -28.55 -21.58 -2.13
C GLY E 1 -28.10 -20.11 -2.00
N VAL E 2 -27.64 -19.55 -3.07
CA VAL E 2 -27.32 -18.20 -3.37
C VAL E 2 -28.55 -17.47 -3.97
N ALA E 3 -28.86 -16.31 -3.43
CA ALA E 3 -30.01 -15.51 -3.87
C ALA E 3 -29.64 -14.03 -4.08
N LEU E 4 -30.14 -13.31 -5.04
CA LEU E 4 -29.94 -11.93 -5.31
C LEU E 4 -30.80 -11.05 -4.44
N GLY E 5 -30.27 -9.85 -4.07
CA GLY E 5 -31.09 -8.94 -3.24
C GLY E 5 -32.07 -8.12 -4.03
N ALA E 6 -32.40 -8.41 -5.26
CA ALA E 6 -33.42 -7.71 -6.01
C ALA E 6 -33.96 -8.64 -7.11
N THR E 7 -35.06 -8.30 -7.75
CA THR E 7 -35.54 -9.07 -8.85
C THR E 7 -35.27 -8.24 -10.10
N ARG E 8 -34.66 -7.03 -10.01
CA ARG E 8 -34.39 -6.36 -11.27
C ARG E 8 -33.31 -5.31 -11.03
N VAL E 9 -32.67 -4.76 -12.04
CA VAL E 9 -31.66 -3.79 -11.70
C VAL E 9 -32.00 -2.56 -12.56
N ILE E 10 -32.16 -1.38 -11.98
CA ILE E 10 -32.28 -0.17 -12.78
C ILE E 10 -30.86 0.41 -12.95
N TYR E 11 -30.24 0.51 -14.08
CA TYR E 11 -28.97 1.17 -14.30
C TYR E 11 -29.23 2.57 -14.86
N PRO E 12 -29.02 3.62 -14.07
CA PRO E 12 -29.23 4.99 -14.53
C PRO E 12 -28.11 5.43 -15.41
N ALA E 13 -28.33 5.83 -16.65
CA ALA E 13 -27.18 6.30 -17.47
C ALA E 13 -26.34 7.36 -16.74
N GLY E 14 -25.03 7.37 -16.89
CA GLY E 14 -24.19 8.36 -16.23
C GLY E 14 -23.41 7.75 -15.06
N GLN E 15 -24.13 6.95 -14.23
CA GLN E 15 -23.46 6.33 -13.09
C GLN E 15 -22.44 5.33 -13.60
N LYS E 16 -21.27 5.30 -12.98
CA LYS E 16 -20.19 4.37 -13.32
C LYS E 16 -20.48 2.98 -12.76
N GLN E 17 -21.36 2.81 -11.77
CA GLN E 17 -21.60 1.47 -11.27
C GLN E 17 -22.83 1.38 -10.38
N VAL E 18 -23.55 0.27 -10.64
CA VAL E 18 -24.74 -0.10 -9.90
C VAL E 18 -24.32 -1.35 -9.14
N GLN E 19 -24.82 -1.43 -7.92
CA GLN E 19 -24.50 -2.42 -6.95
C GLN E 19 -25.60 -3.47 -6.91
N LEU E 20 -25.18 -4.74 -6.74
CA LEU E 20 -26.31 -5.72 -6.61
C LEU E 20 -25.82 -6.68 -5.56
N ALA E 21 -26.70 -6.91 -4.59
CA ALA E 21 -26.35 -7.84 -3.54
C ALA E 21 -26.59 -9.29 -3.91
N VAL E 22 -25.74 -10.21 -3.45
CA VAL E 22 -25.90 -11.66 -3.58
C VAL E 22 -25.73 -12.33 -2.21
N THR E 23 -26.40 -13.43 -1.87
CA THR E 23 -26.10 -13.87 -0.50
C THR E 23 -26.05 -15.40 -0.44
N ASN E 24 -25.05 -16.04 0.11
CA ASN E 24 -25.04 -17.51 0.19
C ASN E 24 -25.65 -17.88 1.53
N ASN E 25 -26.69 -18.65 1.63
CA ASN E 25 -27.30 -19.19 2.81
C ASN E 25 -26.80 -20.54 3.36
N ASP E 26 -26.12 -21.30 2.54
CA ASP E 26 -25.82 -22.69 2.87
C ASP E 26 -24.54 -22.70 3.67
N GLU E 27 -24.71 -22.70 4.96
CA GLU E 27 -23.65 -22.69 5.97
C GLU E 27 -22.45 -23.54 5.61
N ASN E 28 -22.59 -24.69 4.95
CA ASN E 28 -21.52 -25.58 4.60
C ASN E 28 -21.26 -25.84 3.13
N SER E 29 -21.64 -24.91 2.27
CA SER E 29 -21.32 -25.03 0.85
C SER E 29 -20.47 -23.85 0.40
N THR E 30 -19.58 -24.08 -0.54
CA THR E 30 -18.73 -23.03 -1.09
C THR E 30 -19.17 -22.88 -2.54
N TYR E 31 -19.29 -21.74 -3.16
CA TYR E 31 -19.66 -21.48 -4.52
C TYR E 31 -18.77 -20.45 -5.25
N LEU E 32 -18.50 -20.75 -6.49
CA LEU E 32 -17.73 -19.76 -7.29
C LEU E 32 -18.83 -18.92 -8.01
N ILE E 33 -18.87 -17.63 -7.76
CA ILE E 33 -19.90 -16.81 -8.39
C ILE E 33 -19.43 -16.18 -9.69
N GLN E 34 -20.04 -16.44 -10.83
CA GLN E 34 -19.68 -15.79 -12.11
C GLN E 34 -20.94 -15.08 -12.64
N SER E 35 -20.81 -13.91 -13.19
CA SER E 35 -21.93 -13.08 -13.51
C SER E 35 -21.69 -12.41 -14.83
N TRP E 36 -22.78 -12.31 -15.56
CA TRP E 36 -22.71 -11.58 -16.83
C TRP E 36 -24.07 -11.04 -17.21
N VAL E 37 -23.96 -10.10 -18.16
CA VAL E 37 -25.15 -9.43 -18.72
C VAL E 37 -25.34 -9.76 -20.17
N GLU E 38 -26.52 -10.07 -20.67
CA GLU E 38 -26.79 -10.26 -22.08
C GLU E 38 -27.72 -9.12 -22.60
N ASN E 39 -27.80 -8.96 -23.93
CA ASN E 39 -28.76 -7.99 -24.44
C ASN E 39 -30.13 -8.66 -24.60
N ALA E 40 -31.12 -7.98 -25.18
CA ALA E 40 -32.49 -8.44 -25.28
C ALA E 40 -32.53 -9.68 -26.18
N ASP E 41 -31.57 -9.78 -27.09
CA ASP E 41 -31.48 -10.95 -27.92
C ASP E 41 -30.72 -12.12 -27.33
N GLY E 42 -30.36 -12.14 -26.07
CA GLY E 42 -29.61 -13.33 -25.59
C GLY E 42 -28.15 -13.27 -25.91
N VAL E 43 -27.55 -12.25 -26.56
CA VAL E 43 -26.15 -12.35 -26.92
C VAL E 43 -25.31 -11.81 -25.77
N LYS E 44 -24.19 -12.51 -25.50
CA LYS E 44 -23.37 -12.02 -24.42
C LYS E 44 -22.54 -10.86 -25.03
N ASP E 45 -23.21 -9.72 -24.95
CA ASP E 45 -22.64 -8.47 -25.37
C ASP E 45 -21.49 -8.09 -24.50
N GLY E 46 -20.79 -7.05 -24.89
CA GLY E 46 -19.93 -6.64 -23.64
C GLY E 46 -20.54 -5.36 -23.13
N ARG E 47 -21.81 -5.05 -23.40
CA ARG E 47 -22.36 -3.74 -23.01
C ARG E 47 -22.29 -3.36 -21.54
N PHE E 48 -22.49 -4.38 -20.71
CA PHE E 48 -22.41 -4.32 -19.28
C PHE E 48 -21.53 -5.51 -18.83
N ILE E 49 -20.78 -5.26 -17.78
CA ILE E 49 -19.87 -6.18 -17.19
C ILE E 49 -20.00 -6.02 -15.63
N VAL E 50 -19.86 -7.22 -15.08
CA VAL E 50 -19.97 -7.43 -13.68
C VAL E 50 -18.65 -7.48 -12.92
N THR E 51 -18.71 -6.76 -11.79
CA THR E 51 -17.70 -6.68 -10.79
C THR E 51 -17.72 -7.55 -9.61
N PRO E 52 -16.95 -8.31 -8.84
CA PRO E 52 -15.78 -9.19 -9.19
C PRO E 52 -16.33 -10.21 -10.15
N PRO E 53 -15.65 -10.40 -11.25
CA PRO E 53 -16.05 -11.28 -12.33
C PRO E 53 -15.99 -12.72 -11.85
N LEU E 54 -15.36 -13.03 -10.71
CA LEU E 54 -15.34 -14.45 -10.34
C LEU E 54 -14.86 -14.63 -8.91
N PHE E 55 -15.68 -14.96 -7.91
CA PHE E 55 -15.11 -15.04 -6.54
C PHE E 55 -15.83 -16.20 -5.81
N ALA E 56 -15.32 -16.58 -4.64
CA ALA E 56 -15.85 -17.62 -3.84
C ALA E 56 -16.80 -17.13 -2.75
N MET E 57 -17.90 -17.84 -2.51
CA MET E 57 -18.69 -17.44 -1.33
C MET E 57 -18.76 -18.71 -0.47
N LYS E 58 -18.02 -18.69 0.60
CA LYS E 58 -17.85 -19.82 1.50
C LYS E 58 -18.82 -19.71 2.65
N GLY E 59 -19.72 -20.67 2.89
CA GLY E 59 -20.59 -20.48 4.06
C GLY E 59 -21.41 -19.20 3.95
N LYS E 60 -22.30 -19.02 4.92
CA LYS E 60 -23.27 -17.92 5.00
C LYS E 60 -22.42 -16.68 4.71
N LYS E 61 -22.79 -15.83 3.77
CA LYS E 61 -21.87 -14.75 3.37
C LYS E 61 -22.68 -13.74 2.57
N GLU E 62 -22.21 -12.51 2.46
CA GLU E 62 -22.94 -11.51 1.71
C GLU E 62 -21.96 -10.79 0.77
N ASN E 63 -22.30 -10.61 -0.52
CA ASN E 63 -21.26 -9.96 -1.31
C ASN E 63 -21.89 -8.89 -2.18
N THR E 64 -21.09 -8.03 -2.79
CA THR E 64 -21.68 -7.00 -3.62
C THR E 64 -21.23 -7.14 -5.07
N LEU E 65 -22.24 -7.10 -5.99
CA LEU E 65 -21.79 -7.21 -7.40
C LEU E 65 -21.77 -5.76 -7.93
N ARG E 66 -20.87 -5.40 -8.81
CA ARG E 66 -20.81 -4.05 -9.34
C ARG E 66 -20.98 -4.23 -10.84
N ILE E 67 -22.01 -3.59 -11.37
CA ILE E 67 -22.34 -3.72 -12.76
C ILE E 67 -21.78 -2.43 -13.33
N LEU E 68 -20.82 -2.57 -14.23
CA LEU E 68 -20.24 -1.36 -14.81
C LEU E 68 -20.79 -1.09 -16.21
N ASP E 69 -21.06 0.15 -16.52
CA ASP E 69 -21.43 0.61 -17.83
C ASP E 69 -20.26 0.57 -18.78
N ALA E 70 -20.23 -0.37 -19.68
CA ALA E 70 -19.22 -0.55 -20.70
C ALA E 70 -19.80 -0.08 -22.04
N THR E 71 -21.03 0.43 -22.05
CA THR E 71 -21.59 0.94 -23.32
C THR E 71 -20.65 2.09 -23.68
N ASN E 72 -20.56 2.66 -24.86
CA ASN E 72 -19.57 3.80 -24.90
C ASN E 72 -20.40 5.05 -25.11
N ASN E 73 -21.54 5.07 -24.42
CA ASN E 73 -22.62 6.01 -24.57
C ASN E 73 -23.22 5.80 -25.96
N GLN E 74 -23.20 4.54 -26.44
CA GLN E 74 -23.72 4.11 -27.72
C GLN E 74 -25.19 3.67 -27.71
N LEU E 75 -25.86 3.80 -26.56
CA LEU E 75 -27.23 3.30 -26.44
C LEU E 75 -28.29 4.38 -26.61
N PRO E 76 -29.46 4.04 -27.10
CA PRO E 76 -30.51 5.03 -27.31
C PRO E 76 -30.63 5.90 -26.07
N GLN E 77 -30.81 7.21 -26.19
CA GLN E 77 -30.85 8.07 -25.01
C GLN E 77 -32.24 8.57 -24.71
N ASP E 78 -33.25 8.18 -25.46
CA ASP E 78 -34.63 8.55 -25.24
C ASP E 78 -35.56 7.45 -24.78
N ARG E 79 -35.05 6.31 -24.36
CA ARG E 79 -35.84 5.15 -23.94
C ARG E 79 -34.91 4.09 -23.32
N GLU E 80 -35.41 3.28 -22.43
CA GLU E 80 -34.72 2.19 -21.80
C GLU E 80 -34.35 1.12 -22.84
N SER E 81 -33.41 0.26 -22.56
CA SER E 81 -32.97 -0.85 -23.40
C SER E 81 -32.96 -2.04 -22.42
N LEU E 82 -33.46 -3.19 -22.87
CA LEU E 82 -33.56 -4.30 -21.96
C LEU E 82 -32.34 -5.18 -22.04
N PHE E 83 -31.68 -5.51 -20.95
CA PHE E 83 -30.61 -6.48 -20.84
C PHE E 83 -30.97 -7.55 -19.78
N TRP E 84 -30.23 -8.66 -19.72
CA TRP E 84 -30.46 -9.72 -18.72
C TRP E 84 -29.20 -10.01 -17.91
N MET E 85 -29.31 -9.89 -16.60
CA MET E 85 -28.14 -10.13 -15.71
C MET E 85 -28.30 -11.50 -15.09
N ASN E 86 -27.24 -12.32 -15.21
CA ASN E 86 -27.22 -13.67 -14.73
C ASN E 86 -26.08 -13.80 -13.76
N VAL E 87 -26.41 -14.47 -12.63
CA VAL E 87 -25.44 -14.70 -11.58
C VAL E 87 -25.50 -16.23 -11.30
N LYS E 88 -24.40 -16.92 -11.54
CA LYS E 88 -24.34 -18.34 -11.57
C LYS E 88 -23.53 -18.89 -10.37
N ALA E 89 -24.03 -19.96 -9.72
CA ALA E 89 -23.30 -20.34 -8.49
C ALA E 89 -22.74 -21.76 -8.71
N ILE E 90 -21.47 -21.75 -9.12
CA ILE E 90 -20.79 -22.97 -9.52
C ILE E 90 -20.40 -23.70 -8.25
N PRO E 91 -21.03 -24.81 -7.97
CA PRO E 91 -20.68 -25.60 -6.79
C PRO E 91 -19.32 -26.29 -6.95
N SER E 92 -18.66 -26.41 -5.80
CA SER E 92 -17.34 -27.06 -5.80
C SER E 92 -17.34 -28.56 -6.16
N MET E 93 -16.19 -28.89 -6.77
CA MET E 93 -15.90 -30.28 -7.12
C MET E 93 -15.96 -31.00 -5.76
N ASP E 94 -16.76 -32.04 -5.73
CA ASP E 94 -16.91 -32.89 -4.55
C ASP E 94 -16.04 -34.12 -4.82
N LYS E 95 -14.86 -34.15 -4.21
CA LYS E 95 -13.86 -35.20 -4.44
C LYS E 95 -14.30 -36.58 -4.01
N SER E 96 -15.12 -36.68 -2.99
CA SER E 96 -15.66 -37.88 -2.41
C SER E 96 -16.30 -38.84 -3.44
N LYS E 97 -17.05 -38.25 -4.35
CA LYS E 97 -17.90 -38.78 -5.36
C LYS E 97 -17.31 -38.86 -6.77
N LEU E 98 -15.98 -38.75 -6.85
CA LEU E 98 -15.28 -38.96 -8.11
C LEU E 98 -15.61 -40.31 -8.77
N THR E 99 -15.81 -41.35 -7.98
CA THR E 99 -15.94 -42.73 -8.36
C THR E 99 -17.35 -43.27 -8.35
N GLU E 100 -18.27 -42.36 -8.27
CA GLU E 100 -19.69 -42.61 -8.36
C GLU E 100 -20.26 -41.77 -9.51
N ASN E 101 -21.52 -42.00 -9.85
CA ASN E 101 -22.37 -41.32 -10.76
C ASN E 101 -23.16 -40.20 -10.08
N THR E 102 -22.90 -39.00 -10.68
CA THR E 102 -23.36 -37.77 -10.11
C THR E 102 -23.97 -36.77 -11.06
N LEU E 103 -24.87 -35.97 -10.44
CA LEU E 103 -25.50 -34.89 -11.18
C LEU E 103 -25.19 -33.58 -10.48
N GLN E 104 -24.46 -32.65 -11.07
CA GLN E 104 -24.35 -31.40 -10.28
C GLN E 104 -25.28 -30.37 -10.92
N LEU E 105 -26.08 -29.67 -10.22
CA LEU E 105 -26.86 -28.52 -10.58
C LEU E 105 -26.16 -27.20 -10.28
N ALA E 106 -26.00 -26.33 -11.30
CA ALA E 106 -25.44 -24.98 -11.13
C ALA E 106 -26.62 -24.02 -11.10
N ILE E 107 -27.04 -23.39 -10.05
CA ILE E 107 -28.21 -22.54 -9.98
C ILE E 107 -27.83 -21.15 -10.37
N ILE E 108 -28.60 -20.55 -11.30
CA ILE E 108 -28.33 -19.23 -11.82
C ILE E 108 -29.55 -18.34 -11.60
N SER E 109 -29.35 -17.06 -11.27
CA SER E 109 -30.55 -16.25 -11.24
C SER E 109 -30.47 -15.26 -12.40
N ARG E 110 -31.56 -15.11 -13.16
CA ARG E 110 -31.64 -14.24 -14.30
C ARG E 110 -32.70 -13.17 -14.09
N ILE E 111 -32.31 -11.91 -14.06
CA ILE E 111 -33.13 -10.77 -13.86
C ILE E 111 -32.90 -9.64 -14.88
N LYS E 112 -34.05 -8.88 -15.06
CA LYS E 112 -34.02 -7.75 -15.93
C LYS E 112 -33.04 -6.65 -15.46
N LEU E 113 -32.50 -6.04 -16.53
CA LEU E 113 -31.56 -4.99 -16.30
C LEU E 113 -31.97 -3.99 -17.33
N TYR E 114 -32.41 -2.84 -16.82
CA TYR E 114 -32.84 -1.79 -17.77
C TYR E 114 -31.86 -0.61 -17.79
N TYR E 115 -31.19 -0.30 -18.85
CA TYR E 115 -30.38 0.91 -18.87
C TYR E 115 -31.34 2.10 -19.02
N ARG E 116 -31.25 3.06 -18.11
CA ARG E 116 -32.24 4.15 -18.12
C ARG E 116 -31.60 5.48 -18.39
N PRO E 117 -31.72 5.98 -19.59
CA PRO E 117 -31.14 7.32 -19.95
C PRO E 117 -31.62 8.37 -18.95
N ALA E 118 -30.73 9.22 -18.50
CA ALA E 118 -30.82 10.25 -17.52
C ALA E 118 -31.83 11.39 -17.68
N LYS E 119 -32.39 11.62 -18.87
CA LYS E 119 -33.27 12.80 -18.95
C LYS E 119 -34.66 12.45 -19.44
N LEU E 120 -35.13 11.26 -19.11
CA LEU E 120 -36.50 10.98 -19.53
C LEU E 120 -37.39 12.04 -18.84
N ALA E 121 -38.27 12.56 -19.73
CA ALA E 121 -39.22 13.59 -19.35
C ALA E 121 -40.30 12.97 -18.50
N LEU E 122 -41.09 11.98 -18.96
CA LEU E 122 -42.09 11.47 -17.98
C LEU E 122 -41.39 10.56 -16.98
N PRO E 123 -41.83 10.55 -15.73
CA PRO E 123 -41.22 9.83 -14.63
C PRO E 123 -41.66 8.39 -14.48
N PRO E 124 -40.82 7.55 -13.88
CA PRO E 124 -41.07 6.13 -13.80
C PRO E 124 -42.43 5.74 -13.29
N ASP E 125 -42.95 6.52 -12.34
CA ASP E 125 -44.23 6.25 -11.74
C ASP E 125 -45.42 6.74 -12.53
N GLN E 126 -45.25 7.58 -13.53
CA GLN E 126 -46.35 8.04 -14.36
C GLN E 126 -46.49 7.23 -15.65
N ALA E 127 -45.70 6.20 -15.78
CA ALA E 127 -45.61 5.22 -16.83
C ALA E 127 -46.74 4.20 -16.93
N ALA E 128 -46.99 3.36 -15.93
CA ALA E 128 -48.06 2.38 -16.02
C ALA E 128 -49.35 2.96 -16.58
N GLU E 129 -50.03 3.89 -15.87
CA GLU E 129 -51.29 4.40 -16.36
C GLU E 129 -51.26 4.82 -17.84
N LYS E 130 -50.19 5.38 -18.37
CA LYS E 130 -50.04 5.79 -19.75
C LYS E 130 -50.16 4.71 -20.81
N LEU E 131 -50.43 3.49 -20.45
CA LEU E 131 -50.69 2.41 -21.35
C LEU E 131 -52.05 2.52 -22.01
N ARG E 132 -52.15 2.15 -23.28
CA ARG E 132 -53.43 1.97 -23.94
C ARG E 132 -53.53 0.64 -24.70
N PHE E 133 -54.77 0.34 -25.09
CA PHE E 133 -55.17 -0.89 -25.74
C PHE E 133 -55.94 -0.75 -27.06
N ARG E 134 -55.79 -1.74 -27.94
CA ARG E 134 -56.46 -1.79 -29.22
C ARG E 134 -56.98 -3.21 -29.32
N ARG E 135 -58.27 -3.45 -29.38
CA ARG E 135 -58.80 -4.81 -29.47
C ARG E 135 -59.01 -5.28 -30.91
N SER E 136 -59.06 -6.58 -31.11
CA SER E 136 -59.29 -7.31 -32.34
C SER E 136 -60.19 -8.47 -31.91
N ALA E 137 -60.58 -9.44 -32.74
CA ALA E 137 -61.43 -10.47 -32.12
C ALA E 137 -60.64 -11.74 -31.89
N ASN E 138 -59.35 -11.70 -32.21
CA ASN E 138 -58.38 -12.75 -31.97
C ASN E 138 -57.46 -12.43 -30.80
N SER E 139 -57.02 -11.17 -30.78
CA SER E 139 -56.05 -10.57 -29.92
C SER E 139 -56.39 -9.21 -29.32
N LEU E 140 -55.67 -8.90 -28.26
CA LEU E 140 -55.58 -7.71 -27.47
C LEU E 140 -54.13 -7.18 -27.55
N THR E 141 -53.90 -6.06 -28.14
CA THR E 141 -52.67 -5.35 -28.28
C THR E 141 -52.46 -4.14 -27.34
N LEU E 142 -51.32 -4.22 -26.63
CA LEU E 142 -50.91 -3.27 -25.65
C LEU E 142 -50.04 -2.18 -26.24
N ILE E 143 -50.52 -0.91 -26.05
CA ILE E 143 -49.67 0.17 -26.61
C ILE E 143 -49.11 1.02 -25.50
N ASN E 144 -47.77 0.89 -25.45
CA ASN E 144 -46.90 1.49 -24.46
C ASN E 144 -46.24 2.65 -25.21
N PRO E 145 -46.64 3.85 -24.89
CA PRO E 145 -46.15 5.06 -25.49
C PRO E 145 -45.03 5.74 -24.71
N THR E 146 -44.85 5.20 -23.52
CA THR E 146 -43.85 5.76 -22.63
C THR E 146 -42.49 5.27 -23.06
N PRO E 147 -41.46 5.81 -22.44
CA PRO E 147 -40.10 5.37 -22.71
C PRO E 147 -39.64 4.29 -21.78
N TYR E 148 -40.50 3.65 -20.99
CA TYR E 148 -40.11 2.61 -20.04
C TYR E 148 -40.64 1.20 -20.34
N TYR E 149 -39.84 0.14 -20.06
CA TYR E 149 -40.39 -1.20 -20.26
C TYR E 149 -41.52 -1.42 -19.26
N LEU E 150 -42.61 -2.01 -19.66
CA LEU E 150 -43.73 -2.21 -18.77
C LEU E 150 -44.05 -3.66 -18.53
N THR E 151 -43.88 -4.16 -17.34
CA THR E 151 -44.17 -5.51 -16.96
C THR E 151 -45.66 -5.59 -16.61
N VAL E 152 -46.37 -5.93 -17.68
CA VAL E 152 -47.84 -6.03 -17.51
C VAL E 152 -48.09 -7.43 -17.03
N THR E 153 -48.79 -7.48 -15.95
CA THR E 153 -49.13 -8.73 -15.24
C THR E 153 -50.55 -8.53 -14.67
N GLU E 154 -51.20 -9.63 -14.36
CA GLU E 154 -52.61 -9.64 -14.00
C GLU E 154 -53.46 -8.92 -15.01
N LEU E 155 -53.35 -9.37 -16.27
CA LEU E 155 -54.07 -8.80 -17.42
C LEU E 155 -55.45 -9.47 -17.51
N ASN E 156 -56.46 -8.68 -17.11
CA ASN E 156 -57.80 -9.25 -17.13
C ASN E 156 -58.74 -8.61 -18.15
N ALA E 157 -59.42 -9.46 -18.92
CA ALA E 157 -60.46 -8.99 -19.84
C ALA E 157 -61.83 -9.54 -19.39
N GLY E 158 -62.38 -8.96 -18.34
CA GLY E 158 -63.65 -9.43 -17.76
C GLY E 158 -63.29 -10.59 -16.83
N THR E 159 -63.76 -11.77 -17.24
CA THR E 159 -63.55 -13.04 -16.61
C THR E 159 -62.17 -13.59 -16.99
N ARG E 160 -61.68 -13.11 -18.15
CA ARG E 160 -60.49 -13.76 -18.69
C ARG E 160 -59.15 -13.18 -18.32
N VAL E 161 -58.34 -14.18 -17.95
CA VAL E 161 -56.95 -14.14 -17.55
C VAL E 161 -56.09 -14.20 -18.81
N LEU E 162 -55.43 -13.15 -19.20
CA LEU E 162 -54.58 -13.25 -20.40
C LEU E 162 -53.11 -13.42 -20.03
N GLU E 163 -52.29 -13.73 -21.04
CA GLU E 163 -50.83 -13.85 -20.98
C GLU E 163 -50.29 -12.66 -20.18
N ASN E 164 -49.34 -12.85 -19.27
CA ASN E 164 -48.60 -11.79 -18.60
C ASN E 164 -47.77 -11.09 -19.65
N ALA E 165 -47.28 -9.87 -19.61
CA ALA E 165 -46.56 -9.40 -20.77
C ALA E 165 -45.67 -8.21 -20.59
N LEU E 166 -44.65 -8.21 -21.46
CA LEU E 166 -43.52 -7.32 -21.45
C LEU E 166 -43.62 -6.43 -22.68
N VAL E 167 -43.98 -5.16 -22.46
CA VAL E 167 -44.26 -4.21 -23.49
C VAL E 167 -43.16 -3.17 -23.54
N PRO E 168 -42.44 -3.12 -24.63
CA PRO E 168 -41.31 -2.23 -24.75
C PRO E 168 -41.65 -0.76 -24.95
N PRO E 169 -40.65 0.07 -24.64
CA PRO E 169 -40.75 1.50 -24.81
C PRO E 169 -41.32 1.92 -26.16
N MET E 170 -42.28 2.85 -26.25
CA MET E 170 -42.83 3.33 -27.51
C MET E 170 -43.03 2.24 -28.56
N GLY E 171 -43.59 1.11 -28.16
CA GLY E 171 -43.83 -0.04 -28.98
C GLY E 171 -45.06 -0.77 -28.39
N GLU E 172 -45.30 -2.03 -28.76
CA GLU E 172 -46.49 -2.77 -28.43
C GLU E 172 -46.29 -4.28 -28.36
N SER E 173 -47.17 -4.98 -27.70
CA SER E 173 -47.12 -6.42 -27.54
C SER E 173 -48.55 -6.92 -27.82
N ALA E 174 -48.69 -8.24 -28.06
CA ALA E 174 -50.04 -8.68 -28.43
C ALA E 174 -50.35 -9.95 -27.70
N VAL E 175 -51.56 -10.17 -27.23
CA VAL E 175 -51.93 -11.33 -26.44
C VAL E 175 -53.25 -11.81 -27.09
N LYS E 176 -53.50 -13.09 -26.95
CA LYS E 176 -54.64 -13.80 -27.43
C LYS E 176 -55.86 -13.33 -26.59
N LEU E 177 -56.90 -12.99 -27.34
CA LEU E 177 -58.12 -12.58 -26.59
C LEU E 177 -59.23 -13.46 -27.16
N SER E 183 -63.99 -7.06 -23.01
CA SER E 183 -64.92 -6.64 -21.95
C SER E 183 -64.31 -5.49 -21.17
N ASN E 184 -64.29 -5.56 -19.84
CA ASN E 184 -63.58 -4.53 -19.08
C ASN E 184 -62.15 -5.09 -18.84
N ILE E 185 -61.19 -4.22 -19.16
CA ILE E 185 -59.78 -4.63 -19.05
C ILE E 185 -59.09 -4.20 -17.77
N THR E 186 -58.56 -5.15 -16.99
CA THR E 186 -57.77 -4.76 -15.82
C THR E 186 -56.34 -5.29 -15.95
N TYR E 187 -55.45 -4.53 -15.29
CA TYR E 187 -54.05 -4.89 -15.37
C TYR E 187 -53.22 -4.23 -14.29
N ARG E 188 -52.20 -4.99 -13.89
CA ARG E 188 -51.20 -4.42 -12.98
C ARG E 188 -49.83 -4.39 -13.67
N THR E 189 -48.86 -3.74 -13.07
CA THR E 189 -47.52 -3.74 -13.59
C THR E 189 -46.56 -3.99 -12.40
N ILE E 190 -45.35 -4.50 -12.64
CA ILE E 190 -44.34 -4.64 -11.59
C ILE E 190 -43.44 -3.43 -11.65
N ASN E 191 -43.14 -2.73 -10.56
CA ASN E 191 -42.30 -1.53 -10.72
C ASN E 191 -40.81 -1.81 -10.61
N ASP E 192 -40.01 -0.79 -10.52
CA ASP E 192 -38.58 -0.78 -10.33
C ASP E 192 -38.14 -1.53 -9.05
N TYR E 193 -39.05 -1.69 -8.09
CA TYR E 193 -38.85 -2.27 -6.81
C TYR E 193 -39.32 -3.71 -6.78
N GLY E 194 -39.86 -4.13 -7.94
CA GLY E 194 -40.36 -5.53 -7.81
C GLY E 194 -41.72 -5.59 -7.17
N ALA E 195 -42.40 -4.50 -6.87
CA ALA E 195 -43.71 -4.57 -6.27
C ALA E 195 -44.83 -4.38 -7.30
N LEU E 196 -45.98 -5.04 -7.02
CA LEU E 196 -47.11 -4.89 -7.95
C LEU E 196 -47.75 -3.53 -7.91
N THR E 197 -47.86 -2.83 -9.03
CA THR E 197 -48.55 -1.53 -8.96
C THR E 197 -50.02 -1.77 -8.65
N PRO E 198 -50.75 -0.70 -8.42
CA PRO E 198 -52.19 -0.80 -8.12
C PRO E 198 -53.03 -1.26 -9.29
N LYS E 199 -53.98 -2.18 -9.09
CA LYS E 199 -54.86 -2.63 -10.18
C LYS E 199 -55.38 -1.40 -10.93
N MET E 200 -55.30 -1.42 -12.25
CA MET E 200 -55.66 -0.28 -13.07
C MET E 200 -56.69 -0.56 -14.11
N THR E 201 -57.35 0.48 -14.64
CA THR E 201 -58.43 0.23 -15.61
C THR E 201 -57.96 0.25 -17.04
N GLY E 202 -58.31 -0.81 -17.77
CA GLY E 202 -57.93 -0.92 -19.18
C GLY E 202 -58.58 0.13 -20.05
N VAL E 203 -57.92 1.25 -20.28
CA VAL E 203 -58.35 2.33 -21.15
C VAL E 203 -57.92 2.05 -22.58
N MET E 204 -58.82 2.10 -23.55
CA MET E 204 -58.62 1.97 -24.98
C MET E 204 -57.83 3.06 -25.65
N GLU E 205 -57.51 2.87 -26.93
CA GLU E 205 -56.86 3.89 -27.75
C GLU E 205 -58.01 4.44 -28.62
N PHE F 1 -38.19 23.72 32.44
CA PHE F 1 -37.84 22.86 31.25
C PHE F 1 -38.85 22.82 30.11
N ALA F 2 -38.30 22.92 28.89
CA ALA F 2 -39.20 22.97 27.73
C ALA F 2 -38.46 22.46 26.53
N CYS F 3 -39.16 22.20 25.45
CA CYS F 3 -38.61 21.67 24.24
C CYS F 3 -39.46 22.12 23.04
N LYS F 4 -38.79 21.99 21.92
CA LYS F 4 -39.44 22.40 20.69
C LYS F 4 -38.89 21.52 19.58
N THR F 5 -39.45 21.63 18.43
CA THR F 5 -39.11 20.84 17.24
C THR F 5 -38.37 21.62 16.20
N ALA F 6 -37.52 21.04 15.35
CA ALA F 6 -36.95 21.90 14.26
C ALA F 6 -37.98 22.66 13.45
N ASN F 7 -39.22 22.36 13.30
CA ASN F 7 -40.29 23.15 12.70
C ASN F 7 -40.83 24.17 13.69
N GLY F 8 -40.13 24.49 14.76
CA GLY F 8 -40.37 25.46 15.78
C GLY F 8 -41.66 25.41 16.57
N THR F 9 -42.26 24.20 16.66
CA THR F 9 -43.44 23.79 17.40
C THR F 9 -43.08 23.20 18.74
N ALA F 10 -43.50 23.83 19.82
CA ALA F 10 -43.11 23.71 21.18
C ALA F 10 -44.01 22.90 22.09
N ILE F 11 -43.41 22.50 23.21
CA ILE F 11 -44.06 21.83 24.31
C ILE F 11 -43.48 22.53 25.56
N PRO F 12 -44.31 23.30 26.26
CA PRO F 12 -43.88 24.19 27.33
C PRO F 12 -43.60 23.50 28.62
N ILE F 13 -43.20 24.35 29.57
CA ILE F 13 -42.91 23.88 30.90
C ILE F 13 -43.92 22.84 31.37
N GLY F 14 -45.21 22.83 31.47
CA GLY F 14 -45.62 21.47 32.04
C GLY F 14 -45.45 20.20 31.25
N GLY F 15 -44.81 20.05 30.07
CA GLY F 15 -44.91 18.70 29.43
C GLY F 15 -46.08 18.70 28.48
N GLY F 16 -46.47 17.64 27.79
CA GLY F 16 -47.58 17.83 26.81
C GLY F 16 -47.29 17.10 25.50
N SER F 17 -47.81 17.56 24.34
CA SER F 17 -47.54 16.71 23.20
C SER F 17 -47.20 17.36 21.92
N ALA F 18 -46.60 16.64 20.96
CA ALA F 18 -46.40 17.36 19.65
C ALA F 18 -46.09 16.33 18.57
N ASN F 19 -46.26 16.76 17.34
CA ASN F 19 -45.99 15.93 16.17
C ASN F 19 -44.57 16.27 15.69
N VAL F 20 -43.83 15.22 15.25
CA VAL F 20 -42.61 15.45 14.50
C VAL F 20 -42.76 14.69 13.18
N TYR F 21 -42.51 15.29 12.06
CA TYR F 21 -42.58 14.98 10.67
C TYR F 21 -41.18 14.68 10.09
N VAL F 22 -40.89 13.35 9.86
CA VAL F 22 -39.62 12.95 9.40
C VAL F 22 -39.58 12.45 7.94
N ASN F 23 -38.50 12.84 7.27
CA ASN F 23 -38.35 12.57 5.80
C ASN F 23 -37.53 11.31 5.84
N LEU F 24 -38.00 10.15 5.29
CA LEU F 24 -37.09 9.00 5.59
C LEU F 24 -36.24 8.58 4.43
N ALA F 25 -35.22 7.74 4.54
CA ALA F 25 -34.62 7.14 3.34
C ALA F 25 -35.77 6.46 2.58
N PRO F 26 -35.92 6.80 1.32
CA PRO F 26 -37.05 6.38 0.50
C PRO F 26 -37.01 4.93 0.10
N VAL F 27 -35.89 4.27 0.07
CA VAL F 27 -35.65 2.89 -0.27
C VAL F 27 -34.77 2.13 0.68
N VAL F 28 -35.17 1.08 1.36
CA VAL F 28 -34.34 0.35 2.31
C VAL F 28 -34.44 -1.15 2.04
N ASN F 29 -33.32 -1.77 1.74
CA ASN F 29 -33.21 -3.21 1.55
C ASN F 29 -33.33 -4.02 2.83
N VAL F 30 -33.85 -5.23 2.63
CA VAL F 30 -33.98 -6.15 3.78
C VAL F 30 -32.78 -6.15 4.70
N GLY F 31 -31.53 -6.22 4.24
CA GLY F 31 -30.47 -6.15 5.28
C GLY F 31 -30.10 -4.83 5.91
N GLN F 32 -30.48 -3.68 5.34
CA GLN F 32 -30.01 -2.36 5.74
C GLN F 32 -30.76 -1.72 6.88
N ASN F 33 -30.20 -0.67 7.44
CA ASN F 33 -30.77 0.11 8.51
C ASN F 33 -31.40 1.36 7.85
N LEU F 34 -32.61 1.62 8.32
CA LEU F 34 -33.41 2.79 8.19
C LEU F 34 -33.16 3.56 9.51
N VAL F 35 -32.43 4.66 9.45
CA VAL F 35 -32.07 5.40 10.70
C VAL F 35 -33.05 6.49 10.86
N VAL F 36 -33.78 6.67 11.92
CA VAL F 36 -34.72 7.83 12.02
C VAL F 36 -34.06 8.62 13.19
N ASP F 37 -33.30 9.64 12.89
CA ASP F 37 -32.45 10.37 13.83
C ASP F 37 -33.28 11.43 14.54
N LEU F 38 -33.80 11.37 15.75
CA LEU F 38 -34.63 12.41 16.27
C LEU F 38 -33.86 13.49 16.99
N SER F 39 -32.55 13.28 17.04
CA SER F 39 -31.76 14.35 17.68
C SER F 39 -31.53 15.53 16.77
N THR F 40 -31.89 15.61 15.55
CA THR F 40 -31.78 16.75 14.64
C THR F 40 -33.15 17.39 14.52
N GLN F 41 -34.22 16.98 15.21
CA GLN F 41 -35.50 17.64 15.17
C GLN F 41 -36.10 17.93 16.56
N ILE F 42 -35.60 17.24 17.59
CA ILE F 42 -36.24 17.46 18.89
C ILE F 42 -35.22 18.10 19.82
N PHE F 43 -35.56 19.29 20.34
CA PHE F 43 -34.57 20.07 21.05
C PHE F 43 -35.11 20.51 22.39
N CYS F 44 -34.24 20.43 23.41
CA CYS F 44 -34.72 20.89 24.72
C CYS F 44 -33.71 21.82 25.40
N HIS F 45 -34.19 22.51 26.43
CA HIS F 45 -33.34 23.36 27.27
C HIS F 45 -33.82 23.35 28.72
N ASN F 46 -32.92 23.69 29.66
CA ASN F 46 -33.32 23.77 31.10
C ASN F 46 -33.50 25.26 31.27
N ASP F 47 -34.57 25.64 31.98
CA ASP F 47 -34.95 27.03 32.07
C ASP F 47 -34.25 27.85 33.17
N TYR F 48 -33.71 27.18 34.18
CA TYR F 48 -33.04 27.74 35.32
C TYR F 48 -31.81 26.89 35.81
N PRO F 49 -30.80 26.77 34.94
CA PRO F 49 -29.66 25.92 35.08
C PRO F 49 -28.71 26.29 36.20
N GLU F 50 -28.62 27.58 36.58
CA GLU F 50 -27.84 28.02 37.72
C GLU F 50 -28.42 27.45 39.03
N THR F 51 -29.63 26.90 39.15
CA THR F 51 -30.09 26.41 40.43
C THR F 51 -30.60 24.98 40.41
N ILE F 52 -31.39 24.69 39.36
CA ILE F 52 -32.02 23.43 39.14
C ILE F 52 -31.26 22.58 38.12
N THR F 53 -31.30 21.26 38.36
CA THR F 53 -30.71 20.37 37.36
C THR F 53 -31.86 19.54 36.83
N ASP F 54 -31.97 19.40 35.52
CA ASP F 54 -33.03 18.58 34.89
C ASP F 54 -32.52 17.19 34.48
N TYR F 55 -33.37 16.16 34.59
CA TYR F 55 -33.10 14.76 34.33
C TYR F 55 -34.03 14.23 33.22
N VAL F 56 -33.39 13.77 32.13
CA VAL F 56 -34.28 13.37 31.01
C VAL F 56 -34.02 11.92 30.55
N THR F 57 -35.17 11.29 30.41
CA THR F 57 -35.25 9.85 30.05
C THR F 57 -36.13 9.65 28.82
N LEU F 58 -35.88 8.51 28.16
CA LEU F 58 -36.70 7.98 27.09
C LEU F 58 -37.67 7.08 27.90
N GLN F 59 -38.84 7.60 28.24
CA GLN F 59 -39.66 6.81 29.15
C GLN F 59 -40.15 5.50 28.48
N ARG F 60 -40.57 5.68 27.23
CA ARG F 60 -41.05 4.56 26.44
C ARG F 60 -40.93 4.94 24.96
N GLY F 61 -40.74 3.95 24.11
CA GLY F 61 -40.90 4.16 22.68
C GLY F 61 -41.75 2.98 22.19
N SER F 62 -42.72 3.20 21.37
CA SER F 62 -43.68 2.37 20.78
C SER F 62 -43.63 2.66 19.25
N ALA F 63 -43.90 1.58 18.54
CA ALA F 63 -43.87 1.58 17.10
C ALA F 63 -45.27 1.37 16.59
N TYR F 64 -45.66 1.97 15.50
CA TYR F 64 -47.01 1.86 14.92
C TYR F 64 -46.98 1.56 13.41
N GLY F 65 -48.14 1.13 12.83
CA GLY F 65 -48.32 0.83 11.44
C GLY F 65 -47.22 -0.04 10.88
N GLY F 66 -46.55 0.28 9.81
CA GLY F 66 -45.48 -0.32 9.11
C GLY F 66 -44.20 -0.42 9.87
N VAL F 67 -43.91 0.38 10.87
CA VAL F 67 -42.70 0.13 11.74
C VAL F 67 -42.90 -1.06 12.65
N LEU F 68 -44.08 -1.44 13.09
CA LEU F 68 -44.35 -2.46 14.06
C LEU F 68 -44.45 -3.83 13.35
N SER F 69 -45.00 -3.76 12.13
CA SER F 69 -45.18 -4.99 11.37
C SER F 69 -44.00 -5.31 10.48
N ASN F 70 -43.24 -4.34 9.95
CA ASN F 70 -42.20 -4.72 9.01
C ASN F 70 -40.78 -4.50 9.41
N PHE F 71 -40.54 -4.08 10.63
CA PHE F 71 -39.18 -3.73 10.99
C PHE F 71 -38.80 -4.26 12.38
N SER F 72 -37.47 -4.36 12.53
CA SER F 72 -37.06 -4.78 13.87
C SER F 72 -35.98 -3.73 14.12
N GLY F 73 -35.63 -3.61 15.41
CA GLY F 73 -34.51 -2.69 15.53
C GLY F 73 -34.42 -2.10 16.92
N THR F 74 -33.53 -1.10 16.97
CA THR F 74 -33.20 -0.56 18.25
C THR F 74 -33.35 0.95 18.34
N VAL F 75 -33.30 1.38 19.60
CA VAL F 75 -33.23 2.79 19.86
C VAL F 75 -31.94 3.13 20.62
N LYS F 76 -31.27 4.12 20.03
CA LYS F 76 -30.01 4.54 20.63
C LYS F 76 -30.37 5.81 21.42
N TYR F 77 -30.12 5.78 22.72
CA TYR F 77 -30.43 6.91 23.54
C TYR F 77 -29.13 7.37 24.16
N SER F 78 -28.71 8.56 23.76
CA SER F 78 -27.45 9.02 24.42
C SER F 78 -26.35 7.97 24.47
N GLY F 79 -25.95 7.38 23.33
CA GLY F 79 -24.79 6.50 23.37
C GLY F 79 -25.13 5.04 23.69
N SER F 80 -26.30 4.70 24.20
CA SER F 80 -26.65 3.32 24.43
C SER F 80 -27.83 2.91 23.56
N SER F 81 -27.83 1.64 23.19
CA SER F 81 -28.83 0.97 22.39
C SER F 81 -29.61 0.01 23.26
N TYR F 82 -30.94 0.20 23.19
CA TYR F 82 -31.91 -0.64 23.88
C TYR F 82 -32.82 -1.20 22.79
N PRO F 83 -33.57 -2.21 23.13
CA PRO F 83 -34.51 -2.77 22.17
C PRO F 83 -35.55 -1.72 21.89
N PHE F 84 -36.12 -1.62 20.67
CA PHE F 84 -37.28 -0.87 20.34
C PHE F 84 -38.30 -1.76 19.59
N PRO F 85 -39.58 -1.80 19.85
CA PRO F 85 -40.23 -1.05 20.93
C PRO F 85 -39.44 -1.18 22.20
N THR F 86 -39.45 -0.27 23.16
CA THR F 86 -38.61 -0.36 24.31
C THR F 86 -39.22 -1.24 25.40
N THR F 87 -38.30 -1.81 26.15
CA THR F 87 -38.84 -2.61 27.29
C THR F 87 -38.75 -1.89 28.60
N SER F 88 -38.14 -0.70 28.69
CA SER F 88 -38.17 -0.02 29.98
C SER F 88 -37.52 1.36 29.78
N GLU F 89 -37.69 2.15 30.81
CA GLU F 89 -37.24 3.51 30.88
C GLU F 89 -35.73 3.48 30.92
N THR F 90 -35.12 4.17 30.02
CA THR F 90 -33.69 4.38 29.99
C THR F 90 -33.18 5.17 31.20
N PRO F 91 -31.85 5.21 31.32
CA PRO F 91 -31.14 6.03 32.30
C PRO F 91 -31.36 7.51 32.01
N ARG F 92 -31.07 8.44 32.90
CA ARG F 92 -31.13 9.87 32.75
C ARG F 92 -30.07 10.47 31.86
N VAL F 93 -30.38 11.60 31.25
CA VAL F 93 -29.40 12.48 30.62
C VAL F 93 -29.63 13.81 31.38
N VAL F 94 -28.65 14.62 31.59
CA VAL F 94 -28.74 15.89 32.30
C VAL F 94 -28.76 17.07 31.34
N TYR F 95 -29.73 17.93 31.63
CA TYR F 95 -29.88 19.18 30.84
C TYR F 95 -29.65 20.32 31.82
N ASN F 96 -28.65 21.03 31.40
CA ASN F 96 -28.22 22.04 32.45
C ASN F 96 -27.87 23.31 31.71
N SER F 97 -28.65 23.56 30.66
CA SER F 97 -28.38 24.78 29.91
C SER F 97 -29.68 25.34 29.37
N ARG F 98 -29.69 26.66 29.24
CA ARG F 98 -30.82 27.37 28.68
C ARG F 98 -30.72 27.30 27.15
N THR F 99 -29.59 26.92 26.59
CA THR F 99 -29.51 26.86 25.12
C THR F 99 -29.97 25.46 24.72
N ASP F 100 -30.79 25.46 23.72
CA ASP F 100 -31.40 24.30 23.14
C ASP F 100 -30.28 23.39 22.68
N LYS F 101 -30.36 22.20 23.23
CA LYS F 101 -29.52 21.08 22.84
C LYS F 101 -30.50 20.03 22.31
N PRO F 102 -30.10 19.12 21.43
CA PRO F 102 -30.88 17.97 20.96
C PRO F 102 -31.33 16.98 22.02
N TRP F 103 -32.45 16.22 21.83
CA TRP F 103 -32.68 15.06 22.72
C TRP F 103 -32.11 13.88 21.90
N PRO F 104 -31.09 13.27 22.41
CA PRO F 104 -30.23 12.38 21.61
C PRO F 104 -30.88 11.03 21.37
N VAL F 105 -31.91 10.90 20.55
CA VAL F 105 -32.63 9.67 20.37
C VAL F 105 -32.59 9.28 18.90
N ALA F 106 -32.17 8.04 18.59
CA ALA F 106 -32.25 7.63 17.18
C ALA F 106 -32.81 6.21 17.09
N LEU F 107 -33.65 6.00 16.08
CA LEU F 107 -34.22 4.66 15.87
C LEU F 107 -33.43 3.99 14.77
N TYR F 108 -33.06 2.76 14.94
CA TYR F 108 -32.25 2.05 13.91
C TYR F 108 -33.15 0.94 13.39
N LEU F 109 -33.81 1.02 12.24
CA LEU F 109 -34.74 -0.06 11.93
C LEU F 109 -34.36 -0.88 10.71
N THR F 110 -34.36 -2.20 10.83
CA THR F 110 -34.08 -3.09 9.69
C THR F 110 -35.34 -3.82 9.20
N PRO F 111 -35.66 -3.68 7.94
CA PRO F 111 -36.80 -4.43 7.38
C PRO F 111 -36.61 -5.93 7.58
N VAL F 112 -37.64 -6.63 7.98
CA VAL F 112 -37.56 -8.11 8.06
C VAL F 112 -37.75 -8.63 6.64
N SER F 113 -37.77 -9.93 6.43
CA SER F 113 -37.89 -10.58 5.13
C SER F 113 -39.24 -10.57 4.50
N SER F 114 -40.21 -10.62 5.42
CA SER F 114 -41.61 -10.61 4.96
C SER F 114 -42.01 -9.19 4.62
N ALA F 115 -41.24 -8.16 4.89
CA ALA F 115 -41.75 -6.83 4.51
C ALA F 115 -41.70 -6.74 2.99
N GLY F 116 -42.64 -6.03 2.37
CA GLY F 116 -42.50 -5.83 0.91
C GLY F 116 -43.22 -4.49 0.57
N GLY F 117 -43.07 -4.12 -0.66
CA GLY F 117 -43.50 -2.89 -1.26
C GLY F 117 -43.17 -1.76 -0.27
N VAL F 118 -44.29 -1.13 0.04
CA VAL F 118 -44.46 -0.03 0.96
C VAL F 118 -44.44 -0.54 2.38
N ALA F 119 -43.27 -0.40 3.04
CA ALA F 119 -43.18 -1.00 4.37
C ALA F 119 -43.62 0.11 5.37
N ILE F 120 -43.55 1.39 4.94
CA ILE F 120 -43.99 2.45 5.79
C ILE F 120 -44.74 3.38 4.84
N LYS F 121 -46.02 3.64 5.15
CA LYS F 121 -46.81 4.43 4.21
C LYS F 121 -46.61 5.90 4.52
N ALA F 122 -46.48 6.65 3.42
CA ALA F 122 -46.40 8.12 3.66
C ALA F 122 -47.47 8.68 4.56
N GLY F 123 -47.18 9.72 5.39
CA GLY F 123 -48.28 10.37 6.18
C GLY F 123 -48.67 9.54 7.36
N SER F 124 -48.35 8.31 7.63
CA SER F 124 -48.73 7.48 8.76
C SER F 124 -47.76 7.62 9.94
N LEU F 125 -48.25 7.29 11.10
CA LEU F 125 -47.71 7.32 12.41
C LEU F 125 -46.69 6.20 12.48
N ILE F 126 -45.45 6.45 12.75
CA ILE F 126 -44.37 5.41 12.77
C ILE F 126 -44.04 5.04 14.18
N ALA F 127 -44.13 6.05 15.09
CA ALA F 127 -43.69 5.91 16.47
C ALA F 127 -44.17 6.99 17.43
N VAL F 128 -44.27 6.54 18.71
CA VAL F 128 -44.57 7.47 19.78
C VAL F 128 -43.44 7.29 20.83
N LEU F 129 -42.72 8.37 21.06
CA LEU F 129 -41.59 8.55 21.99
C LEU F 129 -41.99 9.44 23.18
N ILE F 130 -41.90 8.88 24.34
CA ILE F 130 -42.20 9.68 25.54
C ILE F 130 -40.94 10.20 26.24
N LEU F 131 -40.86 11.55 26.34
CA LEU F 131 -39.66 12.12 26.98
C LEU F 131 -40.16 12.38 28.41
N ARG F 132 -39.56 11.82 29.45
CA ARG F 132 -39.84 12.04 30.84
C ARG F 132 -38.74 12.94 31.51
N GLN F 133 -39.21 14.09 32.03
CA GLN F 133 -38.29 15.02 32.72
C GLN F 133 -38.53 15.17 34.22
N THR F 134 -37.51 14.94 35.04
CA THR F 134 -37.62 15.09 36.51
C THR F 134 -36.57 16.10 36.96
N ASN F 135 -36.22 16.29 38.22
CA ASN F 135 -35.25 17.36 38.58
C ASN F 135 -34.72 17.18 39.99
N ASN F 136 -33.68 17.91 40.38
CA ASN F 136 -33.19 17.79 41.79
C ASN F 136 -33.73 18.87 42.72
N TYR F 137 -34.90 19.42 42.52
CA TYR F 137 -35.49 20.52 43.23
C TYR F 137 -36.85 20.08 43.74
N ASN F 138 -37.83 19.94 42.84
CA ASN F 138 -39.13 19.56 43.39
C ASN F 138 -39.47 18.14 42.93
N SER F 139 -40.76 17.85 42.90
CA SER F 139 -41.15 16.47 42.60
C SER F 139 -41.81 16.42 41.21
N ASP F 140 -41.62 17.47 40.42
CA ASP F 140 -42.02 17.61 39.05
C ASP F 140 -41.62 16.42 38.16
N ASP F 141 -42.61 15.79 37.53
CA ASP F 141 -42.48 14.58 36.72
C ASP F 141 -43.36 14.68 35.49
N PHE F 142 -42.82 15.22 34.43
CA PHE F 142 -43.60 15.61 33.26
C PHE F 142 -43.35 14.77 32.00
N GLN F 143 -44.33 14.70 31.12
CA GLN F 143 -44.20 13.80 30.00
C GLN F 143 -44.33 14.68 28.78
N PHE F 144 -43.32 14.50 27.91
CA PHE F 144 -43.35 15.23 26.65
C PHE F 144 -43.58 14.19 25.57
N VAL F 145 -44.71 14.19 24.90
CA VAL F 145 -45.11 13.17 23.93
C VAL F 145 -44.93 13.58 22.48
N TRP F 146 -44.08 12.88 21.73
CA TRP F 146 -43.65 13.16 20.39
C TRP F 146 -44.13 11.99 19.50
N ASN F 147 -44.99 12.40 18.59
CA ASN F 147 -45.74 11.59 17.69
C ASN F 147 -45.01 11.73 16.31
N ILE F 148 -44.28 10.65 15.96
CA ILE F 148 -43.46 10.67 14.77
C ILE F 148 -44.23 10.12 13.57
N TYR F 149 -44.38 11.06 12.65
CA TYR F 149 -45.12 10.81 11.45
C TYR F 149 -44.11 10.83 10.29
N ALA F 150 -44.35 9.79 9.48
CA ALA F 150 -43.50 9.71 8.28
C ALA F 150 -44.03 10.63 7.22
N ASN F 151 -43.25 11.47 6.56
CA ASN F 151 -43.71 12.23 5.40
C ASN F 151 -43.74 11.47 4.10
N ASN F 152 -42.99 10.38 3.99
CA ASN F 152 -42.96 9.69 2.67
C ASN F 152 -42.88 8.19 2.85
N ASP F 153 -43.30 7.46 1.84
CA ASP F 153 -43.21 6.06 1.61
C ASP F 153 -41.77 5.55 1.75
N VAL F 154 -41.62 4.44 2.42
CA VAL F 154 -40.36 3.75 2.57
C VAL F 154 -40.59 2.40 1.87
N VAL F 155 -39.88 2.14 0.79
CA VAL F 155 -40.01 0.92 -0.01
C VAL F 155 -38.90 -0.08 0.25
N VAL F 156 -39.28 -1.36 0.36
CA VAL F 156 -38.37 -2.47 0.64
C VAL F 156 -38.45 -3.39 -0.55
N PRO F 157 -37.57 -3.14 -1.51
CA PRO F 157 -37.60 -3.86 -2.82
C PRO F 157 -37.70 -5.35 -2.65
N THR F 158 -38.45 -6.15 -3.38
CA THR F 158 -38.40 -7.56 -3.15
C THR F 158 -37.11 -8.24 -3.59
N GLY F 159 -36.62 -9.22 -2.83
CA GLY F 159 -35.44 -10.00 -3.19
C GLY F 159 -35.71 -11.17 -4.09
N GLY F 160 -34.71 -11.84 -4.65
CA GLY F 160 -34.82 -13.00 -5.56
C GLY F 160 -35.19 -14.12 -4.58
N CYS F 161 -35.57 -15.29 -5.05
CA CYS F 161 -35.89 -16.36 -4.10
C CYS F 161 -34.71 -17.22 -3.77
N ASP F 162 -34.93 -18.23 -2.97
CA ASP F 162 -33.95 -19.20 -2.51
C ASP F 162 -34.29 -20.61 -3.00
N VAL F 163 -33.31 -21.14 -3.68
CA VAL F 163 -33.41 -22.41 -4.39
C VAL F 163 -32.57 -23.34 -3.55
N SER F 164 -33.32 -24.10 -2.76
CA SER F 164 -32.71 -25.01 -1.82
C SER F 164 -32.58 -26.40 -2.44
N ALA F 165 -31.35 -26.79 -2.79
CA ALA F 165 -31.02 -28.09 -3.33
C ALA F 165 -30.23 -28.95 -2.30
N ARG F 166 -30.98 -29.76 -1.55
CA ARG F 166 -30.42 -30.62 -0.50
C ARG F 166 -29.02 -31.19 -0.77
N ASP F 167 -28.71 -31.84 -1.90
CA ASP F 167 -27.38 -32.29 -2.23
C ASP F 167 -26.77 -31.76 -3.52
N VAL F 168 -25.68 -32.35 -3.97
CA VAL F 168 -24.88 -32.47 -5.15
C VAL F 168 -24.98 -33.95 -5.57
N THR F 169 -26.11 -34.48 -5.93
CA THR F 169 -26.72 -35.75 -6.10
C THR F 169 -26.06 -36.98 -6.71
N VAL F 170 -26.08 -38.07 -5.94
CA VAL F 170 -25.54 -39.35 -6.40
C VAL F 170 -26.56 -40.04 -7.30
N THR F 171 -26.26 -40.18 -8.58
CA THR F 171 -27.26 -40.68 -9.52
C THR F 171 -26.76 -42.09 -9.88
N LEU F 172 -26.62 -43.01 -8.92
CA LEU F 172 -25.83 -43.68 -9.25
C LEU F 172 -27.35 -43.73 -9.50
N PRO F 173 -27.89 -44.78 -10.07
CA PRO F 173 -27.24 -46.03 -10.28
C PRO F 173 -25.91 -46.01 -11.02
N ASP F 174 -25.22 -46.41 -10.61
CA ASP F 174 -24.32 -46.77 -11.65
C ASP F 174 -25.21 -47.67 -12.49
N TYR F 175 -26.39 -47.80 -11.88
CA TYR F 175 -27.38 -48.40 -12.62
C TYR F 175 -28.38 -47.40 -13.08
N PRO F 176 -28.61 -48.02 -13.95
CA PRO F 176 -29.12 -48.46 -14.64
C PRO F 176 -30.40 -47.63 -14.60
N GLY F 177 -30.80 -47.09 -13.46
CA GLY F 177 -31.98 -46.36 -13.14
C GLY F 177 -32.24 -44.86 -13.02
N SER F 178 -33.34 -44.46 -12.38
CA SER F 178 -33.78 -43.10 -12.20
C SER F 178 -33.73 -42.73 -10.70
N VAL F 179 -33.74 -41.48 -10.31
CA VAL F 179 -33.67 -40.89 -9.01
C VAL F 179 -34.20 -39.43 -8.96
N PRO F 180 -34.93 -39.16 -7.88
CA PRO F 180 -35.53 -37.86 -7.70
C PRO F 180 -34.34 -36.95 -7.43
N ILE F 181 -34.50 -35.66 -7.65
CA ILE F 181 -33.45 -34.66 -7.41
C ILE F 181 -34.12 -33.56 -6.56
N PRO F 182 -33.83 -33.57 -5.27
CA PRO F 182 -34.57 -32.72 -4.32
C PRO F 182 -34.28 -31.32 -4.71
N LEU F 183 -35.26 -30.57 -5.17
CA LEU F 183 -35.09 -29.23 -5.68
C LEU F 183 -36.43 -28.48 -5.62
N THR F 184 -36.30 -27.54 -4.66
CA THR F 184 -37.38 -26.68 -4.16
C THR F 184 -36.99 -25.24 -4.19
N VAL F 185 -37.87 -24.29 -4.42
CA VAL F 185 -37.68 -22.90 -4.37
C VAL F 185 -38.70 -22.20 -3.43
N TYR F 186 -38.21 -21.15 -2.78
CA TYR F 186 -39.28 -20.40 -2.06
C TYR F 186 -38.96 -18.89 -2.19
N CYS F 187 -39.99 -18.08 -2.23
CA CYS F 187 -39.77 -16.63 -2.25
C CYS F 187 -40.36 -15.99 -1.00
N ALA F 188 -39.65 -15.06 -0.37
CA ALA F 188 -40.24 -14.26 0.71
C ALA F 188 -41.38 -13.47 0.14
N LYS F 189 -41.40 -12.95 -1.09
CA LYS F 189 -42.57 -12.26 -1.59
C LYS F 189 -43.00 -13.01 -2.86
N SER F 190 -44.25 -13.47 -2.85
CA SER F 190 -44.85 -14.16 -3.90
C SER F 190 -44.59 -13.41 -5.23
N GLN F 191 -44.02 -14.19 -6.17
CA GLN F 191 -43.75 -13.75 -7.52
C GLN F 191 -43.87 -14.92 -8.51
N ASN F 192 -44.02 -14.58 -9.80
CA ASN F 192 -44.05 -15.63 -10.80
C ASN F 192 -42.66 -16.09 -11.17
N LEU F 193 -42.39 -17.40 -11.21
CA LEU F 193 -41.05 -17.82 -11.59
C LEU F 193 -41.17 -18.79 -12.78
N GLY F 194 -40.06 -18.78 -13.53
CA GLY F 194 -39.86 -19.66 -14.66
C GLY F 194 -38.43 -20.18 -14.47
N TYR F 195 -38.13 -21.27 -15.13
CA TYR F 195 -36.76 -21.79 -15.09
C TYR F 195 -36.49 -22.46 -16.45
N TYR F 196 -35.20 -22.52 -16.77
CA TYR F 196 -34.78 -23.23 -17.95
C TYR F 196 -33.44 -23.91 -17.65
N LEU F 197 -33.16 -25.02 -18.30
CA LEU F 197 -31.93 -25.80 -18.13
C LEU F 197 -30.91 -25.38 -19.20
N SER F 198 -29.64 -25.60 -18.88
CA SER F 198 -28.69 -25.26 -19.94
C SER F 198 -27.48 -26.14 -19.71
N GLY F 199 -26.74 -26.41 -20.73
CA GLY F 199 -25.52 -27.20 -20.71
C GLY F 199 -25.28 -27.87 -22.04
N THR F 200 -24.33 -28.78 -22.22
CA THR F 200 -24.02 -29.55 -23.38
C THR F 200 -24.94 -30.76 -23.54
N THR F 201 -25.55 -30.73 -24.71
CA THR F 201 -26.52 -31.83 -24.99
C THR F 201 -26.11 -32.60 -26.22
N ALA F 202 -26.54 -33.86 -26.28
CA ALA F 202 -26.10 -34.76 -27.33
C ALA F 202 -27.04 -35.09 -28.46
N ASP F 203 -28.28 -34.66 -28.39
CA ASP F 203 -29.34 -35.18 -29.22
C ASP F 203 -30.01 -34.06 -29.95
N ALA F 204 -30.74 -34.45 -31.01
CA ALA F 204 -31.35 -33.44 -31.86
C ALA F 204 -32.39 -32.73 -31.00
N GLY F 205 -33.03 -33.47 -30.09
CA GLY F 205 -34.08 -33.02 -29.22
C GLY F 205 -33.59 -32.17 -28.08
N ASN F 206 -32.30 -32.23 -27.88
CA ASN F 206 -31.54 -31.36 -26.98
C ASN F 206 -32.09 -31.40 -25.58
N SER F 207 -32.20 -32.60 -25.05
CA SER F 207 -32.61 -32.95 -23.74
C SER F 207 -31.69 -34.01 -23.14
N ILE F 208 -30.60 -34.42 -23.83
CA ILE F 208 -29.80 -35.42 -23.13
C ILE F 208 -28.42 -34.81 -22.88
N PHE F 209 -28.16 -34.55 -21.59
CA PHE F 209 -26.89 -33.89 -21.23
C PHE F 209 -25.70 -34.84 -21.25
N THR F 210 -24.64 -34.43 -21.94
CA THR F 210 -23.45 -35.24 -22.11
C THR F 210 -22.85 -35.70 -20.81
N ASN F 211 -22.13 -36.80 -20.87
CA ASN F 211 -21.31 -37.40 -19.83
C ASN F 211 -19.98 -36.61 -19.89
N THR F 212 -19.53 -36.30 -18.69
CA THR F 212 -18.31 -35.46 -18.60
C THR F 212 -17.44 -35.99 -17.50
N ALA F 213 -17.70 -37.21 -17.02
CA ALA F 213 -16.75 -37.83 -16.06
C ALA F 213 -15.38 -37.88 -16.71
N SER F 214 -14.30 -37.62 -15.97
CA SER F 214 -12.97 -37.67 -16.59
C SER F 214 -12.05 -38.53 -15.76
N PHE F 215 -12.52 -39.69 -15.39
CA PHE F 215 -11.96 -40.70 -14.54
C PHE F 215 -12.80 -41.93 -14.91
N SER F 216 -12.18 -42.82 -15.65
CA SER F 216 -12.83 -44.06 -16.12
C SER F 216 -14.29 -43.85 -16.48
N PRO F 217 -14.55 -43.11 -17.55
CA PRO F 217 -15.92 -42.81 -17.96
C PRO F 217 -16.74 -43.92 -18.60
N ALA F 218 -18.04 -43.92 -18.36
CA ALA F 218 -18.93 -44.80 -19.09
C ALA F 218 -18.99 -44.26 -20.54
N GLN F 219 -19.80 -44.89 -21.39
CA GLN F 219 -19.88 -44.42 -22.75
C GLN F 219 -21.30 -44.73 -23.17
N GLY F 220 -21.82 -43.98 -24.13
CA GLY F 220 -23.15 -44.15 -24.61
C GLY F 220 -24.33 -43.60 -23.80
N VAL F 221 -24.04 -43.13 -22.58
CA VAL F 221 -24.99 -42.60 -21.65
C VAL F 221 -24.90 -41.10 -21.34
N GLY F 222 -26.12 -40.54 -21.28
CA GLY F 222 -26.25 -39.09 -20.99
C GLY F 222 -27.25 -39.04 -19.80
N VAL F 223 -27.56 -37.78 -19.39
CA VAL F 223 -28.47 -37.71 -18.27
C VAL F 223 -29.61 -36.78 -18.67
N GLN F 224 -30.83 -37.22 -18.48
CA GLN F 224 -31.99 -36.44 -18.93
C GLN F 224 -32.82 -36.15 -17.70
N LEU F 225 -33.50 -35.04 -17.71
CA LEU F 225 -34.36 -34.62 -16.62
C LEU F 225 -35.82 -34.66 -17.02
N THR F 226 -36.63 -34.86 -15.99
CA THR F 226 -38.06 -35.11 -16.06
C THR F 226 -38.59 -34.38 -14.85
N ARG F 227 -39.66 -33.67 -14.98
CA ARG F 227 -40.51 -32.99 -14.05
C ARG F 227 -41.78 -33.88 -14.16
N ASN F 228 -42.11 -34.56 -13.12
CA ASN F 228 -43.15 -35.62 -13.09
C ASN F 228 -43.36 -36.35 -14.41
N GLY F 229 -42.40 -37.12 -14.90
CA GLY F 229 -42.60 -37.70 -16.24
C GLY F 229 -42.34 -36.76 -17.43
N THR F 230 -42.41 -35.42 -17.43
CA THR F 230 -42.22 -34.63 -18.59
C THR F 230 -40.74 -34.20 -18.74
N ILE F 231 -40.22 -34.53 -19.91
CA ILE F 231 -38.82 -34.33 -20.24
C ILE F 231 -38.71 -32.81 -20.38
N ILE F 232 -37.57 -32.38 -19.86
CA ILE F 232 -37.31 -30.95 -19.96
C ILE F 232 -36.11 -30.75 -20.88
N PRO F 233 -36.30 -30.30 -22.08
CA PRO F 233 -35.15 -30.05 -23.00
C PRO F 233 -34.37 -28.80 -22.49
N ALA F 234 -33.19 -28.36 -22.87
CA ALA F 234 -32.38 -27.25 -22.47
C ALA F 234 -33.01 -25.97 -23.05
N ASN F 235 -32.79 -24.81 -22.50
CA ASN F 235 -33.44 -23.62 -23.04
C ASN F 235 -34.93 -23.71 -23.26
N ASN F 236 -35.77 -24.49 -22.62
CA ASN F 236 -37.23 -24.45 -22.84
C ASN F 236 -37.86 -23.91 -21.56
N THR F 237 -38.27 -22.68 -21.41
CA THR F 237 -38.70 -22.22 -20.07
C THR F 237 -39.85 -22.99 -19.46
N VAL F 238 -39.71 -23.55 -18.26
CA VAL F 238 -40.80 -24.17 -17.52
C VAL F 238 -41.36 -23.14 -16.51
N SER F 239 -42.61 -22.85 -16.63
CA SER F 239 -43.45 -21.97 -15.81
C SER F 239 -43.82 -22.58 -14.48
N LEU F 240 -43.52 -21.97 -13.33
CA LEU F 240 -43.87 -22.48 -12.03
C LEU F 240 -45.06 -21.75 -11.44
N GLY F 241 -45.42 -20.65 -12.00
CA GLY F 241 -46.55 -19.87 -11.46
C GLY F 241 -45.95 -19.05 -10.27
N ALA F 242 -46.84 -18.78 -9.34
CA ALA F 242 -46.59 -17.86 -8.24
C ALA F 242 -45.96 -18.71 -7.18
N VAL F 243 -44.81 -18.31 -6.70
CA VAL F 243 -44.15 -19.10 -5.66
C VAL F 243 -44.04 -18.12 -4.50
N GLY F 244 -44.55 -18.56 -3.36
CA GLY F 244 -44.49 -17.73 -2.14
C GLY F 244 -43.66 -18.39 -1.06
N THR F 245 -44.10 -18.18 0.18
CA THR F 245 -43.45 -18.68 1.38
C THR F 245 -43.25 -20.19 1.50
N SER F 246 -44.30 -20.86 0.98
CA SER F 246 -44.22 -22.34 0.99
C SER F 246 -43.35 -22.91 -0.13
N ALA F 247 -42.25 -23.61 0.13
CA ALA F 247 -41.41 -24.17 -0.91
C ALA F 247 -42.15 -24.99 -1.99
N VAL F 248 -42.07 -24.65 -3.27
CA VAL F 248 -42.67 -25.37 -4.35
C VAL F 248 -41.68 -26.40 -4.91
N SER F 249 -41.96 -27.73 -4.95
CA SER F 249 -40.97 -28.62 -5.51
C SER F 249 -40.87 -28.47 -7.00
N LEU F 250 -39.79 -28.71 -7.70
CA LEU F 250 -39.77 -28.61 -9.17
C LEU F 250 -40.07 -30.02 -9.73
N GLY F 251 -40.11 -31.05 -8.86
CA GLY F 251 -40.39 -32.42 -9.11
C GLY F 251 -39.54 -33.13 -10.15
N LEU F 252 -38.26 -32.92 -10.02
CA LEU F 252 -37.25 -33.42 -10.90
C LEU F 252 -36.77 -34.84 -10.66
N THR F 253 -36.61 -35.54 -11.79
CA THR F 253 -35.95 -36.81 -11.73
C THR F 253 -34.77 -36.80 -12.68
N ALA F 254 -33.65 -37.41 -12.32
CA ALA F 254 -32.51 -37.59 -13.17
C ALA F 254 -32.70 -38.93 -13.84
N ASN F 255 -32.43 -39.06 -15.12
CA ASN F 255 -32.55 -40.42 -15.68
C ASN F 255 -31.36 -40.56 -16.62
N TYR F 256 -31.07 -41.82 -16.90
CA TYR F 256 -30.03 -42.09 -17.88
C TYR F 256 -30.76 -42.34 -19.21
N ALA F 257 -30.15 -41.75 -20.25
CA ALA F 257 -30.72 -41.90 -21.56
C ALA F 257 -29.53 -42.12 -22.49
N ARG F 258 -29.72 -42.80 -23.59
CA ARG F 258 -28.61 -43.20 -24.44
C ARG F 258 -28.27 -42.08 -25.40
N THR F 259 -26.99 -42.03 -25.70
CA THR F 259 -26.42 -41.03 -26.55
C THR F 259 -25.68 -41.42 -27.82
N GLY F 260 -25.57 -42.70 -28.15
CA GLY F 260 -24.76 -43.21 -29.22
C GLY F 260 -24.51 -44.67 -29.48
N GLY F 261 -23.25 -45.09 -29.44
CA GLY F 261 -22.75 -46.42 -29.72
C GLY F 261 -22.73 -47.26 -28.45
N GLN F 262 -21.98 -48.31 -28.34
CA GLN F 262 -21.96 -49.25 -27.22
C GLN F 262 -22.19 -48.60 -25.86
N VAL F 263 -23.12 -49.04 -25.02
CA VAL F 263 -23.17 -48.45 -23.69
C VAL F 263 -22.04 -49.14 -22.93
N THR F 264 -21.20 -48.42 -22.23
CA THR F 264 -20.05 -48.90 -21.48
C THR F 264 -20.08 -48.51 -20.01
N ALA F 265 -19.61 -49.46 -19.17
CA ALA F 265 -19.65 -49.28 -17.74
C ALA F 265 -18.66 -48.19 -17.37
N GLY F 266 -18.97 -47.50 -16.28
CA GLY F 266 -17.95 -46.51 -15.83
C GLY F 266 -18.68 -45.41 -15.08
N ASN F 267 -17.95 -44.35 -14.83
CA ASN F 267 -18.63 -43.25 -14.13
C ASN F 267 -19.39 -42.36 -15.12
N VAL F 268 -20.55 -41.91 -14.68
CA VAL F 268 -21.44 -40.98 -15.37
C VAL F 268 -21.58 -39.74 -14.51
N GLN F 269 -21.04 -38.61 -14.97
CA GLN F 269 -21.16 -37.36 -14.23
C GLN F 269 -21.55 -36.21 -15.16
N SER F 270 -22.59 -35.46 -14.76
CA SER F 270 -22.89 -34.30 -15.59
C SER F 270 -23.23 -33.15 -14.70
N ILE F 271 -23.04 -31.96 -15.22
CA ILE F 271 -23.28 -30.66 -14.59
C ILE F 271 -24.27 -29.89 -15.41
N ILE F 272 -25.43 -29.48 -14.94
CA ILE F 272 -26.44 -28.82 -15.76
C ILE F 272 -26.79 -27.43 -15.23
N GLY F 273 -27.05 -26.39 -16.03
CA GLY F 273 -27.53 -25.20 -15.31
C GLY F 273 -29.02 -25.23 -15.10
N VAL F 274 -29.55 -24.46 -14.15
CA VAL F 274 -30.99 -24.30 -13.94
C VAL F 274 -31.14 -22.80 -13.68
N THR F 275 -31.63 -22.02 -14.62
CA THR F 275 -31.73 -20.59 -14.53
C THR F 275 -33.14 -20.18 -14.08
N PHE F 276 -33.32 -19.51 -12.99
CA PHE F 276 -34.68 -19.14 -12.60
C PHE F 276 -34.86 -17.71 -13.15
N VAL F 277 -35.95 -17.39 -13.78
CA VAL F 277 -36.13 -16.11 -14.49
C VAL F 277 -37.22 -15.34 -13.75
N TYR F 278 -36.84 -14.10 -13.42
CA TYR F 278 -37.68 -13.21 -12.66
C TYR F 278 -38.55 -12.35 -13.55
N GLN F 279 -39.82 -12.22 -13.12
CA GLN F 279 -40.74 -11.33 -13.74
C GLN F 279 -40.45 -9.88 -13.31
N GLY G 1 51.01 43.96 13.96
CA GLY G 1 52.38 44.16 13.36
C GLY G 1 53.32 43.77 14.55
N VAL G 2 54.47 44.36 14.57
CA VAL G 2 55.45 44.45 15.59
C VAL G 2 55.24 45.66 16.53
N ALA G 3 55.24 45.41 17.84
CA ALA G 3 55.07 46.50 18.80
C ALA G 3 56.11 46.48 19.90
N LEU G 4 56.56 47.54 20.49
CA LEU G 4 57.49 47.63 21.58
C LEU G 4 56.80 47.45 22.90
N GLY G 5 57.50 46.87 23.93
CA GLY G 5 56.85 46.73 25.24
C GLY G 5 57.01 47.93 26.13
N ALA G 6 57.26 49.12 25.67
CA ALA G 6 57.28 50.35 26.41
C ALA G 6 57.11 51.53 25.41
N THR G 7 56.78 52.70 25.91
CA THR G 7 56.68 53.87 25.10
C THR G 7 57.91 54.71 25.44
N ARG G 8 58.87 54.29 26.28
CA ARG G 8 60.06 55.11 26.43
C ARG G 8 61.17 54.26 27.03
N VAL G 9 62.42 54.69 27.04
CA VAL G 9 63.39 53.83 27.66
C VAL G 9 64.19 54.72 28.62
N ILE G 10 64.33 54.35 29.87
CA ILE G 10 65.20 55.05 30.81
C ILE G 10 66.55 54.36 30.77
N TYR G 11 67.66 54.92 30.32
CA TYR G 11 68.96 54.30 30.39
C TYR G 11 69.71 54.90 31.59
N PRO G 12 69.93 54.16 32.67
CA PRO G 12 70.61 54.65 33.84
C PRO G 12 72.09 54.64 33.60
N ALA G 13 72.80 55.76 33.72
CA ALA G 13 74.25 55.74 33.49
C ALA G 13 74.95 54.68 34.34
N GLY G 14 75.97 54.01 33.84
CA GLY G 14 76.64 52.97 34.59
C GLY G 14 76.26 51.59 34.05
N GLN G 15 74.95 51.36 33.84
CA GLN G 15 74.54 50.03 33.35
C GLN G 15 75.10 49.81 31.96
N LYS G 16 75.56 48.59 31.70
CA LYS G 16 76.11 48.21 30.41
C LYS G 16 74.98 47.92 29.41
N GLN G 17 73.74 47.69 29.81
CA GLN G 17 72.69 47.43 28.85
C GLN G 17 71.30 47.47 29.48
N VAL G 18 70.43 48.14 28.72
CA VAL G 18 69.02 48.25 29.01
C VAL G 18 68.34 47.36 27.99
N GLN G 19 67.28 46.72 28.38
CA GLN G 19 66.54 45.74 27.64
C GLN G 19 65.28 46.37 27.10
N LEU G 20 64.89 45.95 25.88
CA LEU G 20 63.57 46.51 25.45
C LEU G 20 62.90 45.36 24.72
N ALA G 21 61.65 45.15 25.09
CA ALA G 21 60.91 44.06 24.45
C ALA G 21 60.26 44.53 23.15
N VAL G 22 60.26 43.63 22.15
CA VAL G 22 59.56 43.81 20.88
C VAL G 22 58.61 42.64 20.60
N THR G 23 57.43 42.78 19.98
CA THR G 23 56.72 41.48 19.83
C THR G 23 56.04 41.43 18.47
N ASN G 24 56.16 40.39 17.67
CA ASN G 24 55.44 40.27 16.41
C ASN G 24 54.14 39.53 16.67
N ASN G 25 52.99 40.08 16.39
CA ASN G 25 51.68 39.52 16.47
C ASN G 25 51.12 38.79 15.24
N ASP G 26 51.71 39.03 14.08
CA ASP G 26 51.10 38.58 12.84
C ASP G 26 51.56 37.16 12.58
N GLU G 27 50.76 36.23 13.01
CA GLU G 27 50.98 34.79 12.91
C GLU G 27 51.65 34.34 11.63
N ASN G 28 51.36 34.90 10.47
CA ASN G 28 51.93 34.52 9.20
C ASN G 28 52.80 35.54 8.47
N SER G 29 53.42 36.45 9.21
CA SER G 29 54.33 37.41 8.61
C SER G 29 55.72 37.27 9.23
N THR G 30 56.75 37.49 8.41
CA THR G 30 58.12 37.39 8.88
C THR G 30 58.68 38.82 8.76
N TYR G 31 59.41 39.36 9.72
CA TYR G 31 60.01 40.67 9.66
C TYR G 31 61.50 40.70 10.04
N LEU G 32 62.23 41.51 9.34
CA LEU G 32 63.66 41.69 9.70
C LEU G 32 63.64 42.93 10.65
N ILE G 33 64.07 42.79 11.88
CA ILE G 33 64.04 43.96 12.78
C ILE G 33 65.38 44.68 12.84
N GLN G 34 65.40 45.97 12.53
CA GLN G 34 66.64 46.77 12.60
C GLN G 34 66.35 47.94 13.55
N SER G 35 67.27 48.31 14.38
CA SER G 35 67.06 49.26 15.44
C SER G 35 68.26 50.16 15.57
N TRP G 36 67.90 51.40 15.88
CA TRP G 36 68.96 52.39 16.09
C TRP G 36 68.47 53.52 16.95
N VAL G 37 69.47 54.28 17.47
CA VAL G 37 69.21 55.43 18.35
C VAL G 37 69.73 56.68 17.77
N GLU G 38 69.04 57.82 17.76
CA GLU G 38 69.52 59.09 17.24
C GLU G 38 69.64 60.08 18.43
N ASN G 39 70.44 61.12 18.25
CA ASN G 39 70.44 62.12 19.33
C ASN G 39 69.24 63.06 19.18
N ALA G 40 69.19 64.14 19.97
CA ALA G 40 68.07 65.05 19.99
C ALA G 40 67.96 65.74 18.62
N ASP G 41 69.07 65.89 17.92
CA ASP G 41 69.02 66.51 16.63
C ASP G 41 68.70 65.57 15.49
N GLY G 42 68.28 64.34 15.68
CA GLY G 42 68.00 63.51 14.50
C GLY G 42 69.26 62.85 13.97
N VAL G 43 70.48 63.02 14.51
CA VAL G 43 71.63 62.46 13.80
C VAL G 43 71.83 61.04 14.28
N LYS G 44 72.19 60.13 13.35
CA LYS G 44 72.40 58.79 13.80
C LYS G 44 73.82 58.79 14.40
N ASP G 45 73.88 59.20 15.65
CA ASP G 45 75.06 59.17 16.45
C ASP G 45 75.58 57.77 16.65
N GLY G 46 76.73 57.63 17.23
CA GLY G 46 76.89 56.15 17.60
C GLY G 46 76.74 56.14 19.13
N ARG G 47 76.14 57.13 19.75
CA ARG G 47 76.10 57.16 21.21
C ARG G 47 75.55 55.97 21.96
N PHE G 48 74.48 55.41 21.38
CA PHE G 48 73.83 54.21 21.77
C PHE G 48 73.67 53.33 20.52
N ILE G 49 73.75 52.02 20.80
CA ILE G 49 73.65 50.99 19.83
C ILE G 49 72.76 49.86 20.43
N VAL G 50 72.02 49.29 19.48
CA VAL G 50 71.10 48.25 19.72
C VAL G 50 71.59 46.86 19.40
N THR G 51 71.29 46.01 20.40
CA THR G 51 71.50 44.60 20.35
C THR G 51 70.46 43.67 19.92
N PRO G 52 70.21 42.58 19.19
CA PRO G 52 70.84 42.13 17.90
C PRO G 52 70.53 43.21 16.91
N PRO G 53 71.53 43.67 16.19
CA PRO G 53 71.40 44.78 15.26
C PRO G 53 70.54 44.38 14.08
N LEU G 54 70.21 43.08 13.92
CA LEU G 54 69.41 42.72 12.74
C LEU G 54 68.91 41.30 12.80
N PHE G 55 67.66 41.02 13.15
CA PHE G 55 67.28 39.59 13.22
C PHE G 55 65.87 39.42 12.62
N ALA G 56 65.40 38.20 12.45
CA ALA G 56 64.11 37.89 11.93
C ALA G 56 63.08 37.61 13.01
N MET G 57 61.83 38.08 12.84
CA MET G 57 60.84 37.59 13.80
C MET G 57 59.73 36.95 12.93
N LYS G 58 59.72 35.64 12.92
CA LYS G 58 58.82 34.83 12.14
C LYS G 58 57.57 34.52 12.91
N GLY G 59 56.36 34.90 12.45
CA GLY G 59 55.19 34.53 13.24
C GLY G 59 55.23 35.10 14.65
N LYS G 60 54.17 34.84 15.41
CA LYS G 60 53.93 35.35 16.75
C LYS G 60 55.23 35.08 17.50
N LYS G 61 55.89 36.04 18.12
CA LYS G 61 57.23 35.82 18.65
C LYS G 61 57.55 36.97 19.61
N GLU G 62 58.51 36.75 20.50
CA GLU G 62 58.85 37.82 21.44
C GLU G 62 60.37 37.99 21.44
N ASN G 63 60.89 39.24 21.38
CA ASN G 63 62.37 39.23 21.37
C ASN G 63 62.85 40.30 22.33
N THR G 64 64.12 40.28 22.67
CA THR G 64 64.66 41.30 23.53
C THR G 64 65.68 42.19 22.82
N LEU G 65 65.48 43.50 22.97
CA LEU G 65 66.50 44.39 22.34
C LEU G 65 67.45 44.83 23.47
N ARG G 66 68.74 45.00 23.22
CA ARG G 66 69.65 45.37 24.27
C ARG G 66 70.27 46.66 23.74
N ILE G 67 70.15 47.71 24.50
CA ILE G 67 70.60 49.01 24.10
C ILE G 67 71.90 49.12 24.89
N LEU G 68 73.01 49.25 24.20
CA LEU G 68 74.28 49.37 24.88
C LEU G 68 74.76 50.81 24.94
N ASP G 69 75.33 51.22 26.05
CA ASP G 69 75.96 52.50 26.20
C ASP G 69 77.29 52.56 25.48
N ALA G 70 77.37 53.22 24.37
CA ALA G 70 78.55 53.42 23.56
C ALA G 70 79.08 54.84 23.84
N THR G 71 78.44 55.59 24.72
CA THR G 71 78.96 56.94 25.03
C THR G 71 80.33 56.66 25.64
N ASN G 72 81.28 57.56 25.78
CA ASN G 72 82.53 57.01 26.43
C ASN G 72 82.62 57.67 27.80
N ASN G 73 81.44 57.85 28.40
CA ASN G 73 81.18 58.62 29.58
C ASN G 73 81.41 60.09 29.21
N GLN G 74 81.14 60.45 27.95
CA GLN G 74 81.28 61.77 27.39
C GLN G 74 80.02 62.64 27.52
N LEU G 75 78.97 62.15 28.17
CA LEU G 75 77.71 62.89 28.25
C LEU G 75 77.56 63.67 29.55
N PRO G 76 76.84 64.78 29.54
CA PRO G 76 76.64 65.58 30.74
C PRO G 76 76.25 64.69 31.89
N GLN G 77 76.77 64.92 33.10
CA GLN G 77 76.52 64.02 34.21
C GLN G 77 75.61 64.63 35.24
N ASP G 78 75.11 65.82 35.03
CA ASP G 78 74.18 66.49 35.94
C ASP G 78 72.78 66.68 35.42
N ARG G 79 72.38 66.04 34.33
CA ARG G 79 71.08 66.18 33.68
C ARG G 79 70.90 65.09 32.60
N GLU G 80 69.69 64.67 32.31
CA GLU G 80 69.38 63.75 31.26
C GLU G 80 69.73 64.35 29.88
N SER G 81 69.82 63.56 28.83
CA SER G 81 70.09 63.92 27.46
C SER G 81 69.04 63.13 26.68
N LEU G 82 68.40 63.76 25.73
CA LEU G 82 67.32 63.10 25.03
C LEU G 82 67.84 62.43 23.78
N PHE G 83 67.55 61.18 23.55
CA PHE G 83 67.84 60.41 22.34
C PHE G 83 66.54 59.77 21.81
N TRP G 84 66.52 59.29 20.56
CA TRP G 84 65.33 58.61 20.00
C TRP G 84 65.71 57.21 19.51
N MET G 85 65.01 56.23 20.00
CA MET G 85 65.20 54.81 19.64
C MET G 85 64.14 54.40 18.62
N ASN G 86 64.57 53.82 17.49
CA ASN G 86 63.71 53.45 16.43
C ASN G 86 63.94 51.98 16.18
N VAL G 87 62.82 51.28 16.07
CA VAL G 87 62.83 49.85 15.79
C VAL G 87 61.94 49.67 14.52
N LYS G 88 62.52 49.20 13.44
CA LYS G 88 61.92 49.16 12.13
C LYS G 88 61.61 47.69 11.71
N ALA G 89 60.43 47.47 11.09
CA ALA G 89 60.09 46.06 10.84
C ALA G 89 59.98 45.90 9.31
N ILE G 90 61.08 45.41 8.75
CA ILE G 90 61.23 45.31 7.32
C ILE G 90 60.49 44.06 6.89
N PRO G 91 59.40 44.22 6.18
CA PRO G 91 58.65 43.07 5.68
C PRO G 91 59.38 42.37 4.54
N SER G 92 59.17 41.06 4.53
CA SER G 92 59.81 40.25 3.47
C SER G 92 59.34 40.52 2.03
N MET G 93 60.34 40.30 1.16
CA MET G 93 60.11 40.38 -0.27
C MET G 93 59.01 39.34 -0.51
N ASP G 94 57.95 39.80 -1.16
CA ASP G 94 56.82 38.96 -1.54
C ASP G 94 57.03 38.64 -3.03
N LYS G 95 57.53 37.43 -3.30
CA LYS G 95 57.89 36.98 -4.63
C LYS G 95 56.72 36.89 -5.60
N SER G 96 55.54 36.59 -5.10
CA SER G 96 54.29 36.46 -5.82
C SER G 96 53.98 37.65 -6.72
N LYS G 97 54.21 38.83 -6.17
CA LYS G 97 53.92 40.15 -6.63
C LYS G 97 55.05 40.90 -7.32
N LEU G 98 56.07 40.15 -7.72
CA LEU G 98 57.15 40.72 -8.51
C LEU G 98 56.67 41.43 -9.78
N THR G 99 55.62 40.91 -10.42
CA THR G 99 55.12 41.31 -11.72
C THR G 99 53.86 42.16 -11.68
N GLU G 100 53.56 42.66 -10.51
CA GLU G 100 52.47 43.57 -10.27
C GLU G 100 53.06 44.84 -9.63
N ASN G 101 52.24 45.87 -9.51
CA ASN G 101 52.45 47.14 -8.87
C ASN G 101 52.04 47.07 -7.40
N THR G 102 53.09 47.40 -6.59
CA THR G 102 53.00 47.23 -5.15
C THR G 102 53.54 48.38 -4.32
N LEU G 103 52.95 48.44 -3.11
CA LEU G 103 53.39 49.42 -2.13
C LEU G 103 53.81 48.66 -0.89
N GLN G 104 55.06 48.69 -0.47
CA GLN G 104 55.30 48.02 0.84
C GLN G 104 55.43 49.12 1.90
N LEU G 105 54.84 49.02 3.03
CA LEU G 105 54.99 49.80 4.23
C LEU G 105 55.92 49.17 5.26
N ALA G 106 56.98 49.87 5.68
CA ALA G 106 57.90 49.41 6.74
C ALA G 106 57.49 50.13 8.01
N ILE G 107 56.87 49.56 9.00
CA ILE G 107 56.39 50.21 10.21
C ILE G 107 57.52 50.30 11.21
N ILE G 108 57.72 51.53 11.74
CA ILE G 108 58.78 51.78 12.66
C ILE G 108 58.21 52.34 13.95
N SER G 109 58.78 51.97 15.12
CA SER G 109 58.25 52.69 16.28
C SER G 109 59.37 53.56 16.79
N ARG G 110 59.12 54.80 17.16
CA ARG G 110 60.08 55.77 17.64
C ARG G 110 59.71 56.29 19.00
N ILE G 111 60.51 56.00 20.02
CA ILE G 111 60.32 56.36 21.39
C ILE G 111 61.54 57.03 22.03
N LYS G 112 61.17 57.91 23.03
CA LYS G 112 62.19 58.59 23.79
C LYS G 112 63.14 57.63 24.55
N LEU G 113 64.36 58.14 24.59
CA LEU G 113 65.41 57.39 25.26
C LEU G 113 66.13 58.49 25.99
N TYR G 114 66.07 58.37 27.31
CA TYR G 114 66.73 59.38 28.15
C TYR G 114 67.97 58.80 28.83
N TYR G 115 69.16 59.28 28.60
CA TYR G 115 70.29 58.81 29.38
C TYR G 115 70.23 59.50 30.73
N ARG G 116 70.28 58.73 31.82
CA ARG G 116 70.06 59.35 33.15
C ARG G 116 71.25 59.16 34.03
N PRO G 117 72.04 60.21 34.19
CA PRO G 117 73.22 60.16 35.08
C PRO G 117 72.82 59.67 36.47
N ALA G 118 73.59 58.78 37.05
CA ALA G 118 73.48 58.05 38.27
C ALA G 118 73.37 58.80 39.60
N LYS G 119 73.73 60.08 39.67
CA LYS G 119 73.68 60.70 41.00
C LYS G 119 72.81 61.93 41.03
N LEU G 120 71.74 61.94 40.22
CA LEU G 120 70.88 63.11 40.35
C LEU G 120 70.38 63.14 41.81
N ALA G 121 70.43 64.38 42.32
CA ALA G 121 70.03 64.66 43.69
C ALA G 121 68.52 64.64 43.79
N LEU G 122 67.77 65.47 43.05
CA LEU G 122 66.30 65.29 43.21
C LEU G 122 65.84 64.06 42.43
N PRO G 123 64.87 63.31 42.93
CA PRO G 123 64.36 62.07 42.39
C PRO G 123 63.31 62.20 41.31
N PRO G 124 63.19 61.20 40.45
CA PRO G 124 62.34 61.28 39.28
C PRO G 124 60.92 61.70 39.53
N ASP G 125 60.39 61.29 40.66
CA ASP G 125 59.03 61.59 41.05
C ASP G 125 58.85 62.94 41.69
N GLN G 126 59.89 63.64 42.10
CA GLN G 126 59.76 64.96 42.68
C GLN G 126 59.98 66.07 41.66
N ALA G 127 60.11 65.69 40.41
CA ALA G 127 60.33 66.44 39.22
C ALA G 127 59.13 67.22 38.68
N ALA G 128 58.02 66.61 38.31
CA ALA G 128 56.87 67.29 37.78
C ALA G 128 56.51 68.52 38.59
N GLU G 129 56.09 68.37 39.86
CA GLU G 129 55.69 69.54 40.62
C GLU G 129 56.70 70.69 40.55
N LYS G 130 58.00 70.46 40.54
CA LYS G 130 59.04 71.47 40.47
C LYS G 130 59.01 72.37 39.26
N LEU G 131 58.09 72.23 38.34
CA LEU G 131 57.90 73.10 37.23
C LEU G 131 57.35 74.46 37.64
N ARG G 132 57.75 75.53 36.94
CA ARG G 132 57.13 76.82 37.08
C ARG G 132 56.87 77.50 35.72
N PHE G 133 56.04 78.54 35.81
CA PHE G 133 55.57 79.30 34.66
C PHE G 133 55.82 80.82 34.69
N ARG G 134 55.94 81.40 33.51
CA ARG G 134 56.16 82.82 33.32
C ARG G 134 55.18 83.21 32.20
N ARG G 135 54.21 84.06 32.44
CA ARG G 135 53.25 84.45 31.40
C ARG G 135 53.68 85.70 30.66
N SER G 136 53.17 85.88 29.46
CA SER G 136 53.34 86.98 28.54
C SER G 136 51.93 87.19 27.94
N ALA G 137 51.66 88.05 26.98
CA ALA G 137 50.25 88.08 26.53
C ALA G 137 50.12 87.40 25.18
N ASN G 138 51.22 86.85 24.69
CA ASN G 138 51.31 86.08 23.47
C ASN G 138 51.49 84.58 23.77
N SER G 139 52.37 84.34 24.73
CA SER G 139 52.88 83.07 25.16
C SER G 139 52.92 82.82 26.67
N LEU G 140 52.98 81.55 27.00
CA LEU G 140 53.15 80.86 28.23
C LEU G 140 54.46 80.06 28.16
N THR G 141 55.44 80.38 28.94
CA THR G 141 56.71 79.74 29.08
C THR G 141 56.90 78.88 30.34
N LEU G 142 57.29 77.62 30.07
CA LEU G 142 57.49 76.60 31.04
C LEU G 142 58.93 76.55 31.56
N ILE G 143 59.06 76.71 32.92
CA ILE G 143 60.44 76.64 33.43
C ILE G 143 60.64 75.42 34.30
N ASN G 144 61.50 74.58 33.72
CA ASN G 144 61.85 73.27 34.22
C ASN G 144 63.25 73.48 34.80
N PRO G 145 63.32 73.49 36.11
CA PRO G 145 64.55 73.66 36.83
C PRO G 145 65.25 72.39 37.25
N THR G 146 64.54 71.32 37.09
CA THR G 146 64.98 69.99 37.46
C THR G 146 65.97 69.50 36.41
N PRO G 147 66.60 68.38 36.68
CA PRO G 147 67.51 67.78 35.74
C PRO G 147 66.84 66.72 34.86
N TYR G 148 65.52 66.62 34.85
CA TYR G 148 64.81 65.64 34.03
C TYR G 148 63.97 66.22 32.88
N TYR G 149 63.89 65.47 31.75
CA TYR G 149 63.02 65.97 30.69
C TYR G 149 61.58 65.85 31.18
N LEU G 150 60.74 66.83 30.97
CA LEU G 150 59.37 66.80 31.39
C LEU G 150 58.39 66.79 30.23
N THR G 151 57.63 65.73 30.06
CA THR G 151 56.58 65.60 29.08
C THR G 151 55.30 66.22 29.62
N VAL G 152 55.21 67.49 29.28
CA VAL G 152 54.05 68.28 29.77
C VAL G 152 52.97 68.04 28.76
N THR G 153 51.87 67.57 29.26
CA THR G 153 50.68 67.21 28.46
C THR G 153 49.46 67.62 29.29
N GLU G 154 48.35 67.79 28.64
CA GLU G 154 47.13 68.33 29.23
C GLU G 154 47.39 69.67 29.89
N LEU G 155 47.95 70.59 29.10
CA LEU G 155 48.29 71.94 29.54
C LEU G 155 47.06 72.85 29.42
N ASN G 156 46.48 73.15 30.60
CA ASN G 156 45.29 73.99 30.55
C ASN G 156 45.48 75.36 31.16
N ALA G 157 45.02 76.38 30.44
CA ALA G 157 45.00 77.75 30.96
C ALA G 157 43.54 78.21 31.06
N GLY G 158 42.84 77.74 32.09
CA GLY G 158 41.42 78.04 32.29
C GLY G 158 40.63 77.09 31.38
N THR G 159 39.98 77.68 30.39
CA THR G 159 39.21 77.03 29.35
C THR G 159 40.16 76.51 28.26
N ARG G 160 41.35 77.14 28.20
CA ARG G 160 42.18 76.84 27.05
C ARG G 160 43.18 75.71 27.18
N VAL G 161 43.11 74.92 26.11
CA VAL G 161 43.90 73.76 25.78
C VAL G 161 45.17 74.24 25.08
N LEU G 162 46.34 74.12 25.66
CA LEU G 162 47.53 74.56 24.94
C LEU G 162 48.30 73.36 24.35
N GLU G 163 49.27 73.68 23.51
CA GLU G 163 50.23 72.75 22.89
C GLU G 163 50.72 71.82 24.00
N ASN G 164 50.79 70.52 23.78
CA ASN G 164 51.45 69.55 24.62
C ASN G 164 52.93 69.92 24.62
N ALA G 165 53.81 69.57 25.54
CA ALA G 165 55.17 70.05 25.38
C ALA G 165 56.26 69.35 26.16
N LEU G 166 57.44 69.43 25.55
CA LEU G 166 58.64 68.75 25.97
C LEU G 166 59.63 69.81 26.47
N VAL G 167 59.82 69.86 27.78
CA VAL G 167 60.61 70.84 28.47
C VAL G 167 61.90 70.22 28.99
N PRO G 168 63.01 70.66 28.47
CA PRO G 168 64.29 70.06 28.82
C PRO G 168 64.85 70.43 30.18
N PRO G 169 65.76 69.59 30.65
CA PRO G 169 66.47 69.81 31.91
C PRO G 169 66.94 71.23 32.11
N MET G 170 66.69 71.89 33.26
CA MET G 170 67.22 73.23 33.54
C MET G 170 67.14 74.17 32.35
N GLY G 171 66.03 74.13 31.63
CA GLY G 171 65.79 74.93 30.45
C GLY G 171 64.29 75.22 30.44
N GLU G 172 63.72 75.65 29.30
CA GLU G 172 62.37 76.13 29.17
C GLU G 172 61.79 75.95 27.76
N SER G 173 60.48 75.96 27.62
CA SER G 173 59.78 75.78 26.37
C SER G 173 58.71 76.88 26.31
N ALA G 174 58.11 77.13 25.14
CA ALA G 174 57.15 78.24 25.13
C ALA G 174 55.95 77.83 24.32
N VAL G 175 54.76 78.23 24.69
CA VAL G 175 53.54 77.81 24.01
C VAL G 175 52.73 79.10 23.87
N LYS G 176 51.91 79.13 22.83
CA LYS G 176 51.04 80.21 22.48
C LYS G 176 49.95 80.30 23.56
N LEU G 177 49.75 81.54 24.05
CA LEU G 177 48.67 81.67 25.04
C LEU G 177 47.79 82.78 24.50
N SER G 183 45.09 82.47 33.07
CA SER G 183 44.05 82.16 34.04
C SER G 183 44.61 81.18 35.07
N ASN G 184 43.85 80.11 35.37
CA ASN G 184 44.39 79.08 36.25
C ASN G 184 45.04 78.02 35.33
N ILE G 185 46.28 77.69 35.68
CA ILE G 185 47.04 76.75 34.84
C ILE G 185 47.04 75.31 35.34
N THR G 186 46.55 74.36 34.52
CA THR G 186 46.64 72.96 34.92
C THR G 186 47.48 72.17 33.89
N TYR G 187 48.08 71.10 34.43
CA TYR G 187 48.97 70.33 33.58
C TYR G 187 49.30 68.98 34.19
N ARG G 188 49.48 68.04 33.26
CA ARG G 188 49.94 66.71 33.68
C ARG G 188 51.31 66.44 33.03
N THR G 189 51.96 65.36 33.42
CA THR G 189 53.19 64.97 32.82
C THR G 189 53.12 63.44 32.57
N ILE G 190 53.86 62.91 31.61
CA ILE G 190 53.94 61.45 31.41
C ILE G 190 55.15 60.96 32.17
N ASN G 191 55.13 59.93 32.97
CA ASN G 191 56.32 59.55 33.72
C ASN G 191 57.18 58.53 32.99
N ASP G 192 58.18 57.97 33.65
CA ASP G 192 59.09 56.97 33.19
C ASP G 192 58.39 55.69 32.72
N TYR G 193 57.17 55.47 33.19
CA TYR G 193 56.35 54.32 32.95
C TYR G 193 55.33 54.56 31.85
N GLY G 194 55.36 55.79 31.31
CA GLY G 194 54.33 56.02 30.30
C GLY G 194 52.98 56.36 30.89
N ALA G 195 52.84 56.54 32.19
CA ALA G 195 51.55 56.86 32.78
C ALA G 195 51.41 58.37 33.05
N LEU G 196 50.16 58.86 32.96
CA LEU G 196 49.91 60.26 33.22
C LEU G 196 50.03 60.62 34.68
N THR G 197 50.87 61.59 35.02
CA THR G 197 50.95 61.94 36.46
C THR G 197 49.62 62.59 36.86
N PRO G 198 49.47 62.86 38.14
CA PRO G 198 48.24 63.50 38.64
C PRO G 198 48.06 64.94 38.20
N LYS G 199 46.86 65.33 37.78
CA LYS G 199 46.62 66.74 37.37
C LYS G 199 47.22 67.67 38.42
N MET G 200 47.97 68.66 37.99
CA MET G 200 48.66 69.54 38.92
C MET G 200 48.37 70.99 38.77
N THR G 201 48.68 71.82 39.78
CA THR G 201 48.32 73.25 39.66
C THR G 201 49.42 74.11 39.14
N GLY G 202 49.13 74.87 38.09
CA GLY G 202 50.11 75.74 37.45
C GLY G 202 50.59 76.86 38.35
N VAL G 203 51.68 76.64 39.07
CA VAL G 203 52.30 77.62 39.95
C VAL G 203 53.25 78.51 39.16
N MET G 204 53.17 79.83 39.26
CA MET G 204 54.03 80.83 38.67
C MET G 204 55.46 80.89 39.16
N GLU G 205 56.26 81.73 38.47
CA GLU G 205 57.63 81.98 38.92
C GLU G 205 57.55 83.37 39.59
N PHE H 1 47.41 23.05 66.88
CA PHE H 1 47.91 23.80 65.68
C PHE H 1 47.78 25.30 65.71
N ALA H 2 48.83 25.96 65.22
CA ALA H 2 48.86 27.44 65.26
C ALA H 2 49.85 27.92 64.24
N CYS H 3 49.80 29.19 63.93
CA CYS H 3 50.61 29.81 62.92
C CYS H 3 50.84 31.28 63.29
N LYS H 4 51.86 31.79 62.63
CA LYS H 4 52.23 33.16 62.89
C LYS H 4 52.83 33.67 61.59
N THR H 5 53.11 34.93 61.59
CA THR H 5 53.63 35.66 60.41
C THR H 5 55.06 36.04 60.53
N ALA H 6 55.87 36.18 59.48
CA ALA H 6 57.26 36.72 59.76
C ALA H 6 57.31 37.99 60.57
N ASN H 7 56.36 38.85 60.71
CA ASN H 7 56.31 40.00 61.62
C ASN H 7 55.86 39.54 63.00
N GLY H 8 55.97 38.28 63.33
CA GLY H 8 55.64 37.59 64.53
C GLY H 8 54.27 37.71 65.15
N THR H 9 53.23 38.02 64.35
CA THR H 9 51.82 38.17 64.64
C THR H 9 51.05 36.90 64.34
N ALA H 10 50.46 36.31 65.37
CA ALA H 10 49.95 34.98 65.51
C ALA H 10 48.44 34.83 65.37
N ILE H 11 48.05 33.59 65.11
CA ILE H 11 46.71 33.09 65.05
C ILE H 11 46.81 31.74 65.82
N PRO H 12 46.18 31.68 66.98
CA PRO H 12 46.30 30.58 67.91
C PRO H 12 45.49 29.39 67.56
N ILE H 13 45.66 28.37 68.45
CA ILE H 13 44.95 27.13 68.32
C ILE H 13 43.52 27.36 67.85
N GLY H 14 42.54 28.09 68.31
CA GLY H 14 41.34 27.82 67.41
C GLY H 14 41.28 28.37 65.99
N GLY H 15 42.32 28.92 65.32
CA GLY H 15 41.98 29.51 63.99
C GLY H 15 41.63 30.96 64.10
N GLY H 16 41.23 31.71 63.11
CA GLY H 16 41.07 33.17 63.41
C GLY H 16 41.68 34.06 62.33
N SER H 17 42.18 35.30 62.57
CA SER H 17 42.56 36.01 61.38
C SER H 17 43.80 36.85 61.48
N ALA H 18 44.41 37.22 60.34
CA ALA H 18 45.59 38.13 60.54
C ALA H 18 45.93 38.82 59.22
N ASN H 19 46.64 39.90 59.29
CA ASN H 19 47.08 40.67 58.15
C ASN H 19 48.51 40.19 57.83
N VAL H 20 48.81 40.12 56.51
CA VAL H 20 50.19 39.94 56.09
C VAL H 20 50.44 41.05 55.07
N TYR H 21 51.49 41.81 55.20
CA TYR H 21 52.07 42.93 54.56
C TYR H 21 53.24 42.53 53.62
N VAL H 22 52.96 42.49 52.31
CA VAL H 22 53.92 42.07 51.34
C VAL H 22 54.52 43.22 50.47
N ASN H 23 55.82 43.11 50.27
CA ASN H 23 56.60 44.18 49.55
C ASN H 23 56.59 43.60 48.15
N LEU H 24 56.04 44.34 47.14
CA LEU H 24 56.00 43.56 45.86
C LEU H 24 57.05 43.95 44.87
N ALA H 25 57.31 43.26 43.77
CA ALA H 25 58.11 43.83 42.67
C ALA H 25 57.39 45.11 42.25
N PRO H 26 58.10 46.21 42.27
CA PRO H 26 57.57 47.55 42.07
C PRO H 26 57.20 47.85 40.65
N VAL H 27 57.66 47.17 39.65
CA VAL H 27 57.38 47.29 38.25
C VAL H 27 57.18 45.96 37.55
N VAL H 28 56.05 45.63 36.94
CA VAL H 28 55.80 44.39 36.25
C VAL H 28 55.21 44.67 34.87
N ASN H 29 55.84 44.25 33.83
CA ASN H 29 55.36 44.31 32.45
C ASN H 29 54.25 43.33 32.14
N VAL H 30 53.43 43.78 31.17
CA VAL H 30 52.33 42.94 30.71
C VAL H 30 52.66 41.48 30.54
N GLY H 31 53.76 41.11 29.89
CA GLY H 31 53.96 39.62 29.88
C GLY H 31 54.48 38.92 31.12
N GLN H 32 55.09 39.60 32.10
CA GLN H 32 55.76 39.02 33.25
C GLN H 32 54.90 38.60 34.41
N ASN H 33 55.50 37.85 35.30
CA ASN H 33 54.87 37.33 36.51
C ASN H 33 55.36 38.24 37.67
N LEU H 34 54.36 38.61 38.45
CA LEU H 34 54.38 39.22 39.75
C LEU H 34 54.17 38.01 40.72
N VAL H 35 55.21 37.62 41.44
CA VAL H 35 55.15 36.42 42.29
C VAL H 35 54.88 36.91 43.69
N VAL H 36 53.88 36.49 44.41
CA VAL H 36 53.69 36.98 45.79
C VAL H 36 53.88 35.64 46.57
N ASP H 37 55.03 35.48 47.15
CA ASP H 37 55.46 34.20 47.75
C ASP H 37 54.98 34.17 49.18
N LEU H 38 53.94 33.54 49.67
CA LEU H 38 53.52 33.64 51.04
C LEU H 38 54.18 32.62 51.91
N SER H 39 54.98 31.76 51.29
CA SER H 39 55.69 30.78 52.13
C SER H 39 56.88 31.35 52.86
N THR H 40 57.31 32.55 52.73
CA THR H 40 58.38 33.26 53.42
C THR H 40 57.78 34.20 54.45
N GLN H 41 56.46 34.31 54.61
CA GLN H 41 55.84 35.09 55.67
C GLN H 41 54.81 34.34 56.51
N ILE H 42 54.34 33.17 56.05
CA ILE H 42 53.27 32.53 56.83
C ILE H 42 53.77 31.17 57.27
N PHE H 43 53.78 30.97 58.59
CA PHE H 43 54.47 29.83 59.15
C PHE H 43 53.56 29.10 60.11
N CYS H 44 53.55 27.75 59.97
CA CYS H 44 52.72 27.03 60.97
C CYS H 44 53.50 25.88 61.65
N HIS H 45 52.94 25.36 62.72
CA HIS H 45 53.47 24.19 63.41
C HIS H 45 52.34 23.34 63.97
N ASN H 46 52.64 22.05 64.21
CA ASN H 46 51.59 21.19 64.85
C ASN H 46 52.04 21.19 66.32
N ASP H 47 51.09 21.20 67.23
CA ASP H 47 51.40 21.39 68.63
C ASP H 47 51.66 20.11 69.42
N TYR H 48 51.21 18.97 68.90
CA TYR H 48 51.29 17.66 69.51
C TYR H 48 51.55 16.53 68.46
N PRO H 49 52.68 16.62 67.72
CA PRO H 49 53.02 15.80 66.61
C PRO H 49 53.27 14.32 66.89
N GLU H 50 53.72 13.98 68.11
CA GLU H 50 53.85 12.61 68.56
C GLU H 50 52.49 11.91 68.62
N THR H 51 51.30 12.52 68.61
CA THR H 51 50.05 11.82 68.70
C THR H 51 49.04 12.12 67.61
N ILE H 52 48.90 13.44 67.32
CA ILE H 52 47.98 13.97 66.38
C ILE H 52 48.66 14.33 65.07
N THR H 53 47.97 14.15 63.96
CA THR H 53 48.53 14.57 62.67
C THR H 53 47.65 15.71 62.18
N ASP H 54 48.24 16.79 61.70
CA ASP H 54 47.44 17.94 61.18
C ASP H 54 47.36 17.95 59.64
N TYR H 55 46.23 18.33 59.05
CA TYR H 55 45.94 18.39 57.64
C TYR H 55 45.61 19.84 57.22
N VAL H 56 46.45 20.33 56.27
CA VAL H 56 46.24 21.75 55.91
C VAL H 56 46.05 21.93 54.39
N THR H 57 45.00 22.73 54.18
CA THR H 57 44.49 23.04 52.82
C THR H 57 44.43 24.56 52.60
N LEU H 58 44.48 24.92 51.30
CA LEU H 58 44.20 26.25 50.81
C LEU H 58 42.68 26.21 50.62
N GLN H 59 41.91 26.63 51.59
CA GLN H 59 40.47 26.39 51.43
C GLN H 59 39.89 27.21 50.25
N ARG H 60 40.34 28.47 50.20
CA ARG H 60 39.90 29.37 49.15
C ARG H 60 40.93 30.48 49.01
N GLY H 61 41.06 31.03 47.82
CA GLY H 61 41.85 32.26 47.70
C GLY H 61 40.96 33.19 46.84
N SER H 62 40.80 34.41 47.16
CA SER H 62 40.10 35.48 46.58
C SER H 62 41.08 36.65 46.39
N ALA H 63 40.78 37.35 45.31
CA ALA H 63 41.57 38.49 44.87
C ALA H 63 40.77 39.73 45.05
N TYR H 64 41.40 40.82 45.45
CA TYR H 64 40.69 42.11 45.64
C TYR H 64 41.36 43.27 44.91
N GLY H 65 40.68 44.45 44.80
CA GLY H 65 41.19 45.66 44.21
C GLY H 65 41.88 45.41 42.89
N GLY H 66 43.09 45.89 42.63
CA GLY H 66 43.94 45.77 41.50
C GLY H 66 44.39 44.38 41.20
N VAL H 67 44.46 43.43 42.10
CA VAL H 67 44.71 42.01 41.66
C VAL H 67 43.54 41.40 40.93
N LEU H 68 42.30 41.77 41.14
CA LEU H 68 41.12 41.16 40.61
C LEU H 68 40.79 41.76 39.23
N SER H 69 41.05 43.05 39.10
CA SER H 69 40.82 43.76 37.87
C SER H 69 41.99 43.73 36.93
N ASN H 70 43.24 43.72 37.37
CA ASN H 70 44.32 43.80 36.39
C ASN H 70 45.21 42.61 36.20
N PHE H 71 44.90 41.51 36.86
CA PHE H 71 45.80 40.39 36.82
C PHE H 71 45.07 39.07 36.60
N SER H 72 45.87 38.16 36.03
CA SER H 72 45.27 36.85 35.87
C SER H 72 46.36 35.98 36.49
N GLY H 73 45.98 34.77 36.85
CA GLY H 73 47.14 33.97 37.29
C GLY H 73 46.74 32.81 38.15
N THR H 74 47.78 32.24 38.74
CA THR H 74 47.60 31.05 39.49
C THR H 74 48.11 31.10 40.93
N VAL H 75 47.71 30.03 41.65
CA VAL H 75 48.25 29.84 42.97
C VAL H 75 48.90 28.45 43.00
N LYS H 76 50.16 28.50 43.47
CA LYS H 76 50.89 27.26 43.59
C LYS H 76 50.77 26.87 45.06
N TYR H 77 50.20 25.71 45.33
CA TYR H 77 50.11 25.25 46.68
C TYR H 77 50.92 23.98 46.78
N SER H 78 51.96 24.03 47.58
CA SER H 78 52.70 22.76 47.77
C SER H 78 52.96 22.05 46.44
N GLY H 79 53.58 22.71 45.45
CA GLY H 79 53.97 21.97 44.25
C GLY H 79 52.91 21.90 43.16
N SER H 80 51.65 22.22 43.41
CA SER H 80 50.65 22.22 42.37
C SER H 80 50.08 23.61 42.18
N SER H 81 49.71 23.88 40.96
CA SER H 81 49.14 25.13 40.49
C SER H 81 47.67 24.92 40.15
N TYR H 82 46.87 25.78 40.75
CA TYR H 82 45.44 25.83 40.55
C TYR H 82 45.14 27.24 40.04
N PRO H 83 43.95 27.41 39.51
CA PRO H 83 43.50 28.72 39.12
C PRO H 83 43.38 29.60 40.33
N PHE H 84 43.67 30.91 40.27
CA PHE H 84 43.42 31.89 41.28
C PHE H 84 42.71 33.10 40.65
N PRO H 85 41.64 33.67 41.12
CA PRO H 85 40.91 33.21 42.32
C PRO H 85 40.72 31.74 42.29
N THR H 86 40.58 31.00 43.39
CA THR H 86 40.53 29.56 43.31
C THR H 86 39.14 29.04 43.04
N THR H 87 39.15 27.85 42.43
CA THR H 87 37.80 27.27 42.21
C THR H 87 37.48 26.18 43.20
N SER H 88 38.43 25.78 44.08
CA SER H 88 37.98 24.79 45.06
C SER H 88 39.18 24.53 46.01
N GLU H 89 38.86 23.85 47.07
CA GLU H 89 39.76 23.53 48.13
C GLU H 89 40.79 22.57 47.56
N THR H 90 42.04 22.90 47.69
CA THR H 90 43.17 22.06 47.38
C THR H 90 43.25 20.83 48.28
N PRO H 91 44.12 19.92 47.84
CA PRO H 91 44.48 18.72 48.61
C PRO H 91 45.15 19.09 49.93
N ARG H 92 45.30 18.21 50.89
CA ARG H 92 45.96 18.39 52.14
C ARG H 92 47.47 18.48 52.05
N VAL H 93 48.09 19.16 52.98
CA VAL H 93 49.51 19.07 53.28
C VAL H 93 49.54 18.62 54.76
N VAL H 94 50.48 17.82 55.18
CA VAL H 94 50.62 17.34 56.53
C VAL H 94 51.66 18.14 57.32
N TYR H 95 51.19 18.48 58.52
CA TYR H 95 52.08 19.22 59.48
C TYR H 95 52.23 18.32 60.68
N ASN H 96 53.50 18.04 60.84
CA ASN H 96 53.70 16.97 61.90
C ASN H 96 54.91 17.37 62.69
N SER H 97 55.04 18.67 62.88
CA SER H 97 56.19 19.12 63.67
C SER H 97 55.83 20.35 64.47
N ARG H 98 56.48 20.43 65.62
CA ARG H 98 56.32 21.59 66.50
C ARG H 98 57.17 22.73 65.95
N THR H 99 58.10 22.46 65.04
CA THR H 99 58.93 23.59 64.56
C THR H 99 58.18 24.18 63.35
N ASP H 100 58.16 25.48 63.36
CA ASP H 100 57.49 26.31 62.41
C ASP H 100 58.13 25.98 61.07
N LYS H 101 57.21 25.62 60.18
CA LYS H 101 57.52 25.41 58.78
C LYS H 101 56.64 26.39 58.05
N PRO H 102 56.97 26.85 56.84
CA PRO H 102 56.16 27.67 55.97
C PRO H 102 54.82 27.09 55.52
N TRP H 103 53.78 27.92 55.22
CA TRP H 103 52.62 27.35 54.50
C TRP H 103 52.96 27.64 53.02
N PRO H 104 53.15 26.60 52.25
CA PRO H 104 53.75 26.71 50.92
C PRO H 104 52.79 27.28 49.88
N VAL H 105 52.43 28.54 49.89
CA VAL H 105 51.46 29.13 49.02
C VAL H 105 52.14 30.26 48.26
N ALA H 106 52.01 30.27 46.94
CA ALA H 106 52.57 31.42 46.19
C ALA H 106 51.57 31.81 45.09
N LEU H 107 51.39 33.11 44.89
CA LEU H 107 50.51 33.62 43.85
C LEU H 107 51.35 34.04 42.67
N TYR H 108 50.97 33.64 41.51
CA TYR H 108 51.78 33.94 40.29
C TYR H 108 50.88 34.89 39.46
N LEU H 109 51.10 36.20 39.43
CA LEU H 109 50.13 37.01 38.75
C LEU H 109 50.66 37.76 37.53
N THR H 110 49.96 37.64 36.38
CA THR H 110 50.38 38.35 35.15
C THR H 110 49.45 39.51 34.82
N PRO H 111 49.96 40.70 34.68
CA PRO H 111 49.14 41.84 34.27
C PRO H 111 48.50 41.53 32.93
N VAL H 112 47.24 41.86 32.77
CA VAL H 112 46.56 41.74 31.47
C VAL H 112 46.96 43.00 30.69
N SER H 113 46.51 43.16 29.46
CA SER H 113 46.83 44.21 28.54
C SER H 113 46.17 45.53 28.84
N SER H 114 44.96 45.37 29.39
CA SER H 114 44.23 46.59 29.77
C SER H 114 44.79 47.14 31.08
N ALA H 115 45.69 46.48 31.78
CA ALA H 115 46.09 47.10 33.06
C ALA H 115 46.98 48.29 32.74
N GLY H 116 46.92 49.37 33.46
CA GLY H 116 47.92 50.46 33.20
C GLY H 116 48.20 51.17 34.55
N GLY H 117 49.18 51.99 34.53
CA GLY H 117 49.75 52.76 35.59
C GLY H 117 49.98 51.80 36.77
N VAL H 118 49.33 52.25 37.82
CA VAL H 118 49.18 51.62 39.10
C VAL H 118 48.19 50.48 39.01
N ALA H 119 48.72 49.24 38.95
CA ALA H 119 47.78 48.12 38.76
C ALA H 119 47.44 47.57 40.16
N ILE H 120 48.31 47.88 41.17
CA ILE H 120 48.00 47.51 42.52
C ILE H 120 48.40 48.73 43.34
N LYS H 121 47.42 49.28 44.10
CA LYS H 121 47.77 50.49 44.84
C LYS H 121 48.41 50.13 46.17
N ALA H 122 49.40 50.98 46.49
CA ALA H 122 50.01 50.79 47.83
C ALA H 122 49.02 50.66 48.95
N GLY H 123 49.24 49.82 49.98
CA GLY H 123 48.35 49.91 51.19
C GLY H 123 47.06 49.17 50.95
N SER H 124 46.55 48.81 49.82
CA SER H 124 45.33 48.11 49.54
C SER H 124 45.44 46.58 49.67
N LEU H 125 44.30 45.96 49.82
CA LEU H 125 44.01 44.58 50.04
C LEU H 125 44.21 43.91 48.70
N ILE H 126 45.03 42.92 48.57
CA ILE H 126 45.34 42.25 47.27
C ILE H 126 44.63 40.93 47.21
N ALA H 127 44.53 40.25 48.37
CA ALA H 127 44.03 38.92 48.48
C ALA H 127 43.63 38.49 49.88
N VAL H 128 42.70 37.51 49.88
CA VAL H 128 42.32 36.84 51.11
C VAL H 128 42.49 35.31 50.85
N LEU H 129 43.33 34.71 51.65
CA LEU H 129 43.72 33.31 51.64
C LEU H 129 43.23 32.61 52.94
N ILE H 130 42.41 31.62 52.74
CA ILE H 130 41.91 30.85 53.89
C ILE H 130 42.65 29.52 54.06
N LEU H 131 43.28 29.42 55.25
CA LEU H 131 44.03 28.17 55.54
C LEU H 131 43.00 27.37 56.34
N ARG H 132 42.65 26.16 55.92
CA ARG H 132 41.80 25.24 56.62
C ARG H 132 42.60 24.04 57.25
N GLN H 133 42.47 23.89 58.59
CA GLN H 133 43.20 22.81 59.28
C GLN H 133 42.31 21.77 59.92
N THR H 134 42.45 20.50 59.58
CA THR H 134 41.68 19.40 60.17
C THR H 134 42.67 18.42 60.80
N ASN H 135 42.33 17.23 61.27
CA ASN H 135 43.28 16.35 61.95
C ASN H 135 42.82 14.90 61.99
N ASN H 136 43.69 13.96 62.40
CA ASN H 136 43.22 12.55 62.52
C ASN H 136 42.82 12.16 63.94
N TYR H 137 42.29 13.03 64.77
CA TYR H 137 42.01 12.84 66.15
C TYR H 137 40.57 13.26 66.38
N ASN H 138 40.31 14.57 66.38
CA ASN H 138 38.90 14.93 66.64
C ASN H 138 38.31 15.49 65.35
N SER H 139 37.27 16.26 65.52
CA SER H 139 36.53 16.73 64.35
C SER H 139 36.77 18.23 64.14
N ASP H 140 37.82 18.76 64.77
CA ASP H 140 38.30 20.11 64.69
C ASP H 140 38.54 20.56 63.25
N ASP H 141 37.85 21.63 62.84
CA ASP H 141 37.88 22.18 61.50
C ASP H 141 37.96 23.71 61.56
N PHE H 142 39.15 24.22 61.57
CA PHE H 142 39.43 25.62 61.84
C PHE H 142 39.90 26.45 60.65
N GLN H 143 39.65 27.76 60.67
CA GLN H 143 39.94 28.56 59.52
C GLN H 143 40.89 29.64 60.00
N PHE H 144 42.00 29.72 59.23
CA PHE H 144 42.98 30.72 59.52
C PHE H 144 42.96 31.70 58.37
N VAL H 145 42.50 32.93 58.58
CA VAL H 145 42.27 33.93 57.57
C VAL H 145 43.37 34.98 57.44
N TRP H 146 44.06 35.05 56.30
CA TRP H 146 45.25 35.84 56.03
C TRP H 146 44.85 36.82 54.91
N ASN H 147 44.92 38.07 55.33
CA ASN H 147 44.49 39.21 54.62
C ASN H 147 45.84 39.83 54.13
N ILE H 148 46.01 39.74 52.80
CA ILE H 148 47.26 40.16 52.18
C ILE H 148 47.13 41.59 51.63
N TYR H 149 47.94 42.40 52.30
CA TYR H 149 47.99 43.80 52.00
C TYR H 149 49.33 44.14 51.36
N ALA H 150 49.13 44.87 50.25
CA ALA H 150 50.32 45.30 49.50
C ALA H 150 50.93 46.49 50.21
N ASN H 151 52.22 46.56 50.48
CA ASN H 151 52.85 47.75 51.01
C ASN H 151 53.20 48.82 50.00
N ASN H 152 53.31 48.46 48.74
CA ASN H 152 53.71 49.47 47.74
C ASN H 152 52.98 49.27 46.43
N ASP H 153 53.00 50.27 45.60
CA ASP H 153 52.51 50.40 44.26
C ASP H 153 53.17 49.41 43.32
N VAL H 154 52.37 48.81 42.48
CA VAL H 154 52.89 47.89 41.47
C VAL H 154 52.51 48.57 40.15
N VAL H 155 53.49 48.97 39.38
CA VAL H 155 53.29 49.69 38.11
C VAL H 155 53.46 48.80 36.88
N VAL H 156 52.52 48.92 35.94
CA VAL H 156 52.53 48.16 34.68
C VAL H 156 52.72 49.17 33.57
N PRO H 157 53.98 49.35 33.19
CA PRO H 157 54.36 50.40 32.19
C PRO H 157 53.54 50.31 30.94
N THR H 158 53.00 51.34 30.32
CA THR H 158 52.27 51.10 29.10
C THR H 158 53.07 50.60 27.93
N GLY H 159 52.57 49.73 27.07
CA GLY H 159 53.28 49.32 25.83
C GLY H 159 53.05 50.17 24.63
N GLY H 160 53.79 50.02 23.54
CA GLY H 160 53.66 50.83 22.31
C GLY H 160 52.35 50.25 21.70
N CYS H 161 51.84 50.82 20.64
CA CYS H 161 50.60 50.28 20.06
C CYS H 161 50.86 49.30 18.97
N ASP H 162 49.82 48.77 18.39
CA ASP H 162 49.80 47.81 17.31
C ASP H 162 49.21 48.39 16.03
N VAL H 163 50.07 48.34 15.05
CA VAL H 163 49.79 48.93 13.74
C VAL H 163 49.48 47.76 12.86
N SER H 164 48.18 47.59 12.66
CA SER H 164 47.71 46.45 11.88
C SER H 164 47.52 46.88 10.43
N ALA H 165 48.35 46.39 9.54
CA ALA H 165 48.31 46.58 8.10
C ALA H 165 47.93 45.28 7.34
N ARG H 166 46.64 45.14 7.07
CA ARG H 166 46.09 43.95 6.42
C ARG H 166 46.98 43.31 5.35
N ASP H 167 47.49 44.04 4.34
CA ASP H 167 48.40 43.46 3.36
C ASP H 167 49.78 44.10 3.26
N VAL H 168 50.49 43.79 2.21
CA VAL H 168 51.67 44.26 1.50
C VAL H 168 51.16 44.65 0.10
N THR H 169 50.28 45.59 -0.05
CA THR H 169 49.37 46.09 -1.02
C THR H 169 49.63 46.16 -2.52
N VAL H 170 48.71 45.56 -3.27
CA VAL H 170 48.75 45.58 -4.74
C VAL H 170 48.22 46.91 -5.26
N THR H 171 49.06 47.74 -5.87
CA THR H 171 48.64 49.10 -6.20
C THR H 171 48.54 49.08 -7.73
N LEU H 172 47.69 48.23 -8.33
CA LEU H 172 47.98 48.01 -9.27
C LEU H 172 47.01 49.15 -8.85
N PRO H 173 46.44 49.90 -9.75
CA PRO H 173 46.47 49.67 -11.16
C PRO H 173 47.82 49.45 -11.80
N ASP H 174 47.91 48.71 -12.31
CA ASP H 174 48.94 48.97 -13.25
C ASP H 174 48.35 50.18 -13.97
N TYR H 175 47.14 50.41 -13.49
CA TYR H 175 46.56 51.60 -13.88
C TYR H 175 46.55 52.58 -12.77
N PRO H 176 46.58 53.40 -13.50
CA PRO H 176 46.54 54.21 -13.91
C PRO H 176 45.99 54.97 -12.71
N GLY H 177 45.32 54.34 -11.77
CA GLY H 177 44.64 54.82 -10.61
C GLY H 177 45.05 54.85 -9.15
N SER H 178 44.10 54.99 -8.24
CA SER H 178 44.33 55.15 -6.80
C SER H 178 43.74 53.96 -6.05
N VAL H 179 44.10 53.63 -4.84
CA VAL H 179 43.73 52.57 -3.97
C VAL H 179 43.99 52.85 -2.47
N PRO H 180 42.99 52.44 -1.67
CA PRO H 180 43.07 52.69 -0.24
C PRO H 180 44.15 51.76 0.23
N ILE H 181 44.75 52.03 1.38
CA ILE H 181 45.81 51.23 1.96
C ILE H 181 45.37 50.98 3.40
N PRO H 182 44.91 49.77 3.66
CA PRO H 182 44.25 49.47 4.95
C PRO H 182 45.29 49.62 6.01
N LEU H 183 45.20 50.60 6.89
CA LEU H 183 46.17 50.89 7.90
C LEU H 183 45.50 51.70 9.04
N THR H 184 45.49 50.89 10.11
CA THR H 184 44.85 51.16 11.40
C THR H 184 45.81 50.92 12.53
N VAL H 185 45.73 51.63 13.64
CA VAL H 185 46.51 51.50 14.80
C VAL H 185 45.62 51.37 16.05
N TYR H 186 46.09 50.58 17.01
CA TYR H 186 45.27 50.67 18.25
C TYR H 186 46.21 50.61 19.46
N CYS H 187 45.86 51.30 20.51
CA CYS H 187 46.69 51.17 21.72
C CYS H 187 45.91 50.51 22.84
N ALA H 188 46.51 49.60 23.60
CA ALA H 188 45.90 49.09 24.83
C ALA H 188 45.73 50.23 25.78
N LYS H 189 46.58 51.25 25.93
CA LYS H 189 46.34 52.36 26.80
C LYS H 189 46.40 53.62 25.91
N SER H 190 45.30 54.37 25.96
CA SER H 190 45.12 55.56 25.24
C SER H 190 46.35 56.45 25.47
N GLN H 191 46.91 56.87 24.32
CA GLN H 191 48.04 57.78 24.23
C GLN H 191 47.97 58.61 22.94
N ASN H 192 48.69 59.73 22.93
CA ASN H 192 48.74 60.55 21.73
C ASN H 192 49.69 59.98 20.72
N LEU H 193 49.30 59.83 19.45
CA LEU H 193 50.27 59.31 18.48
C LEU H 193 50.40 60.33 17.34
N GLY H 194 51.58 60.23 16.72
CA GLY H 194 51.95 61.03 15.58
C GLY H 194 52.65 60.01 14.66
N TYR H 195 52.67 60.30 13.38
CA TYR H 195 53.41 59.47 12.43
C TYR H 195 54.07 60.40 11.38
N TYR H 196 55.14 59.86 10.77
CA TYR H 196 55.75 60.52 9.66
C TYR H 196 56.25 59.45 8.68
N LEU H 197 56.35 59.78 7.42
CA LEU H 197 56.72 58.92 6.31
C LEU H 197 58.21 59.14 6.04
N SER H 198 58.82 58.09 5.48
CA SER H 198 60.22 58.30 5.15
C SER H 198 60.56 57.38 3.98
N GLY H 199 61.44 57.79 3.15
CA GLY H 199 61.97 57.03 2.03
C GLY H 199 62.61 57.91 1.00
N THR H 200 62.97 57.49 -0.18
CA THR H 200 63.43 58.23 -1.32
C THR H 200 62.26 58.86 -2.08
N THR H 201 62.45 60.16 -2.20
CA THR H 201 61.52 61.04 -2.87
C THR H 201 62.14 61.74 -4.08
N ALA H 202 61.29 62.01 -5.06
CA ALA H 202 61.74 62.54 -6.33
C ALA H 202 61.55 64.02 -6.59
N ASP H 203 60.77 64.69 -5.78
CA ASP H 203 60.27 66.01 -6.08
C ASP H 203 60.73 67.01 -5.07
N ALA H 204 60.66 68.29 -5.44
CA ALA H 204 61.09 69.36 -4.57
C ALA H 204 60.20 69.30 -3.32
N GLY H 205 58.96 68.93 -3.47
CA GLY H 205 57.91 68.91 -2.47
C GLY H 205 58.02 67.74 -1.56
N ASN H 206 58.80 66.77 -2.06
CA ASN H 206 59.23 65.59 -1.30
C ASN H 206 58.06 64.83 -0.74
N SER H 207 57.12 64.51 -1.64
CA SER H 207 55.98 63.67 -1.40
C SER H 207 55.84 62.60 -2.47
N ILE H 208 56.81 62.47 -3.40
CA ILE H 208 56.57 61.45 -4.41
C ILE H 208 57.67 60.44 -4.27
N PHE H 209 57.27 59.27 -3.76
CA PHE H 209 58.27 58.21 -3.55
C PHE H 209 58.71 57.51 -4.83
N THR H 210 60.01 57.41 -5.01
CA THR H 210 60.58 56.80 -6.21
C THR H 210 60.07 55.41 -6.48
N ASN H 211 60.11 55.02 -7.75
CA ASN H 211 59.88 53.67 -8.26
C ASN H 211 61.22 52.93 -8.05
N THR H 212 61.04 51.69 -7.65
CA THR H 212 62.23 50.89 -7.26
C THR H 212 62.03 49.48 -7.73
N ALA H 213 61.05 49.25 -8.61
CA ALA H 213 60.92 47.92 -9.23
C ALA H 213 62.23 47.59 -9.93
N SER H 214 62.69 46.35 -9.90
CA SER H 214 63.95 46.02 -10.56
C SER H 214 63.74 44.79 -11.42
N PHE H 215 62.69 44.76 -12.17
CA PHE H 215 62.18 43.73 -13.04
C PHE H 215 61.22 44.53 -13.95
N SER H 216 61.64 44.74 -15.17
CA SER H 216 60.91 45.51 -16.19
C SER H 216 60.15 46.69 -15.60
N PRO H 217 60.89 47.69 -15.15
CA PRO H 217 60.27 48.86 -14.52
C PRO H 217 59.51 49.85 -15.37
N ALA H 218 58.43 50.42 -14.85
CA ALA H 218 57.83 51.56 -15.51
C ALA H 218 58.83 52.73 -15.39
N GLN H 219 58.44 53.91 -15.92
CA GLN H 219 59.32 55.04 -15.88
C GLN H 219 58.38 56.24 -15.74
N GLY H 220 58.88 57.33 -15.18
CA GLY H 220 58.12 58.51 -14.99
C GLY H 220 57.09 58.61 -13.87
N VAL H 221 56.86 57.50 -13.17
CA VAL H 221 55.91 57.33 -12.13
C VAL H 221 56.47 57.02 -10.74
N GLY H 222 55.83 57.75 -9.80
CA GLY H 222 56.25 57.61 -8.36
C GLY H 222 54.94 57.25 -7.63
N VAL H 223 55.06 57.13 -6.29
CA VAL H 223 53.83 56.78 -5.58
C VAL H 223 53.62 57.81 -4.48
N GLN H 224 52.46 58.42 -4.42
CA GLN H 224 52.27 59.47 -3.41
C GLN H 224 51.14 59.00 -2.50
N LEU H 225 51.16 59.41 -1.27
CA LEU H 225 50.16 59.10 -0.27
C LEU H 225 49.32 60.32 0.10
N THR H 226 48.10 59.99 0.52
CA THR H 226 47.00 60.86 0.77
C THR H 226 46.26 60.22 1.94
N ARG H 227 45.90 61.01 2.90
CA ARG H 227 45.12 60.82 4.09
C ARG H 227 43.89 61.70 3.70
N ASN H 228 42.78 61.05 3.49
CA ASN H 228 41.55 61.64 2.94
C ASN H 228 41.80 62.81 2.00
N GLY H 229 42.47 62.59 0.88
CA GLY H 229 42.77 63.77 0.04
C GLY H 229 44.02 64.57 0.40
N THR H 230 44.52 64.65 1.66
CA THR H 230 45.63 65.46 1.99
C THR H 230 46.97 64.70 1.81
N ILE H 231 47.80 65.28 0.95
CA ILE H 231 49.05 64.70 0.55
C ILE H 231 49.91 64.72 1.81
N ILE H 232 50.64 63.62 1.92
CA ILE H 232 51.56 63.55 3.08
C ILE H 232 52.98 63.56 2.57
N PRO H 233 53.71 64.62 2.84
CA PRO H 233 55.13 64.70 2.37
C PRO H 233 55.98 63.84 3.34
N ALA H 234 57.20 63.37 3.15
CA ALA H 234 58.05 62.58 3.97
C ALA H 234 58.52 63.44 5.15
N ASN H 235 58.85 62.86 6.29
CA ASN H 235 59.23 63.71 7.43
C ASN H 235 58.27 64.78 7.83
N ASN H 236 56.98 64.79 7.61
CA ASN H 236 56.08 65.87 8.09
C ASN H 236 55.20 65.21 9.13
N THR H 237 55.37 65.35 10.43
CA THR H 237 54.55 64.57 11.36
C THR H 237 53.04 64.79 11.24
N VAL H 238 52.25 63.71 11.05
CA VAL H 238 50.80 63.82 11.11
C VAL H 238 50.32 63.36 12.49
N SER H 239 49.64 64.23 13.19
CA SER H 239 48.99 64.11 14.47
C SER H 239 47.73 63.29 14.46
N LEU H 240 47.64 62.16 15.18
CA LEU H 240 46.43 61.36 15.22
C LEU H 240 45.59 61.63 16.44
N GLY H 241 46.15 62.29 17.41
CA GLY H 241 45.42 62.58 18.67
C GLY H 241 45.57 61.29 19.51
N ALA H 242 44.56 61.09 20.34
CA ALA H 242 44.58 60.04 21.36
C ALA H 242 44.08 58.80 20.69
N VAL H 243 44.80 57.73 20.75
CA VAL H 243 44.35 56.48 20.12
C VAL H 243 44.22 55.51 21.26
N GLY H 244 43.02 54.93 21.40
CA GLY H 244 42.76 53.96 22.48
C GLY H 244 42.51 52.58 21.87
N THR H 245 41.64 51.84 22.54
CA THR H 245 41.22 50.49 22.23
C THR H 245 40.62 50.29 20.83
N SER H 246 39.87 51.34 20.46
CA SER H 246 39.24 51.24 19.13
C SER H 246 40.20 51.60 18.00
N ALA H 247 40.52 50.73 17.07
CA ALA H 247 41.42 51.03 15.96
C ALA H 247 41.13 52.34 15.20
N VAL H 248 42.06 53.30 15.12
CA VAL H 248 41.83 54.52 14.37
C VAL H 248 42.39 54.34 12.94
N SER H 249 41.63 54.53 11.84
CA SER H 249 42.23 54.35 10.54
C SER H 249 43.15 55.51 10.24
N LEU H 250 44.19 55.43 9.47
CA LEU H 250 45.03 56.60 9.11
C LEU H 250 44.46 57.19 7.81
N GLY H 251 43.52 56.48 7.15
CA GLY H 251 42.82 56.83 5.94
C GLY H 251 43.70 57.13 4.74
N LEU H 252 44.60 56.25 4.46
CA LEU H 252 45.57 56.29 3.43
C LEU H 252 45.11 55.81 2.05
N THR H 253 45.52 56.63 1.06
CA THR H 253 45.38 56.19 -0.30
C THR H 253 46.73 56.20 -1.00
N ALA H 254 47.04 55.22 -1.84
CA ALA H 254 48.24 55.19 -2.62
C ALA H 254 47.87 55.83 -3.92
N ASN H 255 48.69 56.65 -4.52
CA ASN H 255 48.31 57.19 -5.83
C ASN H 255 49.61 57.22 -6.64
N TYR H 256 49.39 57.25 -7.95
CA TYR H 256 50.53 57.41 -8.83
C TYR H 256 50.64 58.90 -9.16
N ALA H 257 51.89 59.35 -9.09
CA ALA H 257 52.14 60.75 -9.41
C ALA H 257 53.38 60.73 -10.30
N ARG H 258 53.52 61.71 -11.17
CA ARG H 258 54.57 61.72 -12.18
C ARG H 258 55.83 62.28 -11.56
N THR H 259 56.91 61.73 -12.06
CA THR H 259 58.25 62.08 -11.60
C THR H 259 59.28 62.63 -12.57
N GLY H 260 58.96 62.82 -13.85
CA GLY H 260 59.89 63.18 -14.87
C GLY H 260 59.55 63.20 -16.35
N GLY H 261 60.22 62.40 -17.15
CA GLY H 261 60.14 62.29 -18.58
C GLY H 261 59.09 61.28 -18.99
N GLN H 262 59.08 60.71 -20.16
CA GLN H 262 58.06 59.82 -20.70
C GLN H 262 57.45 58.91 -19.64
N VAL H 263 56.14 58.78 -19.50
CA VAL H 263 55.66 57.77 -18.56
C VAL H 263 55.75 56.46 -19.36
N THR H 264 56.30 55.41 -18.80
CA THR H 264 56.48 54.12 -19.43
C THR H 264 55.83 52.96 -18.68
N ALA H 265 55.24 52.03 -19.46
CA ALA H 265 54.54 50.91 -18.87
C ALA H 265 55.56 50.02 -18.16
N GLY H 266 55.06 49.31 -17.14
CA GLY H 266 55.97 48.37 -16.47
C GLY H 266 55.55 48.25 -15.02
N ASN H 267 56.43 47.63 -14.26
CA ASN H 267 56.09 47.47 -12.83
C ASN H 267 56.50 48.72 -12.04
N VAL H 268 55.67 49.07 -11.09
CA VAL H 268 55.80 50.18 -10.17
C VAL H 268 55.80 49.62 -8.76
N GLN H 269 56.93 49.67 -8.08
CA GLN H 269 57.01 49.13 -6.71
C GLN H 269 57.75 50.10 -5.81
N SER H 270 57.13 50.45 -4.67
CA SER H 270 57.90 51.30 -3.77
C SER H 270 57.68 50.80 -2.37
N ILE H 271 58.60 51.10 -1.48
CA ILE H 271 58.67 50.75 -0.08
C ILE H 271 58.81 52.05 0.70
N ILE H 272 57.92 52.39 1.59
CA ILE H 272 57.95 53.65 2.34
C ILE H 272 58.05 53.44 3.83
N GLY H 273 58.75 54.22 4.65
CA GLY H 273 58.56 53.96 6.07
C GLY H 273 57.36 54.71 6.63
N VAL H 274 56.82 54.26 7.78
CA VAL H 274 55.75 54.97 8.50
C VAL H 274 56.18 54.94 9.96
N THR H 275 56.70 55.98 10.56
CA THR H 275 57.25 56.00 11.91
C THR H 275 56.19 56.51 12.91
N PHE H 276 55.77 55.71 13.86
CA PHE H 276 54.77 56.22 14.80
C PHE H 276 55.59 56.78 15.99
N VAL H 277 55.30 57.96 16.48
CA VAL H 277 56.13 58.65 17.45
C VAL H 277 55.33 58.76 18.76
N TYR H 278 55.99 58.25 19.83
CA TYR H 278 55.32 58.18 21.12
C TYR H 278 55.57 59.43 21.93
N GLN H 279 54.51 59.83 22.65
CA GLN H 279 54.62 60.91 23.59
C GLN H 279 55.24 60.41 24.89
N GLY I 1 114.45 -46.09 25.32
CA GLY I 1 114.59 -45.91 26.82
C GLY I 1 115.08 -44.46 27.00
N VAL I 2 115.61 -43.90 25.91
CA VAL I 2 116.00 -42.49 26.10
C VAL I 2 114.84 -41.62 25.60
N ALA I 3 114.67 -40.53 26.34
CA ALA I 3 113.69 -39.50 26.03
C ALA I 3 114.46 -38.20 25.76
N LEU I 4 113.78 -37.23 25.17
CA LEU I 4 114.40 -35.96 24.83
C LEU I 4 113.69 -34.76 25.47
N GLY I 5 114.40 -33.62 25.46
CA GLY I 5 113.94 -32.36 26.00
C GLY I 5 112.57 -31.95 25.53
N ALA I 6 112.28 -32.08 24.23
CA ALA I 6 110.89 -31.75 23.85
C ALA I 6 110.52 -32.39 22.51
N THR I 7 109.43 -31.91 21.98
CA THR I 7 108.96 -32.24 20.66
C THR I 7 109.51 -31.37 19.53
N ARG I 8 110.46 -30.44 19.71
CA ARG I 8 110.97 -29.72 18.53
C ARG I 8 112.12 -28.77 18.91
N VAL I 9 112.93 -28.42 17.92
CA VAL I 9 114.04 -27.51 18.11
C VAL I 9 113.66 -26.30 17.20
N ILE I 10 114.18 -25.16 17.61
CA ILE I 10 114.09 -23.87 17.02
C ILE I 10 115.53 -23.38 16.81
N TYR I 11 115.76 -22.72 15.67
CA TYR I 11 117.11 -22.23 15.43
C TYR I 11 117.22 -20.79 14.95
N PRO I 12 117.07 -19.81 15.83
CA PRO I 12 117.21 -18.41 15.54
C PRO I 12 118.54 -18.03 14.91
N ALA I 13 118.46 -17.19 13.87
CA ALA I 13 119.66 -16.74 13.18
C ALA I 13 120.73 -16.24 14.16
N GLY I 14 121.99 -16.46 13.82
CA GLY I 14 123.10 -15.96 14.56
C GLY I 14 123.66 -16.73 15.72
N GLN I 15 123.08 -17.89 16.08
CA GLN I 15 123.60 -18.64 17.22
C GLN I 15 124.65 -19.63 16.77
N LYS I 16 125.62 -19.88 17.62
CA LYS I 16 126.63 -20.90 17.28
C LYS I 16 126.04 -22.30 17.40
N GLN I 17 125.30 -22.60 18.47
CA GLN I 17 124.82 -23.94 18.77
C GLN I 17 123.76 -24.15 19.84
N VAL I 18 122.49 -24.33 19.49
CA VAL I 18 121.41 -24.63 20.43
C VAL I 18 121.66 -26.05 20.98
N GLN I 19 120.87 -26.38 21.98
CA GLN I 19 120.97 -27.66 22.65
C GLN I 19 119.60 -28.18 23.05
N LEU I 20 119.65 -29.49 23.32
CA LEU I 20 118.42 -30.21 23.69
C LEU I 20 118.86 -31.26 24.68
N ALA I 21 117.96 -31.52 25.62
CA ALA I 21 118.30 -32.53 26.64
C ALA I 21 117.95 -33.93 26.11
N VAL I 22 118.78 -34.89 26.45
CA VAL I 22 118.69 -36.30 26.10
C VAL I 22 118.80 -37.10 27.40
N THR I 23 117.67 -37.55 27.98
CA THR I 23 117.73 -38.24 29.26
C THR I 23 117.46 -39.74 29.23
N ASN I 24 118.51 -40.55 29.44
CA ASN I 24 118.40 -42.01 29.50
C ASN I 24 117.75 -42.47 30.80
N ASN I 25 116.45 -42.71 30.82
CA ASN I 25 115.73 -43.13 31.99
C ASN I 25 115.95 -44.59 32.42
N ASP I 26 116.55 -45.47 31.62
CA ASP I 26 116.69 -46.87 32.03
C ASP I 26 117.49 -47.08 33.31
N GLU I 27 117.89 -48.18 33.96
CA GLU I 27 118.86 -48.19 35.15
C GLU I 27 120.02 -48.32 35.05
N ASN I 28 119.87 -49.49 34.43
CA ASN I 28 120.91 -50.38 33.94
C ASN I 28 120.78 -50.43 32.41
N SER I 29 121.89 -49.94 31.80
CA SER I 29 121.89 -49.66 30.38
C SER I 29 123.11 -49.09 29.71
N THR I 30 123.65 -49.65 28.65
CA THR I 30 124.80 -49.07 27.92
C THR I 30 124.34 -48.55 26.55
N TYR I 31 123.69 -47.37 26.48
CA TYR I 31 123.21 -46.99 25.14
C TYR I 31 124.32 -46.31 24.36
N LEU I 32 124.42 -46.57 23.05
CA LEU I 32 125.51 -45.94 22.29
C LEU I 32 125.01 -44.72 21.53
N ILE I 33 124.13 -43.93 22.11
CA ILE I 33 123.54 -42.73 21.56
C ILE I 33 124.30 -42.00 20.47
N GLN I 34 123.63 -41.94 19.33
CA GLN I 34 124.02 -41.38 18.05
C GLN I 34 122.99 -40.35 17.57
N SER I 35 123.49 -39.22 17.08
CA SER I 35 122.63 -38.14 16.62
C SER I 35 122.99 -37.65 15.24
N TRP I 36 122.17 -36.80 14.62
CA TRP I 36 122.38 -36.29 13.27
C TRP I 36 121.17 -35.54 12.75
N VAL I 37 121.34 -34.59 11.84
CA VAL I 37 120.25 -33.84 11.22
C VAL I 37 119.99 -34.26 9.77
N GLU I 38 118.79 -34.06 9.25
CA GLU I 38 118.49 -34.32 7.83
C GLU I 38 117.58 -33.21 7.29
N ASN I 39 117.78 -32.77 6.04
CA ASN I 39 116.95 -31.69 5.47
C ASN I 39 115.48 -32.07 5.30
N ALA I 40 114.71 -31.20 4.65
CA ALA I 40 113.29 -31.48 4.40
C ALA I 40 112.96 -32.71 3.57
N ASP I 41 113.87 -33.50 3.02
CA ASP I 41 113.54 -34.74 2.35
C ASP I 41 114.33 -35.87 3.07
N GLY I 42 114.65 -35.57 4.32
CA GLY I 42 115.35 -36.46 5.21
C GLY I 42 116.59 -37.09 4.57
N VAL I 43 117.46 -36.21 4.11
CA VAL I 43 118.74 -36.62 3.53
C VAL I 43 119.81 -36.10 4.50
N LYS I 44 120.76 -36.95 4.85
CA LYS I 44 121.88 -36.62 5.71
C LYS I 44 122.61 -35.46 5.00
N ASP I 45 122.16 -34.26 5.31
CA ASP I 45 122.54 -32.97 4.81
C ASP I 45 123.72 -32.46 5.66
N GLY I 46 124.39 -31.40 5.19
CA GLY I 46 125.51 -30.89 6.00
C GLY I 46 125.18 -29.67 6.83
N ARG I 47 124.10 -29.01 6.48
CA ARG I 47 123.58 -27.79 7.07
C ARG I 47 123.86 -27.60 8.55
N PHE I 48 123.39 -28.48 9.44
CA PHE I 48 123.59 -28.42 10.89
C PHE I 48 124.49 -29.54 11.41
N ILE I 49 125.44 -29.27 12.31
CA ILE I 49 126.25 -30.37 12.85
C ILE I 49 125.85 -30.60 14.29
N VAL I 50 125.74 -31.85 14.69
CA VAL I 50 125.33 -32.26 16.05
C VAL I 50 126.58 -32.76 16.77
N THR I 51 126.70 -32.32 18.02
CA THR I 51 127.79 -32.60 18.94
C THR I 51 127.26 -32.70 20.38
N PRO I 52 127.80 -33.66 21.14
CA PRO I 52 128.67 -34.72 20.64
C PRO I 52 127.94 -35.79 19.82
N PRO I 53 128.55 -36.24 18.71
CA PRO I 53 127.92 -37.10 17.71
C PRO I 53 127.63 -38.55 18.09
N LEU I 54 128.55 -39.17 18.80
CA LEU I 54 128.42 -40.50 19.35
C LEU I 54 129.01 -40.45 20.76
N PHE I 55 128.15 -40.69 21.74
CA PHE I 55 128.57 -40.57 23.12
C PHE I 55 128.25 -41.77 24.01
N ALA I 56 127.62 -41.48 25.16
CA ALA I 56 127.40 -42.51 26.17
C ALA I 56 126.40 -42.13 27.26
N MET I 57 125.41 -43.00 27.43
CA MET I 57 124.41 -42.92 28.47
C MET I 57 124.30 -44.32 29.14
N LYS I 58 124.96 -44.42 30.26
CA LYS I 58 125.03 -45.57 31.12
C LYS I 58 123.91 -45.59 32.17
N GLY I 59 123.59 -44.52 32.88
CA GLY I 59 122.59 -44.66 33.95
C GLY I 59 121.33 -43.85 33.71
N LYS I 60 120.77 -43.36 34.81
CA LYS I 60 119.54 -42.53 34.74
C LYS I 60 119.92 -41.05 34.81
N LYS I 61 120.96 -40.68 34.04
CA LYS I 61 121.52 -39.35 33.93
C LYS I 61 120.76 -38.54 32.89
N GLU I 62 121.36 -37.55 32.27
CA GLU I 62 120.57 -36.73 31.31
C GLU I 62 121.50 -35.80 30.55
N ASN I 63 122.22 -36.34 29.57
CA ASN I 63 123.22 -35.63 28.82
C ASN I 63 122.63 -34.49 28.00
N THR I 64 123.56 -33.80 27.35
CA THR I 64 123.30 -32.61 26.57
C THR I 64 123.78 -32.74 25.12
N LEU I 65 122.83 -32.44 24.24
CA LEU I 65 123.13 -32.50 22.80
C LEU I 65 123.19 -31.06 22.26
N ARG I 66 124.12 -30.73 21.38
CA ARG I 66 124.19 -29.37 20.86
C ARG I 66 124.28 -29.43 19.33
N ILE I 67 123.49 -28.54 18.74
CA ILE I 67 123.35 -28.48 17.30
C ILE I 67 123.89 -27.17 16.72
N LEU I 68 125.04 -27.33 16.07
CA LEU I 68 125.81 -26.24 15.50
C LEU I 68 125.13 -25.56 14.32
N ASP I 69 125.73 -25.45 13.13
CA ASP I 69 125.19 -24.68 12.04
C ASP I 69 126.21 -24.37 10.95
N ALA I 70 125.78 -24.24 9.70
CA ALA I 70 126.64 -23.87 8.61
C ALA I 70 126.01 -23.98 7.22
N THR I 71 124.71 -23.68 7.10
CA THR I 71 125.51 -23.44 6.38
C THR I 71 125.86 -22.02 5.99
N ASN I 72 127.05 -21.66 5.47
CA ASN I 72 127.17 -20.24 5.04
C ASN I 72 125.82 -19.97 4.38
N ASN I 73 125.03 -19.06 4.96
CA ASN I 73 123.64 -18.99 4.55
C ASN I 73 123.43 -18.74 3.07
N GLN I 74 122.88 -19.82 2.56
CA GLN I 74 122.44 -20.03 1.23
C GLN I 74 120.97 -20.53 1.45
N LEU I 75 120.38 -19.90 3.40
CA LEU I 75 119.00 -20.38 3.46
C LEU I 75 118.05 -19.19 3.48
N PRO I 76 116.84 -19.40 2.95
CA PRO I 76 115.79 -18.44 2.85
C PRO I 76 115.64 -17.42 3.94
N GLN I 77 115.90 -16.14 3.64
CA GLN I 77 115.79 -15.12 4.70
C GLN I 77 114.38 -14.71 5.04
N ASP I 78 113.36 -15.12 4.28
CA ASP I 78 112.01 -14.68 4.62
C ASP I 78 111.18 -15.68 5.40
N ARG I 79 111.57 -16.94 5.45
CA ARG I 79 110.77 -17.97 6.10
C ARG I 79 111.57 -18.94 6.96
N GLU I 80 110.89 -19.81 7.70
CA GLU I 80 111.66 -20.85 8.39
C GLU I 80 111.95 -21.94 7.34
N SER I 81 113.02 -22.69 7.58
CA SER I 81 113.31 -23.84 6.70
C SER I 81 112.78 -25.06 7.42
N LEU I 82 113.17 -26.32 7.21
CA LEU I 82 112.65 -27.42 8.02
C LEU I 82 113.57 -28.63 7.78
N PHE I 83 114.20 -28.98 8.89
CA PHE I 83 115.16 -30.01 9.09
C PHE I 83 114.74 -31.00 10.17
N TRP I 84 115.26 -32.21 10.23
CA TRP I 84 114.82 -33.14 11.27
C TRP I 84 115.96 -33.66 12.17
N MET I 85 115.73 -33.41 13.47
CA MET I 85 116.64 -33.89 14.49
C MET I 85 116.57 -35.39 14.73
N ASN I 86 117.73 -36.08 14.67
CA ASN I 86 117.66 -37.53 14.92
C ASN I 86 118.35 -38.15 16.11
N VAL I 87 117.62 -38.59 17.11
CA VAL I 87 118.21 -39.23 18.28
C VAL I 87 118.11 -40.74 18.27
N LYS I 88 119.14 -41.41 17.79
CA LYS I 88 119.16 -42.88 17.81
C LYS I 88 119.67 -43.50 19.12
N ALA I 89 118.82 -44.30 19.75
CA ALA I 89 119.25 -45.01 20.95
C ALA I 89 119.75 -46.44 20.62
N ILE I 90 121.07 -46.62 20.55
CA ILE I 90 121.64 -47.95 20.31
C ILE I 90 121.61 -48.80 21.58
N PRO I 91 121.38 -50.10 21.41
CA PRO I 91 121.32 -51.10 22.46
C PRO I 91 122.44 -52.12 22.58
N SER I 92 122.64 -52.61 23.80
CA SER I 92 124.07 -53.50 23.62
C SER I 92 123.86 -54.93 23.11
N MET I 93 125.00 -55.61 23.02
CA MET I 93 125.09 -56.95 22.46
C MET I 93 124.78 -58.07 23.45
N ASP I 94 123.51 -58.36 23.69
CA ASP I 94 123.13 -59.47 24.57
C ASP I 94 123.97 -60.68 24.17
N LYS I 95 125.02 -61.00 24.92
CA LYS I 95 125.95 -62.06 24.53
C LYS I 95 125.33 -63.44 24.38
N SER I 96 124.05 -63.57 24.67
CA SER I 96 123.09 -64.62 24.57
C SER I 96 122.68 -65.05 23.16
N LYS I 97 123.46 -64.77 22.14
CA LYS I 97 123.38 -65.15 20.75
C LYS I 97 124.11 -64.07 19.93
N GLU I 100 118.61 -68.17 19.21
CA GLU I 100 119.09 -67.55 17.97
C GLU I 100 117.96 -67.75 16.97
N ASN I 101 117.72 -66.66 16.28
CA ASN I 101 116.65 -66.39 15.37
C ASN I 101 115.93 -65.16 15.95
N THR I 102 116.47 -63.99 15.59
CA THR I 102 116.03 -62.71 16.12
C THR I 102 115.74 -61.64 15.08
N LEU I 103 115.11 -60.58 15.56
CA LEU I 103 114.71 -59.32 15.06
C LEU I 103 115.32 -58.24 15.96
N GLN I 104 116.44 -57.68 15.53
CA GLN I 104 117.13 -56.67 16.34
C GLN I 104 116.51 -55.32 15.99
N LEU I 105 115.93 -54.66 16.99
CA LEU I 105 115.30 -53.34 16.73
C LEU I 105 116.26 -52.31 17.34
N ALA I 106 115.92 -51.07 17.17
CA ALA I 106 116.72 -49.92 17.59
C ALA I 106 115.76 -48.73 17.41
N ILE I 107 115.45 -48.11 18.54
CA ILE I 107 114.51 -47.00 18.63
C ILE I 107 115.04 -45.64 18.30
N ILE I 108 114.35 -44.93 17.40
CA ILE I 108 114.88 -43.57 17.10
C ILE I 108 113.80 -42.56 17.49
N SER I 109 114.29 -41.39 17.95
CA SER I 109 113.43 -40.26 18.28
C SER I 109 113.76 -39.15 17.28
N ARG I 110 112.72 -38.68 16.58
CA ARG I 110 112.87 -37.67 15.55
C ARG I 110 111.83 -36.57 15.61
N ILE I 111 112.37 -35.37 15.86
CA ILE I 111 111.66 -34.11 16.01
C ILE I 111 112.03 -33.01 15.00
N LYS I 112 111.13 -32.06 14.81
CA LYS I 112 111.29 -30.97 13.88
C LYS I 112 112.37 -29.97 14.30
N LEU I 113 113.29 -29.65 13.40
CA LEU I 113 114.30 -28.63 13.60
C LEU I 113 113.92 -27.43 12.71
N TYR I 114 113.49 -26.35 13.36
CA TYR I 114 112.99 -25.20 12.63
C TYR I 114 114.01 -24.09 12.54
N TYR I 115 114.77 -23.98 11.46
CA TYR I 115 115.68 -22.83 11.32
C TYR I 115 114.91 -21.52 11.27
N ARG I 116 115.28 -20.51 12.04
CA ARG I 116 114.54 -19.24 12.12
C ARG I 116 115.35 -17.95 12.04
N PRO I 117 115.35 -17.29 10.88
CA PRO I 117 116.01 -16.02 10.63
C PRO I 117 115.58 -14.91 11.57
N ALA I 118 116.57 -14.20 12.11
CA ALA I 118 116.33 -13.08 13.03
C ALA I 118 115.76 -11.89 12.28
N LYS I 119 115.02 -11.04 12.98
CA LYS I 119 114.42 -9.85 12.37
C LYS I 119 113.17 -10.21 11.56
N LEU I 120 112.49 -11.26 12.00
CA LEU I 120 111.30 -11.69 11.24
C LEU I 120 110.24 -10.60 11.27
N ALA I 121 109.42 -10.59 10.21
CA ALA I 121 108.43 -9.51 10.02
C ALA I 121 107.30 -9.55 11.01
N LEU I 122 106.87 -10.77 11.32
CA LEU I 122 105.76 -11.04 12.22
C LEU I 122 106.19 -11.83 13.46
N PRO I 123 105.53 -11.59 14.60
CA PRO I 123 105.83 -12.27 15.85
C PRO I 123 105.18 -13.64 15.91
N PRO I 124 105.91 -14.67 16.36
CA PRO I 124 105.47 -16.04 16.37
C PRO I 124 104.15 -16.37 17.05
N ASP I 125 103.80 -15.63 18.09
CA ASP I 125 102.59 -15.87 18.85
C ASP I 125 101.34 -15.56 18.04
N GLN I 126 101.45 -14.64 17.07
CA GLN I 126 100.31 -14.29 16.25
C GLN I 126 100.48 -14.81 14.83
N ALA I 127 100.91 -16.06 14.70
CA ALA I 127 101.03 -16.66 13.36
C ALA I 127 99.90 -17.68 13.22
N ALA I 128 99.34 -18.13 14.34
CA ALA I 128 98.30 -19.16 14.23
C ALA I 128 96.92 -18.62 13.88
N GLU I 129 96.69 -17.32 13.94
CA GLU I 129 95.37 -16.81 13.56
C GLU I 129 95.38 -16.22 12.14
N LYS I 130 96.58 -16.08 11.57
CA LYS I 130 96.75 -15.56 10.21
C LYS I 130 96.23 -16.55 9.17
N LEU I 131 96.24 -17.83 9.53
CA LEU I 131 95.80 -18.91 8.66
C LEU I 131 94.29 -18.89 8.43
N ARG I 132 93.94 -19.09 7.16
CA ARG I 132 92.63 -19.09 6.55
C ARG I 132 92.59 -20.33 5.65
N PHE I 133 91.43 -20.85 5.28
CA PHE I 133 91.30 -22.13 4.61
C PHE I 133 90.88 -22.22 3.15
N ARG I 134 89.84 -22.92 2.71
CA ARG I 134 89.41 -23.03 1.32
C ARG I 134 88.65 -24.33 0.99
N ARG I 135 87.45 -24.41 1.54
CA ARG I 135 86.47 -25.47 1.37
C ARG I 135 86.62 -26.36 0.16
N SER I 136 86.94 -26.84 -0.09
CA SER I 136 86.60 -27.58 -1.25
C SER I 136 85.89 -28.91 -0.86
N ALA I 137 85.27 -29.51 -1.87
CA ALA I 137 84.48 -30.75 -1.74
C ALA I 137 85.27 -32.05 -1.80
N ASN I 138 86.59 -31.98 -1.70
CA ASN I 138 87.44 -33.19 -1.63
C ASN I 138 88.63 -32.90 -0.75
N SER I 139 88.80 -31.62 -0.41
CA SER I 139 89.98 -31.14 0.38
C SER I 139 89.72 -29.70 0.96
N LEU I 140 89.83 -29.29 2.03
CA LEU I 140 90.13 -28.18 2.93
C LEU I 140 91.59 -27.73 2.84
N THR I 141 91.87 -26.61 2.18
CA THR I 141 93.25 -26.18 2.01
C THR I 141 93.76 -25.23 3.07
N LEU I 142 94.80 -25.71 3.76
CA LEU I 142 95.44 -24.84 4.78
C LEU I 142 96.41 -23.90 4.08
N ILE I 143 96.12 -22.60 4.08
CA ILE I 143 96.96 -21.58 3.46
C ILE I 143 97.62 -20.74 4.55
N ASN I 144 98.94 -20.64 4.50
CA ASN I 144 99.76 -19.96 5.50
C ASN I 144 100.65 -18.85 4.98
N PRO I 145 100.35 -17.59 5.24
CA PRO I 145 101.11 -16.45 4.79
C PRO I 145 102.35 -16.05 5.56
N THR I 146 102.59 -16.65 6.70
CA THR I 146 103.67 -16.39 7.65
C THR I 146 104.94 -17.12 7.28
N PRO I 147 106.08 -16.68 7.82
CA PRO I 147 107.35 -17.36 7.60
C PRO I 147 107.51 -18.64 8.41
N TYR I 148 106.72 -18.83 9.46
CA TYR I 148 106.78 -20.00 10.32
C TYR I 148 106.05 -21.25 9.79
N TYR I 149 106.68 -22.39 10.12
CA TYR I 149 106.04 -23.68 9.86
C TYR I 149 104.82 -23.71 10.78
N LEU I 150 103.72 -24.33 10.41
CA LEU I 150 102.53 -24.31 11.21
C LEU I 150 101.95 -25.70 11.38
N THR I 151 102.07 -26.19 12.60
CA THR I 151 101.63 -27.55 12.94
C THR I 151 100.16 -27.51 13.31
N VAL I 152 99.28 -27.67 12.33
CA VAL I 152 97.83 -27.60 12.58
C VAL I 152 97.35 -28.93 13.16
N THR I 153 96.82 -28.87 14.38
CA THR I 153 96.29 -30.08 14.98
C THR I 153 94.82 -30.02 15.35
N GLU I 154 94.33 -31.17 15.80
CA GLU I 154 92.96 -31.31 16.27
C GLU I 154 92.03 -30.37 15.49
N LEU I 155 91.63 -30.75 14.27
CA LEU I 155 90.85 -29.89 13.39
C LEU I 155 89.61 -30.55 12.79
N ASN I 156 88.47 -29.91 13.02
CA ASN I 156 87.18 -30.36 12.54
C ASN I 156 86.22 -30.46 12.24
N ALA I 157 85.76 -29.52 11.45
CA ALA I 157 84.45 -29.49 10.71
C ALA I 157 83.25 -30.31 11.28
N GLY I 158 82.57 -29.73 12.28
CA GLY I 158 81.46 -30.33 12.95
C GLY I 158 81.81 -31.71 13.53
N THR I 159 81.79 -32.74 12.66
CA THR I 159 81.92 -34.16 13.00
C THR I 159 83.16 -34.94 12.58
N ARG I 160 83.52 -34.83 11.29
CA ARG I 160 84.67 -35.56 10.74
C ARG I 160 85.99 -35.05 11.32
N VAL I 161 86.91 -35.99 11.65
CA VAL I 161 88.23 -35.56 12.15
C VAL I 161 89.16 -35.54 11.05
N LEU I 162 89.20 -34.68 10.99
CA LEU I 162 90.19 -34.41 9.94
C LEU I 162 91.62 -34.74 10.38
N GLU I 163 92.52 -34.63 9.38
CA GLU I 163 93.92 -35.00 9.58
C GLU I 163 94.75 -33.84 10.15
N ASN I 164 95.86 -34.14 10.82
CA ASN I 164 96.69 -33.02 11.28
C ASN I 164 97.45 -32.56 10.05
N ALA I 165 98.05 -31.39 10.13
CA ALA I 165 98.74 -30.89 8.94
C ALA I 165 99.95 -30.03 9.27
N LEU I 166 100.91 -30.10 8.37
CA LEU I 166 102.14 -29.33 8.55
C LEU I 166 102.16 -28.41 7.33
N VAL I 167 101.63 -27.22 7.52
CA VAL I 167 101.51 -26.18 6.52
C VAL I 167 102.77 -25.34 6.42
N PRO I 168 103.46 -25.40 5.28
CA PRO I 168 104.71 -24.69 5.07
C PRO I 168 104.60 -23.16 5.05
N PRO I 169 105.78 -22.56 5.27
CA PRO I 169 106.00 -21.14 5.34
C PRO I 169 105.78 -20.30 4.08
N MET I 170 104.59 -19.67 4.05
CA MET I 170 104.20 -18.81 2.96
C MET I 170 103.66 -19.72 1.86
N GLY I 171 102.98 -20.75 2.39
CA GLY I 171 102.42 -21.77 1.54
C GLY I 171 101.04 -22.32 1.80
N GLU I 172 100.93 -23.62 1.42
CA GLU I 172 99.72 -24.36 1.68
C GLU I 172 99.91 -25.88 1.67
N SER I 173 98.80 -26.51 2.08
CA SER I 173 98.58 -27.91 1.97
C SER I 173 97.08 -28.08 2.32
N ALA I 174 96.71 -29.33 2.04
CA ALA I 174 95.34 -29.72 2.27
C ALA I 174 95.41 -31.05 3.02
N VAL I 175 94.25 -31.34 3.53
CA VAL I 175 93.85 -32.50 4.31
C VAL I 175 92.61 -33.00 3.58
N LYS I 176 92.11 -34.22 3.79
CA LYS I 176 90.88 -34.59 3.06
C LYS I 176 89.67 -34.02 3.81
N LEU I 177 88.76 -33.35 3.11
CA LEU I 177 87.58 -32.76 3.70
C LEU I 177 86.30 -33.49 3.29
N SER I 183 79.47 -27.39 9.05
CA SER I 183 80.87 -27.56 8.69
C SER I 183 81.63 -26.22 8.60
N ASN I 184 81.67 -25.55 9.76
CA ASN I 184 82.53 -24.36 9.92
C ASN I 184 83.92 -24.98 10.12
N ILE I 185 85.06 -24.32 10.21
CA ILE I 185 86.25 -25.15 10.47
C ILE I 185 87.04 -24.60 11.65
N THR I 186 86.88 -25.05 12.60
CA THR I 186 87.57 -24.94 13.90
C THR I 186 88.87 -25.74 13.89
N TYR I 187 89.87 -25.13 14.54
CA TYR I 187 91.19 -25.74 14.63
C TYR I 187 92.02 -25.26 15.80
N ARG I 188 93.21 -25.82 15.96
CA ARG I 188 94.23 -25.44 16.92
C ARG I 188 95.59 -25.89 16.36
N THR I 189 96.68 -25.26 16.83
CA THR I 189 98.00 -25.61 16.34
C THR I 189 98.95 -25.86 17.50
N ILE I 190 100.09 -26.45 17.20
CA ILE I 190 101.14 -26.72 18.19
C ILE I 190 102.31 -25.73 18.10
N ASN I 191 102.44 -24.91 19.13
CA ASN I 191 103.45 -23.85 19.28
C ASN I 191 104.87 -24.30 19.48
N ASP I 192 105.85 -23.50 19.89
CA ASP I 192 107.24 -23.94 19.93
C ASP I 192 107.64 -24.49 21.30
N TYR I 193 106.64 -24.57 22.19
CA TYR I 193 106.76 -25.10 23.53
C TYR I 193 105.65 -26.15 23.64
N GLY I 194 105.68 -27.08 22.71
CA GLY I 194 104.76 -28.15 22.56
C GLY I 194 103.34 -28.26 23.00
N ALA I 195 102.58 -27.23 23.36
CA ALA I 195 101.20 -27.41 23.78
C ALA I 195 100.17 -26.86 22.81
N LEU I 196 98.98 -27.45 22.78
CA LEU I 196 97.90 -26.95 21.89
C LEU I 196 97.73 -25.44 21.96
N THR I 197 97.21 -24.77 20.94
CA THR I 197 96.97 -23.32 20.94
C THR I 197 95.44 -23.15 21.17
N PRO I 198 95.02 -21.94 21.46
CA PRO I 198 93.65 -21.66 21.85
C PRO I 198 92.63 -22.10 20.83
N LYS I 199 91.88 -23.14 21.19
CA LYS I 199 90.88 -23.70 20.27
C LYS I 199 90.23 -22.50 19.55
N MET I 200 90.29 -22.55 18.22
CA MET I 200 89.75 -21.43 17.46
C MET I 200 89.26 -21.78 16.06
N THR I 201 88.40 -20.87 15.62
CA THR I 201 87.85 -20.79 14.27
C THR I 201 88.73 -19.66 13.69
N GLY I 202 89.24 -19.81 12.50
CA GLY I 202 90.08 -18.78 11.88
C GLY I 202 89.36 -18.24 10.63
N VAL I 203 89.49 -16.93 10.34
CA VAL I 203 88.80 -16.36 9.20
C VAL I 203 88.78 -17.33 8.00
N MET I 204 87.55 -17.46 7.51
CA MET I 204 87.13 -18.38 6.49
C MET I 204 87.82 -18.38 5.15
N GLU I 205 87.11 -19.14 4.33
CA GLU I 205 87.18 -19.76 3.06
C GLU I 205 86.90 -21.24 3.40
N PHE J 1 106.74 1.37 61.44
CA PHE J 1 107.41 0.53 60.40
C PHE J 1 106.51 0.50 59.17
N ALA J 2 107.04 0.60 57.95
CA ALA J 2 106.14 0.64 56.78
C ALA J 2 106.80 0.03 55.57
N CYS J 3 106.07 -0.31 54.51
CA CYS J 3 106.75 -0.87 53.36
C CYS J 3 106.12 -0.50 52.02
N LYS J 4 106.98 -0.73 51.03
CA LYS J 4 106.49 -0.43 49.68
C LYS J 4 107.05 -1.40 48.67
N THR J 5 106.48 -1.38 47.49
CA THR J 5 106.78 -2.18 46.33
C THR J 5 107.56 -1.37 45.30
N ALA J 6 108.38 -1.96 44.45
CA ALA J 6 109.04 -1.29 43.35
C ALA J 6 108.09 -0.57 42.42
N ASN J 7 106.82 -0.93 42.29
CA ASN J 7 105.74 -0.21 41.63
C ASN J 7 105.18 0.91 42.51
N GLY J 8 105.85 1.21 43.62
CA GLY J 8 105.50 2.23 44.58
C GLY J 8 104.26 2.08 45.44
N THR J 9 103.37 1.09 45.26
CA THR J 9 102.23 0.99 46.17
C THR J 9 102.82 0.76 47.55
N ALA J 10 102.19 1.37 48.52
CA ALA J 10 102.60 1.34 49.92
C ALA J 10 101.59 0.58 50.80
N ILE J 11 102.08 0.20 51.96
CA ILE J 11 101.38 -0.42 53.06
C ILE J 11 102.05 0.25 54.30
N PRO J 12 101.26 1.07 54.97
CA PRO J 12 101.70 1.88 56.08
C PRO J 12 101.80 1.13 57.41
N ILE J 13 101.94 1.99 58.42
CA ILE J 13 102.01 1.61 59.81
C ILE J 13 100.85 0.74 60.24
N GLY J 14 101.24 -0.37 60.88
CA GLY J 14 100.39 -1.46 61.34
C GLY J 14 99.68 -2.17 60.21
N GLY J 15 100.19 -1.95 59.00
CA GLY J 15 99.50 -2.11 57.78
C GLY J 15 99.24 -3.42 57.15
N GLY J 16 98.20 -3.46 56.33
CA GLY J 16 97.62 -4.58 55.65
C GLY J 16 98.10 -5.21 54.39
N SER J 17 97.51 -5.07 53.21
CA SER J 17 97.98 -5.75 52.00
C SER J 17 98.09 -4.95 50.71
N ALA J 18 98.82 -5.56 49.74
CA ALA J 18 99.15 -4.98 48.46
C ALA J 18 99.50 -6.08 47.43
N ASN J 19 99.23 -5.77 46.17
CA ASN J 19 99.47 -6.62 45.06
C ASN J 19 100.88 -6.36 44.58
N VAL J 20 101.65 -7.34 44.22
CA VAL J 20 103.01 -7.20 43.72
C VAL J 20 102.95 -7.84 42.34
N TYR J 21 103.45 -7.24 41.28
CA TYR J 21 103.35 -7.82 39.93
C TYR J 21 104.75 -8.19 39.53
N VAL J 22 105.02 -9.48 39.22
CA VAL J 22 106.50 -9.76 39.09
C VAL J 22 106.76 -10.30 37.70
N ASN J 23 107.94 -10.18 37.10
CA ASN J 23 108.16 -10.66 35.76
C ASN J 23 108.73 -12.08 35.86
N LEU J 24 108.24 -13.05 35.09
CA LEU J 24 108.80 -14.38 35.24
C LEU J 24 109.62 -14.89 34.06
N ALA J 25 110.75 -15.52 34.38
CA ALA J 25 111.52 -16.11 33.27
C ALA J 25 110.49 -16.85 32.42
N PRO J 26 110.34 -16.44 31.16
CA PRO J 26 109.25 -16.90 30.28
C PRO J 26 109.25 -18.38 29.99
N VAL J 27 110.41 -19.04 30.09
CA VAL J 27 110.58 -20.45 29.83
C VAL J 27 111.46 -21.17 30.83
N VAL J 28 110.83 -22.12 31.54
CA VAL J 28 111.52 -22.93 32.53
C VAL J 28 111.37 -24.39 32.10
N ASN J 29 112.41 -25.19 32.16
CA ASN J 29 112.20 -26.58 31.76
C ASN J 29 111.90 -27.48 32.96
N VAL J 30 111.74 -28.78 32.68
CA VAL J 30 111.42 -29.65 33.82
C VAL J 30 112.68 -29.70 34.66
N GLY J 31 112.54 -29.46 35.97
CA GLY J 31 113.78 -29.51 36.77
C GLY J 31 114.67 -28.27 36.79
N GLN J 32 114.37 -27.16 36.11
CA GLN J 32 115.16 -25.95 36.31
C GLN J 32 114.40 -25.10 37.35
N ASN J 33 115.14 -24.25 38.04
CA ASN J 33 114.51 -23.40 39.04
C ASN J 33 113.96 -22.16 38.33
N LEU J 34 112.80 -21.73 38.71
CA LEU J 34 112.13 -20.53 38.44
C LEU J 34 112.45 -19.67 39.71
N VAL J 35 113.34 -18.64 39.57
CA VAL J 35 113.49 -17.84 40.81
C VAL J 35 112.52 -16.64 40.84
N VAL J 36 111.68 -16.57 41.89
CA VAL J 36 110.80 -15.42 42.03
C VAL J 36 111.43 -14.62 43.19
N ASP J 37 112.25 -13.63 42.84
CA ASP J 37 112.96 -12.78 43.76
C ASP J 37 112.10 -11.63 44.31
N LEU J 38 111.76 -11.64 45.59
CA LEU J 38 110.92 -10.54 46.07
C LEU J 38 111.68 -9.42 46.66
N SER J 39 113.01 -9.68 46.78
CA SER J 39 113.87 -8.69 47.42
C SER J 39 114.11 -7.41 46.61
N THR J 40 113.58 -7.40 45.40
CA THR J 40 113.82 -6.38 44.38
C THR J 40 112.50 -5.66 44.19
N GLN J 41 111.46 -6.22 44.86
CA GLN J 41 110.14 -5.69 44.79
C GLN J 41 109.57 -5.18 46.10
N ILE J 42 109.88 -5.79 47.24
CA ILE J 42 109.23 -5.37 48.49
C ILE J 42 110.24 -4.68 49.36
N PHE J 43 110.04 -3.39 49.71
CA PHE J 43 111.09 -2.72 50.52
C PHE J 43 110.51 -2.08 51.75
N CYS J 44 111.19 -2.21 52.91
CA CYS J 44 110.66 -1.62 54.15
C CYS J 44 111.73 -0.87 54.94
N HIS J 45 111.19 -0.18 55.94
CA HIS J 45 112.10 0.50 56.89
C HIS J 45 111.49 0.71 58.28
N ASN J 46 112.41 1.06 59.18
CA ASN J 46 112.09 1.41 60.55
C ASN J 46 111.66 2.89 60.67
N ASP J 47 110.50 3.14 61.26
CA ASP J 47 110.11 4.56 61.40
C ASP J 47 110.84 5.30 62.51
N TYR J 48 111.16 4.73 63.68
CA TYR J 48 111.94 5.31 64.74
C TYR J 48 113.11 4.42 65.19
N PRO J 49 114.14 4.31 64.34
CA PRO J 49 115.31 3.49 64.57
C PRO J 49 116.21 3.91 65.70
N GLU J 50 116.22 5.21 66.05
CA GLU J 50 117.05 5.65 67.17
C GLU J 50 116.56 5.11 68.50
N THR J 51 115.32 4.62 68.59
CA THR J 51 114.88 3.99 69.84
C THR J 51 114.24 2.63 69.67
N ILE J 52 113.71 2.28 68.51
CA ILE J 52 112.96 1.03 68.39
C ILE J 52 113.64 0.12 67.38
N THR J 53 113.64 -1.13 67.83
CA THR J 53 114.22 -2.18 67.01
C THR J 53 113.03 -2.94 66.34
N ASP J 54 113.11 -2.96 64.99
CA ASP J 54 112.01 -3.62 64.27
C ASP J 54 112.40 -5.07 63.95
N TYR J 55 111.41 -5.94 64.12
CA TYR J 55 111.64 -7.37 63.91
C TYR J 55 110.71 -7.90 62.84
N VAL J 56 111.29 -8.43 61.77
CA VAL J 56 110.48 -8.87 60.64
C VAL J 56 110.81 -10.33 60.31
N THR J 57 109.71 -11.06 60.24
CA THR J 57 109.55 -12.45 59.90
C THR J 57 108.82 -12.72 58.60
N LEU J 58 109.00 -13.87 57.92
CA LEU J 58 108.13 -14.29 56.80
C LEU J 58 107.30 -15.37 57.51
N GLN J 59 106.17 -14.98 57.98
CA GLN J 59 105.30 -15.87 58.75
C GLN J 59 104.59 -17.04 58.06
N ARG J 60 104.10 -16.89 56.84
CA ARG J 60 103.43 -18.01 56.16
C ARG J 60 103.48 -17.61 54.69
N GLY J 61 103.84 -18.54 53.85
CA GLY J 61 103.81 -18.46 52.43
C GLY J 61 102.80 -19.49 51.90
N SER J 62 101.97 -19.07 50.95
CA SER J 62 100.97 -19.91 50.31
C SER J 62 101.18 -19.80 48.81
N ALA J 63 100.97 -20.94 48.16
CA ALA J 63 101.16 -21.14 46.74
C ALA J 63 99.76 -21.22 46.14
N TYR J 64 99.56 -20.82 44.91
CA TYR J 64 98.20 -20.75 44.34
C TYR J 64 98.33 -20.97 42.82
N GLY J 65 97.18 -21.33 42.22
CA GLY J 65 97.09 -21.69 40.83
C GLY J 65 98.21 -22.52 40.29
N GLY J 66 98.96 -22.03 39.30
CA GLY J 66 100.04 -22.73 38.67
C GLY J 66 101.18 -23.16 39.57
N VAL J 67 101.53 -22.28 40.58
CA VAL J 67 102.64 -22.65 41.45
C VAL J 67 102.23 -23.92 42.20
N LEU J 68 101.06 -23.94 42.82
CA LEU J 68 100.48 -24.99 43.59
C LEU J 68 100.27 -26.31 42.84
N SER J 69 99.95 -26.21 41.55
CA SER J 69 99.67 -27.38 40.74
C SER J 69 100.95 -27.95 40.16
N ASN J 70 101.87 -27.16 39.59
CA ASN J 70 102.81 -27.90 38.74
C ASN J 70 104.22 -27.45 38.90
N PHE J 71 104.47 -27.19 40.22
CA PHE J 71 105.68 -26.73 40.83
C PHE J 71 105.89 -27.15 42.30
N SER J 72 107.16 -27.39 42.54
CA SER J 72 107.55 -27.64 43.91
C SER J 72 108.78 -26.79 44.25
N GLY J 73 108.96 -26.43 45.54
CA GLY J 73 110.16 -25.72 45.91
C GLY J 73 110.35 -25.17 47.31
N THR J 74 111.21 -24.17 47.46
CA THR J 74 111.66 -23.53 48.67
C THR J 74 111.56 -22.00 48.61
N VAL J 75 111.45 -21.39 49.77
CA VAL J 75 111.49 -19.99 50.01
C VAL J 75 112.88 -19.69 50.65
N LYS J 76 113.57 -18.71 50.07
CA LYS J 76 114.87 -18.34 50.62
C LYS J 76 114.60 -17.10 51.48
N TYR J 77 114.75 -17.20 52.80
CA TYR J 77 114.53 -16.00 53.62
C TYR J 77 115.82 -15.59 54.33
N SER J 78 116.38 -14.39 54.08
CA SER J 78 117.66 -14.04 54.74
C SER J 78 118.81 -15.04 54.64
N GLY J 79 119.07 -15.55 53.46
CA GLY J 79 120.11 -16.60 53.41
C GLY J 79 119.80 -17.98 53.97
N SER J 80 118.56 -18.27 54.37
CA SER J 80 118.20 -19.65 54.69
C SER J 80 116.96 -20.03 53.93
N SER J 81 116.92 -21.18 53.28
CA SER J 81 115.81 -21.86 52.65
C SER J 81 114.98 -22.77 53.53
N TYR J 82 113.69 -22.80 53.40
CA TYR J 82 112.63 -23.52 54.07
C TYR J 82 111.66 -24.02 52.98
N PRO J 83 110.89 -25.07 53.28
CA PRO J 83 109.85 -25.53 52.38
C PRO J 83 108.97 -24.35 51.93
N PHE J 84 108.44 -24.36 50.73
CA PHE J 84 107.42 -23.44 50.26
C PHE J 84 106.45 -24.31 49.46
N PRO J 85 105.20 -24.47 49.85
CA PRO J 85 104.54 -23.80 50.93
C PRO J 85 105.15 -23.88 52.31
N THR J 86 105.11 -22.77 53.08
CA THR J 86 105.66 -22.85 54.40
C THR J 86 104.89 -23.72 55.39
N THR J 87 105.63 -24.08 56.49
CA THR J 87 105.11 -24.93 57.53
C THR J 87 105.37 -24.36 58.91
N SER J 88 106.07 -23.23 58.89
CA SER J 88 106.27 -22.60 60.21
C SER J 88 106.77 -21.17 60.00
N GLU J 89 106.76 -20.37 61.04
CA GLU J 89 107.30 -19.04 60.88
C GLU J 89 108.84 -19.09 60.95
N THR J 90 109.41 -18.31 60.07
CA THR J 90 110.82 -17.94 59.99
C THR J 90 111.32 -17.19 61.21
N PRO J 91 112.64 -17.20 61.41
CA PRO J 91 113.29 -16.46 62.48
C PRO J 91 113.35 -14.97 62.05
N ARG J 92 113.69 -14.07 62.96
CA ARG J 92 113.67 -12.65 62.76
C ARG J 92 114.70 -12.08 61.82
N VAL J 93 114.27 -10.99 61.17
CA VAL J 93 115.26 -10.16 60.45
C VAL J 93 115.08 -8.78 61.16
N VAL J 94 116.25 -8.23 61.57
CA VAL J 94 116.20 -6.95 62.25
C VAL J 94 116.36 -5.84 61.19
N TYR J 95 115.41 -4.89 61.29
CA TYR J 95 115.37 -3.65 60.54
C TYR J 95 115.65 -2.44 61.49
N ASN J 96 116.76 -1.77 61.35
CA ASN J 96 117.15 -0.63 62.21
C ASN J 96 117.54 0.57 61.36
N SER J 97 116.64 1.08 60.53
CA SER J 97 116.95 2.14 59.60
C SER J 97 115.72 2.66 58.87
N ARG J 98 115.82 3.95 58.54
CA ARG J 98 114.76 4.73 57.90
C ARG J 98 114.96 4.60 56.39
N THR J 99 116.16 4.16 56.01
CA THR J 99 116.39 3.94 54.57
C THR J 99 115.77 2.60 54.21
N ASP J 100 114.90 2.64 53.21
CA ASP J 100 114.11 1.50 52.76
C ASP J 100 115.02 0.32 52.49
N LYS J 101 114.70 -0.84 53.05
CA LYS J 101 115.63 -1.98 52.82
C LYS J 101 114.87 -3.23 52.34
N PRO J 102 115.52 -4.02 51.52
CA PRO J 102 114.96 -5.25 51.02
C PRO J 102 114.36 -6.19 52.06
N TRP J 103 113.15 -6.65 51.77
CA TRP J 103 112.50 -7.81 52.38
C TRP J 103 113.12 -9.04 51.65
N PRO J 104 113.99 -9.77 52.29
CA PRO J 104 114.83 -10.79 51.66
C PRO J 104 114.21 -12.18 51.52
N VAL J 105 113.23 -12.26 50.63
CA VAL J 105 112.43 -13.41 50.33
C VAL J 105 112.65 -13.69 48.81
N ALA J 106 112.71 -14.96 48.50
CA ALA J 106 112.86 -15.41 47.13
C ALA J 106 112.39 -16.88 47.04
N LEU J 107 111.58 -17.13 46.00
CA LEU J 107 111.04 -18.47 45.79
C LEU J 107 111.85 -19.20 44.74
N TYR J 108 112.28 -20.39 44.96
CA TYR J 108 113.01 -21.30 44.14
C TYR J 108 112.03 -22.45 43.77
N LEU J 109 111.37 -22.32 42.59
CA LEU J 109 110.33 -23.23 42.13
C LEU J 109 110.76 -24.10 40.95
N THR J 110 110.63 -25.44 41.15
CA THR J 110 111.03 -26.42 40.16
C THR J 110 109.75 -27.11 39.72
N PRO J 111 109.46 -27.10 38.44
CA PRO J 111 108.28 -27.74 37.87
C PRO J 111 108.49 -29.24 37.94
N VAL J 112 107.39 -29.94 38.15
CA VAL J 112 107.20 -31.37 38.28
C VAL J 112 106.87 -31.92 36.89
N SER J 113 107.39 -33.06 36.48
CA SER J 113 107.23 -33.64 35.16
C SER J 113 105.85 -33.61 34.57
N SER J 114 104.74 -33.60 35.27
CA SER J 114 103.40 -33.54 34.73
C SER J 114 102.92 -32.15 34.35
N ALA J 115 103.80 -31.18 34.49
CA ALA J 115 103.56 -29.77 34.16
C ALA J 115 104.04 -29.70 32.70
N GLY J 116 103.64 -28.70 31.92
CA GLY J 116 104.12 -28.74 30.53
C GLY J 116 103.34 -27.87 29.58
N GLY J 117 102.22 -27.29 29.98
CA GLY J 117 101.59 -26.34 29.02
C GLY J 117 101.90 -24.91 29.53
N VAL J 118 100.85 -24.28 30.03
CA VAL J 118 100.97 -22.99 30.69
C VAL J 118 100.96 -23.23 32.19
N ALA J 119 102.16 -23.53 32.72
CA ALA J 119 102.33 -23.70 34.17
C ALA J 119 101.75 -22.51 34.94
N ILE J 120 102.19 -21.30 34.63
CA ILE J 120 101.65 -20.10 35.25
C ILE J 120 100.93 -19.23 34.23
N LYS J 121 99.70 -18.90 34.48
CA LYS J 121 98.86 -18.11 33.57
C LYS J 121 99.17 -16.61 33.70
N ALA J 122 99.67 -15.99 32.61
CA ALA J 122 99.94 -14.54 32.78
C ALA J 122 98.75 -13.95 33.51
N GLY J 123 98.95 -13.15 34.52
CA GLY J 123 97.87 -12.58 35.29
C GLY J 123 97.42 -13.25 36.57
N SER J 124 97.83 -14.49 36.90
CA SER J 124 97.30 -15.24 38.02
C SER J 124 97.86 -15.09 39.41
N LEU J 125 97.08 -15.15 40.50
CA LEU J 125 97.74 -15.21 41.82
C LEU J 125 98.82 -16.30 41.80
N ILE J 126 100.09 -16.11 42.04
CA ILE J 126 101.17 -17.04 42.23
C ILE J 126 101.20 -17.46 43.74
N ALA J 127 101.27 -16.37 44.55
CA ALA J 127 101.49 -16.49 45.95
C ALA J 127 101.03 -15.38 46.88
N VAL J 128 100.81 -15.80 48.13
CA VAL J 128 100.53 -14.85 49.19
C VAL J 128 101.66 -15.03 50.24
N LEU J 129 102.47 -14.04 50.44
CA LEU J 129 103.55 -14.03 51.41
C LEU J 129 103.18 -13.04 52.51
N ILE J 130 103.13 -13.60 53.73
CA ILE J 130 102.73 -12.74 54.84
C ILE J 130 103.96 -12.33 55.67
N LEU J 131 104.24 -11.04 55.66
CA LEU J 131 105.33 -10.46 56.43
C LEU J 131 104.80 -10.01 57.80
N ARG J 132 105.47 -10.52 58.81
CA ARG J 132 105.06 -10.28 60.20
C ARG J 132 106.20 -9.58 60.97
N GLN J 133 105.75 -8.42 61.41
CA GLN J 133 106.51 -7.41 62.12
C GLN J 133 106.14 -7.15 63.56
N THR J 134 107.14 -7.30 64.41
CA THR J 134 107.00 -6.96 65.84
C THR J 134 108.06 -5.90 66.12
N ASN J 135 108.43 -5.61 67.35
CA ASN J 135 109.47 -4.64 67.65
C ASN J 135 109.92 -4.92 69.10
N ASN J 136 110.92 -4.24 69.60
CA ASN J 136 111.25 -4.31 71.03
C ASN J 136 110.59 -3.16 71.82
N TYR J 137 109.51 -2.53 71.35
CA TYR J 137 108.91 -1.42 72.07
C TYR J 137 107.66 -1.90 72.80
N ASN J 138 106.49 -1.74 72.21
CA ASN J 138 105.26 -2.23 72.80
C ASN J 138 104.90 -3.59 72.21
N SER J 139 103.64 -4.00 72.28
CA SER J 139 103.19 -5.27 71.75
C SER J 139 102.58 -5.27 70.36
N ASP J 140 102.98 -4.39 69.45
CA ASP J 140 102.43 -4.51 68.09
C ASP J 140 102.90 -5.79 67.39
N ASP J 141 102.00 -6.17 66.48
CA ASP J 141 102.09 -7.46 65.81
C ASP J 141 101.28 -7.39 64.52
N PHE J 142 101.99 -6.92 63.49
CA PHE J 142 101.35 -6.61 62.24
C PHE J 142 101.73 -7.54 61.10
N GLN J 143 100.70 -7.76 60.28
CA GLN J 143 100.84 -8.54 59.08
C GLN J 143 100.65 -7.58 57.90
N PHE J 144 101.66 -7.68 57.08
CA PHE J 144 101.78 -7.03 55.79
C PHE J 144 101.66 -8.20 54.78
N VAL J 145 100.56 -8.29 54.08
CA VAL J 145 100.25 -9.31 53.10
C VAL J 145 100.57 -8.77 51.70
N TRP J 146 101.39 -9.53 51.02
CA TRP J 146 101.91 -9.42 49.69
C TRP J 146 101.34 -10.51 48.79
N ASN J 147 100.47 -10.11 47.85
CA ASN J 147 99.78 -10.94 46.87
C ASN J 147 100.62 -10.83 45.60
N ILE J 148 101.22 -11.94 45.22
CA ILE J 148 102.22 -11.93 44.15
C ILE J 148 101.51 -12.42 42.92
N TYR J 149 101.61 -11.75 41.80
CA TYR J 149 100.94 -12.09 40.55
C TYR J 149 101.91 -12.10 39.39
N ALA J 150 101.75 -13.11 38.56
CA ALA J 150 102.62 -13.20 37.36
C ALA J 150 102.28 -12.08 36.38
N ASN J 151 103.34 -11.50 35.84
CA ASN J 151 103.22 -10.47 34.81
C ASN J 151 103.02 -11.22 33.48
N ASN J 152 103.67 -12.37 33.36
CA ASN J 152 103.63 -13.11 32.12
C ASN J 152 103.50 -14.62 32.34
N ASP J 153 102.72 -15.26 31.47
CA ASP J 153 102.62 -16.68 31.42
C ASP J 153 104.02 -17.30 31.64
N VAL J 154 104.15 -18.41 32.35
CA VAL J 154 105.43 -19.11 32.34
C VAL J 154 105.16 -20.44 31.58
N VAL J 155 105.95 -20.77 30.59
CA VAL J 155 105.71 -22.06 29.93
C VAL J 155 106.74 -23.10 30.33
N VAL J 156 106.33 -24.36 30.53
CA VAL J 156 107.31 -25.45 30.71
C VAL J 156 107.26 -26.25 29.40
N PRO J 157 108.35 -26.42 28.71
CA PRO J 157 108.33 -27.10 27.42
C PRO J 157 108.19 -28.59 27.62
N THR J 158 107.11 -29.13 27.06
CA THR J 158 106.81 -30.55 27.14
C THR J 158 107.84 -31.34 26.34
N GLY J 159 108.26 -32.48 26.94
CA GLY J 159 109.29 -33.32 26.38
C GLY J 159 108.81 -34.56 25.62
N GLY J 160 109.83 -35.27 25.08
CA GLY J 160 109.54 -36.52 24.37
C GLY J 160 108.93 -37.50 25.41
N CYS J 161 108.70 -38.69 24.84
CA CYS J 161 108.15 -39.83 25.55
C CYS J 161 109.16 -40.94 25.81
N ASP J 162 108.72 -41.87 26.66
CA ASP J 162 109.58 -43.03 26.94
C ASP J 162 109.07 -44.16 26.04
N VAL J 163 109.98 -44.67 25.24
CA VAL J 163 109.75 -45.72 24.28
C VAL J 163 110.30 -47.09 24.66
N SER J 164 109.65 -47.78 25.57
CA SER J 164 110.03 -49.10 26.05
C SER J 164 110.06 -50.30 25.12
N ALA J 165 111.21 -50.76 24.64
CA ALA J 165 111.28 -52.01 23.86
C ALA J 165 111.07 -53.22 24.81
N ARG J 166 111.60 -54.06 25.51
CA ARG J 166 112.41 -55.09 26.15
C ARG J 166 113.77 -55.39 25.53
N ASP J 167 113.90 -55.91 24.30
CA ASP J 167 115.24 -56.15 23.76
C ASP J 167 115.25 -56.51 22.29
N VAL J 168 116.04 -56.59 20.78
CA VAL J 168 116.20 -58.01 20.55
C VAL J 168 115.08 -58.93 21.04
N THR J 169 114.61 -59.72 20.08
CA THR J 169 113.51 -60.63 20.07
C THR J 169 113.79 -61.99 19.42
N VAL J 170 113.48 -63.08 20.12
CA VAL J 170 113.69 -64.39 19.47
C VAL J 170 112.44 -64.62 18.62
N THR J 171 112.66 -64.98 17.36
CA THR J 171 111.68 -65.09 16.29
C THR J 171 111.30 -66.52 15.95
N LEU J 172 110.01 -66.81 15.74
CA LEU J 172 110.34 -68.08 16.21
C LEU J 172 110.94 -69.40 15.82
N PRO J 173 110.70 -69.67 14.60
CA PRO J 173 111.20 -69.72 13.48
C PRO J 173 110.08 -70.35 12.65
N ASP J 174 110.34 -72.40 14.46
CA ASP J 174 109.39 -73.40 14.00
C ASP J 174 108.69 -73.08 12.69
N TYR J 175 108.68 -71.83 12.24
CA TYR J 175 108.18 -71.36 10.97
C TYR J 175 106.75 -71.11 10.60
N PRO J 176 105.78 -71.17 11.48
CA PRO J 176 104.38 -70.86 11.14
C PRO J 176 104.06 -69.41 11.50
N GLY J 177 104.74 -68.96 12.54
CA GLY J 177 104.90 -68.05 13.56
C GLY J 177 104.25 -66.68 13.64
N SER J 178 104.37 -66.02 14.77
CA SER J 178 103.81 -64.71 15.02
C SER J 178 104.31 -64.16 16.35
N VAL J 179 105.56 -63.73 16.41
CA VAL J 179 106.18 -63.20 17.62
C VAL J 179 105.72 -61.79 17.89
N PRO J 180 104.85 -61.60 18.86
CA PRO J 180 104.43 -60.25 19.25
C PRO J 180 105.72 -59.48 19.51
N ILE J 181 105.93 -58.26 19.02
CA ILE J 181 107.17 -57.57 19.38
C ILE J 181 106.92 -56.60 20.54
N PRO J 182 107.77 -56.76 21.57
CA PRO J 182 107.71 -55.92 22.76
C PRO J 182 107.69 -54.43 22.47
N LEU J 183 106.57 -53.70 22.52
CA LEU J 183 106.77 -52.24 22.30
C LEU J 183 105.69 -51.33 22.88
N THR J 184 106.13 -50.63 23.95
CA THR J 184 105.27 -49.62 24.56
C THR J 184 105.82 -48.17 24.50
N VAL J 185 104.91 -47.19 24.56
CA VAL J 185 105.26 -45.80 24.67
C VAL J 185 104.49 -45.11 25.80
N TYR J 186 105.26 -44.30 26.53
CA TYR J 186 104.62 -43.47 27.57
C TYR J 186 105.15 -42.04 27.46
N CYS J 187 104.27 -41.07 27.63
CA CYS J 187 104.59 -39.64 27.62
C CYS J 187 104.05 -39.00 28.91
N ALA J 188 104.82 -38.17 29.63
CA ALA J 188 104.20 -37.50 30.79
C ALA J 188 103.17 -36.56 30.12
N LYS J 189 103.76 -35.76 29.19
CA LYS J 189 102.88 -34.87 28.45
C LYS J 189 102.16 -35.58 27.29
N SER J 190 100.85 -35.73 27.52
CA SER J 190 99.98 -36.33 26.52
C SER J 190 100.04 -35.50 25.23
N GLN J 191 100.27 -36.24 24.16
CA GLN J 191 100.51 -35.70 22.85
C GLN J 191 100.32 -36.63 21.65
N ASN J 192 100.88 -36.26 20.49
CA ASN J 192 100.68 -36.91 19.21
C ASN J 192 102.00 -37.37 18.59
N LEU J 193 101.96 -38.64 18.22
CA LEU J 193 103.13 -39.36 17.77
C LEU J 193 102.87 -40.32 16.62
N GLY J 194 103.96 -40.56 15.88
CA GLY J 194 103.93 -41.50 14.79
C GLY J 194 105.18 -42.38 14.85
N TYR J 195 105.14 -43.44 14.04
CA TYR J 195 106.35 -44.29 14.01
C TYR J 195 106.53 -44.76 12.56
N TYR J 196 107.72 -45.18 12.20
CA TYR J 196 107.89 -45.74 10.87
C TYR J 196 109.09 -46.68 10.89
N LEU J 197 109.01 -47.78 10.17
CA LEU J 197 110.08 -48.79 10.11
C LEU J 197 111.08 -48.47 9.00
N SER J 198 112.32 -48.80 9.08
CA SER J 198 113.48 -48.56 8.28
C SER J 198 114.32 -49.83 8.20
N GLY J 199 114.96 -50.11 7.09
CA GLY J 199 115.75 -51.31 6.96
C GLY J 199 115.80 -51.79 5.52
N THR J 200 116.74 -52.65 5.18
CA THR J 200 116.85 -53.10 3.82
C THR J 200 115.75 -54.14 3.66
N THR J 201 115.01 -53.83 2.60
CA THR J 201 113.83 -54.60 2.24
C THR J 201 114.04 -55.47 1.03
N ALA J 202 113.45 -56.69 1.09
CA ALA J 202 113.68 -57.64 -0.01
C ALA J 202 112.62 -57.57 -1.10
N ASP J 203 111.42 -57.15 -0.81
CA ASP J 203 110.30 -57.16 -1.72
C ASP J 203 110.02 -55.82 -2.37
N ALA J 204 109.20 -55.91 -3.45
CA ALA J 204 108.94 -54.72 -4.25
C ALA J 204 107.90 -53.86 -3.54
N GLY J 205 107.23 -54.50 -2.60
CA GLY J 205 106.29 -53.95 -1.66
C GLY J 205 107.01 -53.37 -0.44
N ASN J 206 108.33 -53.50 -0.38
CA ASN J 206 109.09 -52.92 0.74
C ASN J 206 108.49 -53.25 2.11
N SER J 207 107.91 -54.43 2.38
CA SER J 207 107.36 -54.66 3.70
C SER J 207 108.19 -55.77 4.33
N ILE J 208 108.99 -56.44 3.54
CA ILE J 208 109.74 -57.58 4.01
C ILE J 208 111.22 -57.27 4.24
N PHE J 209 111.57 -57.40 5.56
CA PHE J 209 112.96 -57.07 5.89
C PHE J 209 113.90 -58.21 5.58
N THR J 210 115.07 -57.84 5.08
CA THR J 210 116.03 -58.82 4.67
C THR J 210 116.77 -59.59 5.77
N ASN J 211 116.86 -60.91 5.57
CA ASN J 211 117.65 -61.84 6.35
C ASN J 211 119.10 -61.34 6.38
N THR J 212 119.67 -61.28 7.58
CA THR J 212 121.01 -60.69 7.69
C THR J 212 121.96 -61.69 8.34
N ALA J 213 121.50 -62.93 8.48
CA ALA J 213 122.37 -63.98 9.02
C ALA J 213 123.41 -64.38 7.97
N SER J 214 124.56 -64.87 8.44
CA SER J 214 125.53 -65.40 7.48
C SER J 214 125.94 -66.82 7.87
N PHE J 215 125.55 -67.34 9.03
CA PHE J 215 125.78 -68.75 9.31
C PHE J 215 124.61 -69.52 8.69
N SER J 216 124.65 -69.77 7.39
CA SER J 216 123.62 -70.51 6.67
C SER J 216 122.26 -69.84 6.76
N PRO J 217 121.95 -69.07 5.74
CA PRO J 217 120.75 -68.27 5.72
C PRO J 217 119.57 -68.98 5.07
N ALA J 218 118.39 -68.76 5.67
CA ALA J 218 117.21 -69.33 4.98
C ALA J 218 117.16 -68.53 3.65
N GLN J 219 117.12 -69.27 2.55
CA GLN J 219 117.06 -68.71 1.21
C GLN J 219 115.61 -68.20 1.04
N GLY J 220 115.40 -67.08 0.36
CA GLY J 220 114.10 -66.55 0.10
C GLY J 220 113.08 -66.27 1.19
N VAL J 221 113.49 -66.00 2.42
CA VAL J 221 112.63 -65.64 3.54
C VAL J 221 113.08 -64.31 4.13
N GLY J 222 112.17 -63.62 4.82
CA GLY J 222 112.41 -62.34 5.47
C GLY J 222 111.41 -62.27 6.62
N VAL J 223 111.33 -61.09 7.22
CA VAL J 223 110.50 -60.84 8.38
C VAL J 223 109.64 -59.64 8.02
N GLN J 224 108.36 -59.75 8.35
CA GLN J 224 107.49 -58.63 7.96
C GLN J 224 106.70 -58.28 9.21
N LEU J 225 106.39 -56.98 9.37
CA LEU J 225 105.75 -56.64 10.63
C LEU J 225 104.29 -56.29 10.36
N THR J 226 103.53 -56.44 11.44
CA THR J 226 102.09 -56.22 11.35
C THR J 226 101.58 -55.60 12.62
N ARG J 227 100.61 -54.73 12.57
CA ARG J 227 99.93 -54.13 13.71
C ARG J 227 98.49 -54.65 13.64
N ASN J 228 98.07 -55.54 14.51
CA ASN J 228 96.76 -56.19 14.48
C ASN J 228 96.16 -56.39 13.08
N GLY J 229 96.90 -57.10 12.21
CA GLY J 229 96.42 -57.45 10.90
C GLY J 229 96.94 -56.67 9.71
N THR J 230 97.11 -55.35 9.88
CA THR J 230 97.59 -54.50 8.78
C THR J 230 99.11 -54.70 8.66
N ILE J 231 99.65 -54.76 7.47
CA ILE J 231 101.09 -54.86 7.31
C ILE J 231 101.57 -53.41 7.23
N ILE J 232 102.75 -53.25 7.82
CA ILE J 232 103.51 -52.05 7.87
C ILE J 232 104.71 -52.17 6.94
N PRO J 233 104.64 -51.52 5.77
CA PRO J 233 105.76 -51.44 4.84
C PRO J 233 106.74 -50.38 5.34
N ALA J 234 107.98 -50.36 4.88
CA ALA J 234 108.97 -49.41 5.28
C ALA J 234 108.83 -47.96 4.80
N ASN J 235 109.15 -47.05 5.75
CA ASN J 235 109.16 -45.63 5.51
C ASN J 235 107.75 -45.12 5.21
N ASN J 236 106.83 -45.73 5.92
CA ASN J 236 105.42 -45.53 5.77
C ASN J 236 104.84 -45.21 7.15
N THR J 237 105.07 -43.95 7.55
CA THR J 237 104.53 -43.53 8.84
C THR J 237 103.11 -44.02 9.12
N VAL J 238 102.95 -44.51 10.32
CA VAL J 238 101.78 -44.96 11.02
C VAL J 238 101.58 -43.95 12.17
N SER J 239 100.36 -43.50 12.37
CA SER J 239 100.16 -42.56 13.46
C SER J 239 99.53 -43.23 14.66
N LEU J 240 100.15 -43.05 15.81
CA LEU J 240 99.60 -43.50 17.10
C LEU J 240 98.71 -42.33 17.48
N GLY J 241 97.69 -42.54 18.30
CA GLY J 241 96.85 -41.40 18.66
C GLY J 241 97.53 -40.44 19.66
N ALA J 242 96.76 -40.22 20.73
CA ALA J 242 97.14 -39.35 21.84
C ALA J 242 97.83 -40.18 22.93
N VAL J 243 99.09 -40.52 22.67
CA VAL J 243 99.96 -41.23 23.61
C VAL J 243 100.19 -40.40 24.89
N GLY J 244 99.29 -40.56 25.87
CA GLY J 244 99.32 -39.84 27.12
C GLY J 244 100.24 -40.38 28.19
N THR J 245 99.79 -40.39 29.45
CA THR J 245 100.69 -40.90 30.50
C THR J 245 100.86 -42.41 30.46
N SER J 246 99.77 -43.08 30.79
CA SER J 246 99.65 -44.54 30.69
C SER J 246 100.36 -45.11 29.46
N ALA J 247 101.15 -46.16 29.61
CA ALA J 247 101.81 -46.81 28.48
C ALA J 247 100.84 -47.31 27.39
N VAL J 248 101.22 -47.03 26.14
CA VAL J 248 100.44 -47.44 24.97
C VAL J 248 101.29 -48.39 24.12
N SER J 249 100.69 -49.56 23.86
CA SER J 249 101.34 -50.63 23.13
C SER J 249 101.23 -50.48 21.61
N LEU J 250 102.31 -50.61 20.85
CA LEU J 250 102.16 -50.72 19.40
C LEU J 250 101.74 -52.20 19.31
N GLY J 251 100.61 -52.55 18.70
CA GLY J 251 100.32 -54.00 18.72
C GLY J 251 101.07 -54.68 17.56
N LEU J 252 102.39 -54.66 17.52
CA LEU J 252 103.22 -55.25 16.52
C LEU J 252 103.39 -56.78 16.57
N THR J 253 103.44 -57.35 15.34
CA THR J 253 103.67 -58.79 15.19
C THR J 253 104.78 -59.06 14.19
N ALA J 254 105.57 -60.09 14.49
CA ALA J 254 106.64 -60.46 13.58
C ALA J 254 106.36 -61.83 12.95
N ASN J 255 106.32 -61.89 11.62
CA ASN J 255 106.04 -63.06 10.84
C ASN J 255 107.04 -63.21 9.68
N TYR J 256 107.36 -64.50 9.49
CA TYR J 256 108.25 -64.85 8.38
C TYR J 256 107.49 -64.62 7.07
N ALA J 257 108.14 -64.08 6.05
CA ALA J 257 107.40 -63.91 4.79
C ALA J 257 108.30 -64.47 3.68
N ARG J 258 107.71 -64.70 2.52
CA ARG J 258 108.46 -65.29 1.42
C ARG J 258 108.94 -64.21 0.46
N THR J 259 110.20 -64.30 0.13
CA THR J 259 110.99 -63.37 -0.70
C THR J 259 111.16 -64.01 -2.05
N GLY J 260 112.33 -64.12 -2.64
CA GLY J 260 112.67 -64.69 -3.90
C GLY J 260 111.85 -65.75 -4.61
N GLY J 261 112.30 -67.01 -4.45
CA GLY J 261 111.65 -68.16 -5.04
C GLY J 261 111.39 -69.26 -4.00
N GLN J 262 112.30 -70.24 -3.94
CA GLN J 262 112.25 -71.33 -3.00
C GLN J 262 112.76 -70.90 -1.61
N VAL J 263 112.23 -71.51 -0.56
CA VAL J 263 112.68 -71.24 0.80
C VAL J 263 113.64 -72.35 1.18
N THR J 264 114.84 -72.09 1.64
CA THR J 264 115.70 -73.22 2.05
C THR J 264 115.92 -73.05 3.55
N ALA J 265 115.24 -73.87 4.34
CA ALA J 265 115.38 -73.71 5.80
C ALA J 265 116.86 -73.58 6.18
N GLY J 266 117.01 -72.84 7.29
CA GLY J 266 118.21 -72.41 7.94
C GLY J 266 117.90 -71.27 8.92
N ASN J 267 118.93 -70.45 9.15
CA ASN J 267 118.96 -69.33 10.05
C ASN J 267 118.45 -68.03 9.44
N VAL J 268 117.50 -67.33 10.05
CA VAL J 268 116.95 -66.06 9.61
C VAL J 268 117.24 -64.89 10.56
N GLN J 269 117.77 -63.75 10.05
CA GLN J 269 118.02 -62.60 10.95
C GLN J 269 117.70 -61.22 10.43
N SER J 270 116.95 -60.43 11.21
CA SER J 270 116.50 -59.09 10.87
C SER J 270 116.84 -57.96 11.84
N ILE J 271 117.34 -56.88 11.22
CA ILE J 271 117.64 -55.65 11.91
C ILE J 271 116.68 -54.58 11.35
N ILE J 272 115.85 -54.04 12.23
CA ILE J 272 114.87 -53.01 11.93
C ILE J 272 115.06 -51.79 12.84
N GLY J 273 114.87 -50.59 12.31
CA GLY J 273 114.91 -49.42 13.21
C GLY J 273 113.43 -49.05 13.28
N VAL J 274 112.99 -48.50 14.36
CA VAL J 274 111.65 -48.00 14.62
C VAL J 274 111.96 -46.53 14.99
N THR J 275 111.30 -45.60 14.34
CA THR J 275 111.50 -44.19 14.51
C THR J 275 110.22 -43.51 14.95
N PHE J 276 110.30 -42.86 16.13
CA PHE J 276 109.13 -42.16 16.67
C PHE J 276 109.29 -40.74 16.12
N VAL J 277 108.17 -40.24 15.58
CA VAL J 277 108.22 -38.92 14.94
C VAL J 277 107.37 -37.97 15.77
N TYR J 278 108.00 -36.91 16.21
CA TYR J 278 107.23 -35.94 17.03
C TYR J 278 106.57 -34.90 16.13
N GLN J 279 105.27 -34.78 16.41
CA GLN J 279 104.36 -33.86 15.77
C GLN J 279 104.65 -32.41 16.16
N GLY K 1 66.35 16.47 39.45
CA GLY K 1 65.80 17.85 39.67
C GLY K 1 65.16 18.25 38.32
N VAL K 2 65.57 17.50 37.27
CA VAL K 2 64.91 17.85 36.01
C VAL K 2 63.73 16.91 35.80
N ALA K 3 62.68 17.49 35.25
CA ALA K 3 61.48 16.78 34.86
C ALA K 3 61.31 16.91 33.34
N LEU K 4 60.46 16.07 32.76
CA LEU K 4 60.25 16.09 31.31
C LEU K 4 58.79 16.35 30.94
N GLY K 5 58.62 16.66 29.65
CA GLY K 5 57.33 16.92 29.04
C GLY K 5 56.26 15.90 29.37
N ALA K 6 56.60 14.60 29.28
CA ALA K 6 55.55 13.64 29.65
C ALA K 6 56.15 12.26 29.93
N THR K 7 55.26 11.30 29.99
CA THR K 7 55.61 9.91 30.14
C THR K 7 55.86 9.15 28.84
N ARG K 8 55.94 9.74 27.64
CA ARG K 8 56.26 8.96 26.44
C ARG K 8 56.35 9.83 25.17
N VAL K 9 57.10 9.34 24.20
CA VAL K 9 57.25 10.02 22.92
C VAL K 9 56.56 9.06 21.92
N ILE K 10 56.08 9.65 20.85
CA ILE K 10 55.45 9.09 19.70
C ILE K 10 56.25 9.53 18.47
N TYR K 11 56.41 8.64 17.50
CA TYR K 11 57.16 9.02 16.30
C TYR K 11 56.52 8.67 14.97
N PRO K 12 55.51 9.40 14.53
CA PRO K 12 54.85 9.21 13.25
C PRO K 12 55.80 9.26 12.06
N ALA K 13 55.58 8.31 11.13
CA ALA K 13 56.40 8.22 9.94
C ALA K 13 56.52 9.58 9.25
N GLY K 14 57.67 9.85 8.64
CA GLY K 14 57.89 11.03 7.85
C GLY K 14 58.32 12.32 8.50
N GLN K 15 58.53 12.34 9.83
CA GLN K 15 58.95 13.59 10.47
C GLN K 15 60.46 13.66 10.57
N LYS K 16 61.00 14.85 10.48
CA LYS K 16 62.45 15.01 10.64
C LYS K 16 62.84 14.83 12.11
N GLN K 17 62.11 15.45 13.05
CA GLN K 17 62.49 15.48 14.45
C GLN K 17 61.49 15.94 15.50
N VAL K 18 60.85 15.05 16.25
CA VAL K 18 59.92 15.40 17.32
C VAL K 18 60.77 16.00 18.47
N GLN K 19 60.04 16.53 19.43
CA GLN K 19 60.65 17.16 20.58
C GLN K 19 59.85 16.88 21.85
N LEU K 20 60.59 17.18 22.94
CA LEU K 20 60.03 16.94 24.27
C LEU K 20 60.64 18.03 25.14
N ALA K 21 59.81 18.46 26.08
CA ALA K 21 60.29 19.49 27.02
C ALA K 21 61.09 18.84 28.17
N VAL K 22 62.15 19.51 28.59
CA VAL K 22 63.06 19.14 29.64
C VAL K 22 63.15 20.34 30.58
N THR K 23 62.44 20.34 31.72
CA THR K 23 62.44 21.51 32.59
C THR K 23 63.17 21.35 33.91
N ASN K 24 64.34 22.00 34.05
CA ASN K 24 65.12 21.98 35.29
C ASN K 24 64.49 22.84 36.37
N ASN K 25 63.70 22.27 37.28
CA ASN K 25 63.03 22.98 38.33
C ASN K 25 63.91 23.46 39.49
N ASP K 26 65.15 22.99 39.64
CA ASP K 26 65.96 23.42 40.79
C ASP K 26 66.22 24.92 40.87
N GLU K 27 66.84 25.70 41.70
CA GLU K 27 67.11 27.18 41.52
C GLU K 27 68.16 27.61 41.00
N ASN K 28 68.97 26.99 41.84
CA ASN K 28 70.43 27.02 41.82
C ASN K 28 70.90 25.60 41.50
N SER K 29 71.62 25.56 40.34
CA SER K 29 71.95 24.29 39.72
C SER K 29 72.71 24.25 38.42
N THR K 30 73.80 23.53 38.29
CA THR K 30 74.52 23.41 37.00
C THR K 30 74.35 21.98 36.45
N TYR K 31 73.19 21.65 35.86
CA TYR K 31 73.10 20.24 35.42
C TYR K 31 73.75 20.06 34.06
N LEU K 32 74.45 18.93 33.85
CA LEU K 32 75.11 18.75 32.55
C LEU K 32 74.28 17.86 31.63
N ILE K 33 72.96 18.00 31.64
CA ILE K 33 72.01 17.24 30.84
C ILE K 33 72.50 16.62 29.54
N GLN K 34 72.39 15.28 29.54
CA GLN K 34 72.79 14.34 28.52
C GLN K 34 71.60 13.47 28.11
N SER K 35 71.45 13.25 26.82
CA SER K 35 70.33 12.45 26.32
C SER K 35 70.77 11.38 25.34
N TRP K 36 69.88 10.48 24.95
CA TRP K 36 70.21 9.37 24.05
C TRP K 36 69.10 8.33 23.94
N VAL K 37 68.97 7.62 22.84
CA VAL K 37 67.95 6.59 22.67
C VAL K 37 68.52 5.19 22.72
N GLU K 38 67.73 4.18 23.05
CA GLU K 38 68.19 2.79 23.02
C GLU K 38 67.06 1.88 22.49
N ASN K 39 67.36 0.89 21.68
CA ASN K 39 66.33 0.00 21.12
C ASN K 39 65.60 -0.81 22.16
N ALA K 40 64.73 -1.74 21.71
CA ALA K 40 63.99 -2.60 22.61
C ALA K 40 64.79 -3.50 23.54
N ASP K 41 66.11 -3.60 23.54
CA ASP K 41 66.86 -4.37 24.51
C ASP K 41 67.83 -3.38 25.18
N GLY K 42 67.44 -2.11 25.11
CA GLY K 42 68.18 -1.02 25.69
C GLY K 42 69.67 -1.02 25.34
N VAL K 43 69.90 -1.03 24.02
CA VAL K 43 71.26 -0.97 23.50
C VAL K 43 71.36 0.38 22.78
N LYS K 44 72.43 1.12 23.05
CA LYS K 44 72.73 2.41 22.43
C LYS K 44 72.81 2.12 20.92
N ASP K 45 71.66 2.21 20.29
CA ASP K 45 71.31 1.95 18.92
C ASP K 45 71.53 3.23 18.12
N GLY K 46 71.55 3.13 16.78
CA GLY K 46 71.75 4.36 16.00
C GLY K 46 70.47 4.96 15.43
N ARG K 47 69.42 4.16 15.42
CA ARG K 47 68.11 4.46 14.90
C ARG K 47 67.66 5.91 15.02
N PHE K 48 67.55 6.48 16.21
CA PHE K 48 67.13 7.86 16.46
C PHE K 48 68.25 8.74 17.02
N ILE K 49 68.44 9.97 16.52
CA ILE K 49 69.50 10.80 17.12
C ILE K 49 68.85 11.91 17.93
N VAL K 50 69.40 12.21 19.09
CA VAL K 50 68.87 13.22 20.02
C VAL K 50 69.84 14.41 19.99
N THR K 51 69.19 15.58 19.91
CA THR K 51 69.82 16.90 19.79
C THR K 51 69.00 17.95 20.56
N PRO K 52 69.68 18.86 21.23
CA PRO K 52 71.13 18.79 21.47
C PRO K 52 71.54 17.71 22.48
N PRO K 53 72.65 17.01 22.21
CA PRO K 53 73.09 15.82 22.94
C PRO K 53 73.61 16.02 24.35
N LEU K 54 74.43 17.04 24.54
CA LEU K 54 74.94 17.48 25.82
C LEU K 54 74.78 19.01 25.86
N PHE K 55 73.97 19.48 26.77
CA PHE K 55 73.73 20.91 26.85
C PHE K 55 73.91 21.54 28.21
N ALA K 56 72.87 22.28 28.66
CA ALA K 56 72.98 23.06 29.89
C ALA K 56 71.66 23.60 30.43
N MET K 57 71.43 23.31 31.71
CA MET K 57 70.30 23.79 32.48
C MET K 57 70.85 24.31 33.84
N LYS K 58 70.99 25.61 33.87
CA LYS K 58 71.43 26.40 34.99
C LYS K 58 70.29 26.83 35.91
N GLY K 59 69.13 27.28 35.40
CA GLY K 59 68.14 27.78 36.38
C GLY K 59 66.83 27.05 36.36
N LYS K 60 65.74 27.79 36.57
CA LYS K 60 64.39 27.18 36.55
C LYS K 60 63.74 27.42 35.19
N LYS K 61 64.54 27.23 34.13
CA LYS K 61 64.15 27.39 32.73
C LYS K 61 63.47 26.12 32.21
N GLU K 62 63.49 25.87 30.92
CA GLU K 62 62.79 24.66 30.41
C GLU K 62 63.18 24.43 28.97
N ASN K 63 64.34 23.83 28.76
CA ASN K 63 64.90 23.62 27.44
C ASN K 63 64.08 22.60 26.62
N THR K 64 64.57 22.50 25.38
CA THR K 64 63.92 21.68 24.37
C THR K 64 64.86 20.61 23.80
N LEU K 65 64.31 19.39 23.82
CA LEU K 65 65.07 18.24 23.30
C LEU K 65 64.42 17.80 21.99
N ARG K 66 65.19 17.43 20.99
CA ARG K 66 64.60 17.02 19.71
C ARG K 66 65.23 15.69 19.27
N ILE K 67 64.32 14.82 18.83
CA ILE K 67 64.70 13.47 18.44
C ILE K 67 64.49 13.22 16.93
N LEU K 68 65.64 13.17 16.26
CA LEU K 68 65.74 13.00 14.83
C LEU K 68 65.29 11.64 14.32
N ASP K 69 66.07 10.87 13.58
CA ASP K 69 65.59 9.65 12.96
C ASP K 69 66.53 9.14 11.87
N ALA K 70 66.55 7.83 11.62
CA ALA K 70 67.33 7.25 10.55
C ALA K 70 67.43 5.71 10.58
N THR K 71 66.40 5.00 11.06
CA THR K 71 67.00 4.76 10.17
C THR K 71 66.52 4.59 8.76
N ASN K 72 67.32 4.67 7.69
CA ASN K 72 66.71 4.35 6.37
C ASN K 72 65.82 3.15 6.69
N ASN K 73 64.50 3.32 6.56
CA ASN K 73 63.61 2.32 7.15
C ASN K 73 63.83 0.91 6.64
N GLN K 74 64.28 0.21 7.65
CA GLN K 74 64.57 -1.19 7.69
C GLN K 74 63.76 -1.66 8.93
N LEU K 75 62.34 -0.23 9.32
CA LEU K 75 61.62 -0.78 10.46
C LEU K 75 60.20 -1.19 10.02
N PRO K 76 59.67 -2.20 10.69
CA PRO K 76 58.36 -2.76 10.48
C PRO K 76 57.24 -1.85 10.07
N GLN K 77 56.76 -1.96 8.83
CA GLN K 77 55.67 -1.06 8.37
C GLN K 77 54.31 -1.39 8.90
N ASP K 78 54.12 -2.54 9.57
CA ASP K 78 52.77 -2.84 10.02
C ASP K 78 52.49 -2.53 11.49
N ARG K 79 53.52 -2.30 12.30
CA ARG K 79 53.35 -2.11 13.73
C ARG K 79 54.21 -1.00 14.31
N GLU K 80 53.99 -0.64 15.57
CA GLU K 80 54.93 0.30 16.18
C GLU K 80 56.19 -0.50 16.58
N SER K 81 57.32 0.19 16.69
CA SER K 81 58.54 -0.50 17.17
C SER K 81 58.64 -0.10 18.65
N LEU K 82 59.74 -0.13 19.38
CA LEU K 82 59.78 0.35 20.75
C LEU K 82 61.25 0.53 21.15
N PHE K 83 61.52 1.80 21.39
CA PHE K 83 62.76 2.44 21.75
C PHE K 83 62.67 3.20 23.07
N TRP K 84 63.76 3.45 23.77
CA TRP K 84 63.65 4.19 25.04
C TRP K 84 64.44 5.51 25.07
N MET K 85 63.67 6.56 25.39
CA MET K 85 64.25 7.89 25.56
C MET K 85 65.04 8.06 26.85
N ASN K 86 66.30 8.52 26.76
CA ASN K 86 67.05 8.69 28.02
C ASN K 86 67.48 10.06 28.47
N VAL K 87 66.87 10.63 29.49
CA VAL K 87 67.27 11.94 30.03
C VAL K 87 68.13 11.85 31.27
N LYS K 88 69.45 11.87 31.13
CA LYS K 88 70.33 11.89 32.28
C LYS K 88 70.58 13.29 32.87
N ALA K 89 70.24 13.47 34.14
CA ALA K 89 70.58 14.74 34.80
C ALA K 89 71.90 14.64 35.59
N ILE K 90 72.98 15.15 35.00
CA ILE K 90 74.28 15.20 35.67
C ILE K 90 74.34 16.34 36.70
N PRO K 91 75.02 16.06 37.81
CA PRO K 91 75.20 16.96 38.94
C PRO K 91 76.58 17.57 39.18
N SER K 92 76.60 18.73 39.84
CA SER K 92 78.14 19.23 39.68
C SER K 92 79.03 18.66 40.77
N MET K 93 80.29 19.10 40.68
CA MET K 93 81.37 18.63 41.55
C MET K 93 81.48 19.36 42.88
N ASP K 94 80.67 18.99 43.86
CA ASP K 94 80.76 19.60 45.20
C ASP K 94 82.23 19.60 45.58
N LYS K 95 82.91 20.75 45.48
CA LYS K 95 84.35 20.81 45.71
C LYS K 95 84.80 20.39 47.10
N SER K 96 83.87 20.06 47.98
CA SER K 96 83.86 19.53 49.29
C SER K 96 84.34 18.08 49.47
N LYS K 97 85.09 17.53 48.54
CA LYS K 97 85.75 16.26 48.50
C LYS K 97 85.90 15.87 47.01
N GLU K 100 84.86 12.68 53.08
CA GLU K 100 85.23 11.81 51.97
C GLU K 100 84.89 10.38 52.44
N ASN K 101 84.34 9.66 51.49
CA ASN K 101 83.72 8.37 51.60
C ASN K 101 82.25 8.57 51.18
N THR K 102 82.05 8.53 49.86
CA THR K 102 80.77 8.82 49.25
C THR K 102 80.28 7.75 48.27
N LEU K 103 79.03 7.94 47.88
CA LEU K 103 78.15 7.31 46.96
C LEU K 103 77.60 8.38 46.02
N GLN K 104 78.20 8.52 44.84
CA GLN K 104 77.80 9.57 43.91
C GLN K 104 76.64 8.99 43.09
N LEU K 105 75.49 9.65 43.18
CA LEU K 105 74.34 9.13 42.39
C LEU K 105 74.17 10.09 41.20
N ALA K 106 73.25 9.79 40.33
CA ALA K 106 72.96 10.54 39.10
C ALA K 106 71.63 9.97 38.63
N ILE K 107 70.63 10.82 38.63
CA ILE K 107 69.25 10.50 38.28
C ILE K 107 68.91 10.45 36.82
N ILE K 108 68.31 9.35 36.39
CA ILE K 108 67.95 9.31 34.94
C ILE K 108 66.43 9.17 34.81
N SER K 109 65.94 9.82 33.75
CA SER K 109 64.51 9.75 33.40
C SER K 109 64.42 9.02 32.06
N ARG K 110 63.62 7.95 32.03
CA ARG K 110 63.50 7.10 30.85
C ARG K 110 62.08 6.67 30.55
N ILE K 111 61.66 7.13 29.38
CA ILE K 111 60.33 6.97 28.82
C ILE K 111 60.26 6.24 27.47
N LYS K 112 59.08 5.68 27.18
CA LYS K 112 58.85 4.94 25.96
C LYS K 112 58.88 5.83 24.70
N LEU K 113 59.65 5.43 23.70
CA LEU K 113 59.69 6.09 22.40
C LEU K 113 58.99 5.14 21.39
N TYR K 114 57.81 5.53 20.94
CA TYR K 114 57.01 4.66 20.09
C TYR K 114 57.11 5.05 18.63
N TYR K 115 57.95 4.39 17.84
CA TYR K 115 57.96 4.69 16.41
C TYR K 115 56.63 4.33 15.77
N ARG K 116 56.00 5.20 14.98
CA ARG K 116 54.68 4.95 14.40
C ARG K 116 54.50 5.27 12.92
N PRO K 117 54.52 4.23 12.06
CA PRO K 117 54.29 4.32 10.63
C PRO K 117 52.97 4.97 10.24
N ALA K 118 53.05 5.91 9.29
CA ALA K 118 51.88 6.63 8.79
C ALA K 118 51.02 5.70 7.93
N LYS K 119 49.73 5.98 7.88
CA LYS K 119 48.79 5.19 7.09
C LYS K 119 48.40 3.90 7.80
N LEU K 120 48.43 3.96 9.13
CA LEU K 120 48.10 2.75 9.90
C LEU K 120 46.68 2.32 9.61
N ALA K 121 46.46 1.00 9.75
CA ALA K 121 45.18 0.40 9.38
C ALA K 121 44.03 0.77 10.29
N LEU K 122 44.36 0.84 11.58
CA LEU K 122 43.41 1.14 12.64
C LEU K 122 43.78 2.43 13.37
N PRO K 123 42.76 3.14 13.88
CA PRO K 123 42.94 4.39 14.60
C PRO K 123 43.29 4.13 16.05
N PRO K 124 44.27 4.85 16.61
CA PRO K 124 44.78 4.65 17.94
C PRO K 124 43.83 4.66 19.11
N ASP K 125 42.74 5.43 19.01
CA ASP K 125 41.76 5.57 20.06
C ASP K 125 40.96 4.29 20.26
N GLN K 126 40.83 3.47 19.22
CA GLN K 126 40.09 2.23 19.31
C GLN K 126 41.04 1.04 19.23
N ALA K 127 42.14 1.10 19.97
CA ALA K 127 43.06 -0.06 19.98
C ALA K 127 42.94 -0.70 21.37
N ALA K 128 42.43 0.05 22.35
CA ALA K 128 42.36 -0.54 23.70
C ALA K 128 41.18 -1.47 23.88
N GLU K 129 40.19 -1.49 23.00
CA GLU K 129 39.07 -2.43 23.20
C GLU K 129 39.22 -3.68 22.34
N LYS K 130 40.18 -3.66 21.41
CA LYS K 130 40.47 -4.78 20.53
C LYS K 130 41.10 -5.95 21.29
N LEU K 131 41.76 -5.64 22.41
CA LEU K 131 42.40 -6.64 23.25
C LEU K 131 41.39 -7.50 24.00
N ARG K 132 41.69 -8.80 23.98
CA ARG K 132 40.98 -9.93 24.53
C ARG K 132 42.05 -10.74 25.28
N PHE K 133 41.67 -11.62 26.21
CA PHE K 133 42.60 -12.29 27.11
C PHE K 133 42.86 -13.78 26.99
N ARG K 134 42.68 -14.66 27.98
CA ARG K 134 42.96 -16.09 27.91
C ARG K 134 43.31 -16.74 29.26
N ARG K 135 42.31 -16.78 30.13
CA ARG K 135 42.32 -17.37 31.44
C ARG K 135 43.40 -18.40 31.73
N SER K 136 43.97 -18.52 31.84
CA SER K 136 44.57 -19.71 32.32
C SER K 136 44.77 -19.70 33.84
N ALA K 137 45.05 -20.88 34.37
CA ALA K 137 45.20 -21.14 35.82
C ALA K 137 46.57 -20.87 36.42
N ASN K 138 47.43 -20.16 35.66
CA ASN K 138 48.75 -19.71 36.18
C ASN K 138 49.11 -18.38 35.57
N SER K 139 48.33 -17.99 34.55
CA SER K 139 48.61 -16.76 33.80
C SER K 139 47.41 -16.29 32.92
N LEU K 140 46.80 -15.33 32.85
CA LEU K 140 46.03 -14.37 32.05
C LEU K 140 46.82 -13.78 30.89
N THR K 141 46.59 -14.25 29.66
CA THR K 141 47.36 -13.77 28.54
C THR K 141 46.76 -12.59 27.80
N LEU K 142 47.53 -11.49 27.82
CA LEU K 142 47.10 -10.29 27.09
C LEU K 142 47.47 -10.46 25.61
N ILE K 143 46.49 -10.59 24.73
CA ILE K 143 46.69 -10.74 23.30
C ILE K 143 46.25 -9.46 22.58
N ASN K 144 47.15 -8.93 21.77
CA ASN K 144 46.97 -7.65 21.07
C ASN K 144 47.12 -7.72 19.57
N PRO K 145 46.04 -7.62 18.81
CA PRO K 145 46.04 -7.65 17.37
C PRO K 145 46.40 -6.39 16.61
N THR K 146 46.56 -5.27 17.27
CA THR K 146 46.81 -3.95 16.74
C THR K 146 48.28 -3.69 16.53
N PRO K 147 48.63 -2.68 15.72
CA PRO K 147 50.01 -2.31 15.50
C PRO K 147 50.60 -1.52 16.66
N TYR K 148 49.79 -0.99 17.56
CA TYR K 148 50.24 -0.19 18.68
C TYR K 148 50.68 -0.99 19.90
N TYR K 149 51.69 -0.41 20.58
CA TYR K 149 52.12 -0.94 21.86
C TYR K 149 50.96 -0.70 22.80
N LEU K 150 50.71 -1.49 23.81
CA LEU K 150 49.55 -1.34 24.65
C LEU K 150 49.93 -1.48 26.12
N THR K 151 49.89 -0.32 26.78
CA THR K 151 50.27 -0.23 28.18
C THR K 151 49.07 -0.57 29.04
N VAL K 152 48.89 -1.85 29.39
CA VAL K 152 47.74 -2.27 30.18
C VAL K 152 48.01 -1.97 31.66
N THR K 153 47.14 -1.14 32.22
CA THR K 153 47.29 -0.85 33.64
C THR K 153 46.08 -1.19 34.49
N GLU K 154 46.29 -1.04 35.80
CA GLU K 154 45.22 -1.23 36.78
C GLU K 154 44.28 -2.34 36.31
N LEU K 155 44.65 -3.60 36.51
CA LEU K 155 43.89 -4.74 36.00
C LEU K 155 43.63 -5.86 37.01
N ASN K 156 42.33 -6.17 37.17
CA ASN K 156 41.87 -7.19 38.09
C ASN K 156 41.32 -8.24 37.32
N ALA K 157 40.69 -8.54 38.44
CA ALA K 157 40.05 -9.84 38.41
C ALA K 157 39.44 -10.08 39.80
N GLY K 158 38.24 -9.49 39.98
CA GLY K 158 37.60 -9.48 41.29
C GLY K 158 38.47 -8.74 42.32
N THR K 159 39.35 -9.50 42.95
CA THR K 159 40.22 -9.14 44.04
C THR K 159 41.73 -9.00 43.89
N ARG K 160 42.37 -9.96 43.23
CA ARG K 160 43.82 -9.96 43.05
C ARG K 160 44.25 -8.84 42.09
N VAL K 161 45.34 -8.14 42.41
CA VAL K 161 45.85 -7.10 41.53
C VAL K 161 46.84 -7.79 40.57
N LEU K 162 46.49 -7.60 39.99
CA LEU K 162 47.38 -8.12 38.96
C LEU K 162 48.46 -7.10 38.56
N GLU K 163 49.37 -7.59 37.73
CA GLU K 163 50.52 -6.77 37.31
C GLU K 163 50.20 -5.87 36.12
N ASN K 164 50.94 -4.79 35.94
CA ASN K 164 50.70 -3.99 34.74
C ASN K 164 51.41 -4.73 33.60
N ALA K 165 51.08 -4.37 32.37
CA ALA K 165 51.68 -5.12 31.27
C ALA K 165 51.91 -4.27 30.03
N LEU K 166 52.94 -4.65 29.31
CA LEU K 166 53.29 -3.94 28.08
C LEU K 166 53.15 -5.02 27.00
N VAL K 167 52.01 -5.04 26.39
CA VAL K 167 51.63 -5.99 25.34
C VAL K 167 52.05 -5.49 23.96
N PRO K 168 52.98 -6.23 23.33
CA PRO K 168 53.51 -5.86 22.04
C PRO K 168 52.52 -5.90 20.89
N PRO K 169 52.91 -5.15 19.84
CA PRO K 169 52.17 -4.98 18.62
C PRO K 169 51.96 -6.20 17.72
N MET K 170 50.75 -6.77 17.85
CA MET K 170 50.34 -7.90 17.06
C MET K 170 50.91 -9.14 17.74
N GLY K 171 50.87 -9.00 19.08
CA GLY K 171 51.37 -10.00 19.95
C GLY K 171 50.63 -10.37 21.23
N GLU K 172 51.47 -10.78 22.19
CA GLU K 172 50.98 -11.11 23.51
C GLU K 172 52.03 -11.07 24.61
N SER K 173 51.48 -11.21 25.81
CA SER K 173 52.21 -11.43 27.02
C SER K 173 51.14 -11.78 28.07
N ALA K 174 51.73 -12.21 29.18
CA ALA K 174 50.92 -12.62 30.29
C ALA K 174 51.51 -11.91 31.52
N VAL K 175 50.68 -12.01 32.52
CA VAL K 175 50.84 -11.51 33.87
C VAL K 175 50.50 -12.72 34.73
N LYS K 176 50.79 -12.76 36.03
CA LYS K 176 50.40 -13.96 36.77
C LYS K 176 48.94 -13.82 37.18
N LEU K 177 48.15 -14.88 36.98
CA LEU K 177 46.72 -14.89 37.29
C LEU K 177 46.44 -15.83 38.45
N SER K 183 35.77 -13.76 38.91
CA SER K 183 36.99 -13.46 38.17
C SER K 183 36.75 -13.17 36.68
N ASN K 184 35.96 -12.11 36.44
CA ASN K 184 35.79 -11.57 35.08
C ASN K 184 37.08 -10.77 34.88
N ILE K 185 37.46 -10.17 33.75
CA ILE K 185 38.72 -9.40 33.84
C ILE K 185 38.52 -7.99 33.32
N THR K 186 38.41 -7.18 34.05
CA THR K 186 38.35 -5.72 33.96
C THR K 186 39.77 -5.13 33.90
N TYR K 187 39.87 -4.11 33.06
CA TYR K 187 41.15 -3.43 32.87
C TYR K 187 41.03 -2.00 32.37
N ARG K 188 42.16 -1.32 32.23
CA ARG K 188 42.32 0.00 31.64
C ARG K 188 43.77 0.12 31.12
N THR K 189 43.99 1.02 30.16
CA THR K 189 45.31 1.17 29.58
C THR K 189 45.73 2.64 29.59
N ILE K 190 47.03 2.85 29.34
CA ILE K 190 47.58 4.20 29.26
C ILE K 190 47.81 4.67 27.83
N ASN K 191 47.05 5.65 27.39
CA ASN K 191 47.07 6.27 26.05
C ASN K 191 48.29 7.08 25.70
N ASP K 192 48.36 7.90 24.65
CA ASP K 192 49.60 8.56 24.27
C ASP K 192 49.71 9.98 24.85
N TYR K 193 48.74 10.31 25.73
CA TYR K 193 48.69 11.55 26.45
C TYR K 193 48.50 11.14 27.92
N GLY K 194 49.43 10.33 28.39
CA GLY K 194 49.47 9.78 29.70
C GLY K 194 48.37 9.50 30.66
N ALA K 195 47.07 9.51 30.35
CA ALA K 195 46.05 9.24 31.36
C ALA K 195 45.33 7.90 31.19
N LEU K 196 44.86 7.32 32.29
CA LEU K 196 44.10 6.06 32.22
C LEU K 196 43.02 6.06 31.15
N THR K 197 42.63 4.89 30.61
CA THR K 197 41.56 4.81 29.61
C THR K 197 40.30 4.32 30.35
N PRO K 198 39.16 4.41 29.70
CA PRO K 198 37.88 4.13 30.31
C PRO K 198 37.79 2.75 30.92
N LYS K 199 37.75 2.72 32.25
CA LYS K 199 37.70 1.46 32.99
C LYS K 199 36.77 0.54 32.18
N MET K 200 37.32 -0.61 31.82
CA MET K 200 36.52 -1.53 31.02
C MET K 200 36.88 -3.00 31.16
N THR K 201 35.87 -3.77 30.76
CA THR K 201 35.89 -5.22 30.61
C THR K 201 36.02 -5.33 29.07
N GLY K 202 36.91 -6.17 28.58
CA GLY K 202 37.11 -6.32 27.13
C GLY K 202 36.73 -7.75 26.76
N VAL K 203 36.12 -7.95 25.56
CA VAL K 203 35.68 -9.28 25.17
C VAL K 203 36.68 -10.36 25.62
N MET K 204 36.06 -11.34 26.26
CA MET K 204 36.68 -12.46 26.91
C MET K 204 37.65 -13.34 26.13
N GLU K 205 37.93 -14.38 26.91
CA GLU K 205 38.79 -15.49 27.01
C GLU K 205 39.36 -15.34 28.45
N PHE L 1 19.09 45.50 16.22
CA PHE L 1 20.45 44.88 16.15
C PHE L 1 20.27 43.39 16.29
N ALA L 2 21.03 42.54 15.59
CA ALA L 2 20.78 41.09 15.72
C ALA L 2 22.04 40.30 15.50
N CYS L 3 22.14 39.03 15.86
CA CYS L 3 23.36 38.31 15.63
C CYS L 3 23.17 36.84 15.28
N LYS L 4 24.25 36.33 14.72
CA LYS L 4 24.20 34.90 14.37
C LYS L 4 25.54 34.25 14.59
N THR L 5 25.54 32.95 14.52
CA THR L 5 26.66 32.04 14.68
C THR L 5 27.08 31.50 13.32
N ALA L 6 28.32 31.09 13.10
CA ALA L 6 28.78 30.45 11.90
C ALA L 6 28.00 29.17 11.59
N ASN L 7 27.38 28.49 12.54
CA ASN L 7 26.42 27.41 12.39
C ASN L 7 25.04 27.95 12.02
N GLY L 8 24.92 29.25 11.72
CA GLY L 8 23.69 29.89 11.34
C GLY L 8 22.60 30.12 12.37
N THR L 9 22.66 29.58 13.59
CA THR L 9 21.60 29.86 14.55
C THR L 9 21.64 31.36 14.82
N ALA L 10 20.46 31.94 14.95
CA ALA L 10 20.28 33.36 15.16
C ALA L 10 19.70 33.69 16.55
N ILE L 11 19.90 34.96 16.89
CA ILE L 11 19.38 35.61 18.08
C ILE L 11 19.00 37.02 17.53
N PRO L 12 17.69 37.26 17.49
CA PRO L 12 17.12 38.46 16.91
C PRO L 12 17.17 39.69 17.83
N ILE L 13 16.41 40.66 17.35
CA ILE L 13 16.19 41.92 18.04
C ILE L 13 15.72 41.74 19.46
N GLY L 14 16.44 42.45 20.32
CA GLY L 14 16.34 42.49 21.78
C GLY L 14 16.69 41.15 22.39
N GLY L 15 17.36 40.34 21.60
CA GLY L 15 17.46 38.93 21.73
C GLY L 15 18.26 38.25 22.77
N GLY L 16 17.83 37.05 23.11
CA GLY L 16 18.32 36.18 24.14
C GLY L 16 19.50 35.27 24.04
N SER L 17 19.40 33.93 23.91
CA SER L 17 20.58 33.08 23.86
C SER L 17 20.67 31.99 22.80
N ALA L 18 21.89 31.47 22.62
CA ALA L 18 22.21 30.49 21.62
C ALA L 18 23.48 29.70 22.00
N ASN L 19 23.54 28.46 21.53
CA ASN L 19 24.62 27.57 21.76
C ASN L 19 25.64 27.77 20.66
N VAL L 20 26.92 27.82 20.92
CA VAL L 20 27.98 27.97 19.95
C VAL L 20 28.82 26.71 20.11
N TYR L 21 29.17 25.98 19.08
CA TYR L 21 29.94 24.73 19.21
C TYR L 21 31.30 24.99 18.63
N VAL L 22 32.38 24.87 19.42
CA VAL L 22 33.64 25.39 18.82
C VAL L 22 34.66 24.29 18.70
N ASN L 23 35.63 24.29 17.79
CA ASN L 23 36.56 23.18 17.69
C ASN L 23 37.79 23.52 18.54
N LEU L 24 38.32 22.60 19.36
CA LEU L 24 39.47 22.98 20.15
C LEU L 24 40.79 22.30 19.79
N ALA L 25 41.86 23.09 19.82
CA ALA L 25 43.16 22.44 19.54
C ALA L 25 43.19 21.19 20.42
N PRO L 26 43.32 20.00 19.81
CA PRO L 26 43.10 18.72 20.51
C PRO L 26 44.11 18.42 21.58
N VAL L 27 45.29 19.03 21.52
CA VAL L 27 46.36 18.90 22.50
C VAL L 27 47.07 20.19 22.85
N VAL L 28 46.94 20.53 24.15
CA VAL L 28 47.56 21.71 24.71
C VAL L 28 48.51 21.26 25.82
N ASN L 29 49.70 21.79 25.90
CA ASN L 29 50.54 21.34 27.02
C ASN L 29 50.43 22.28 28.23
N VAL L 30 51.17 21.96 29.29
CA VAL L 30 51.09 22.80 30.49
C VAL L 30 51.75 24.11 30.08
N GLY L 31 51.03 25.23 30.29
CA GLY L 31 51.67 26.47 29.89
C GLY L 31 51.55 26.90 28.44
N GLN L 32 50.90 26.17 27.54
CA GLN L 32 50.64 26.72 26.20
C GLN L 32 49.21 27.30 26.22
N ASN L 33 48.99 28.28 25.34
CA ASN L 33 47.67 28.88 25.31
C ASN L 33 46.77 28.02 24.40
N LEU L 34 45.54 27.86 24.79
CA LEU L 34 44.43 27.31 24.13
C LEU L 34 43.65 28.58 23.66
N VAL L 35 43.73 28.87 22.32
CA VAL L 35 42.91 30.03 21.95
C VAL L 35 41.50 29.59 21.55
N VAL L 36 40.49 30.17 22.23
CA VAL L 36 39.12 29.91 21.81
C VAL L 36 38.70 31.24 21.14
N ASP L 37 38.73 31.28 19.82
CA ASP L 37 38.43 32.47 19.02
C ASP L 37 36.92 32.58 18.73
N LEU L 38 36.24 33.58 19.31
CA LEU L 38 34.80 33.63 19.02
C LEU L 38 34.46 34.51 17.89
N SER L 39 35.50 35.22 17.40
CA SER L 39 35.26 36.18 16.34
C SER L 39 34.93 35.61 14.94
N THR L 40 34.98 34.28 14.87
CA THR L 40 34.93 33.46 13.69
C THR L 40 33.62 32.69 13.78
N GLN L 41 33.02 32.82 14.96
CA GLN L 41 31.75 32.17 15.21
C GLN L 41 30.58 33.07 15.49
N ILE L 42 30.71 34.24 16.11
CA ILE L 42 29.55 35.06 16.48
C ILE L 42 29.56 36.31 15.65
N PHE L 43 28.52 36.53 14.80
CA PHE L 43 28.57 37.72 13.93
C PHE L 43 27.35 38.59 14.12
N CYS L 44 27.51 39.93 14.18
CA CYS L 44 26.33 40.81 14.36
C CYS L 44 26.34 41.98 13.40
N HIS L 45 25.16 42.63 13.40
CA HIS L 45 25.06 43.87 12.63
C HIS L 45 24.04 44.85 13.20
N ASN L 46 24.15 46.07 12.65
CA ASN L 46 23.21 47.14 12.94
C ASN L 46 21.96 47.05 12.02
N ASP L 47 20.77 47.03 12.63
CA ASP L 47 19.58 47.01 11.75
C ASP L 47 19.27 48.34 11.11
N TYR L 48 19.42 49.52 11.72
CA TYR L 48 19.22 50.83 11.14
C TYR L 48 20.43 51.76 11.33
N PRO L 49 21.53 51.47 10.63
CA PRO L 49 22.77 52.20 10.74
C PRO L 49 22.77 53.62 10.22
N GLU L 50 21.86 53.95 9.29
CA GLU L 50 21.81 55.32 8.80
C GLU L 50 21.34 56.30 9.86
N THR L 51 20.72 55.84 10.95
CA THR L 51 20.31 56.74 12.03
C THR L 51 20.75 56.26 13.42
N ILE L 52 21.01 54.99 13.64
CA ILE L 52 21.27 54.53 15.01
C ILE L 52 22.63 53.91 15.10
N THR L 53 23.25 54.29 16.22
CA THR L 53 24.58 53.81 16.50
C THR L 53 24.45 52.69 17.56
N ASP L 54 25.01 51.54 17.15
CA ASP L 54 24.89 50.39 18.06
C ASP L 54 26.14 50.27 18.91
N TYR L 55 25.91 49.96 20.18
CA TYR L 55 27.01 49.87 21.15
C TYR L 55 27.04 48.50 21.77
N VAL L 56 28.15 47.79 21.55
CA VAL L 56 28.28 46.42 22.01
C VAL L 56 29.52 46.24 22.92
N THR L 57 29.18 45.69 24.08
CA THR L 57 30.04 45.31 25.17
C THR L 57 30.15 43.81 25.41
N LEU L 58 31.21 43.32 26.06
CA LEU L 58 31.28 41.91 26.55
C LEU L 58 31.09 42.14 28.05
N GLN L 59 29.87 42.03 28.48
CA GLN L 59 29.52 42.34 29.87
C GLN L 59 30.00 41.39 30.97
N ARG L 60 30.01 40.08 30.77
CA ARG L 60 30.44 39.15 31.83
C ARG L 60 30.75 37.86 31.06
N GLY L 61 31.88 37.29 31.41
CA GLY L 61 32.32 36.00 30.95
C GLY L 61 32.39 35.03 32.13
N SER L 62 31.86 33.82 31.95
CA SER L 62 31.91 32.81 33.00
C SER L 62 32.53 31.57 32.38
N ALA L 63 33.31 30.89 33.20
CA ALA L 63 34.05 29.70 32.86
C ALA L 63 33.31 28.52 33.52
N TYR L 64 33.35 27.35 32.97
CA TYR L 64 32.57 26.21 33.50
C TYR L 64 33.33 24.92 33.16
N GLY L 65 32.93 23.84 33.87
CA GLY L 65 33.60 22.57 33.81
C GLY L 65 35.11 22.58 33.71
N GLY L 66 35.70 22.09 32.64
CA GLY L 66 37.13 22.01 32.43
C GLY L 66 37.87 23.34 32.39
N VAL L 67 37.19 24.40 31.83
CA VAL L 67 37.89 25.68 31.80
C VAL L 67 38.10 26.14 33.22
N LEU L 68 37.08 26.18 34.05
CA LEU L 68 37.04 26.60 35.43
C LEU L 68 37.98 25.82 36.39
N SER L 69 38.12 24.53 36.11
CA SER L 69 38.92 23.65 36.94
C SER L 69 40.39 23.70 36.55
N ASN L 70 40.76 23.62 35.29
CA ASN L 70 42.19 23.29 35.14
C ASN L 70 42.85 24.09 34.06
N PHE L 71 42.38 25.37 34.07
CA PHE L 71 42.75 26.46 33.21
C PHE L 71 42.63 27.84 33.86
N SER L 72 43.62 28.66 33.47
CA SER L 72 43.58 30.03 33.81
C SER L 72 43.82 30.92 32.57
N GLY L 73 43.27 32.16 32.56
CA GLY L 73 43.51 33.04 31.44
C GLY L 73 42.85 34.39 31.31
N THR L 74 42.79 34.91 30.08
CA THR L 74 42.29 36.20 29.69
C THR L 74 41.31 36.13 28.51
N VAL L 75 40.44 37.11 28.41
CA VAL L 75 39.53 37.32 27.32
C VAL L 75 40.12 38.52 26.52
N LYS L 76 40.21 38.32 25.21
CA LYS L 76 40.69 39.38 24.34
C LYS L 76 39.43 40.03 23.74
N TYR L 77 39.16 41.27 24.10
CA TYR L 77 38.00 41.93 23.51
C TYR L 77 38.45 43.12 22.68
N SER L 78 38.19 43.20 21.37
CA SER L 78 38.63 44.37 20.58
C SER L 78 40.07 44.82 20.78
N GLY L 79 40.99 43.89 20.66
CA GLY L 79 42.39 44.32 20.92
C GLY L 79 42.81 44.62 22.35
N SER L 80 41.99 44.43 23.38
CA SER L 80 42.47 44.52 24.75
C SER L 80 42.05 43.31 25.54
N SER L 81 42.97 42.72 26.27
CA SER L 81 42.80 41.63 27.23
C SER L 81 42.47 42.01 28.66
N TYR L 82 41.62 41.28 29.35
CA TYR L 82 41.03 41.41 30.67
C TYR L 82 40.98 40.01 31.27
N PRO L 83 41.03 39.92 32.60
CA PRO L 83 40.87 38.64 33.27
C PRO L 83 39.70 37.85 32.68
N PHE L 84 39.77 36.53 32.66
CA PHE L 84 38.67 35.65 32.32
C PHE L 84 38.78 34.49 33.31
N PRO L 85 37.85 34.28 34.21
CA PRO L 85 36.59 34.95 34.33
C PRO L 85 36.58 36.45 34.47
N THR L 86 35.60 37.13 33.85
CA THR L 86 35.57 38.57 33.99
C THR L 86 35.23 39.10 35.36
N THR L 87 35.59 40.42 35.54
CA THR L 87 35.37 41.09 36.80
C THR L 87 34.71 42.45 36.58
N SER L 88 34.51 42.75 35.31
CA SER L 88 33.80 44.01 35.08
C SER L 88 33.35 44.06 33.61
N GLU L 89 32.48 44.99 33.28
CA GLU L 89 32.10 45.11 31.89
C GLU L 89 33.20 45.87 31.13
N THR L 90 33.44 45.36 29.95
CA THR L 90 34.26 45.91 28.89
C THR L 90 33.73 47.22 28.33
N PRO L 91 34.59 48.01 27.69
CA PRO L 91 34.23 49.27 27.07
C PRO L 91 33.55 48.92 25.73
N ARG L 92 32.90 49.87 25.08
CA ARG L 92 32.12 49.70 23.92
C ARG L 92 32.81 49.31 22.64
N VAL L 93 32.08 48.54 21.83
CA VAL L 93 32.51 48.39 20.43
C VAL L 93 31.29 48.98 19.65
N VAL L 94 31.66 49.85 18.68
CA VAL L 94 30.60 50.46 17.89
C VAL L 94 30.37 49.60 16.64
N TYR L 95 29.09 49.29 16.40
CA TYR L 95 28.59 48.61 15.21
C TYR L 95 27.71 49.58 14.38
N ASN L 96 28.18 49.99 13.21
CA ASN L 96 27.48 50.91 12.32
C ASN L 96 27.30 50.33 10.93
N SER L 97 26.68 49.15 10.84
CA SER L 97 26.56 48.48 9.54
C SER L 97 25.62 47.27 9.57
N ARG L 98 24.98 47.08 8.41
CA ARG L 98 24.01 46.02 8.16
C ARG L 98 24.78 44.76 7.75
N THR L 99 26.02 44.94 7.31
CA THR L 99 26.84 43.77 6.95
C THR L 99 27.36 43.17 8.24
N ASP L 100 27.07 41.89 8.39
CA ASP L 100 27.35 41.12 9.61
C ASP L 100 28.82 41.29 9.99
N LYS L 101 29.09 41.61 11.24
CA LYS L 101 30.52 41.81 11.59
C LYS L 101 30.91 41.04 12.86
N PRO L 102 32.16 40.62 12.89
CA PRO L 102 32.70 39.90 14.02
C PRO L 102 32.48 40.55 15.38
N TRP L 103 31.99 39.74 16.30
CA TRP L 103 32.01 39.99 17.76
C TRP L 103 33.45 39.60 18.20
N PRO L 104 34.28 40.55 18.53
CA PRO L 104 35.71 40.36 18.69
C PRO L 104 36.18 39.96 20.08
N VAL L 105 35.76 38.76 20.45
CA VAL L 105 36.05 38.10 21.69
C VAL L 105 36.93 36.86 21.36
N ALA L 106 37.88 36.60 22.22
CA ALA L 106 38.72 35.43 22.12
C ALA L 106 39.28 35.09 23.52
N LEU L 107 39.27 33.81 23.84
CA LEU L 107 39.79 33.36 25.13
C LEU L 107 41.20 32.78 24.95
N TYR L 108 42.13 33.17 25.77
CA TYR L 108 43.50 32.78 25.89
C TYR L 108 43.63 31.99 27.22
N LEU L 109 43.50 30.64 27.15
CA LEU L 109 43.48 29.75 28.30
C LEU L 109 44.75 28.88 28.42
N THR L 110 45.39 28.98 29.61
CA THR L 110 46.61 28.28 29.90
C THR L 110 46.27 27.31 31.01
N PRO L 111 46.50 26.03 30.79
CA PRO L 111 46.24 24.99 31.77
C PRO L 111 47.29 25.13 32.87
N VAL L 112 46.90 24.83 34.08
CA VAL L 112 47.59 24.84 35.35
C VAL L 112 48.18 23.47 35.57
N SER L 113 49.39 23.31 36.07
CA SER L 113 50.09 22.04 36.26
C SER L 113 49.31 20.89 36.83
N SER L 114 48.26 21.01 37.63
CA SER L 114 47.47 19.92 38.14
C SER L 114 46.42 19.39 37.18
N ALA L 115 46.41 19.91 35.96
CA ALA L 115 45.50 19.51 34.90
C ALA L 115 46.30 18.42 34.16
N GLY L 116 45.69 17.58 33.34
CA GLY L 116 46.55 16.55 32.74
C GLY L 116 45.79 15.34 32.21
N GLY L 117 44.51 15.20 32.49
CA GLY L 117 43.82 14.06 31.79
C GLY L 117 43.01 14.68 30.62
N VAL L 118 41.71 14.65 30.80
CA VAL L 118 40.77 15.32 29.92
C VAL L 118 40.36 16.65 30.56
N ALA L 119 41.20 17.66 30.29
CA ALA L 119 40.93 19.04 30.75
C ALA L 119 39.52 19.45 30.35
N ILE L 120 39.19 19.37 29.07
CA ILE L 120 37.87 19.70 28.57
C ILE L 120 37.21 18.45 27.99
N LYS L 121 36.02 18.11 28.43
CA LYS L 121 35.26 16.95 27.99
C LYS L 121 34.51 17.22 26.69
N ALA L 122 34.85 16.48 25.61
CA ALA L 122 34.14 16.77 24.36
C ALA L 122 32.68 16.91 24.74
N GLY L 123 32.01 17.93 24.28
CA GLY L 123 30.61 18.17 24.60
C GLY L 123 30.24 19.07 25.73
N SER L 124 31.16 19.49 26.61
CA SER L 124 30.81 20.21 27.84
C SER L 124 30.63 21.71 27.79
N LEU L 125 29.73 22.35 28.54
CA LEU L 125 29.78 23.81 28.62
C LEU L 125 31.22 24.29 28.89
N ILE L 126 31.93 25.07 28.12
CA ILE L 126 33.18 25.73 28.31
C ILE L 126 32.92 27.09 29.07
N ALA L 127 32.00 27.84 28.41
CA ALA L 127 31.74 29.19 28.80
C ALA L 127 30.42 29.81 28.44
N VAL L 128 30.10 30.83 29.24
CA VAL L 128 28.94 31.65 28.92
C VAL L 128 29.49 33.09 28.78
N LEU L 129 29.37 33.67 27.63
CA LEU L 129 29.76 35.01 27.28
C LEU L 129 28.49 35.82 27.01
N ILE L 130 28.36 36.89 27.80
CA ILE L 130 27.16 37.71 27.66
C ILE L 130 27.47 38.98 26.89
N LEU L 131 26.90 39.10 25.70
CA LEU L 131 27.07 40.29 24.87
C LEU L 131 25.95 41.27 25.20
N ARG L 132 26.36 42.48 25.55
CA ARG L 132 25.42 43.53 25.95
C ARG L 132 25.54 44.73 24.98
N GLN L 133 24.38 44.97 24.41
CA GLN L 133 24.06 45.94 23.42
C GLN L 133 23.11 47.05 23.83
N THR L 134 23.63 48.27 23.61
CA THR L 134 22.79 49.46 23.83
C THR L 134 22.80 50.22 22.51
N ASN L 135 22.44 51.48 22.44
CA ASN L 135 22.49 52.24 21.20
C ASN L 135 22.46 53.73 21.59
N ASN L 136 22.56 54.63 20.64
CA ASN L 136 22.35 56.06 20.91
C ASN L 136 20.90 56.47 20.58
N TYR L 137 19.93 55.56 20.54
CA TYR L 137 18.56 55.94 20.18
C TYR L 137 17.71 56.03 21.44
N ASN L 138 17.00 54.97 21.78
CA ASN L 138 16.22 54.92 23.01
C ASN L 138 17.00 54.22 24.11
N SER L 139 16.35 53.73 25.13
CA SER L 139 16.97 53.04 26.24
C SER L 139 17.05 51.52 26.16
N ASP L 140 17.07 50.89 24.99
CA ASP L 140 17.22 49.43 25.02
C ASP L 140 18.59 49.01 25.57
N ASP L 141 18.51 47.79 26.11
CA ASP L 141 19.61 47.23 26.89
C ASP L 141 19.48 45.71 26.91
N PHE L 142 20.07 45.12 25.85
CA PHE L 142 19.87 43.73 25.58
C PHE L 142 21.09 42.87 25.79
N GLN L 143 20.76 41.68 26.32
CA GLN L 143 21.77 40.66 26.53
C GLN L 143 21.49 39.53 25.55
N PHE L 144 22.56 39.25 24.83
CA PHE L 144 22.75 38.19 23.88
C PHE L 144 23.70 37.21 24.59
N VAL L 145 23.23 36.12 25.13
CA VAL L 145 23.96 35.04 25.78
C VAL L 145 24.35 33.93 24.80
N TRP L 146 25.65 33.70 24.72
CA TRP L 146 26.42 32.75 23.97
C TRP L 146 27.02 31.70 24.90
N ASN L 147 26.47 30.49 24.82
CA ASN L 147 26.85 29.30 25.58
C ASN L 147 27.83 28.56 24.67
N ILE L 148 29.04 28.50 25.15
CA ILE L 148 30.12 27.99 24.31
C ILE L 148 30.35 26.55 24.70
N TYR L 149 30.38 25.60 23.74
CA TYR L 149 30.60 24.19 24.04
C TYR L 149 31.72 23.61 23.20
N ALA L 150 32.53 22.79 23.87
CA ALA L 150 33.60 22.10 23.13
C ALA L 150 33.03 21.08 22.14
N ASN L 151 33.63 21.08 20.97
CA ASN L 151 33.28 20.11 19.93
C ASN L 151 34.07 18.82 20.26
N ASN L 152 35.26 19.01 20.81
CA ASN L 152 36.11 17.87 21.07
C ASN L 152 36.84 17.99 22.41
N ASP L 153 37.02 16.85 23.05
CA ASP L 153 37.82 16.77 24.25
C ASP L 153 39.10 17.62 24.04
N VAL L 154 39.62 18.29 25.06
CA VAL L 154 40.97 18.84 24.90
C VAL L 154 41.84 18.01 25.85
N VAL L 155 42.99 17.51 25.42
CA VAL L 155 43.83 16.80 26.41
C VAL L 155 45.06 17.63 26.78
N VAL L 156 45.48 17.59 28.05
CA VAL L 156 46.77 18.19 28.44
C VAL L 156 47.67 16.98 28.74
N PRO L 157 48.79 16.87 28.10
CA PRO L 157 49.65 15.70 28.29
C PRO L 157 50.40 15.80 29.59
N THR L 158 50.14 14.83 30.48
CA THR L 158 50.76 14.73 31.78
C THR L 158 52.27 14.48 31.64
N GLY L 159 53.04 15.19 32.49
CA GLY L 159 54.48 15.16 32.45
C GLY L 159 55.17 14.25 33.45
N GLY L 160 56.52 14.23 33.32
CA GLY L 160 57.31 13.45 34.27
C GLY L 160 57.12 14.10 35.65
N CYS L 161 57.86 13.48 36.58
CA CYS L 161 57.93 13.86 37.98
C CYS L 161 59.23 14.51 38.39
N ASP L 162 59.17 15.10 39.59
CA ASP L 162 60.40 15.71 40.15
C ASP L 162 61.03 14.67 41.08
N VAL L 163 62.27 14.36 40.74
CA VAL L 163 63.10 13.40 41.43
C VAL L 163 64.18 13.99 42.33
N SER L 164 63.81 14.48 43.50
CA SER L 164 64.72 15.07 44.46
C SER L 164 65.79 14.24 45.15
N ALA L 165 67.06 14.36 44.75
CA ALA L 165 68.16 13.70 45.48
C ALA L 165 68.41 14.43 46.83
N ARG L 166 68.96 15.27 47.36
CA ARG L 166 69.94 16.18 47.94
C ARG L 166 71.30 16.24 47.27
N ASP L 167 72.14 15.19 47.26
CA ASP L 167 73.43 15.32 46.58
C ASP L 167 74.17 14.01 46.46
N VAL L 168 75.43 13.02 45.69
CA VAL L 168 76.48 12.91 46.68
C VAL L 168 76.07 12.83 48.14
N THR L 169 76.55 11.72 48.73
CA THR L 169 76.33 11.23 50.06
C THR L 169 77.59 10.79 50.81
N VAL L 170 77.77 11.26 52.04
CA VAL L 170 78.95 10.77 52.79
C VAL L 170 78.50 9.44 53.41
N THR L 171 79.30 8.41 53.22
CA THR L 171 79.07 7.01 53.54
C THR L 171 79.80 6.55 54.80
N LEU L 172 79.13 5.77 55.67
CA LEU L 172 79.99 6.21 56.64
C LEU L 172 81.37 5.63 56.71
N PRO L 173 82.37 6.24 57.29
CA PRO L 173 83.69 5.68 57.34
C PRO L 173 83.95 4.68 58.46
N ASP L 174 83.13 4.67 59.50
CA ASP L 174 83.23 3.83 60.67
C ASP L 174 83.00 2.34 60.43
N TYR L 175 82.39 1.94 59.32
CA TYR L 175 82.21 0.60 58.86
C TYR L 175 81.18 -0.38 59.33
N PRO L 176 80.21 -0.04 60.15
CA PRO L 176 79.15 -0.99 60.56
C PRO L 176 77.92 -0.79 59.68
N GLY L 177 77.75 0.46 59.26
CA GLY L 177 77.04 1.50 58.81
C GLY L 177 75.74 1.27 58.06
N SER L 178 75.01 2.35 57.77
CA SER L 178 73.72 2.29 57.11
C SER L 178 73.27 3.71 56.76
N VAL L 179 73.85 4.32 55.73
CA VAL L 179 73.56 5.69 55.35
C VAL L 179 72.27 5.77 54.55
N PRO L 180 71.19 6.24 55.17
CA PRO L 180 69.95 6.43 54.43
C PRO L 180 70.31 7.23 53.19
N ILE L 181 69.88 6.91 51.98
CA ILE L 181 70.22 7.79 50.85
C ILE L 181 69.03 8.71 50.55
N PRO L 182 69.35 10.00 50.51
CA PRO L 182 68.36 11.05 50.21
C PRO L 182 67.56 10.81 48.95
N LEU L 183 66.31 10.36 48.99
CA LEU L 183 65.65 10.26 47.65
C LEU L 183 64.12 10.28 47.69
N THR L 184 63.62 11.43 47.20
CA THR L 184 62.19 11.58 47.03
C THR L 184 61.72 11.79 45.57
N VAL L 185 60.44 11.45 45.30
CA VAL L 185 59.81 11.71 44.03
C VAL L 185 58.43 12.37 44.23
N TYR L 186 58.24 13.38 43.36
CA TYR L 186 56.90 14.02 43.34
C TYR L 186 56.45 14.16 41.90
N CYS L 187 55.18 13.95 41.65
CA CYS L 187 54.55 14.10 40.33
C CYS L 187 53.33 15.00 40.46
N ALA L 188 53.10 16.02 39.63
CA ALA L 188 51.82 16.75 39.74
C ALA L 188 50.78 15.70 39.35
N LYS L 189 51.04 15.15 38.14
CA LYS L 189 50.14 14.08 37.68
C LYS L 189 50.47 12.72 38.31
N SER L 190 49.53 12.31 39.16
CA SER L 190 49.64 11.03 39.86
C SER L 190 49.65 9.91 38.81
N GLN L 191 50.63 9.06 38.98
CA GLN L 191 50.95 8.00 38.05
C GLN L 191 51.82 6.84 38.57
N ASN L 192 52.39 6.06 37.65
CA ASN L 192 53.11 4.83 37.90
C ASN L 192 54.55 4.88 37.38
N LEU L 193 55.43 4.52 38.29
CA LEU L 193 56.85 4.64 38.08
C LEU L 193 57.65 3.48 38.67
N GLY L 194 58.84 3.33 38.10
CA GLY L 194 59.76 2.33 38.60
C GLY L 194 61.16 2.93 38.64
N TYR L 195 62.07 2.18 39.27
CA TYR L 195 63.45 2.71 39.23
C TYR L 195 64.38 1.51 39.06
N TYR L 196 65.64 1.74 38.71
CA TYR L 196 66.58 0.63 38.68
C TYR L 196 67.98 1.17 38.79
N LEU L 197 68.85 0.45 39.49
CA LEU L 197 70.23 0.86 39.72
C LEU L 197 71.15 0.35 38.61
N SER L 198 72.21 1.03 38.24
CA SER L 198 73.14 0.81 37.19
C SER L 198 74.56 1.09 37.72
N GLY L 199 75.58 0.40 37.25
CA GLY L 199 76.92 0.65 37.74
C GLY L 199 77.75 -0.63 37.69
N THR L 200 79.06 -0.50 37.73
CA THR L 200 79.90 -1.66 37.68
C THR L 200 79.79 -2.33 39.05
N THR L 201 79.47 -3.60 38.93
CA THR L 201 79.21 -4.45 40.10
C THR L 201 80.33 -5.43 40.33
N ALA L 202 80.63 -5.64 41.63
CA ALA L 202 81.77 -6.54 41.93
C ALA L 202 81.38 -7.99 42.17
N ASP L 203 80.18 -8.28 42.59
CA ASP L 203 79.70 -9.60 42.93
C ASP L 203 78.90 -10.30 41.82
N ALA L 204 78.75 -11.63 42.02
CA ALA L 204 78.12 -12.45 40.99
C ALA L 204 76.61 -12.28 41.06
N GLY L 205 76.21 -11.77 42.21
CA GLY L 205 74.88 -11.33 42.55
C GLY L 205 74.60 -9.93 42.02
N ASN L 206 75.59 -9.26 41.44
CA ASN L 206 75.36 -7.92 40.87
C ASN L 206 74.65 -6.98 41.84
N SER L 207 74.87 -7.03 43.17
CA SER L 207 74.15 -6.10 44.02
C SER L 207 75.19 -5.17 44.65
N ILE L 208 76.46 -5.54 44.50
CA ILE L 208 77.50 -4.77 45.15
C ILE L 208 78.28 -3.88 44.18
N PHE L 209 78.17 -2.55 44.49
CA PHE L 209 78.82 -1.63 43.55
C PHE L 209 80.30 -1.48 43.85
N THR L 210 81.08 -1.43 42.78
CA THR L 210 82.51 -1.35 42.93
C THR L 210 83.12 -0.03 43.42
N ASN L 211 84.05 -0.19 44.37
CA ASN L 211 84.89 0.87 44.91
C ASN L 211 85.60 1.56 43.74
N THR L 212 85.53 2.89 43.73
CA THR L 212 86.08 3.63 42.59
C THR L 212 87.13 4.62 43.04
N ALA L 213 87.51 4.55 44.31
CA ALA L 213 88.58 5.41 44.82
C ALA L 213 89.94 4.94 44.30
N SER L 214 90.91 5.87 44.22
CA SER L 214 92.25 5.44 43.84
C SER L 214 93.27 5.94 44.84
N PHE L 215 92.88 6.80 45.79
CA PHE L 215 93.80 7.17 46.86
C PHE L 215 93.66 6.08 47.93
N SER L 216 94.33 4.94 47.75
CA SER L 216 94.29 3.82 48.68
C SER L 216 92.87 3.30 48.90
N PRO L 217 92.54 2.26 48.17
CA PRO L 217 91.22 1.68 48.19
C PRO L 217 91.05 0.57 49.21
N ALA L 218 89.86 0.56 49.81
CA ALA L 218 89.61 -0.59 50.72
C ALA L 218 89.57 -1.79 49.75
N GLN L 219 90.41 -2.79 50.02
CA GLN L 219 90.48 -4.01 49.24
C GLN L 219 89.20 -4.81 49.56
N GLY L 220 88.62 -5.50 48.59
CA GLY L 220 87.45 -6.32 48.79
C GLY L 220 86.19 -5.83 49.43
N VAL L 221 85.85 -4.54 49.36
CA VAL L 221 84.62 -3.96 49.87
C VAL L 221 83.92 -3.20 48.72
N GLY L 222 82.63 -2.97 48.88
CA GLY L 222 81.80 -2.26 47.90
C GLY L 222 80.62 -1.68 48.70
N VAL L 223 79.63 -1.19 47.98
CA VAL L 223 78.47 -0.53 48.55
C VAL L 223 77.27 -1.26 47.96
N GLN L 224 76.29 -1.52 48.79
CA GLN L 224 75.15 -2.27 48.28
C GLN L 224 73.92 -1.50 48.79
N LEU L 225 72.86 -1.51 47.95
CA LEU L 225 71.75 -0.69 48.39
C LEU L 225 70.61 -1.57 48.86
N THR L 226 69.76 -0.94 49.67
CA THR L 226 68.65 -1.68 50.27
C THR L 226 67.46 -0.79 50.42
N ARG L 227 66.26 -1.26 50.24
CA ARG L 227 65.00 -0.57 50.45
C ARG L 227 64.32 -1.27 51.62
N ASN L 228 64.24 -0.69 52.79
CA ASN L 228 63.73 -1.31 54.00
C ASN L 228 63.92 -2.84 54.09
N GLY L 229 65.19 -3.28 54.02
CA GLY L 229 65.55 -4.66 54.18
C GLY L 229 65.85 -5.48 52.94
N THR L 230 65.12 -5.24 51.85
CA THR L 230 65.32 -5.97 50.60
C THR L 230 66.56 -5.41 49.91
N ILE L 231 67.42 -6.24 49.32
CA ILE L 231 68.55 -5.72 48.58
C ILE L 231 68.02 -5.54 47.13
N ILE L 232 68.58 -4.50 46.55
CA ILE L 232 68.36 -4.09 45.20
C ILE L 232 69.61 -4.39 44.37
N PRO L 233 69.60 -5.47 43.59
CA PRO L 233 70.65 -5.79 42.65
C PRO L 233 70.51 -4.90 41.41
N ALA L 234 71.55 -4.72 40.61
CA ALA L 234 71.54 -3.91 39.44
C ALA L 234 70.73 -4.38 38.22
N ASN L 235 70.05 -3.38 37.61
CA ASN L 235 69.29 -3.60 36.40
C ASN L 235 68.09 -4.50 36.68
N ASN L 236 67.57 -4.28 37.87
CA ASN L 236 66.48 -5.04 38.41
C ASN L 236 65.37 -4.08 38.85
N THR L 237 64.64 -3.63 37.84
CA THR L 237 63.53 -2.71 38.14
C THR L 237 62.75 -3.10 39.39
N VAL L 238 62.45 -2.09 40.16
CA VAL L 238 61.69 -2.00 41.36
C VAL L 238 60.53 -1.07 40.99
N SER L 239 59.31 -1.46 41.32
CA SER L 239 58.20 -0.56 41.03
C SER L 239 57.74 0.21 42.26
N LEU L 240 57.70 1.53 42.11
CA LEU L 240 57.10 2.42 43.09
C LEU L 240 55.62 2.37 42.76
N GLY L 241 54.73 2.64 43.70
CA GLY L 241 53.31 2.57 43.34
C GLY L 241 52.85 3.76 42.49
N ALA L 242 51.80 4.40 43.04
CA ALA L 242 51.15 5.57 42.47
C ALA L 242 51.74 6.84 43.08
N VAL L 243 52.95 7.17 42.65
CA VAL L 243 53.67 8.39 42.99
C VAL L 243 52.88 9.65 42.55
N GLY L 244 51.97 10.12 43.43
CA GLY L 244 51.11 11.24 43.20
C GLY L 244 51.73 12.61 43.43
N THR L 245 50.97 13.55 44.02
CA THR L 245 51.53 14.90 44.23
C THR L 245 52.58 14.91 45.35
N SER L 246 52.09 14.71 46.56
CA SER L 246 52.90 14.54 47.75
C SER L 246 54.20 13.75 47.47
N ALA L 247 55.34 14.25 47.93
CA ALA L 247 56.61 13.53 47.78
C ALA L 247 56.63 12.12 48.38
N VAL L 248 57.14 11.18 47.59
CA VAL L 248 57.29 9.77 47.99
C VAL L 248 58.77 9.41 48.05
N SER L 249 59.15 8.87 49.21
CA SER L 249 60.51 8.51 49.53
C SER L 249 60.87 7.10 49.07
N LEU L 250 61.97 6.92 48.36
CA LEU L 250 62.47 5.56 48.13
C LEU L 250 63.10 5.28 49.50
N GLY L 251 62.73 4.22 50.21
CA GLY L 251 63.40 4.08 51.52
C GLY L 251 64.75 3.39 51.32
N LEU L 252 65.71 3.97 50.63
CA LEU L 252 67.01 3.45 50.37
C LEU L 252 68.03 3.58 51.49
N THR L 253 68.88 2.51 51.57
CA THR L 253 69.97 2.48 52.53
C THR L 253 71.28 2.08 51.87
N ALA L 254 72.36 2.69 52.37
CA ALA L 254 73.67 2.36 51.81
C ALA L 254 74.52 1.65 52.87
N ASN L 255 74.99 0.43 52.53
CA ASN L 255 75.81 -0.40 53.40
C ASN L 255 77.01 -0.99 52.64
N TYR L 256 78.09 -0.97 53.45
CA TYR L 256 79.32 -1.59 52.97
C TYR L 256 79.07 -3.11 52.81
N ALA L 257 79.58 -3.72 51.75
CA ALA L 257 79.40 -5.18 51.66
C ALA L 257 80.77 -5.75 51.31
N ARG L 258 80.91 -7.06 51.48
CA ARG L 258 82.19 -7.70 51.23
C ARG L 258 82.22 -8.33 49.84
N THR L 259 83.30 -8.05 49.14
CA THR L 259 83.60 -8.42 47.76
C THR L 259 84.60 -9.55 47.80
N GLY L 260 85.69 -9.56 47.06
CA GLY L 260 86.73 -10.52 46.98
C GLY L 260 87.05 -11.54 48.07
N GLY L 261 88.07 -11.20 48.87
CA GLY L 261 88.52 -12.03 49.97
C GLY L 261 88.64 -11.22 51.27
N GLN L 262 89.86 -10.77 51.58
CA GLN L 262 90.15 -9.96 52.76
C GLN L 262 89.74 -8.51 52.54
N VAL L 263 89.35 -7.82 53.62
CA VAL L 263 89.04 -6.40 53.52
C VAL L 263 90.25 -5.63 54.00
N THR L 264 90.80 -4.69 53.25
CA THR L 264 91.95 -3.92 53.80
C THR L 264 91.46 -2.49 53.96
N ALA L 265 91.19 -2.09 55.19
CA ALA L 265 90.68 -0.74 55.41
C ALA L 265 91.50 0.27 54.60
N GLY L 266 90.75 1.31 54.24
CA GLY L 266 91.13 2.45 53.44
C GLY L 266 89.87 3.22 53.00
N ASN L 267 90.04 3.92 51.88
CA ASN L 267 89.04 4.74 51.23
C ASN L 267 88.11 3.97 50.28
N VAL L 268 86.79 4.09 50.41
CA VAL L 268 85.79 3.44 49.57
C VAL L 268 84.97 4.43 48.74
N GLN L 269 84.83 4.21 47.42
CA GLN L 269 83.99 5.14 46.62
C GLN L 269 83.07 4.56 45.55
N SER L 270 81.80 4.93 45.56
CA SER L 270 80.79 4.42 44.64
C SER L 270 79.99 5.44 43.83
N ILE L 271 79.89 5.11 42.53
CA ILE L 271 79.13 5.89 41.58
C ILE L 271 78.00 4.98 41.09
N ILE L 272 76.77 5.38 41.36
CA ILE L 272 75.56 4.67 40.97
C ILE L 272 74.64 5.56 40.15
N GLY L 273 73.96 5.01 39.13
CA GLY L 273 72.94 5.83 38.45
C GLY L 273 71.64 5.24 39.02
N VAL L 274 70.60 5.98 39.11
CA VAL L 274 69.26 5.62 39.51
C VAL L 274 68.46 6.15 38.29
N THR L 275 67.65 5.28 37.71
CA THR L 275 66.89 5.54 36.52
C THR L 275 65.42 5.34 36.84
N PHE L 276 64.64 6.41 36.58
CA PHE L 276 63.21 6.36 36.80
C PHE L 276 62.64 5.95 35.45
N VAL L 277 61.74 4.95 35.51
CA VAL L 277 61.20 4.44 34.24
C VAL L 277 59.72 4.79 34.17
N TYR L 278 59.35 5.46 33.09
CA TYR L 278 57.94 5.86 32.98
C TYR L 278 57.14 4.79 32.24
N GLN L 279 56.05 4.43 32.94
CA GLN L 279 55.07 3.47 32.52
C GLN L 279 54.26 3.97 31.34
N GLY M 1 -58.19 39.92 -60.75
CA GLY M 1 -59.50 39.88 -61.51
C GLY M 1 -59.68 38.40 -61.88
N VAL M 2 -58.57 37.64 -61.83
CA VAL M 2 -58.79 36.22 -62.11
C VAL M 2 -58.97 35.49 -60.78
N ALA M 3 -59.87 34.52 -60.85
CA ALA M 3 -60.15 33.64 -59.73
C ALA M 3 -59.80 32.21 -60.17
N LEU M 4 -59.70 31.30 -59.21
CA LEU M 4 -59.35 29.92 -59.50
C LEU M 4 -60.40 28.92 -59.02
N GLY M 5 -60.26 27.69 -59.54
CA GLY M 5 -61.13 26.57 -59.24
C GLY M 5 -61.36 26.34 -57.77
N ALA M 6 -60.30 26.38 -56.96
CA ALA M 6 -60.59 26.25 -55.52
C ALA M 6 -59.45 26.79 -54.67
N THR M 7 -59.51 26.44 -53.41
CA THR M 7 -58.47 26.71 -52.45
C THR M 7 -57.37 25.65 -52.36
N ARG M 8 -57.27 24.61 -53.19
CA ARG M 8 -56.13 23.70 -53.06
C ARG M 8 -56.13 22.62 -54.16
N VAL M 9 -54.96 22.07 -54.42
CA VAL M 9 -54.80 21.01 -55.41
C VAL M 9 -54.33 19.80 -54.57
N ILE M 10 -54.66 18.65 -55.08
CA ILE M 10 -54.37 17.32 -54.62
C ILE M 10 -53.65 16.59 -55.77
N TYR M 11 -52.65 15.81 -55.42
CA TYR M 11 -51.93 15.09 -56.47
C TYR M 11 -51.69 13.60 -56.22
N PRO M 12 -52.69 12.76 -56.38
CA PRO M 12 -52.59 11.32 -56.23
C PRO M 12 -51.52 10.69 -57.11
N ALA M 13 -50.76 9.78 -56.51
CA ALA M 13 -49.71 9.07 -57.22
C ALA M 13 -50.21 8.52 -58.56
N GLY M 14 -49.34 8.50 -59.56
CA GLY M 14 -49.62 7.91 -60.84
C GLY M 14 -50.32 8.69 -61.91
N GLN M 15 -50.68 9.95 -61.65
CA GLN M 15 -51.37 10.73 -62.70
C GLN M 15 -50.37 11.49 -63.54
N LYS M 16 -50.69 11.67 -64.81
CA LYS M 16 -49.81 12.48 -65.66
C LYS M 16 -49.93 13.96 -65.31
N GLN M 17 -51.16 14.48 -65.16
CA GLN M 17 -51.42 15.89 -64.98
C GLN M 17 -52.78 16.37 -64.52
N VAL M 18 -52.98 16.72 -63.26
CA VAL M 18 -54.23 17.27 -62.73
C VAL M 18 -54.39 18.68 -63.34
N GLN M 19 -55.58 19.21 -63.10
CA GLN M 19 -55.93 20.52 -63.61
C GLN M 19 -56.77 21.30 -62.60
N LEU M 20 -56.80 22.61 -62.91
CA LEU M 20 -57.53 23.54 -62.03
C LEU M 20 -58.08 24.61 -62.96
N ALA M 21 -59.25 25.08 -62.59
CA ALA M 21 -59.86 26.12 -63.43
C ALA M 21 -59.32 27.50 -63.03
N VAL M 22 -59.12 28.35 -64.02
CA VAL M 22 -58.63 29.71 -63.92
C VAL M 22 -59.62 30.62 -64.66
N THR M 23 -60.54 31.28 -63.95
CA THR M 23 -61.55 32.08 -64.63
C THR M 23 -61.40 33.59 -64.53
N ASN M 24 -61.02 34.25 -65.64
CA ASN M 24 -60.90 35.70 -65.70
C ASN M 24 -62.26 36.39 -65.73
N ASN M 25 -62.79 36.84 -64.60
CA ASN M 25 -64.08 37.48 -64.52
C ASN M 25 -64.14 38.91 -65.04
N ASP M 26 -63.04 39.60 -65.31
CA ASP M 26 -63.12 41.00 -65.75
C ASP M 26 -63.90 41.21 -67.05
N GLU M 27 -64.15 42.30 -67.81
CA GLU M 27 -64.79 42.26 -69.18
C GLU M 27 -64.20 42.21 -70.20
N ASN M 28 -63.52 43.31 -69.90
CA ASN M 28 -62.51 43.99 -70.71
C ASN M 28 -61.19 43.90 -69.93
N SER M 29 -60.26 43.20 -70.61
CA SER M 29 -59.03 42.77 -69.95
C SER M 29 -58.00 41.95 -70.70
N THR M 30 -56.74 42.32 -70.77
CA THR M 30 -55.70 41.50 -71.42
C THR M 30 -54.75 40.93 -70.36
N TYR M 31 -55.14 39.87 -69.64
CA TYR M 31 -54.21 39.43 -68.58
C TYR M 31 -53.15 38.51 -69.17
N LEU M 32 -51.90 38.62 -68.71
CA LEU M 32 -50.85 37.77 -69.30
C LEU M 32 -50.57 36.57 -68.40
N ILE M 33 -51.59 35.99 -67.78
CA ILE M 33 -51.53 34.83 -66.90
C ILE M 33 -50.35 33.89 -67.05
N GLN M 34 -49.62 33.82 -65.92
CA GLN M 34 -48.39 33.09 -65.67
C GLN M 34 -48.56 32.20 -64.43
N SER M 35 -48.09 30.97 -64.56
CA SER M 35 -48.21 29.99 -63.48
C SER M 35 -46.89 29.31 -63.15
N TRP M 36 -46.83 28.54 -62.07
CA TRP M 36 -45.61 27.87 -61.62
C TRP M 36 -45.76 27.27 -60.23
N VAL M 37 -45.03 26.22 -59.90
CA VAL M 37 -45.04 25.60 -58.57
C VAL M 37 -43.79 25.90 -57.75
N GLU M 38 -43.87 25.84 -56.43
CA GLU M 38 -42.68 26.01 -55.57
C GLU M 38 -42.75 25.00 -54.41
N ASN M 39 -41.63 24.42 -54.00
CA ASN M 39 -41.63 23.43 -52.89
C ASN M 39 -42.02 24.03 -51.55
N ALA M 40 -41.92 23.23 -50.48
CA ALA M 40 -42.24 23.68 -49.14
C ALA M 40 -41.44 24.87 -48.60
N ASP M 41 -40.45 25.45 -49.24
CA ASP M 41 -39.78 26.66 -48.78
C ASP M 41 -39.93 27.71 -49.90
N GLY M 42 -40.97 27.49 -50.72
CA GLY M 42 -41.32 28.34 -51.81
C GLY M 42 -40.14 28.72 -52.71
N VAL M 43 -39.49 27.67 -53.21
CA VAL M 43 -38.38 27.80 -54.13
C VAL M 43 -38.87 27.23 -55.45
N LYS M 44 -38.66 27.94 -56.55
CA LYS M 44 -39.00 27.54 -57.89
C LYS M 44 -38.25 26.22 -58.13
N ASP M 45 -38.90 25.14 -57.75
CA ASP M 45 -38.49 23.76 -57.75
C ASP M 45 -38.83 23.16 -59.10
N GLY M 46 -38.30 21.97 -59.40
CA GLY M 46 -38.62 21.38 -60.70
C GLY M 46 -39.70 20.30 -60.65
N ARG M 47 -39.94 19.79 -59.47
CA ARG M 47 -40.89 18.73 -59.14
C ARG M 47 -42.12 18.65 -60.03
N PHE M 48 -42.97 19.67 -60.07
CA PHE M 48 -44.19 19.72 -60.88
C PHE M 48 -44.12 20.73 -62.02
N ILE M 49 -44.55 20.40 -63.24
CA ILE M 49 -44.52 21.42 -64.31
C ILE M 49 -45.95 21.85 -64.60
N VAL M 50 -46.16 23.13 -64.81
CA VAL M 50 -47.48 23.72 -65.08
C VAL M 50 -47.52 24.10 -66.55
N THR M 51 -48.66 23.76 -67.15
CA THR M 51 -48.97 23.96 -68.56
C THR M 51 -50.47 24.29 -68.74
N PRO M 52 -50.78 25.22 -69.63
CA PRO M 52 -49.79 26.08 -70.31
C PRO M 52 -49.20 27.17 -69.40
N PRO M 53 -47.88 27.40 -69.49
CA PRO M 53 -47.12 28.25 -68.58
C PRO M 53 -47.36 29.75 -68.64
N LEU M 54 -47.51 30.29 -69.83
CA LEU M 54 -47.85 31.68 -70.08
C LEU M 54 -48.87 31.66 -71.21
N PHE M 55 -50.07 32.14 -70.90
CA PHE M 55 -51.15 32.09 -71.87
C PHE M 55 -51.88 33.40 -72.09
N ALA M 56 -53.23 33.34 -71.99
CA ALA M 56 -54.06 34.47 -72.34
C ALA M 56 -55.51 34.36 -71.89
N MET M 57 -55.96 35.39 -71.17
CA MET M 57 -57.31 35.57 -70.71
C MET M 57 -57.74 37.02 -71.04
N LYS M 58 -58.45 37.13 -72.13
CA LYS M 58 -59.01 38.33 -72.68
C LYS M 58 -60.41 38.64 -72.15
N GLY M 59 -61.35 37.69 -72.06
CA GLY M 59 -62.70 38.10 -71.65
C GLY M 59 -63.15 37.48 -70.34
N LYS M 60 -64.44 37.18 -70.27
CA LYS M 60 -65.02 36.56 -69.07
C LYS M 60 -65.16 35.04 -69.30
N LYS M 61 -64.09 34.45 -69.84
CA LYS M 61 -63.96 33.04 -70.17
C LYS M 61 -63.48 32.26 -68.95
N GLU M 62 -62.82 31.13 -69.12
CA GLU M 62 -62.42 30.35 -67.93
C GLU M 62 -61.50 29.23 -68.33
N ASN M 63 -60.24 29.55 -68.60
CA ASN M 63 -59.25 28.62 -69.10
C ASN M 63 -58.96 27.50 -68.09
N THR M 64 -58.09 26.63 -68.59
CA THR M 64 -57.68 25.42 -67.88
C THR M 64 -56.17 25.33 -67.70
N LEU M 65 -55.81 25.09 -66.43
CA LEU M 65 -54.39 24.97 -66.07
C LEU M 65 -54.12 23.50 -65.75
N ARG M 66 -53.00 22.93 -66.16
CA ARG M 66 -52.72 21.54 -65.87
C ARG M 66 -51.30 21.43 -65.29
N ILE M 67 -51.24 20.63 -64.23
CA ILE M 67 -50.01 20.45 -63.47
C ILE M 67 -49.47 19.02 -63.57
N LEU M 68 -48.39 18.93 -64.34
CA LEU M 68 -47.72 17.69 -64.66
C LEU M 68 -47.05 17.01 -63.48
N ASP M 69 -45.77 16.69 -63.49
CA ASP M 69 -45.14 15.90 -62.44
C ASP M 69 -43.78 15.34 -62.86
N ALA M 70 -42.86 15.16 -61.91
CA ALA M 70 -41.58 14.55 -62.17
C ALA M 70 -40.59 14.62 -61.01
N THR M 71 -41.06 14.51 -59.76
CA THR M 71 -40.13 14.08 -60.14
C THR M 71 -39.85 12.59 -60.14
N ASN M 72 -38.96 12.01 -60.94
CA ASN M 72 -38.73 10.56 -60.72
C ASN M 72 -38.75 10.42 -59.20
N ASN M 73 -39.75 9.71 -58.67
CA ASN M 73 -39.97 9.82 -57.24
C ASN M 73 -38.77 9.45 -56.38
N GLN M 74 -38.39 10.56 -55.77
CA GLN M 74 -37.35 10.70 -54.81
C GLN M 74 -38.08 11.45 -53.65
N LEU M 75 -40.17 11.11 -53.91
CA LEU M 75 -40.73 11.81 -52.76
C LEU M 75 -41.33 10.78 -51.79
N PRO M 76 -41.33 11.12 -50.50
CA PRO M 76 -41.83 10.33 -49.42
C PRO M 76 -43.03 9.46 -49.66
N GLN M 77 -42.85 8.14 -49.64
CA GLN M 77 -44.01 7.25 -49.90
C GLN M 77 -44.97 7.09 -48.75
N ASP M 78 -44.65 7.59 -47.55
CA ASP M 78 -45.58 7.39 -46.45
C ASP M 78 -46.48 8.58 -46.15
N ARG M 79 -46.15 9.77 -46.64
CA ARG M 79 -46.92 10.97 -46.31
C ARG M 79 -47.20 11.88 -47.49
N GLU M 80 -48.03 12.91 -47.29
CA GLU M 80 -48.15 13.88 -48.38
C GLU M 80 -46.92 14.81 -48.29
N SER M 81 -46.56 15.41 -49.43
CA SER M 81 -45.47 16.40 -49.41
C SER M 81 -46.15 17.75 -49.38
N LEU M 82 -45.62 18.91 -49.75
CA LEU M 82 -46.38 20.15 -49.75
C LEU M 82 -45.59 21.17 -50.58
N PHE M 83 -46.26 21.54 -51.66
CA PHE M 83 -45.88 22.42 -52.73
C PHE M 83 -46.86 23.55 -52.91
N TRP M 84 -46.52 24.67 -53.51
CA TRP M 84 -47.48 25.76 -53.67
C TRP M 84 -47.73 26.17 -55.13
N MET M 85 -49.02 26.10 -55.47
CA MET M 85 -49.48 26.53 -56.77
C MET M 85 -49.49 28.04 -56.98
N ASN M 86 -48.84 28.53 -58.04
CA ASN M 86 -48.86 29.99 -58.24
C ASN M 86 -49.55 30.60 -59.43
N VAL M 87 -50.67 31.26 -59.26
CA VAL M 87 -51.38 31.92 -60.36
C VAL M 87 -51.18 33.41 -60.40
N LYS M 88 -50.21 33.87 -61.19
CA LYS M 88 -49.99 35.30 -61.35
C LYS M 88 -50.86 35.95 -62.44
N ALA M 89 -51.65 36.93 -62.04
CA ALA M 89 -52.43 37.69 -63.02
C ALA M 89 -51.71 38.98 -63.46
N ILE M 90 -51.06 38.95 -64.63
CA ILE M 90 -50.39 40.14 -65.16
C ILE M 90 -51.42 41.11 -65.78
N PRO M 91 -51.15 42.40 -65.62
CA PRO M 91 -51.96 43.50 -66.12
C PRO M 91 -51.44 44.34 -67.28
N SER M 92 -52.38 44.91 -68.04
CA SER M 92 -51.48 45.55 -69.33
C SER M 92 -50.88 46.93 -69.05
N MET M 93 -50.22 47.42 -70.11
CA MET M 93 -49.48 48.67 -70.07
C MET M 93 -50.31 49.92 -70.34
N ASP M 94 -51.02 50.42 -69.33
CA ASP M 94 -51.80 51.66 -69.49
C ASP M 94 -50.88 52.67 -70.17
N LYS M 95 -51.06 52.89 -71.48
CA LYS M 95 -50.17 53.75 -72.24
C LYS M 95 -50.08 55.19 -71.75
N SER M 96 -50.85 55.56 -70.75
CA SER M 96 -51.00 56.71 -69.95
C SER M 96 -49.84 57.07 -69.02
N LYS M 97 -48.64 56.58 -69.24
CA LYS M 97 -47.38 56.84 -68.59
C LYS M 97 -46.51 55.56 -68.78
N GLU M 100 -47.54 60.38 -63.95
CA GLU M 100 -46.34 59.58 -63.78
C GLU M 100 -45.87 59.86 -62.35
N ASN M 101 -45.52 58.74 -61.73
CA ASN M 101 -45.20 58.56 -60.34
C ASN M 101 -46.22 57.51 -59.84
N THR M 102 -45.86 56.25 -60.04
CA THR M 102 -46.71 55.12 -59.76
C THR M 102 -46.06 54.01 -58.94
N LEU M 103 -46.92 53.11 -58.49
CA LEU M 103 -46.84 51.88 -57.79
C LEU M 103 -47.56 50.81 -58.62
N GLN M 104 -46.79 50.04 -59.37
CA GLN M 104 -47.39 49.02 -60.25
C GLN M 104 -47.55 47.76 -59.40
N LEU M 105 -48.78 47.30 -59.26
CA LEU M 105 -49.02 46.08 -58.46
C LEU M 105 -49.32 44.97 -59.48
N ALA M 106 -49.50 43.79 -58.98
CA ALA M 106 -49.73 42.58 -59.77
C ALA M 106 -50.15 41.54 -58.72
N ILE M 107 -51.38 41.09 -58.86
CA ILE M 107 -52.03 40.15 -57.96
C ILE M 107 -51.72 38.70 -58.16
N ILE M 108 -51.33 38.03 -57.08
CA ILE M 108 -51.05 36.58 -57.29
C ILE M 108 -52.01 35.79 -56.40
N SER M 109 -52.39 34.61 -56.92
CA SER M 109 -53.23 33.66 -56.18
C SER M 109 -52.36 32.42 -55.95
N ARG M 110 -52.26 32.06 -54.66
CA ARG M 110 -51.42 30.92 -54.25
C ARG M 110 -52.09 30.01 -53.23
N ILE M 111 -52.27 28.78 -53.70
CA ILE M 111 -52.89 27.67 -53.01
C ILE M 111 -52.00 26.43 -52.79
N LYS M 112 -52.37 25.62 -51.81
CA LYS M 112 -51.63 24.43 -51.44
C LYS M 112 -51.71 23.32 -52.49
N LEU M 113 -50.57 22.78 -52.89
CA LEU M 113 -50.48 21.63 -53.78
C LEU M 113 -50.04 20.42 -52.94
N TYR M 114 -50.96 19.49 -52.72
CA TYR M 114 -50.70 18.37 -51.85
C TYR M 114 -50.36 17.10 -52.61
N TYR M 115 -49.10 16.77 -52.81
CA TYR M 115 -48.77 15.49 -53.45
C TYR M 115 -49.25 14.33 -52.61
N ARG M 116 -49.95 13.35 -53.18
CA ARG M 116 -50.52 12.22 -52.42
C ARG M 116 -50.31 10.82 -52.99
N PRO M 117 -49.38 10.06 -52.42
CA PRO M 117 -49.08 8.68 -52.78
C PRO M 117 -50.27 7.75 -52.70
N ALA M 118 -50.45 6.94 -53.75
CA ALA M 118 -51.54 5.97 -53.83
C ALA M 118 -51.29 4.82 -52.88
N LYS M 119 -52.37 4.17 -52.43
CA LYS M 119 -52.26 3.04 -51.51
C LYS M 119 -52.00 3.50 -50.07
N LEU M 120 -52.52 4.68 -49.76
CA LEU M 120 -52.28 5.21 -48.41
C LEU M 120 -52.90 4.31 -47.37
N ALA M 121 -52.31 4.33 -46.17
CA ALA M 121 -52.72 3.40 -45.11
C ALA M 121 -54.08 3.71 -44.52
N LEU M 122 -54.34 5.01 -44.40
CA LEU M 122 -55.58 5.53 -43.82
C LEU M 122 -56.37 6.37 -44.82
N PRO M 123 -57.71 6.34 -44.71
CA PRO M 123 -58.59 7.09 -45.60
C PRO M 123 -58.71 8.54 -45.17
N PRO M 124 -58.65 9.48 -46.12
CA PRO M 124 -58.63 10.90 -45.87
C PRO M 124 -59.73 11.51 -45.01
N ASP M 125 -60.93 10.93 -45.09
CA ASP M 125 -62.08 11.43 -44.36
C ASP M 125 -61.93 11.23 -42.86
N GLN M 126 -61.16 10.22 -42.44
CA GLN M 126 -60.96 9.98 -41.02
C GLN M 126 -59.54 10.32 -40.62
N ALA M 127 -59.04 11.47 -41.06
CA ALA M 127 -57.71 11.90 -40.64
C ALA M 127 -57.89 13.07 -39.67
N ALA M 128 -59.07 13.71 -39.70
CA ALA M 128 -59.24 14.87 -38.83
C ALA M 128 -59.58 14.52 -37.38
N GLU M 129 -59.94 13.28 -37.08
CA GLU M 129 -60.24 12.94 -35.68
C GLU M 129 -59.06 12.23 -35.02
N LYS M 130 -58.06 11.84 -35.82
CA LYS M 130 -56.86 11.17 -35.32
C LYS M 130 -55.99 12.12 -34.50
N LEU M 131 -56.11 13.42 -34.80
CA LEU M 131 -55.35 14.46 -34.13
C LEU M 131 -55.77 14.67 -32.67
N ARG M 132 -54.76 14.80 -31.83
CA ARG M 132 -54.77 14.93 -30.38
C ARG M 132 -53.79 16.07 -30.09
N PHE M 133 -53.86 16.73 -28.94
CA PHE M 133 -53.12 17.94 -28.65
C PHE M 133 -51.97 17.94 -27.65
N ARG M 134 -51.91 18.76 -26.59
CA ARG M 134 -50.83 18.79 -25.62
C ARG M 134 -50.65 20.15 -24.91
N ARG M 135 -51.63 20.47 -24.09
CA ARG M 135 -51.73 21.64 -23.26
C ARG M 135 -50.44 22.38 -22.94
N SER M 136 -50.02 22.79 -23.16
CA SER M 136 -49.01 23.45 -22.41
C SER M 136 -49.44 24.90 -22.08
N ALA M 137 -48.70 25.49 -21.15
CA ALA M 137 -48.96 26.85 -20.62
C ALA M 137 -48.38 28.00 -21.43
N ASN M 138 -47.92 27.73 -22.64
CA ASN M 138 -47.43 28.79 -23.55
C ASN M 138 -47.77 28.42 -24.98
N SER M 139 -48.20 27.17 -25.16
CA SER M 139 -48.49 26.59 -26.51
C SER M 139 -49.33 25.27 -26.39
N LEU M 140 -50.31 24.95 -26.90
CA LEU M 140 -51.16 23.89 -27.46
C LEU M 140 -50.54 23.22 -28.68
N THR M 141 -50.00 22.01 -28.54
CA THR M 141 -49.34 21.36 -29.66
C THR M 141 -50.22 20.45 -30.48
N LEU M 142 -50.33 20.83 -31.77
CA LEU M 142 -51.11 19.98 -32.69
C LEU M 142 -50.23 18.82 -33.15
N ILE M 143 -50.54 17.60 -32.78
CA ILE M 143 -49.80 16.41 -33.16
C ILE M 143 -50.62 15.57 -34.14
N ASN M 144 -50.04 15.28 -35.29
CA ASN M 144 -50.70 14.58 -36.40
C ASN M 144 -50.03 13.30 -36.85
N PRO M 145 -50.59 12.13 -36.58
CA PRO M 145 -50.04 10.84 -36.95
C PRO M 145 -50.26 10.35 -38.35
N THR M 146 -51.10 11.01 -39.13
CA THR M 146 -51.53 10.68 -40.47
C THR M 146 -50.55 11.15 -41.53
N PRO M 147 -50.62 10.60 -42.74
CA PRO M 147 -49.79 11.04 -43.84
C PRO M 147 -50.25 12.36 -44.46
N TYR M 148 -51.49 12.78 -44.24
CA TYR M 148 -52.05 14.00 -44.78
C TYR M 148 -51.69 15.29 -44.02
N TYR M 149 -51.54 16.35 -44.84
CA TYR M 149 -51.38 17.69 -44.28
C TYR M 149 -52.70 18.00 -43.59
N LEU M 150 -52.75 18.74 -42.51
CA LEU M 150 -53.97 18.98 -41.79
C LEU M 150 -54.14 20.46 -41.48
N THR M 151 -55.11 21.04 -42.17
CA THR M 151 -55.37 22.47 -42.05
C THR M 151 -56.33 22.70 -40.90
N VAL M 152 -55.80 22.91 -39.69
CA VAL M 152 -56.65 23.08 -38.51
C VAL M 152 -57.16 24.52 -38.47
N THR M 153 -58.48 24.67 -38.51
CA THR M 153 -59.06 26.00 -38.42
C THR M 153 -60.01 26.21 -37.26
N GLU M 154 -60.45 27.46 -37.13
CA GLU M 154 -61.42 27.84 -36.12
C GLU M 154 -61.26 26.99 -34.87
N LEU M 155 -60.27 27.30 -34.02
CA LEU M 155 -59.95 26.50 -32.85
C LEU M 155 -59.82 27.27 -31.54
N ASN M 156 -60.62 26.85 -30.55
CA ASN M 156 -60.66 27.45 -29.23
C ASN M 156 -60.78 27.66 -28.25
N ALA M 157 -60.40 26.73 -27.41
CA ALA M 157 -60.31 26.84 -25.91
C ALA M 157 -61.19 27.88 -25.17
N GLY M 158 -62.45 27.51 -24.94
CA GLY M 158 -63.43 28.34 -24.30
C GLY M 158 -63.58 29.70 -25.01
N THR M 159 -62.65 30.63 -24.71
CA THR M 159 -62.69 32.04 -25.11
C THR M 159 -61.67 32.57 -26.12
N ARG M 160 -60.37 32.28 -25.86
CA ARG M 160 -59.30 32.77 -26.71
C ARG M 160 -59.34 32.12 -28.10
N VAL M 161 -59.10 32.93 -29.17
CA VAL M 161 -59.05 32.35 -30.51
C VAL M 161 -57.68 32.09 -30.87
N LEU M 162 -57.74 31.22 -30.79
CA LEU M 162 -56.44 30.71 -31.20
C LEU M 162 -56.18 30.85 -32.70
N GLU M 163 -54.93 30.50 -33.04
CA GLU M 163 -54.47 30.66 -34.43
C GLU M 163 -54.80 29.46 -35.30
N ASN M 164 -54.89 29.64 -36.62
CA ASN M 164 -55.12 28.46 -37.45
C ASN M 164 -53.77 27.77 -37.54
N ALA M 165 -53.77 26.53 -38.01
CA ALA M 165 -52.50 25.81 -38.05
C ALA M 165 -52.42 24.81 -39.20
N LEU M 166 -51.20 24.64 -39.66
CA LEU M 166 -50.97 23.71 -40.76
C LEU M 166 -50.00 22.69 -40.16
N VAL M 167 -50.59 21.62 -39.66
CA VAL M 167 -49.91 20.51 -39.01
C VAL M 167 -49.42 19.48 -40.02
N PRO M 168 -48.09 19.33 -40.14
CA PRO M 168 -47.50 18.42 -41.10
C PRO M 168 -47.76 16.93 -40.84
N PRO M 169 -47.55 16.17 -41.92
CA PRO M 169 -47.74 14.76 -42.01
C PRO M 169 -46.85 13.84 -41.18
N MET M 170 -47.42 13.40 -40.05
CA MET M 170 -46.74 12.50 -39.14
C MET M 170 -45.84 13.37 -38.26
N GLY M 171 -46.44 14.55 -37.99
CA GLY M 171 -45.76 15.55 -37.22
C GLY M 171 -46.48 16.34 -36.15
N GLU M 172 -45.99 17.60 -36.02
CA GLU M 172 -46.61 18.53 -35.12
C GLU M 172 -46.29 20.00 -35.44
N SER M 173 -47.02 20.82 -34.68
CA SER M 173 -46.81 22.22 -34.57
C SER M 173 -47.71 22.67 -33.41
N ALA M 174 -47.42 23.92 -33.07
CA ALA M 174 -48.14 24.54 -31.99
C ALA M 174 -48.58 25.91 -32.51
N VAL M 175 -49.48 26.42 -31.72
CA VAL M 175 -50.15 27.71 -31.81
C VAL M 175 -49.97 28.32 -30.43
N LYS M 176 -50.17 29.62 -30.20
CA LYS M 176 -49.98 30.09 -28.81
C LYS M 176 -51.24 29.80 -28.01
N LEU M 177 -51.10 29.22 -26.82
CA LEU M 177 -52.22 28.87 -25.96
C LEU M 177 -52.26 29.76 -24.72
N SER M 183 -61.24 25.38 -20.53
CA SER M 183 -60.29 25.30 -21.64
C SER M 183 -60.11 23.86 -22.15
N ASN M 184 -61.23 23.30 -22.62
CA ASN M 184 -61.20 22.02 -23.35
C ASN M 184 -60.70 22.42 -24.74
N ILE M 185 -60.40 21.60 -25.73
CA ILE M 185 -60.01 22.26 -26.99
C ILE M 185 -60.81 21.71 -28.16
N THR M 186 -61.66 22.28 -28.48
CA THR M 186 -62.55 22.20 -29.65
C THR M 186 -61.87 22.78 -30.89
N TYR M 187 -62.12 22.09 -32.01
CA TYR M 187 -61.55 22.48 -33.29
C TYR M 187 -62.33 22.01 -34.50
N ARG M 188 -61.89 22.38 -35.69
CA ARG M 188 -62.38 21.94 -36.97
C ARG M 188 -61.24 22.11 -37.99
N THR M 189 -61.29 21.38 -39.11
CA THR M 189 -60.25 21.47 -40.10
C THR M 189 -60.85 21.68 -41.49
N ILE M 190 -60.01 22.05 -42.44
CA ILE M 190 -60.41 22.24 -43.83
C ILE M 190 -60.00 21.09 -44.74
N ASN M 191 -60.99 20.36 -45.23
CA ASN M 191 -60.87 19.18 -46.10
C ASN M 191 -60.37 19.42 -47.50
N ASP M 192 -60.46 18.52 -48.48
CA ASP M 192 -59.84 18.74 -49.78
C ASP M 192 -60.81 19.35 -50.79
N TYR M 193 -62.01 19.67 -50.30
CA TYR M 193 -63.07 20.31 -51.04
C TYR M 193 -63.49 21.53 -50.20
N GLY M 194 -62.50 22.35 -49.89
CA GLY M 194 -62.58 23.53 -49.11
C GLY M 194 -63.55 23.90 -48.05
N ALA M 195 -64.35 23.04 -47.43
CA ALA M 195 -65.29 23.47 -46.40
C ALA M 195 -64.92 22.99 -45.01
N LEU M 196 -65.31 23.74 -43.98
CA LEU M 196 -65.05 23.34 -42.58
C LEU M 196 -65.42 21.89 -42.31
N THR M 197 -64.83 21.21 -41.32
CA THR M 197 -65.16 19.84 -40.96
C THR M 197 -66.02 19.92 -39.70
N PRO M 198 -66.65 18.82 -39.32
CA PRO M 198 -67.62 18.80 -38.24
C PRO M 198 -67.07 19.29 -36.93
N LYS M 199 -67.54 20.46 -36.51
CA LYS M 199 -67.05 21.07 -35.27
C LYS M 199 -66.87 19.93 -34.27
N MET M 200 -65.64 19.85 -33.74
CA MET M 200 -65.36 18.76 -32.81
C MET M 200 -64.27 19.04 -31.80
N THR M 201 -64.37 18.22 -30.75
CA THR M 201 -63.41 18.11 -29.66
C THR M 201 -62.70 16.80 -30.08
N GLY M 202 -61.39 16.75 -30.03
CA GLY M 202 -60.65 15.55 -30.41
C GLY M 202 -59.92 15.00 -29.16
N VAL M 203 -59.81 13.68 -29.03
CA VAL M 203 -59.16 13.10 -27.86
C VAL M 203 -57.95 13.95 -27.41
N MET M 204 -58.02 14.21 -26.12
CA MET M 204 -57.13 15.08 -25.37
C MET M 204 -55.64 14.84 -25.42
N GLU M 205 -55.10 15.61 -24.49
CA GLU M 205 -53.83 16.09 -24.06
C GLU M 205 -54.02 17.64 -24.10
N PHE N 1 -101.09 -2.00 -64.99
CA PHE N 1 -99.76 -1.37 -65.22
C PHE N 1 -99.04 -1.32 -63.88
N ALA N 2 -97.73 -1.62 -63.81
CA ALA N 2 -97.08 -1.63 -62.49
C ALA N 2 -95.62 -1.26 -62.62
N CYS N 3 -94.92 -0.91 -61.53
CA CYS N 3 -93.53 -0.58 -61.70
C CYS N 3 -92.65 -0.97 -60.52
N LYS N 4 -91.37 -0.99 -60.86
CA LYS N 4 -90.41 -1.34 -59.81
C LYS N 4 -89.13 -0.56 -59.97
N THR N 5 -88.31 -0.61 -58.93
CA THR N 5 -87.02 0.01 -58.77
C THR N 5 -85.90 -1.01 -58.94
N ALA N 6 -84.70 -0.64 -59.36
CA ALA N 6 -83.55 -1.51 -59.41
C ALA N 6 -83.23 -2.16 -58.08
N ASN N 7 -83.59 -1.62 -56.92
CA ASN N 7 -83.56 -2.22 -55.60
C ASN N 7 -84.75 -3.15 -55.37
N GLY N 8 -85.51 -3.44 -56.43
CA GLY N 8 -86.68 -4.30 -56.43
C GLY N 8 -87.94 -3.87 -55.72
N THR N 9 -88.00 -2.78 -54.94
CA THR N 9 -89.27 -2.41 -54.33
C THR N 9 -90.24 -2.15 -55.48
N ALA N 10 -91.47 -2.55 -55.28
CA ALA N 10 -92.53 -2.44 -56.26
C ALA N 10 -93.62 -1.45 -55.82
N ILE N 11 -94.40 -1.05 -56.81
CA ILE N 11 -95.58 -0.22 -56.71
C ILE N 11 -96.51 -0.85 -57.79
N PRO N 12 -97.57 -1.48 -57.29
CA PRO N 12 -98.51 -2.23 -58.10
C PRO N 12 -99.54 -1.38 -58.83
N ILE N 13 -100.51 -2.15 -59.32
CA ILE N 13 -101.67 -1.65 -60.03
C ILE N 13 -102.41 -0.58 -59.26
N GLY N 14 -102.64 0.52 -60.00
CA GLY N 14 -103.23 1.77 -59.55
C GLY N 14 -102.42 2.45 -58.48
N GLY N 15 -101.16 2.05 -58.39
CA GLY N 15 -100.33 2.20 -57.26
C GLY N 15 -99.67 3.47 -56.88
N GLY N 16 -99.37 3.59 -55.60
CA GLY N 16 -98.83 4.71 -54.89
C GLY N 16 -97.41 5.12 -54.84
N SER N 17 -96.62 4.98 -53.77
CA SER N 17 -95.24 5.44 -53.73
C SER N 17 -94.14 4.52 -53.19
N ALA N 18 -92.89 4.90 -53.48
CA ALA N 18 -91.69 4.16 -53.16
C ALA N 18 -90.46 5.08 -53.12
N ASN N 19 -89.49 4.69 -52.30
CA ASN N 19 -88.26 5.39 -52.12
C ASN N 19 -87.29 4.87 -53.14
N VAL N 20 -86.48 5.67 -53.77
CA VAL N 20 -85.49 5.28 -54.75
C VAL N 20 -84.17 5.78 -54.17
N TYR N 21 -83.12 5.01 -54.09
CA TYR N 21 -81.86 5.46 -53.46
C TYR N 21 -80.86 5.57 -54.57
N VAL N 22 -80.26 6.76 -54.82
CA VAL N 22 -79.49 6.80 -56.10
C VAL N 22 -78.05 7.15 -55.78
N ASN N 23 -77.04 6.79 -56.56
CA ASN N 23 -75.67 7.09 -56.21
C ASN N 23 -75.29 8.41 -56.91
N LEU N 24 -74.66 9.37 -56.23
CA LEU N 24 -74.36 10.60 -56.93
C LEU N 24 -72.89 10.87 -57.20
N ALA N 25 -72.59 11.33 -58.41
CA ALA N 25 -71.18 11.69 -58.66
C ALA N 25 -70.74 12.49 -57.45
N PRO N 26 -69.74 11.99 -56.72
CA PRO N 26 -69.34 12.53 -55.40
C PRO N 26 -68.84 13.95 -55.42
N VAL N 27 -68.36 14.44 -56.56
CA VAL N 27 -67.83 15.76 -56.75
C VAL N 27 -68.24 16.43 -58.04
N VAL N 28 -69.00 17.53 -57.89
CA VAL N 28 -69.46 18.32 -59.01
C VAL N 28 -68.91 19.73 -58.83
N ASN N 29 -68.40 20.36 -59.87
CA ASN N 29 -67.93 21.73 -59.64
C ASN N 29 -68.98 22.77 -59.98
N VAL N 30 -68.61 24.05 -59.84
CA VAL N 30 -69.62 25.07 -60.13
C VAL N 30 -69.83 25.00 -61.64
N GLY N 31 -71.09 24.92 -62.07
CA GLY N 31 -71.29 24.85 -63.52
C GLY N 31 -71.12 23.50 -64.21
N GLN N 32 -70.81 22.39 -63.54
CA GLN N 32 -70.85 21.09 -64.21
C GLN N 32 -72.23 20.48 -63.89
N ASN N 33 -72.66 19.60 -64.79
CA ASN N 33 -73.96 18.96 -64.57
C ASN N 33 -73.74 17.76 -63.65
N LEU N 34 -74.63 17.55 -62.74
CA LEU N 34 -74.86 16.44 -61.91
C LEU N 34 -76.00 15.68 -62.65
N VAL N 35 -75.67 14.51 -63.30
CA VAL N 35 -76.83 13.82 -63.88
C VAL N 35 -77.45 12.80 -62.92
N VAL N 36 -78.75 12.97 -62.62
CA VAL N 36 -79.42 11.98 -61.78
C VAL N 36 -80.33 11.21 -62.78
N ASP N 37 -79.83 10.09 -63.26
CA ASP N 37 -80.48 9.21 -64.22
C ASP N 37 -81.51 8.28 -63.57
N LEU N 38 -82.79 8.46 -63.82
CA LEU N 38 -83.75 7.57 -63.17
C LEU N 38 -84.13 6.41 -64.01
N SER N 39 -83.65 6.45 -65.28
CA SER N 39 -84.01 5.42 -66.23
C SER N 39 -83.38 4.04 -65.96
N THR N 40 -82.53 3.99 -64.96
CA THR N 40 -81.67 2.85 -64.63
C THR N 40 -82.16 2.34 -63.28
N GLN N 41 -83.12 3.11 -62.71
CA GLN N 41 -83.68 2.79 -61.44
C GLN N 41 -85.16 2.51 -61.46
N ILE N 42 -85.97 3.17 -62.29
CA ILE N 42 -87.43 2.98 -62.22
C ILE N 42 -87.89 2.24 -63.44
N PHE N 43 -88.49 1.03 -63.28
CA PHE N 43 -88.86 0.28 -64.52
C PHE N 43 -90.32 -0.14 -64.46
N CYS N 44 -91.06 0.01 -65.60
CA CYS N 44 -92.48 -0.37 -65.60
C CYS N 44 -92.84 -1.21 -66.83
N HIS N 45 -94.08 -1.70 -66.72
CA HIS N 45 -94.65 -2.42 -67.88
C HIS N 45 -96.17 -2.38 -67.94
N ASN N 46 -96.65 -2.79 -69.11
CA ASN N 46 -98.07 -2.94 -69.39
C ASN N 46 -98.58 -4.33 -68.91
N ASP N 47 -99.64 -4.33 -68.11
CA ASP N 47 -100.15 -5.65 -67.67
C ASP N 47 -100.96 -6.38 -68.74
N TYR N 48 -101.77 -5.76 -69.60
CA TYR N 48 -102.49 -6.34 -70.70
C TYR N 48 -102.25 -5.61 -72.03
N PRO N 49 -101.05 -5.75 -72.59
CA PRO N 49 -100.64 -5.10 -73.81
C PRO N 49 -101.33 -5.54 -75.08
N GLU N 50 -101.83 -6.78 -75.12
CA GLU N 50 -102.56 -7.24 -76.30
C GLU N 50 -103.87 -6.50 -76.49
N THR N 51 -104.39 -5.81 -75.48
CA THR N 51 -105.61 -5.00 -75.69
C THR N 51 -105.51 -3.58 -75.18
N ILE N 52 -104.65 -3.27 -74.22
CA ILE N 52 -104.66 -1.93 -73.62
C ILE N 52 -103.33 -1.25 -73.88
N THR N 53 -103.53 0.02 -74.20
CA THR N 53 -102.39 0.88 -74.46
C THR N 53 -102.17 1.75 -73.19
N ASP N 54 -100.93 1.63 -72.66
CA ASP N 54 -100.65 2.38 -71.44
C ASP N 54 -99.97 3.70 -71.78
N TYR N 55 -100.41 4.73 -71.05
CA TYR N 55 -99.90 6.08 -71.31
C TYR N 55 -99.24 6.65 -70.07
N VAL N 56 -97.96 6.98 -70.16
CA VAL N 56 -97.22 7.42 -68.99
C VAL N 56 -96.55 8.77 -69.27
N THR N 57 -96.85 9.65 -68.34
CA THR N 57 -96.39 11.01 -68.19
C THR N 57 -95.49 11.26 -66.99
N LEU N 58 -94.63 12.29 -66.97
CA LEU N 58 -93.93 12.74 -65.75
C LEU N 58 -94.75 14.00 -65.42
N GLN N 59 -95.70 13.83 -64.57
CA GLN N 59 -96.63 14.92 -64.21
C GLN N 59 -96.13 16.11 -63.39
N ARG N 60 -95.25 15.93 -62.40
CA ARG N 60 -94.75 17.06 -61.61
C ARG N 60 -93.49 16.51 -60.99
N GLY N 61 -92.45 17.29 -61.03
CA GLY N 61 -91.18 17.08 -60.37
C GLY N 61 -90.97 18.19 -59.34
N SER N 62 -90.55 17.82 -58.15
CA SER N 62 -90.26 18.73 -57.06
C SER N 62 -88.85 18.45 -56.57
N ALA N 63 -88.18 19.54 -56.22
CA ALA N 63 -86.79 19.56 -55.79
C ALA N 63 -86.84 19.80 -54.27
N TYR N 64 -85.88 19.32 -53.52
CA TYR N 64 -85.95 19.41 -52.04
C TYR N 64 -84.51 19.46 -51.52
N GLY N 65 -84.40 19.92 -50.26
CA GLY N 65 -83.15 20.16 -49.61
C GLY N 65 -82.05 20.74 -50.46
N GLY N 66 -80.93 20.05 -50.65
CA GLY N 66 -79.80 20.52 -51.40
C GLY N 66 -80.07 20.84 -52.87
N VAL N 67 -80.96 20.03 -53.53
CA VAL N 67 -81.21 20.31 -54.94
C VAL N 67 -81.87 21.69 -55.02
N LEU N 68 -82.91 21.95 -54.25
CA LEU N 68 -83.68 23.15 -54.18
C LEU N 68 -82.88 24.40 -53.79
N SER N 69 -81.87 24.23 -52.93
CA SER N 69 -81.10 25.34 -52.44
C SER N 69 -79.94 25.65 -53.39
N ASN N 70 -79.18 24.67 -53.87
CA ASN N 70 -77.90 25.17 -54.42
C ASN N 70 -77.54 24.52 -55.71
N PHE N 71 -78.64 24.36 -56.48
CA PHE N 71 -78.74 23.78 -57.79
C PHE N 71 -79.91 24.30 -58.65
N SER N 72 -79.55 24.37 -59.92
CA SER N 72 -80.57 24.69 -60.89
C SER N 72 -80.50 23.69 -62.05
N GLY N 73 -81.62 23.44 -62.74
CA GLY N 73 -81.57 22.58 -63.92
C GLY N 73 -82.82 22.16 -64.64
N THR N 74 -82.76 21.05 -65.38
CA THR N 74 -83.74 20.47 -66.25
C THR N 74 -83.97 18.98 -65.99
N VAL N 75 -85.15 18.51 -66.34
CA VAL N 75 -85.57 17.15 -66.34
C VAL N 75 -85.61 16.71 -67.83
N LYS N 76 -84.94 15.58 -68.10
CA LYS N 76 -84.95 15.06 -69.47
C LYS N 76 -86.03 13.96 -69.48
N TYR N 77 -87.12 14.18 -70.20
CA TYR N 77 -88.13 13.12 -70.24
C TYR N 77 -88.29 12.57 -71.67
N SER N 78 -88.02 11.28 -71.94
CA SER N 78 -88.13 10.81 -73.33
C SER N 78 -87.40 11.59 -74.42
N GLY N 79 -86.15 11.95 -74.19
CA GLY N 79 -85.51 12.80 -75.20
C GLY N 79 -85.93 14.26 -75.30
N SER N 80 -86.76 14.79 -74.40
CA SER N 80 -86.98 16.23 -74.34
C SER N 80 -86.77 16.72 -72.93
N SER N 81 -86.02 17.80 -72.75
CA SER N 81 -85.81 18.57 -71.52
C SER N 81 -86.81 19.68 -71.27
N TYR N 82 -87.23 19.90 -70.05
CA TYR N 82 -88.17 20.83 -69.47
C TYR N 82 -87.53 21.37 -68.18
N PRO N 83 -87.95 22.56 -67.73
CA PRO N 83 -87.51 23.08 -66.44
C PRO N 83 -87.66 22.01 -65.35
N PHE N 84 -86.81 21.98 -64.34
CA PHE N 84 -86.96 21.20 -63.13
C PHE N 84 -86.51 22.13 -62.00
N PRO N 85 -87.36 22.52 -61.09
CA PRO N 85 -88.71 22.06 -60.90
C PRO N 85 -89.68 22.19 -62.05
N THR N 86 -90.55 21.17 -62.24
CA THR N 86 -91.49 21.29 -63.33
C THR N 86 -92.56 22.35 -63.15
N THR N 87 -93.18 22.71 -64.33
CA THR N 87 -94.20 23.74 -64.40
C THR N 87 -95.41 23.26 -65.18
N SER N 88 -95.27 22.04 -65.69
CA SER N 88 -96.47 21.53 -66.37
C SER N 88 -96.29 20.02 -66.60
N GLU N 89 -97.36 19.34 -66.96
CA GLU N 89 -97.19 17.94 -67.25
C GLU N 89 -96.61 17.75 -68.66
N THR N 90 -95.70 16.81 -68.71
CA THR N 90 -95.09 16.22 -69.88
C THR N 90 -96.07 15.52 -70.80
N PRO N 91 -95.71 15.34 -72.07
CA PRO N 91 -96.51 14.62 -73.05
C PRO N 91 -96.33 13.11 -72.76
N ARG N 92 -97.14 12.25 -73.37
CA ARG N 92 -97.19 10.84 -73.14
C ARG N 92 -96.00 10.04 -73.59
N VAL N 93 -95.77 8.97 -72.81
CA VAL N 93 -94.84 7.92 -73.30
C VAL N 93 -95.77 6.68 -73.32
N VAL N 94 -95.73 5.98 -74.49
CA VAL N 94 -96.56 4.79 -74.62
C VAL N 94 -95.72 3.58 -74.20
N TYR N 95 -96.35 2.80 -73.29
CA TYR N 95 -95.90 1.52 -72.81
C TYR N 95 -96.82 0.38 -73.36
N ASN N 96 -96.32 -0.47 -74.23
CA ASN N 96 -97.11 -1.56 -74.84
C ASN N 96 -96.38 -2.88 -74.69
N SER N 97 -96.08 -3.33 -73.47
CA SER N 97 -95.29 -4.52 -73.24
C SER N 97 -95.23 -4.90 -71.77
N ARG N 98 -95.10 -6.21 -71.60
CA ARG N 98 -95.09 -6.88 -70.29
C ARG N 98 -93.64 -6.94 -69.82
N THR N 99 -92.72 -6.73 -70.77
CA THR N 99 -91.30 -6.69 -70.37
C THR N 99 -91.04 -5.31 -69.78
N ASP N 100 -90.51 -5.32 -68.57
CA ASP N 100 -90.26 -4.11 -67.78
C ASP N 100 -89.47 -3.12 -68.59
N LYS N 101 -89.91 -1.87 -68.65
CA LYS N 101 -89.14 -0.93 -69.50
C LYS N 101 -88.83 0.37 -68.73
N PRO N 102 -87.71 0.97 -69.04
CA PRO N 102 -87.31 2.22 -68.44
C PRO N 102 -88.34 3.34 -68.45
N TRP N 103 -88.52 3.94 -67.29
CA TRP N 103 -89.15 5.26 -67.08
C TRP N 103 -88.04 6.30 -67.43
N PRO N 104 -88.14 6.95 -68.56
CA PRO N 104 -87.06 7.76 -69.14
C PRO N 104 -86.98 9.19 -68.66
N VAL N 105 -86.59 9.34 -67.40
CA VAL N 105 -86.48 10.56 -66.67
C VAL N 105 -84.98 10.65 -66.22
N ALA N 106 -84.48 11.87 -66.27
CA ALA N 106 -83.13 12.15 -65.86
C ALA N 106 -83.02 13.66 -65.54
N LEU N 107 -82.39 13.92 -64.39
CA LEU N 107 -82.21 15.31 -63.94
C LEU N 107 -80.81 15.80 -64.27
N TYR N 108 -80.65 16.92 -64.87
CA TYR N 108 -79.48 17.63 -65.26
C TYR N 108 -79.37 18.88 -64.32
N LEU N 109 -78.61 18.73 -63.21
CA LEU N 109 -78.50 19.74 -62.16
C LEU N 109 -77.12 20.42 -62.12
N THR N 110 -77.16 21.77 -62.23
CA THR N 110 -75.95 22.57 -62.25
C THR N 110 -75.98 23.41 -60.98
N PRO N 111 -74.97 23.31 -60.15
CA PRO N 111 -74.86 24.07 -58.92
C PRO N 111 -74.59 25.52 -59.29
N VAL N 112 -75.14 26.40 -58.46
CA VAL N 112 -75.11 27.85 -58.49
C VAL N 112 -73.92 28.30 -57.64
N SER N 113 -73.16 29.31 -58.03
CA SER N 113 -71.95 29.78 -57.37
C SER N 113 -72.00 29.90 -55.88
N SER N 114 -73.10 30.13 -55.18
CA SER N 114 -73.19 30.23 -53.75
C SER N 114 -73.27 28.90 -53.02
N ALA N 115 -73.18 27.81 -53.77
CA ALA N 115 -73.20 26.45 -53.26
C ALA N 115 -71.71 26.15 -53.06
N GLY N 116 -71.32 25.16 -52.26
CA GLY N 116 -69.87 24.99 -52.08
C GLY N 116 -69.49 24.16 -50.90
N GLY N 117 -70.41 23.80 -50.01
CA GLY N 117 -69.96 22.87 -48.93
C GLY N 117 -70.51 21.46 -49.30
N VAL N 118 -71.50 21.06 -48.51
CA VAL N 118 -72.23 19.84 -48.77
C VAL N 118 -73.55 20.22 -49.45
N ALA N 119 -73.47 20.39 -50.79
CA ALA N 119 -74.67 20.67 -51.59
C ALA N 119 -75.79 19.66 -51.30
N ILE N 120 -75.51 18.37 -51.42
CA ILE N 120 -76.48 17.34 -51.10
C ILE N 120 -76.00 16.50 -49.91
N LYS N 121 -76.81 16.39 -48.90
CA LYS N 121 -76.47 15.65 -47.67
C LYS N 121 -76.68 14.14 -47.87
N ALA N 122 -75.59 13.34 -47.77
CA ALA N 122 -75.85 11.90 -47.94
C ALA N 122 -77.10 11.58 -47.14
N GLY N 123 -78.05 10.85 -47.69
CA GLY N 123 -79.27 10.53 -47.00
C GLY N 123 -80.50 11.39 -47.22
N SER N 124 -80.43 12.58 -47.86
CA SER N 124 -81.54 13.50 -47.94
C SER N 124 -82.58 13.41 -49.03
N LEU N 125 -83.86 13.69 -48.82
CA LEU N 125 -84.76 13.79 -49.99
C LEU N 125 -84.12 14.68 -51.06
N ILE N 126 -83.84 14.33 -52.28
CA ILE N 126 -83.40 15.09 -53.42
C ILE N 126 -84.67 15.65 -54.15
N ALA N 127 -85.54 14.63 -54.46
CA ALA N 127 -86.68 14.86 -55.28
C ALA N 127 -87.88 13.94 -55.15
N VAL N 128 -89.01 14.51 -55.55
CA VAL N 128 -90.24 13.72 -55.67
C VAL N 128 -90.67 13.83 -57.16
N LEU N 129 -90.66 12.74 -57.88
CA LEU N 129 -91.08 12.66 -59.26
C LEU N 129 -92.37 11.85 -59.32
N ILE N 130 -93.39 12.53 -59.85
CA ILE N 130 -94.69 11.86 -59.90
C ILE N 130 -94.98 11.34 -61.32
N LEU N 131 -95.06 10.03 -61.44
CA LEU N 131 -95.37 9.37 -62.69
C LEU N 131 -96.89 9.14 -62.78
N ARG N 132 -97.44 9.64 -63.87
CA ARG N 132 -98.88 9.60 -64.09
C ARG N 132 -99.21 8.82 -65.38
N GLN N 133 -99.96 7.78 -65.06
CA GLN N 133 -100.44 6.75 -65.94
C GLN N 133 -101.93 6.69 -66.21
N THR N 134 -102.24 6.76 -67.50
CA THR N 134 -103.62 6.59 -67.97
C THR N 134 -103.60 5.41 -68.93
N ASN N 135 -104.59 5.19 -69.77
CA ASN N 135 -104.57 4.10 -70.74
C ASN N 135 -105.63 4.44 -71.80
N ASN N 136 -105.77 3.68 -72.85
CA ASN N 136 -106.90 3.83 -73.77
C ASN N 136 -108.07 2.89 -73.41
N TYR N 137 -108.19 2.39 -72.18
CA TYR N 137 -109.27 1.46 -71.85
C TYR N 137 -110.35 2.19 -71.10
N ASN N 138 -110.35 2.16 -69.78
CA ASN N 138 -111.32 2.90 -68.99
C ASN N 138 -110.73 4.22 -68.54
N SER N 139 -111.26 4.83 -67.48
CA SER N 139 -110.78 6.10 -66.97
C SER N 139 -109.79 6.06 -65.82
N ASP N 140 -108.94 5.05 -65.70
CA ASP N 140 -107.94 5.11 -64.61
C ASP N 140 -106.92 6.23 -64.86
N ASP N 141 -106.42 6.66 -63.70
CA ASP N 141 -105.59 7.84 -63.61
C ASP N 141 -104.79 7.77 -62.31
N PHE N 142 -103.64 7.10 -62.45
CA PHE N 142 -102.84 6.77 -61.30
C PHE N 142 -101.52 7.52 -61.24
N GLN N 143 -101.18 7.81 -59.99
CA GLN N 143 -99.93 8.44 -59.65
C GLN N 143 -99.10 7.40 -58.88
N PHE N 144 -97.92 7.27 -59.44
CA PHE N 144 -96.83 6.48 -58.91
C PHE N 144 -95.80 7.55 -58.48
N VAL N 145 -95.62 7.75 -57.20
CA VAL N 145 -94.71 8.70 -56.59
C VAL N 145 -93.41 7.98 -56.21
N TRP N 146 -92.33 8.54 -56.73
CA TRP N 146 -90.95 8.21 -56.60
C TRP N 146 -90.21 9.28 -55.80
N ASN N 147 -89.80 8.94 -54.58
CA ASN N 147 -89.08 9.76 -53.61
C ASN N 147 -87.62 9.41 -53.80
N ILE N 148 -86.86 10.37 -54.26
CA ILE N 148 -85.47 10.09 -54.70
C ILE N 148 -84.60 10.57 -53.57
N TYR N 149 -83.65 9.78 -53.11
CA TYR N 149 -82.77 10.10 -52.00
C TYR N 149 -81.32 9.84 -52.35
N ALA N 150 -80.49 10.78 -51.95
CA ALA N 150 -79.03 10.62 -52.21
C ALA N 150 -78.48 9.46 -51.37
N ASN N 151 -77.63 8.68 -52.03
CA ASN N 151 -76.94 7.59 -51.37
C ASN N 151 -75.71 8.22 -50.68
N ASN N 152 -75.15 9.24 -51.32
CA ASN N 152 -73.93 9.85 -50.82
C ASN N 152 -73.96 11.37 -50.94
N ASP N 153 -73.40 12.04 -49.92
CA ASP N 153 -73.18 13.45 -49.96
C ASP N 153 -72.69 13.86 -51.36
N VAL N 154 -73.10 15.00 -51.90
CA VAL N 154 -72.44 15.50 -53.11
C VAL N 154 -71.67 16.75 -52.66
N VAL N 155 -70.40 16.87 -52.98
CA VAL N 155 -69.72 18.11 -52.58
C VAL N 155 -69.48 19.02 -53.79
N VAL N 156 -69.63 20.34 -53.63
CA VAL N 156 -69.21 21.27 -54.70
C VAL N 156 -67.94 21.94 -54.16
N PRO N 157 -66.84 21.86 -54.85
CA PRO N 157 -65.59 22.41 -54.33
C PRO N 157 -65.59 23.92 -54.44
N THR N 158 -65.46 24.57 -53.28
CA THR N 158 -65.43 26.01 -53.18
C THR N 158 -64.16 26.55 -53.84
N GLY N 159 -64.35 27.66 -54.58
CA GLY N 159 -63.28 28.27 -55.34
C GLY N 159 -62.61 29.49 -54.71
N GLY N 160 -61.60 29.98 -55.45
CA GLY N 160 -60.89 31.19 -54.99
C GLY N 160 -61.91 32.35 -55.01
N CYS N 161 -61.32 33.50 -54.66
CA CYS N 161 -62.01 34.78 -54.60
C CYS N 161 -61.65 35.73 -55.73
N ASP N 162 -62.45 36.80 -55.79
CA ASP N 162 -62.15 37.83 -56.79
C ASP N 162 -61.39 38.94 -56.05
N VAL N 163 -60.20 39.21 -56.58
CA VAL N 163 -59.28 40.19 -56.04
C VAL N 163 -59.18 41.48 -56.84
N SER N 164 -60.17 42.35 -56.73
CA SER N 164 -60.23 43.63 -57.41
C SER N 164 -59.19 44.73 -57.14
N ALA N 165 -58.21 44.95 -58.01
CA ALA N 165 -57.29 46.09 -57.85
C ALA N 165 -58.05 47.41 -58.19
N ARG N 166 -58.31 48.22 -59.06
CA ARG N 166 -58.38 49.17 -60.16
C ARG N 166 -57.21 49.19 -61.13
N ASP N 167 -55.97 49.56 -60.76
CA ASP N 167 -54.89 49.54 -61.76
C ASP N 167 -53.51 49.74 -61.15
N VAL N 168 -51.82 49.55 -61.20
CA VAL N 168 -51.33 50.90 -61.39
C VAL N 168 -52.10 52.03 -60.70
N THR N 169 -51.31 52.78 -59.93
CA THR N 169 -51.62 53.85 -59.03
C THR N 169 -50.71 55.07 -59.14
N VAL N 170 -51.30 56.27 -59.26
CA VAL N 170 -50.42 57.46 -59.30
C VAL N 170 -50.15 57.79 -57.84
N THR N 171 -48.89 57.99 -57.50
CA THR N 171 -48.33 58.14 -56.17
C THR N 171 -47.95 59.57 -55.83
N LEU N 172 -48.26 60.05 -54.61
CA LEU N 172 -48.34 61.29 -55.23
C LEU N 172 -47.54 62.45 -55.74
N PRO N 173 -46.51 62.63 -55.01
CA PRO N 173 -45.29 62.49 -54.97
C PRO N 173 -44.90 63.21 -53.67
N ASP N 174 -46.11 65.35 -54.89
CA ASP N 174 -45.94 66.44 -53.94
C ASP N 174 -45.11 66.12 -52.71
N TYR N 175 -44.91 64.83 -52.38
CA TYR N 175 -44.05 64.33 -51.34
C TYR N 175 -44.36 64.27 -49.86
N PRO N 176 -45.55 64.57 -49.39
CA PRO N 176 -45.88 64.45 -47.97
C PRO N 176 -46.55 63.11 -47.70
N GLY N 177 -47.28 62.66 -48.71
CA GLY N 177 -48.27 61.85 -49.21
C GLY N 177 -48.83 60.61 -48.53
N SER N 178 -49.88 60.04 -49.07
CA SER N 178 -50.55 58.87 -48.54
C SER N 178 -51.61 58.38 -49.53
N VAL N 179 -51.20 57.76 -50.63
CA VAL N 179 -52.12 57.28 -51.65
C VAL N 179 -52.76 55.97 -51.23
N PRO N 180 -54.03 56.03 -50.85
CA PRO N 180 -54.76 54.80 -50.52
C PRO N 180 -54.56 53.88 -51.70
N ILE N 181 -54.23 52.60 -51.56
CA ILE N 181 -54.14 51.75 -52.76
C ILE N 181 -55.43 50.95 -52.95
N PRO N 182 -55.98 51.09 -54.17
CA PRO N 182 -57.19 50.38 -54.55
C PRO N 182 -57.17 48.89 -54.27
N LEU N 183 -57.81 48.36 -53.22
CA LEU N 183 -57.76 46.87 -53.16
C LEU N 183 -58.87 46.20 -52.36
N THR N 184 -59.75 45.55 -53.16
CA THR N 184 -60.81 44.74 -52.55
C THR N 184 -60.75 43.23 -52.87
N VAL N 185 -61.34 42.41 -51.99
CA VAL N 185 -61.49 40.99 -52.21
C VAL N 185 -62.94 40.56 -51.95
N TYR N 186 -63.41 39.71 -52.88
CA TYR N 186 -64.73 39.10 -52.68
C TYR N 186 -64.63 37.60 -52.96
N CYS N 187 -65.30 36.79 -52.15
CA CYS N 187 -65.38 35.34 -52.31
C CYS N 187 -66.86 34.93 -52.32
N ALA N 188 -67.32 34.06 -53.24
CA ALA N 188 -68.71 33.61 -53.12
C ALA N 188 -68.70 32.78 -51.83
N LYS N 189 -67.74 31.82 -51.87
CA LYS N 189 -67.58 31.00 -50.66
C LYS N 189 -66.75 31.70 -49.58
N SER N 190 -67.47 32.07 -48.53
CA SER N 190 -66.85 32.70 -47.37
C SER N 190 -65.80 31.74 -46.77
N GLN N 191 -64.64 32.33 -46.59
CA GLN N 191 -63.44 31.63 -46.17
C GLN N 191 -62.31 32.46 -45.59
N ASN N 192 -61.10 31.90 -45.54
CA ASN N 192 -59.92 32.43 -44.87
C ASN N 192 -58.76 32.63 -45.82
N LEU N 193 -58.23 33.85 -45.75
CA LEU N 193 -57.23 34.32 -46.66
C LEU N 193 -56.16 35.20 -46.03
N GLY N 194 -55.01 35.19 -46.69
CA GLY N 194 -53.91 36.02 -46.28
C GLY N 194 -53.30 36.70 -47.51
N TYR N 195 -52.41 37.66 -47.23
CA TYR N 195 -51.76 38.31 -48.38
C TYR N 195 -50.31 38.59 -47.96
N TYR N 196 -49.42 38.79 -48.90
CA TYR N 196 -48.08 39.18 -48.53
C TYR N 196 -47.44 39.93 -49.70
N LEU N 197 -46.66 40.94 -49.43
CA LEU N 197 -46.00 41.76 -50.45
C LEU N 197 -44.65 41.18 -50.84
N SER N 198 -44.13 41.33 -52.01
CA SER N 198 -42.98 40.83 -52.67
C SER N 198 -42.34 41.94 -53.51
N GLY N 199 -41.05 42.01 -53.63
CA GLY N 199 -40.41 43.05 -54.39
C GLY N 199 -39.03 43.37 -53.85
N THR N 200 -38.20 44.04 -54.63
CA THR N 200 -36.86 44.33 -54.18
C THR N 200 -37.02 45.51 -53.22
N THR N 201 -36.42 45.21 -52.07
CA THR N 201 -36.49 46.13 -50.93
C THR N 201 -35.18 46.83 -50.68
N ALA N 202 -35.30 48.12 -50.29
CA ALA N 202 -34.06 48.91 -50.11
C ALA N 202 -33.54 48.90 -48.68
N ASP N 203 -34.37 48.71 -47.70
CA ASP N 203 -34.02 48.80 -46.30
C ASP N 203 -33.77 47.46 -45.63
N ALA N 204 -33.14 47.57 -44.44
CA ALA N 204 -32.72 46.36 -43.73
C ALA N 204 -33.92 45.75 -43.03
N GLY N 205 -34.95 46.57 -42.91
CA GLY N 205 -36.27 46.28 -42.43
C GLY N 205 -37.14 45.71 -43.55
N ASN N 206 -36.62 45.64 -44.77
CA ASN N 206 -37.40 45.05 -45.88
C ASN N 206 -38.81 45.60 -45.98
N SER N 207 -39.12 46.88 -45.68
CA SER N 207 -40.50 47.31 -45.80
C SER N 207 -40.55 48.35 -46.92
N ILE N 208 -39.39 48.81 -47.36
CA ILE N 208 -39.32 49.86 -48.34
C ILE N 208 -38.96 49.35 -49.74
N PHE N 209 -39.96 49.56 -50.64
CA PHE N 209 -39.73 49.04 -51.99
C PHE N 209 -38.88 49.99 -52.81
N THR N 210 -38.00 49.39 -53.60
CA THR N 210 -37.08 50.18 -54.39
C THR N 210 -37.63 50.91 -55.60
N ASN N 211 -37.20 52.18 -55.70
CA ASN N 211 -37.43 53.05 -56.86
C ASN N 211 -36.92 52.34 -58.11
N THR N 212 -37.76 52.30 -59.14
CA THR N 212 -37.41 51.53 -60.33
C THR N 212 -37.42 52.43 -61.56
N ALA N 213 -37.55 53.73 -61.33
CA ALA N 213 -37.50 54.68 -62.45
C ALA N 213 -36.06 54.81 -62.95
N SER N 214 -35.93 55.16 -64.25
CA SER N 214 -34.58 55.43 -64.74
C SER N 214 -34.52 56.80 -65.41
N PHE N 215 -35.66 57.48 -65.62
CA PHE N 215 -35.58 58.86 -66.09
C PHE N 215 -35.40 59.74 -64.85
N SER N 216 -34.19 59.85 -64.34
CA SER N 216 -33.85 60.68 -63.18
C SER N 216 -34.62 60.23 -61.94
N PRO N 217 -33.95 59.42 -61.14
CA PRO N 217 -34.56 58.83 -59.97
C PRO N 217 -34.36 59.64 -58.71
N ALA N 218 -35.42 59.67 -57.90
CA ALA N 218 -35.23 60.34 -56.59
C ALA N 218 -34.19 59.43 -55.89
N GLN N 219 -33.09 60.06 -55.45
CA GLN N 219 -32.01 59.38 -54.75
C GLN N 219 -32.54 59.09 -53.34
N GLY N 220 -32.20 57.96 -52.73
CA GLY N 220 -32.61 57.62 -51.41
C GLY N 220 -34.04 57.60 -50.95
N VAL N 221 -35.02 57.40 -51.83
CA VAL N 221 -36.43 57.29 -51.51
C VAL N 221 -36.98 55.96 -52.04
N GLY N 222 -38.08 55.50 -51.45
CA GLY N 222 -38.76 54.26 -51.83
C GLY N 222 -40.22 54.46 -51.44
N VAL N 223 -40.98 53.37 -51.51
CA VAL N 223 -42.41 53.37 -51.25
C VAL N 223 -42.64 52.30 -50.20
N GLN N 224 -43.45 52.64 -49.22
CA GLN N 224 -43.63 51.63 -48.16
C GLN N 224 -45.14 51.54 -47.96
N LEU N 225 -45.61 50.31 -47.62
CA LEU N 225 -47.06 50.20 -47.57
C LEU N 225 -47.49 50.07 -46.12
N THR N 226 -48.75 50.43 -45.92
CA THR N 226 -49.30 50.44 -44.58
C THR N 226 -50.75 50.03 -44.62
N ARG N 227 -51.25 49.32 -43.64
CA ARG N 227 -52.65 48.94 -43.46
C ARG N 227 -53.12 49.67 -42.20
N ASN N 228 -53.93 50.70 -42.30
CA ASN N 228 -54.35 51.53 -41.18
C ASN N 228 -53.31 51.68 -40.04
N GLY N 229 -52.12 52.18 -40.40
CA GLY N 229 -51.10 52.47 -39.43
C GLY N 229 -49.93 51.51 -39.30
N THR N 230 -50.22 50.21 -39.39
CA THR N 230 -49.17 49.19 -39.26
C THR N 230 -48.39 49.14 -40.59
N ILE N 231 -47.08 48.99 -40.55
CA ILE N 231 -46.33 48.86 -41.79
C ILE N 231 -46.29 47.34 -42.04
N ILE N 232 -46.34 47.06 -43.33
CA ILE N 232 -46.25 45.77 -43.92
C ILE N 232 -44.89 45.61 -44.59
N PRO N 233 -43.98 44.87 -43.96
CA PRO N 233 -42.69 44.53 -44.55
C PRO N 233 -42.88 43.38 -45.54
N ALA N 234 -41.97 43.12 -46.45
CA ALA N 234 -42.05 42.07 -47.41
C ALA N 234 -41.91 40.62 -46.94
N ASN N 235 -42.76 39.77 -47.55
CA ASN N 235 -42.76 38.35 -47.32
C ASN N 235 -43.17 38.04 -45.87
N ASN N 236 -44.09 38.85 -45.41
CA ASN N 236 -44.59 38.86 -44.07
C ASN N 236 -46.11 38.76 -44.12
N THR N 237 -46.56 37.54 -44.38
CA THR N 237 -48.02 37.33 -44.42
C THR N 237 -48.78 38.07 -43.32
N VAL N 238 -49.86 38.68 -43.75
CA VAL N 238 -50.90 39.38 -43.06
C VAL N 238 -52.16 38.53 -43.28
N SER N 239 -52.92 38.29 -42.23
CA SER N 239 -54.13 37.51 -42.43
C SER N 239 -55.37 38.38 -42.45
N LEU N 240 -56.15 38.23 -43.51
CA LEU N 240 -57.47 38.87 -43.62
C LEU N 240 -58.37 37.91 -42.87
N GLY N 241 -59.50 38.35 -42.34
CA GLY N 241 -60.36 37.38 -41.64
C GLY N 241 -61.11 36.45 -42.59
N ALA N 242 -62.43 36.46 -42.35
CA ALA N 242 -63.39 35.65 -43.08
C ALA N 242 -63.95 36.46 -44.25
N VAL N 243 -63.13 36.57 -45.30
CA VAL N 243 -63.50 37.23 -46.56
C VAL N 243 -64.67 36.51 -47.25
N GLY N 244 -65.90 36.90 -46.89
CA GLY N 244 -67.12 36.31 -47.38
C GLY N 244 -67.60 36.81 -48.73
N THR N 245 -68.92 37.01 -48.88
CA THR N 245 -69.41 37.46 -50.20
C THR N 245 -69.06 38.92 -50.49
N SER N 246 -69.71 39.79 -49.71
CA SER N 246 -69.44 41.21 -49.70
C SER N 246 -67.95 41.55 -49.85
N ALA N 247 -67.59 42.47 -50.73
CA ALA N 247 -66.21 42.90 -50.89
C ALA N 247 -65.56 43.44 -49.59
N VAL N 248 -64.32 42.98 -49.36
CA VAL N 248 -63.54 43.39 -48.19
C VAL N 248 -62.28 44.11 -48.67
N SER N 249 -62.12 45.33 -48.15
CA SER N 249 -61.02 46.20 -48.50
C SER N 249 -59.73 45.94 -47.73
N LEU N 250 -58.59 45.81 -48.38
CA LEU N 250 -57.33 45.81 -47.62
C LEU N 250 -57.20 47.32 -47.35
N GLY N 251 -57.07 47.77 -46.11
CA GLY N 251 -56.99 49.25 -46.00
C GLY N 251 -55.53 49.68 -46.23
N LEU N 252 -54.95 49.45 -47.40
CA LEU N 252 -53.62 49.81 -47.74
C LEU N 252 -53.35 51.30 -48.08
N THR N 253 -52.13 51.73 -47.64
CA THR N 253 -51.68 53.09 -47.92
C THR N 253 -50.27 53.08 -48.50
N ALA N 254 -50.05 54.01 -49.44
CA ALA N 254 -48.73 54.11 -50.04
C ALA N 254 -48.07 55.43 -49.64
N ASN N 255 -46.90 55.36 -49.02
CA ASN N 255 -46.13 56.50 -48.56
C ASN N 255 -44.65 56.37 -48.96
N TYR N 256 -44.14 57.57 -49.29
CA TYR N 256 -42.73 57.67 -49.63
C TYR N 256 -41.92 57.42 -48.35
N ALA N 257 -40.80 56.70 -48.44
CA ALA N 257 -40.01 56.52 -47.21
C ALA N 257 -38.56 56.82 -47.58
N ARG N 258 -37.74 57.03 -46.57
CA ARG N 258 -36.34 57.38 -46.83
C ARG N 258 -35.46 56.15 -46.72
N THR N 259 -34.61 56.01 -47.71
CA THR N 259 -33.69 54.90 -47.97
C THR N 259 -32.30 55.37 -47.60
N GLY N 260 -31.27 55.23 -48.40
CA GLY N 260 -29.91 55.62 -48.20
C GLY N 260 -29.45 56.72 -47.26
N GLY N 261 -29.21 57.89 -47.86
CA GLY N 261 -28.79 59.08 -47.12
C GLY N 261 -29.65 60.30 -47.46
N GLN N 262 -29.17 61.13 -48.39
CA GLN N 262 -29.86 62.30 -48.87
C GLN N 262 -30.96 61.93 -49.88
N VAL N 263 -32.02 62.73 -49.92
CA VAL N 263 -33.09 62.51 -50.91
C VAL N 263 -32.86 63.50 -52.03
N THR N 264 -32.80 63.10 -53.29
CA THR N 264 -32.63 64.12 -54.34
C THR N 264 -33.91 64.06 -55.17
N ALA N 265 -34.78 65.05 -55.00
CA ALA N 265 -36.04 65.02 -55.74
C ALA N 265 -35.79 64.69 -57.22
N GLY N 266 -36.82 64.05 -57.77
CA GLY N 266 -36.96 63.51 -59.09
C GLY N 266 -38.16 62.53 -59.13
N ASN N 267 -38.05 61.59 -60.06
CA ASN N 267 -39.03 60.57 -60.37
C ASN N 267 -38.88 59.31 -59.52
N VAL N 268 -39.94 58.82 -58.88
CA VAL N 268 -39.99 57.62 -58.06
C VAL N 268 -40.89 56.52 -58.62
N GLN N 269 -40.39 55.27 -58.76
CA GLN N 269 -41.27 54.20 -59.27
C GLN N 269 -41.16 52.83 -58.62
N SER N 270 -42.28 52.25 -58.21
CA SER N 270 -42.38 50.97 -57.53
C SER N 270 -43.27 49.90 -58.15
N ILE N 271 -42.68 48.70 -58.22
CA ILE N 271 -43.37 47.51 -58.67
C ILE N 271 -43.44 46.55 -57.46
N ILE N 272 -44.66 46.23 -57.05
CA ILE N 272 -44.96 45.34 -55.94
C ILE N 272 -45.88 44.21 -56.39
N GLY N 273 -45.66 43.00 -55.88
CA GLY N 273 -46.64 41.93 -56.19
C GLY N 273 -47.38 41.81 -54.86
N VAL N 274 -48.62 41.44 -54.88
CA VAL N 274 -49.49 41.18 -53.75
C VAL N 274 -49.92 39.73 -54.04
N THR N 275 -49.77 38.85 -53.08
CA THR N 275 -50.06 37.45 -53.20
C THR N 275 -51.10 37.03 -52.18
N PHE N 276 -52.22 36.50 -52.70
CA PHE N 276 -53.28 36.04 -51.82
C PHE N 276 -52.96 34.57 -51.58
N VAL N 277 -53.03 34.20 -50.30
CA VAL N 277 -52.63 32.83 -49.94
C VAL N 277 -53.87 32.11 -49.45
N TYR N 278 -54.18 30.99 -50.09
CA TYR N 278 -55.37 30.26 -49.67
C TYR N 278 -55.02 29.25 -48.58
N GLN N 279 -55.83 29.35 -47.54
CA GLN N 279 -55.78 28.53 -46.36
C GLN N 279 -56.25 27.10 -46.64
N GLY O 1 -100.75 -12.70 -17.80
CA GLY O 1 -101.40 -13.95 -17.26
C GLY O 1 -100.52 -14.37 -16.05
N VAL O 2 -99.29 -13.82 -16.03
CA VAL O 2 -98.50 -14.17 -14.86
C VAL O 2 -98.65 -13.08 -13.81
N ALA O 3 -98.69 -13.54 -12.58
CA ALA O 3 -98.74 -12.69 -11.39
C ALA O 3 -97.47 -12.95 -10.57
N LEU O 4 -97.17 -12.04 -9.64
CA LEU O 4 -95.97 -12.18 -8.82
C LEU O 4 -96.31 -12.24 -7.32
N GLY O 5 -95.27 -12.64 -6.58
CA GLY O 5 -95.30 -12.76 -5.14
C GLY O 5 -95.88 -11.56 -4.42
N ALA O 6 -95.47 -10.33 -4.81
CA ALA O 6 -96.09 -9.20 -4.13
C ALA O 6 -95.88 -7.91 -4.92
N THR O 7 -96.15 -6.81 -4.24
CA THR O 7 -95.92 -5.49 -4.76
C THR O 7 -94.54 -4.91 -4.49
N ARG O 8 -93.52 -5.62 -3.98
CA ARG O 8 -92.19 -5.02 -3.82
C ARG O 8 -91.15 -6.01 -3.26
N VAL O 9 -89.89 -5.74 -3.55
CA VAL O 9 -88.79 -6.56 -3.06
C VAL O 9 -88.04 -5.61 -2.09
N ILE O 10 -87.38 -6.22 -1.15
CA ILE O 10 -86.52 -5.67 -0.13
C ILE O 10 -85.16 -6.36 -0.27
N TYR O 11 -84.09 -5.60 -0.08
CA TYR O 11 -82.76 -6.21 -0.18
C TYR O 11 -81.79 -5.90 0.93
N PRO O 12 -81.93 -6.50 2.10
CA PRO O 12 -81.03 -6.34 3.23
C PRO O 12 -79.58 -6.65 2.91
N ALA O 13 -78.69 -5.78 3.42
CA ALA O 13 -77.27 -5.94 3.20
C ALA O 13 -76.81 -7.36 3.52
N GLY O 14 -75.82 -7.86 2.79
CA GLY O 14 -75.22 -9.14 3.05
C GLY O 14 -75.81 -10.41 2.51
N GLN O 15 -76.91 -10.32 1.75
CA GLN O 15 -77.51 -11.56 1.22
C GLN O 15 -76.96 -11.84 -0.17
N LYS O 16 -76.85 -13.12 -0.50
CA LYS O 16 -76.41 -13.48 -1.85
C LYS O 16 -77.52 -13.22 -2.87
N GLN O 17 -78.77 -13.63 -2.56
CA GLN O 17 -79.87 -13.58 -3.51
C GLN O 17 -81.29 -13.77 -3.02
N VAL O 18 -82.10 -12.72 -2.86
CA VAL O 18 -83.50 -12.82 -2.48
C VAL O 18 -84.26 -13.42 -3.67
N GLN O 19 -85.51 -13.74 -3.39
CA GLN O 19 -86.38 -14.34 -4.37
C GLN O 19 -87.81 -13.81 -4.24
N LEU O 20 -88.51 -14.12 -5.36
CA LEU O 20 -89.91 -13.67 -5.45
C LEU O 20 -90.60 -14.74 -6.27
N ALA O 21 -91.85 -14.95 -5.90
CA ALA O 21 -92.65 -15.94 -6.64
C ALA O 21 -93.24 -15.31 -7.92
N VAL O 22 -93.27 -16.11 -8.99
CA VAL O 22 -93.78 -15.76 -10.29
C VAL O 22 -94.77 -16.88 -10.67
N THR O 23 -96.09 -16.65 -10.54
CA THR O 23 -97.04 -17.72 -10.80
C THR O 23 -97.88 -17.54 -12.05
N ASN O 24 -97.63 -18.36 -13.08
CA ASN O 24 -98.40 -18.33 -14.34
C ASN O 24 -99.78 -18.97 -14.15
N ASN O 25 -100.82 -18.20 -13.91
CA ASN O 25 -102.16 -18.69 -13.69
C ASN O 25 -102.89 -19.18 -14.94
N ASP O 26 -102.44 -18.91 -16.15
CA ASP O 26 -103.21 -19.34 -17.34
C ASP O 26 -103.40 -20.85 -17.46
N GLU O 27 -103.99 -21.62 -18.31
CA GLU O 27 -103.95 -23.14 -18.33
C GLU O 27 -103.11 -23.78 -18.98
N ASN O 28 -103.43 -23.21 -20.14
CA ASN O 28 -102.80 -23.47 -21.44
C ASN O 28 -102.09 -22.18 -21.86
N SER O 29 -100.76 -22.36 -22.00
CA SER O 29 -99.85 -21.23 -22.15
C SER O 29 -98.37 -21.44 -22.26
N THR O 30 -97.68 -20.91 -23.26
CA THR O 30 -96.21 -21.04 -23.35
C THR O 30 -95.56 -19.65 -23.10
N TYR O 31 -95.47 -19.21 -21.83
CA TYR O 31 -94.90 -17.86 -21.69
C TYR O 31 -93.38 -17.91 -21.70
N LEU O 32 -92.73 -16.93 -22.34
CA LEU O 32 -91.25 -16.98 -22.38
C LEU O 32 -90.65 -16.07 -21.32
N ILE O 33 -91.24 -16.00 -20.14
CA ILE O 33 -90.80 -15.19 -19.01
C ILE O 33 -89.34 -14.78 -18.94
N GLN O 34 -89.18 -13.44 -18.97
CA GLN O 34 -87.95 -12.68 -18.98
C GLN O 34 -87.95 -11.68 -17.82
N SER O 35 -86.82 -11.57 -17.13
CA SER O 35 -86.72 -10.66 -16.00
C SER O 35 -85.49 -9.78 -16.07
N TRP O 36 -85.37 -8.78 -15.19
CA TRP O 36 -84.26 -7.83 -15.21
C TRP O 36 -84.47 -6.66 -14.26
N VAL O 37 -83.43 -6.03 -13.73
CA VAL O 37 -83.54 -4.88 -12.85
C VAL O 37 -83.12 -3.58 -13.52
N GLU O 38 -83.60 -2.44 -13.06
CA GLU O 38 -83.16 -1.15 -13.60
C GLU O 38 -83.03 -0.13 -12.45
N ASN O 39 -82.01 0.71 -12.46
CA ASN O 39 -81.81 1.70 -11.38
C ASN O 39 -82.92 2.72 -11.25
N ALA O 40 -82.74 3.71 -10.37
CA ALA O 40 -83.72 4.76 -10.19
C ALA O 40 -84.08 5.62 -11.40
N ASP O 41 -83.50 5.51 -12.58
CA ASP O 41 -83.94 6.24 -13.76
C ASP O 41 -84.29 5.18 -14.83
N GLY O 42 -84.59 3.99 -14.32
CA GLY O 42 -84.95 2.86 -15.12
C GLY O 42 -84.02 2.59 -16.30
N VAL O 43 -82.74 2.43 -15.93
CA VAL O 43 -81.71 2.11 -16.92
C VAL O 43 -81.24 0.70 -16.56
N LYS O 44 -81.15 -0.18 -17.56
CA LYS O 44 -80.66 -1.54 -17.43
C LYS O 44 -79.23 -1.42 -16.86
N ASP O 45 -79.17 -1.38 -15.55
CA ASP O 45 -78.05 -1.21 -14.67
C ASP O 45 -77.43 -2.58 -14.39
N GLY O 46 -76.22 -2.61 -13.83
CA GLY O 46 -75.63 -3.93 -13.57
C GLY O 46 -75.75 -4.38 -12.11
N ARG O 47 -76.07 -3.43 -11.24
CA ARG O 47 -76.20 -3.58 -9.81
C ARG O 47 -76.71 -4.92 -9.32
N PHE O 48 -77.92 -5.35 -9.69
CA PHE O 48 -78.52 -6.61 -9.29
C PHE O 48 -78.70 -7.59 -10.45
N ILE O 49 -78.36 -8.88 -10.28
CA ILE O 49 -78.58 -9.81 -11.41
C ILE O 49 -79.75 -10.71 -11.06
N VAL O 50 -80.61 -10.98 -12.04
CA VAL O 50 -81.81 -11.80 -11.87
C VAL O 50 -81.57 -13.12 -12.60
N THR O 51 -81.94 -14.19 -11.88
CA THR O 51 -81.78 -15.59 -12.25
C THR O 51 -82.97 -16.42 -11.75
N PRO O 52 -83.43 -17.36 -12.58
CA PRO O 52 -83.04 -17.49 -13.98
C PRO O 52 -83.59 -16.39 -14.89
N PRO O 53 -82.77 -15.91 -15.82
CA PRO O 53 -83.05 -14.73 -16.67
C PRO O 53 -84.13 -14.87 -17.73
N LEU O 54 -84.11 -15.97 -18.44
CA LEU O 54 -85.12 -16.36 -19.40
C LEU O 54 -85.44 -17.83 -19.14
N PHE O 55 -86.69 -18.09 -18.77
CA PHE O 55 -87.07 -19.45 -18.43
C PHE O 55 -88.32 -19.97 -19.14
N ALA O 56 -89.28 -20.48 -18.34
CA ALA O 56 -90.44 -21.15 -18.90
C ALA O 56 -91.56 -21.42 -17.90
N MET O 57 -92.76 -20.97 -18.28
CA MET O 57 -93.99 -21.19 -17.56
C MET O 57 -95.06 -21.67 -18.59
N LYS O 58 -95.24 -22.96 -18.59
CA LYS O 58 -96.19 -23.69 -19.41
C LYS O 58 -97.54 -23.85 -18.74
N GLY O 59 -97.65 -24.15 -17.45
CA GLY O 59 -99.02 -24.40 -16.94
C GLY O 59 -99.44 -23.47 -15.83
N LYS O 60 -100.19 -24.02 -14.88
CA LYS O 60 -100.65 -23.22 -13.72
C LYS O 60 -99.74 -23.47 -12.52
N LYS O 61 -98.42 -23.52 -12.79
CA LYS O 61 -97.37 -23.75 -11.82
C LYS O 61 -96.99 -22.45 -11.11
N GLU O 62 -95.78 -22.33 -10.59
CA GLU O 62 -95.44 -21.09 -9.85
C GLU O 62 -93.95 -21.06 -9.59
N ASN O 63 -93.17 -20.67 -10.60
CA ASN O 63 -91.73 -20.67 -10.54
C ASN O 63 -91.19 -19.64 -9.54
N THR O 64 -89.87 -19.72 -9.45
CA THR O 64 -89.10 -18.92 -8.51
C THR O 64 -88.03 -18.07 -9.21
N LEU O 65 -88.09 -16.77 -8.84
CA LEU O 65 -87.13 -15.82 -9.41
C LEU O 65 -86.15 -15.42 -8.30
N ARG O 66 -84.87 -15.28 -8.58
CA ARG O 66 -83.92 -14.90 -7.55
C ARG O 66 -83.06 -13.73 -8.04
N ILE O 67 -82.91 -12.78 -7.12
CA ILE O 67 -82.19 -11.55 -7.42
C ILE O 67 -80.90 -11.42 -6.61
N LEU O 68 -79.80 -11.62 -7.34
CA LEU O 68 -78.46 -11.60 -6.83
C LEU O 68 -77.98 -10.25 -6.33
N ASP O 69 -76.88 -9.69 -6.78
CA ASP O 69 -76.33 -8.47 -6.20
C ASP O 69 -74.87 -8.22 -6.61
N ALA O 70 -74.44 -6.97 -6.65
CA ALA O 70 -73.07 -6.62 -6.94
C ALA O 70 -72.82 -5.12 -7.20
N THR O 71 -73.56 -4.22 -6.55
CA THR O 71 -72.48 -4.16 -6.72
C THR O 71 -71.39 -4.05 -5.68
N ASN O 72 -70.11 -4.37 -5.94
CA ASN O 72 -69.14 -4.08 -4.84
C ASN O 72 -69.61 -2.73 -4.30
N ASN O 73 -70.08 -2.72 -3.05
CA ASN O 73 -70.82 -1.53 -2.61
C ASN O 73 -70.05 -0.24 -2.71
N GLN O 74 -70.66 0.49 -3.64
CA GLN O 74 -70.35 1.83 -4.04
C GLN O 74 -71.74 2.53 -3.91
N LEU O 75 -72.89 1.39 -2.67
CA LEU O 75 -74.13 2.15 -2.58
C LEU O 75 -74.28 2.73 -1.16
N PRO O 76 -74.93 3.88 -1.07
CA PRO O 76 -75.21 4.61 0.13
C PRO O 76 -75.46 3.84 1.40
N GLN O 77 -74.54 3.90 2.36
CA GLN O 77 -74.72 3.15 3.62
C GLN O 77 -75.72 3.74 4.57
N ASP O 78 -76.22 4.96 4.34
CA ASP O 78 -77.14 5.51 5.32
C ASP O 78 -78.62 5.39 4.96
N ARG O 79 -78.94 5.09 3.71
CA ARG O 79 -80.33 5.07 3.26
C ARG O 79 -80.66 3.90 2.34
N GLU O 80 -81.94 3.70 2.02
CA GLU O 80 -82.22 2.69 1.00
C GLU O 80 -81.93 3.33 -0.37
N SER O 81 -81.66 2.48 -1.36
CA SER O 81 -81.48 3.00 -2.73
C SER O 81 -82.81 2.75 -3.43
N LEU O 82 -83.00 2.68 -4.74
CA LEU O 82 -84.28 2.34 -5.32
C LEU O 82 -84.05 1.97 -6.79
N PHE O 83 -84.36 0.70 -7.01
CA PHE O 83 -84.25 -0.08 -8.22
C PHE O 83 -85.59 -0.68 -8.64
N TRP O 84 -85.79 -1.03 -9.90
CA TRP O 84 -87.09 -1.62 -10.28
C TRP O 84 -86.98 -3.04 -10.87
N MET O 85 -87.76 -3.92 -10.22
CA MET O 85 -87.88 -5.30 -10.68
C MET O 85 -88.73 -5.46 -11.94
N ASN O 86 -88.19 -6.13 -12.98
CA ASN O 86 -89.03 -6.29 -14.18
C ASN O 86 -89.46 -7.65 -14.63
N VAL O 87 -90.71 -8.02 -14.48
CA VAL O 87 -91.22 -9.32 -14.93
C VAL O 87 -91.98 -9.24 -16.25
N LYS O 88 -91.29 -9.47 -17.37
CA LYS O 88 -91.96 -9.52 -18.67
C LYS O 88 -92.59 -10.88 -19.01
N ALA O 89 -93.91 -10.87 -19.24
CA ALA O 89 -94.55 -12.11 -19.70
C ALA O 89 -94.67 -12.14 -21.24
N ILE O 90 -93.77 -12.87 -21.90
CA ILE O 90 -93.84 -13.05 -23.36
C ILE O 90 -94.92 -14.09 -23.74
N PRO O 91 -95.58 -13.82 -24.86
CA PRO O 91 -96.66 -14.62 -25.43
C PRO O 91 -96.38 -15.40 -26.72
N SER O 92 -97.14 -16.48 -26.91
CA SER O 92 -96.44 -17.22 -28.15
C SER O 92 -96.95 -16.69 -29.49
N MET O 93 -96.40 -17.33 -30.53
CA MET O 93 -96.65 -16.96 -31.93
C MET O 93 -97.91 -17.56 -32.54
N ASP O 94 -99.07 -16.98 -32.28
CA ASP O 94 -100.32 -17.46 -32.87
C ASP O 94 -100.05 -17.66 -34.36
N LYS O 95 -99.85 -18.89 -34.81
CA LYS O 95 -99.46 -19.17 -36.19
C LYS O 95 -100.45 -18.67 -37.24
N SER O 96 -101.58 -18.13 -36.83
CA SER O 96 -102.67 -17.47 -37.44
C SER O 96 -102.40 -16.11 -38.09
N LYS O 97 -101.17 -15.78 -38.42
CA LYS O 97 -100.66 -14.63 -39.11
C LYS O 97 -99.20 -14.41 -38.63
N GLU O 100 -104.57 -10.53 -40.67
CA GLU O 100 -103.29 -9.83 -40.60
C GLU O 100 -103.63 -8.34 -40.64
N ASN O 101 -102.90 -7.63 -39.81
CA ASN O 101 -103.06 -6.25 -39.42
C ASN O 101 -103.33 -6.27 -37.90
N THR O 102 -102.22 -6.32 -37.16
CA THR O 102 -102.26 -6.46 -35.72
C THR O 102 -101.43 -5.44 -34.95
N LEU O 103 -101.63 -5.46 -33.65
CA LEU O 103 -101.08 -4.80 -32.52
C LEU O 103 -100.63 -5.86 -31.51
N GLN O 104 -99.35 -6.20 -31.53
CA GLN O 104 -98.85 -7.27 -30.66
C GLN O 104 -98.52 -6.60 -29.32
N LEU O 105 -99.19 -7.05 -28.26
CA LEU O 105 -98.88 -6.45 -26.94
C LEU O 105 -98.03 -7.48 -26.18
N ALA O 106 -97.60 -7.12 -25.00
CA ALA O 106 -96.74 -7.93 -24.14
C ALA O 106 -96.78 -7.21 -22.79
N ILE O 107 -97.34 -7.89 -21.80
CA ILE O 107 -97.55 -7.40 -20.45
C ILE O 107 -96.39 -7.44 -19.52
N ILE O 108 -96.08 -6.30 -18.90
CA ILE O 108 -94.93 -6.35 -17.96
C ILE O 108 -95.43 -6.00 -16.56
N SER O 109 -94.80 -6.66 -15.58
CA SER O 109 -95.07 -6.40 -14.16
C SER O 109 -93.80 -5.81 -13.56
N ARG O 110 -93.94 -4.62 -12.94
CA ARG O 110 -92.80 -3.89 -12.40
C ARG O 110 -93.06 -3.28 -11.04
N ILE O 111 -92.25 -3.77 -10.11
CA ILE O 111 -92.30 -3.47 -8.69
C ILE O 111 -91.01 -2.87 -8.11
N LYS O 112 -91.15 -2.17 -6.99
CA LYS O 112 -90.04 -1.52 -6.32
C LYS O 112 -89.05 -2.52 -5.70
N LEU O 113 -87.76 -2.35 -6.00
CA LEU O 113 -86.69 -3.13 -5.40
C LEU O 113 -85.93 -2.18 -4.43
N TYR O 114 -86.09 -2.43 -3.13
CA TYR O 114 -85.53 -1.53 -2.14
C TYR O 114 -84.25 -2.09 -1.55
N TYR O 115 -83.08 -1.64 -2.02
CA TYR O 115 -81.84 -2.07 -1.37
C TYR O 115 -81.77 -1.57 0.07
N ARG O 116 -81.47 -2.41 1.05
CA ARG O 116 -81.46 -2.01 2.46
C ARG O 116 -80.27 -2.44 3.31
N PRO O 117 -79.33 -1.51 3.56
CA PRO O 117 -78.17 -1.70 4.40
C PRO O 117 -78.47 -2.18 5.81
N ALA O 118 -77.73 -3.20 6.25
CA ALA O 118 -77.89 -3.78 7.59
C ALA O 118 -77.33 -2.81 8.64
N LYS O 119 -77.87 -2.90 9.85
CA LYS O 119 -77.44 -2.05 10.95
C LYS O 119 -78.04 -0.65 10.86
N LEU O 120 -79.23 -0.59 10.25
CA LEU O 120 -79.86 0.73 10.09
C LEU O 120 -80.14 1.35 11.45
N ALA O 121 -80.15 2.69 11.46
CA ALA O 121 -80.25 3.45 12.71
C ALA O 121 -81.62 3.35 13.37
N LEU O 122 -82.64 3.36 12.52
CA LEU O 122 -84.03 3.32 12.93
C LEU O 122 -84.73 2.06 12.41
N PRO O 123 -85.72 1.57 13.17
CA PRO O 123 -86.49 0.38 12.82
C PRO O 123 -87.60 0.73 11.85
N PRO O 124 -87.80 -0.08 10.80
CA PRO O 124 -88.74 0.17 9.73
C PRO O 124 -90.19 0.43 10.08
N ASP O 125 -90.67 -0.17 11.17
CA ASP O 125 -92.05 -0.06 11.60
C ASP O 125 -92.37 1.35 12.10
N GLN O 126 -91.37 2.07 12.60
CA GLN O 126 -91.56 3.41 13.10
C GLN O 126 -90.90 4.43 12.16
N ALA O 127 -91.11 4.27 10.86
CA ALA O 127 -90.56 5.27 9.92
C ALA O 127 -91.74 6.05 9.37
N ALA O 128 -92.95 5.49 9.47
CA ALA O 128 -94.10 6.21 8.88
C ALA O 128 -94.61 7.33 9.75
N GLU O 129 -94.24 7.42 11.03
CA GLU O 129 -94.74 8.53 11.84
C GLU O 129 -93.71 9.66 11.97
N LYS O 130 -92.48 9.40 11.52
CA LYS O 130 -91.40 10.37 11.54
C LYS O 130 -91.63 11.49 10.53
N LEU O 131 -92.41 11.19 9.49
CA LEU O 131 -92.73 12.16 8.44
C LEU O 131 -93.69 13.24 8.93
N ARG O 132 -93.35 14.46 8.54
CA ARG O 132 -93.97 15.74 8.82
C ARG O 132 -94.06 16.45 7.46
N PHE O 133 -94.91 17.46 7.31
CA PHE O 133 -95.21 18.06 6.02
C PHE O 133 -94.77 19.47 5.69
N ARG O 134 -95.59 20.46 5.32
CA ARG O 134 -95.19 21.81 4.98
C ARG O 134 -96.15 22.53 4.01
N ARG O 135 -97.34 22.82 4.52
CA ARG O 135 -98.42 23.52 3.87
C ARG O 135 -98.05 24.39 2.68
N SER O 136 -97.90 24.43 2.12
CA SER O 136 -97.89 25.55 1.25
C SER O 136 -99.18 25.66 0.41
N ALA O 137 -99.34 26.83 -0.19
CA ALA O 137 -100.53 27.20 -0.98
C ALA O 137 -100.54 26.78 -2.45
N ASN O 138 -99.61 25.88 -2.81
CA ASN O 138 -99.59 25.29 -4.17
C ASN O 138 -99.10 23.86 -4.09
N SER O 139 -98.58 23.50 -2.92
CA SER O 139 -97.98 22.17 -2.72
C SER O 139 -97.77 21.81 -1.22
N LEU O 140 -98.12 20.96 -0.54
CA LEU O 140 -97.88 20.05 0.58
C LEU O 140 -96.59 19.23 0.44
N THR O 141 -95.52 19.61 1.14
CA THR O 141 -94.26 18.91 1.00
C THR O 141 -94.04 17.77 1.97
N LEU O 142 -93.91 16.59 1.38
CA LEU O 142 -93.62 15.39 2.20
C LEU O 142 -92.12 15.35 2.49
N ILE O 143 -91.72 15.55 3.75
CA ILE O 143 -90.34 15.52 4.18
C ILE O 143 -90.08 14.26 5.00
N ASN O 144 -89.05 13.52 4.61
CA ASN O 144 -88.71 12.23 5.20
C ASN O 144 -87.29 12.12 5.72
N PRO O 145 -87.08 12.12 7.03
CA PRO O 145 -85.78 12.00 7.66
C PRO O 145 -85.15 10.64 7.79
N THR O 146 -85.85 9.58 7.46
CA THR O 146 -85.48 8.18 7.60
C THR O 146 -84.71 7.68 6.41
N PRO O 147 -84.00 6.56 6.55
CA PRO O 147 -83.28 5.95 5.44
C PRO O 147 -84.18 5.20 4.48
N TYR O 148 -85.42 4.88 4.88
CA TYR O 148 -86.36 4.15 4.06
C TYR O 148 -87.14 4.99 3.05
N TYR O 149 -87.41 4.33 1.91
CA TYR O 149 -88.29 4.91 0.91
C TYR O 149 -89.66 4.94 1.56
N LEU O 150 -90.54 5.86 1.27
CA LEU O 150 -91.80 5.97 1.95
C LEU O 150 -92.94 6.19 0.96
N THR O 151 -93.72 5.13 0.82
CA THR O 151 -94.83 5.12 -0.12
C THR O 151 -96.06 5.72 0.54
N VAL O 152 -96.25 7.04 0.42
CA VAL O 152 -97.36 7.71 1.06
C VAL O 152 -98.62 7.52 0.21
N THR O 153 -99.62 6.89 0.82
CA THR O 153 -100.87 6.72 0.09
C THR O 153 -102.09 7.33 0.77
N GLU O 154 -103.19 7.27 0.02
CA GLU O 154 -104.49 7.73 0.52
C GLU O 154 -104.29 8.92 1.47
N LEU O 155 -104.11 10.12 0.93
CA LEU O 155 -103.80 11.30 1.72
C LEU O 155 -104.64 12.55 1.41
N ASN O 156 -105.28 13.07 2.46
CA ASN O 156 -106.13 14.23 2.37
C ASN O 156 -105.52 15.28 3.09
N ALA O 157 -106.74 15.78 3.13
CA ALA O 157 -106.77 17.16 3.60
C ALA O 157 -108.23 17.62 3.52
N GLY O 158 -108.99 17.25 4.56
CA GLY O 158 -110.44 17.47 4.57
C GLY O 158 -111.11 16.70 3.41
N THR O 159 -111.18 17.38 2.27
CA THR O 159 -111.85 17.00 1.05
C THR O 159 -111.10 16.61 -0.21
N ARG O 160 -110.09 17.38 -0.60
CA ARG O 160 -109.32 17.14 -1.81
C ARG O 160 -108.46 15.88 -1.66
N VAL O 161 -108.39 15.06 -2.72
CA VAL O 161 -107.55 13.85 -2.68
C VAL O 161 -106.18 14.29 -3.21
N LEU O 162 -105.83 14.10 -2.63
CA LEU O 162 -104.46 14.37 -3.03
C LEU O 162 -103.80 13.16 -3.71
N GLU O 163 -102.60 13.42 -4.22
CA GLU O 163 -101.87 12.40 -4.98
C GLU O 163 -101.08 11.45 -4.08
N ASN O 164 -100.78 10.25 -4.56
CA ASN O 164 -99.93 9.38 -3.75
C ASN O 164 -98.50 9.90 -3.95
N ALA O 165 -97.59 9.47 -3.08
CA ALA O 165 -96.24 10.01 -3.21
C ALA O 165 -95.17 9.01 -2.79
N LEU O 166 -94.03 9.14 -3.43
CA LEU O 166 -92.90 8.28 -3.14
C LEU O 166 -91.81 9.26 -2.66
N VAL O 167 -91.75 9.40 -1.36
CA VAL O 167 -90.83 10.29 -0.66
C VAL O 167 -89.50 9.60 -0.38
N PRO O 168 -88.42 10.11 -1.01
CA PRO O 168 -87.10 9.54 -0.89
C PRO O 168 -86.48 9.62 0.50
N PRO O 169 -85.50 8.72 0.68
CA PRO O 169 -84.75 8.55 1.89
C PRO O 169 -83.85 9.70 2.35
N MET O 170 -84.38 10.46 3.32
CA MET O 170 -83.66 11.56 3.92
C MET O 170 -83.84 12.75 2.99
N GLY O 171 -85.08 12.75 2.46
CA GLY O 171 -85.49 13.74 1.53
C GLY O 171 -86.88 14.34 1.60
N GLU O 172 -87.33 14.71 0.39
CA GLU O 172 -88.66 15.24 0.22
C GLU O 172 -89.21 15.14 -1.20
N SER O 173 -90.49 15.49 -1.25
CA SER O 173 -91.23 15.71 -2.45
C SER O 173 -92.57 16.33 -1.99
N ALA O 174 -93.24 16.76 -3.04
CA ALA O 174 -94.52 17.40 -2.84
C ALA O 174 -95.48 16.72 -3.83
N VAL O 175 -96.71 17.06 -3.54
CA VAL O 175 -97.93 16.67 -4.22
C VAL O 175 -98.64 18.00 -4.42
N LYS O 176 -99.68 18.12 -5.24
CA LYS O 176 -100.32 19.44 -5.34
C LYS O 176 -101.33 19.56 -4.21
N LEU O 177 -101.31 20.71 -3.51
CA LEU O 177 -102.18 20.97 -2.38
C LEU O 177 -103.20 22.06 -2.72
N SER O 183 -108.41 21.72 6.83
CA SER O 183 -107.28 21.16 6.09
C SER O 183 -106.09 20.77 6.98
N ASN O 184 -106.38 19.83 7.89
CA ASN O 184 -105.32 19.19 8.68
C ASN O 184 -104.72 18.19 7.70
N ILE O 185 -103.64 17.43 7.92
CA ILE O 185 -103.32 16.49 6.83
C ILE O 185 -103.16 15.07 7.37
N THR O 186 -103.97 14.36 7.23
CA THR O 186 -104.16 12.93 7.46
C THR O 186 -103.60 12.13 6.27
N TYR O 187 -102.96 11.02 6.65
CA TYR O 187 -102.35 10.14 5.66
C TYR O 187 -102.18 8.70 6.13
N ARG O 188 -101.68 7.84 5.24
CA ARG O 188 -101.29 6.47 5.49
C ARG O 188 -100.24 6.07 4.44
N THR O 189 -99.44 5.05 4.74
CA THR O 189 -98.39 4.64 3.83
C THR O 189 -98.44 3.14 3.60
N ILE O 190 -97.71 2.71 2.57
CA ILE O 190 -97.62 1.28 2.24
C ILE O 190 -96.31 0.65 2.71
N ASN O 191 -96.39 -0.24 3.68
CA ASN O 191 -95.29 -0.98 4.31
C ASN O 191 -94.58 -2.00 3.44
N ASP O 192 -93.74 -2.92 3.93
CA ASP O 192 -92.99 -3.81 3.04
C ASP O 192 -93.69 -5.16 2.82
N TYR O 193 -94.92 -5.24 3.35
CA TYR O 193 -95.78 -6.38 3.20
C TYR O 193 -97.11 -5.82 2.69
N GLY O 194 -97.02 -5.12 1.57
CA GLY O 194 -98.09 -4.45 0.91
C GLY O 194 -99.36 -3.91 1.45
N ALA O 195 -99.64 -3.74 2.74
CA ALA O 195 -100.92 -3.22 3.19
C ALA O 195 -100.87 -1.82 3.77
N LEU O 196 -101.96 -1.06 3.66
CA LEU O 196 -102.01 0.29 4.24
C LEU O 196 -101.51 0.35 5.67
N THR O 197 -101.01 1.51 6.14
CA THR O 197 -100.54 1.66 7.52
C THR O 197 -101.67 2.41 8.28
N PRO O 198 -101.57 2.43 9.60
CA PRO O 198 -102.62 2.97 10.45
C PRO O 198 -102.99 4.40 10.13
N LYS O 199 -104.19 4.56 9.58
CA LYS O 199 -104.67 5.89 9.18
C LYS O 199 -104.21 6.85 10.26
N MET O 200 -103.47 7.87 9.83
CA MET O 200 -102.94 8.81 10.80
C MET O 200 -102.69 10.22 10.27
N THR O 201 -102.64 11.09 11.27
CA THR O 201 -102.26 12.50 11.18
C THR O 201 -100.82 12.43 11.73
N GLY O 202 -99.88 13.07 11.06
CA GLY O 202 -98.48 13.04 11.50
C GLY O 202 -98.08 14.48 11.87
N VAL O 203 -97.24 14.64 12.91
CA VAL O 203 -96.86 15.98 13.34
C VAL O 203 -96.68 16.94 12.15
N MET O 204 -97.35 18.06 12.33
CA MET O 204 -97.50 19.13 11.39
C MET O 204 -96.27 19.77 10.76
N GLU O 205 -96.68 20.82 10.08
CA GLU O 205 -96.23 21.79 9.15
C GLU O 205 -97.30 21.69 8.03
N PHE P 1 -104.35 -36.15 37.46
CA PHE P 1 -103.62 -35.76 36.21
C PHE P 1 -103.59 -34.26 36.17
N ALA P 2 -102.51 -33.61 35.72
CA ALA P 2 -102.51 -32.13 35.74
C ALA P 2 -101.66 -31.57 34.63
N CYS P 3 -101.75 -30.30 34.26
CA CYS P 3 -100.92 -29.81 33.20
C CYS P 3 -100.46 -28.37 33.37
N LYS P 4 -99.42 -28.09 32.60
CA LYS P 4 -98.92 -26.71 32.67
C LYS P 4 -98.43 -26.26 31.30
N THR P 5 -98.18 -24.97 31.21
CA THR P 5 -97.70 -24.25 30.05
C THR P 5 -96.23 -23.92 30.22
N ALA P 6 -95.45 -23.73 29.16
CA ALA P 6 -94.07 -23.29 29.21
C ALA P 6 -93.93 -21.94 29.92
N ASN P 7 -94.93 -21.08 30.00
CA ASN P 7 -95.03 -19.89 30.81
C ASN P 7 -95.37 -20.24 32.26
N GLY P 8 -95.35 -21.53 32.63
CA GLY P 8 -95.63 -22.01 33.96
C GLY P 8 -97.04 -21.95 34.50
N THR P 9 -98.03 -21.31 33.86
CA THR P 9 -99.38 -21.33 34.42
C THR P 9 -99.83 -22.79 34.41
N ALA P 10 -100.53 -23.16 35.46
CA ALA P 10 -101.02 -24.51 35.68
C ALA P 10 -102.55 -24.60 35.61
N ILE P 11 -102.97 -25.85 35.42
CA ILE P 11 -104.36 -26.29 35.42
C ILE P 11 -104.24 -27.67 36.14
N PRO P 12 -104.79 -27.71 37.35
CA PRO P 12 -104.71 -28.86 38.22
C PRO P 12 -105.70 -29.98 37.91
N ILE P 13 -105.75 -30.87 38.89
CA ILE P 13 -106.64 -32.00 38.91
C ILE P 13 -108.08 -31.62 38.69
N GLY P 14 -108.67 -32.34 37.73
CA GLY P 14 -110.01 -32.22 37.20
C GLY P 14 -110.20 -30.90 36.49
N GLY P 15 -109.09 -30.28 36.15
CA GLY P 15 -108.94 -28.90 35.87
C GLY P 15 -109.43 -28.25 34.63
N GLY P 16 -109.73 -26.97 34.75
CA GLY P 16 -110.31 -26.10 33.77
C GLY P 16 -109.58 -25.39 32.68
N SER P 17 -109.30 -24.08 32.69
CA SER P 17 -108.62 -23.42 31.57
C SER P 17 -107.47 -22.48 31.84
N ALA P 18 -106.71 -22.17 30.79
CA ALA P 18 -105.54 -21.35 30.84
C ALA P 18 -105.21 -20.73 29.47
N ASN P 19 -104.57 -19.58 29.49
CA ASN P 19 -104.19 -18.85 28.34
C ASN P 19 -102.81 -19.31 27.93
N VAL P 20 -102.52 -19.54 26.68
CA VAL P 20 -101.23 -19.94 26.17
C VAL P 20 -100.82 -18.82 25.22
N TYR P 21 -99.64 -18.26 25.30
CA TYR P 21 -99.24 -17.14 24.42
C TYR P 21 -98.19 -17.66 23.49
N VAL P 22 -98.42 -17.63 22.16
CA VAL P 22 -97.44 -18.40 21.34
C VAL P 22 -96.73 -17.49 20.38
N ASN P 23 -95.51 -17.73 19.91
CA ASN P 23 -94.86 -16.79 19.01
C ASN P 23 -95.15 -17.23 17.58
N LEU P 24 -95.52 -16.33 16.66
CA LEU P 24 -95.80 -16.80 15.31
C LEU P 24 -94.82 -16.37 14.23
N ALA P 25 -94.51 -17.32 13.33
CA ALA P 25 -93.62 -16.90 12.23
C ALA P 25 -94.19 -15.60 11.70
N PRO P 26 -93.43 -14.51 11.73
CA PRO P 26 -93.93 -13.15 11.50
C PRO P 26 -94.42 -12.91 10.10
N VAL P 27 -93.97 -13.70 9.13
CA VAL P 27 -94.37 -13.63 7.73
C VAL P 27 -94.59 -14.98 7.07
N VAL P 28 -95.85 -15.16 6.65
CA VAL P 28 -96.29 -16.37 5.97
C VAL P 28 -96.80 -15.96 4.58
N ASN P 29 -96.46 -16.66 3.54
CA ASN P 29 -97.04 -16.24 2.25
C ASN P 29 -98.31 -17.03 1.92
N VAL P 30 -98.89 -16.72 0.75
CA VAL P 30 -100.14 -17.42 0.39
C VAL P 30 -99.70 -18.86 0.11
N GLY P 31 -100.36 -19.82 0.77
CA GLY P 31 -99.93 -21.18 0.49
C GLY P 31 -98.75 -21.73 1.28
N GLN P 32 -98.10 -21.00 2.19
CA GLN P 32 -97.11 -21.62 3.05
C GLN P 32 -97.81 -21.98 4.38
N ASN P 33 -97.26 -22.98 5.05
CA ASN P 33 -97.89 -23.38 6.31
C ASN P 33 -97.32 -22.48 7.43
N LEU P 34 -98.16 -22.10 8.34
CA LEU P 34 -97.95 -21.44 9.57
C LEU P 34 -98.06 -22.61 10.59
N VAL P 35 -96.87 -23.04 11.14
CA VAL P 35 -97.05 -24.09 12.14
C VAL P 35 -97.23 -23.48 13.54
N VAL P 36 -98.35 -23.84 14.20
CA VAL P 36 -98.51 -23.40 15.58
C VAL P 36 -98.29 -24.70 16.39
N ASP P 37 -97.11 -24.89 16.94
CA ASP P 37 -96.71 -26.08 17.67
C ASP P 37 -97.10 -25.99 19.15
N LEU P 38 -98.06 -26.80 19.61
CA LEU P 38 -98.41 -26.65 21.03
C LEU P 38 -97.68 -27.58 21.92
N SER P 39 -96.92 -28.49 21.26
CA SER P 39 -96.22 -29.50 22.04
C SER P 39 -95.02 -29.02 22.89
N THR P 40 -94.73 -27.73 22.74
CA THR P 40 -93.56 -27.03 23.23
C THR P 40 -94.07 -26.07 24.28
N GLN P 41 -95.41 -25.98 24.32
CA GLN P 41 -96.06 -25.12 25.28
C GLN P 41 -96.95 -25.79 26.29
N ILE P 42 -97.62 -26.90 26.02
CA ILE P 42 -98.57 -27.49 26.97
C ILE P 42 -98.02 -28.80 27.45
N PHE P 43 -97.72 -28.94 28.77
CA PHE P 43 -97.12 -30.21 29.22
C PHE P 43 -97.93 -30.85 30.32
N CYS P 44 -98.13 -32.19 30.28
CA CYS P 44 -98.92 -32.85 31.34
C CYS P 44 -98.24 -34.10 31.87
N HIS P 45 -98.84 -34.55 32.99
CA HIS P 45 -98.39 -35.83 33.54
C HIS P 45 -99.47 -36.58 34.30
N ASN P 46 -99.13 -37.85 34.56
CA ASN P 46 -99.94 -38.73 35.37
C ASN P 46 -99.64 -38.54 36.88
N ASP P 47 -100.67 -38.27 37.68
CA ASP P 47 -100.39 -38.15 39.12
C ASP P 47 -100.15 -39.48 39.81
N TYR P 48 -100.82 -40.60 39.53
CA TYR P 48 -100.59 -41.91 40.09
C TYR P 48 -100.40 -42.99 39.02
N PRO P 49 -99.27 -42.94 38.31
CA PRO P 49 -98.95 -43.84 37.23
C PRO P 49 -98.71 -45.30 37.59
N GLU P 50 -98.31 -45.57 38.84
CA GLU P 50 -98.10 -46.96 39.24
C GLU P 50 -99.40 -47.74 39.29
N THR P 51 -100.57 -47.09 39.32
CA THR P 51 -101.85 -47.80 39.30
C THR P 51 -102.82 -47.27 38.26
N ILE P 52 -102.72 -46.04 37.80
CA ILE P 52 -103.77 -45.49 36.95
C ILE P 52 -103.17 -45.07 35.61
N THR P 53 -103.97 -45.44 34.61
CA THR P 53 -103.59 -45.15 33.24
C THR P 53 -104.42 -43.92 32.79
N ASP P 54 -103.63 -42.92 32.36
CA ASP P 54 -104.32 -41.68 31.95
C ASP P 54 -104.55 -41.68 30.45
N TYR P 55 -105.73 -41.21 30.07
CA TYR P 55 -106.12 -41.19 28.66
C TYR P 55 -106.44 -39.79 28.22
N VAL P 56 -105.67 -39.29 27.26
CA VAL P 56 -105.82 -37.92 26.80
C VAL P 56 -106.08 -37.84 25.29
N THR P 57 -107.18 -37.13 25.03
CA THR P 57 -107.73 -36.79 23.75
C THR P 57 -107.66 -35.31 23.39
N LEU P 58 -107.73 -34.93 22.11
CA LEU P 58 -107.91 -33.51 21.70
C LEU P 58 -109.37 -33.55 21.24
N GLN P 59 -110.25 -33.21 22.12
CA GLN P 59 -111.68 -33.33 21.86
C GLN P 59 -112.31 -32.37 20.85
N ARG P 60 -111.93 -31.10 20.81
CA ARG P 60 -112.54 -30.15 19.87
C ARG P 60 -111.54 -29.00 19.81
N GLY P 61 -111.29 -28.58 18.59
CA GLY P 61 -110.48 -27.42 18.27
C GLY P 61 -111.36 -26.38 17.59
N SER P 62 -111.24 -25.12 18.02
CA SER P 62 -112.00 -24.04 17.42
C SER P 62 -110.99 -22.97 17.02
N ALA P 63 -111.29 -22.34 15.90
CA ALA P 63 -110.49 -21.33 15.26
C ALA P 63 -111.21 -20.00 15.52
N TYR P 64 -110.51 -18.89 15.61
CA TYR P 64 -111.14 -17.60 15.97
C TYR P 64 -110.32 -16.48 15.31
N GLY P 65 -110.95 -15.29 15.24
CA GLY P 65 -110.42 -14.15 14.54
C GLY P 65 -109.70 -14.40 13.25
N GLY P 66 -108.42 -14.11 13.14
CA GLY P 66 -107.61 -14.28 11.95
C GLY P 66 -107.47 -15.70 11.43
N VAL P 67 -107.41 -16.70 12.38
CA VAL P 67 -107.30 -18.07 11.90
C VAL P 67 -108.56 -18.41 11.14
N LEU P 68 -109.73 -18.21 11.69
CA LEU P 68 -111.04 -18.48 11.16
C LEU P 68 -111.39 -17.77 9.84
N SER P 69 -110.87 -16.55 9.69
CA SER P 69 -111.15 -15.73 8.54
C SER P 69 -110.19 -16.05 7.40
N ASN P 70 -108.90 -16.15 7.61
CA ASN P 70 -108.10 -16.06 6.35
C ASN P 70 -106.99 -17.06 6.33
N PHE P 71 -107.40 -18.24 6.87
CA PHE P 71 -106.63 -19.46 7.01
C PHE P 71 -107.48 -20.74 6.98
N SER P 72 -106.85 -21.72 6.35
CA SER P 72 -107.39 -23.04 6.36
C SER P 72 -106.31 -24.07 6.78
N GLY P 73 -106.73 -25.20 7.39
CA GLY P 73 -105.77 -26.21 7.76
C GLY P 73 -106.13 -27.46 8.53
N THR P 74 -105.14 -28.07 9.18
CA THR P 74 -105.20 -29.30 9.92
C THR P 74 -104.54 -29.20 11.30
N VAL P 75 -104.98 -30.04 12.23
CA VAL P 75 -104.41 -30.21 13.53
C VAL P 75 -103.64 -31.56 13.47
N LYS P 76 -102.40 -31.51 13.95
CA LYS P 76 -101.58 -32.71 14.00
C LYS P 76 -101.68 -33.20 15.46
N TYR P 77 -102.32 -34.35 15.65
CA TYR P 77 -102.38 -34.87 17.03
C TYR P 77 -101.63 -36.20 17.10
N SER P 78 -100.58 -36.36 17.91
CA SER P 78 -99.87 -37.66 17.98
C SER P 78 -99.51 -38.30 16.65
N GLY P 79 -98.86 -37.54 15.78
CA GLY P 79 -98.58 -38.15 14.47
C GLY P 79 -99.74 -38.38 13.50
N SER P 80 -100.97 -37.96 13.76
CA SER P 80 -102.01 -38.01 12.75
C SER P 80 -102.69 -36.66 12.65
N SER P 81 -102.88 -36.15 11.45
CA SER P 81 -103.64 -34.96 11.08
C SER P 81 -105.12 -35.15 10.78
N TYR P 82 -105.97 -34.23 11.17
CA TYR P 82 -107.42 -34.13 11.12
C TYR P 82 -107.76 -32.69 10.78
N PRO P 83 -108.91 -32.48 10.14
CA PRO P 83 -109.38 -31.13 9.86
C PRO P 83 -109.22 -30.23 11.09
N PHE P 84 -108.97 -28.95 10.89
CA PHE P 84 -109.00 -27.94 11.96
C PHE P 84 -109.65 -26.72 11.31
N PRO P 85 -110.81 -26.28 11.73
CA PRO P 85 -111.55 -26.73 12.87
C PRO P 85 -111.92 -28.19 12.96
N THR P 86 -111.88 -28.76 14.17
CA THR P 86 -112.24 -30.16 14.28
C THR P 86 -113.69 -30.50 14.03
N THR P 87 -113.91 -31.83 13.77
CA THR P 87 -115.23 -32.33 13.49
C THR P 87 -115.52 -33.59 14.30
N SER P 88 -114.52 -33.98 15.06
CA SER P 88 -114.80 -35.13 15.92
C SER P 88 -113.69 -35.26 16.97
N GLU P 89 -113.90 -36.07 17.98
CA GLU P 89 -112.84 -36.26 18.94
C GLU P 89 -111.82 -37.25 18.37
N THR P 90 -110.58 -36.90 18.62
CA THR P 90 -109.37 -37.67 18.41
C THR P 90 -109.30 -38.95 19.25
N PRO P 91 -108.49 -39.91 18.84
CA PRO P 91 -108.28 -41.15 19.56
C PRO P 91 -107.32 -40.84 20.71
N ARG P 92 -107.16 -41.73 21.67
CA ARG P 92 -106.42 -41.56 22.87
C ARG P 92 -104.93 -41.40 22.76
N VAL P 93 -104.38 -40.61 23.70
CA VAL P 93 -102.94 -40.67 23.91
C VAL P 93 -102.83 -41.13 25.40
N VAL P 94 -101.95 -42.14 25.58
CA VAL P 94 -101.79 -42.66 26.93
C VAL P 94 -100.63 -41.89 27.60
N TYR P 95 -100.90 -41.41 28.82
CA TYR P 95 -99.95 -40.78 29.72
C TYR P 95 -99.72 -41.69 30.97
N ASN P 96 -98.54 -42.27 31.09
CA ASN P 96 -98.18 -43.16 32.20
C ASN P 96 -96.93 -42.69 32.90
N SER P 97 -96.92 -41.44 33.39
CA SER P 97 -95.71 -40.89 34.00
C SER P 97 -95.94 -39.56 34.70
N ARG P 98 -95.14 -39.39 35.77
CA ARG P 98 -95.16 -38.21 36.64
C ARG P 98 -94.28 -37.14 36.01
N THR P 99 -93.39 -37.55 35.11
CA THR P 99 -92.54 -36.58 34.42
C THR P 99 -93.39 -35.93 33.33
N ASP P 100 -93.44 -34.62 33.39
CA ASP P 100 -94.29 -33.78 32.54
C ASP P 100 -94.05 -34.14 31.08
N LYS P 101 -95.10 -34.37 30.32
CA LYS P 101 -94.84 -34.76 28.91
C LYS P 101 -95.70 -33.94 27.93
N PRO P 102 -95.13 -33.70 26.75
CA PRO P 102 -95.80 -32.99 25.71
C PRO P 102 -97.21 -33.45 25.38
N TRP P 103 -98.11 -32.49 25.33
CA TRP P 103 -99.45 -32.59 24.70
C TRP P 103 -99.18 -32.40 23.18
N PRO P 104 -99.27 -33.43 22.39
CA PRO P 104 -98.78 -33.45 21.02
C PRO P 104 -99.76 -32.99 19.96
N VAL P 105 -100.09 -31.71 20.05
CA VAL P 105 -100.97 -30.98 19.19
C VAL P 105 -100.11 -29.93 18.42
N ALA P 106 -100.44 -29.75 17.16
CA ALA P 106 -99.81 -28.73 16.35
C ALA P 106 -100.78 -28.36 15.20
N LEU P 107 -100.87 -27.05 14.94
CA LEU P 107 -101.74 -26.57 13.87
C LEU P 107 -100.90 -26.24 12.63
N TYR P 108 -101.30 -26.68 11.49
CA TYR P 108 -100.76 -26.50 10.17
C TYR P 108 -101.77 -25.62 9.39
N LEU P 109 -101.55 -24.29 9.40
CA LEU P 109 -102.45 -23.28 8.83
C LEU P 109 -101.89 -22.63 7.57
N THR P 110 -102.71 -22.70 6.48
CA THR P 110 -102.34 -22.16 5.19
C THR P 110 -103.33 -21.05 4.91
N PRO P 111 -102.83 -19.86 4.68
CA PRO P 111 -103.67 -18.70 4.37
C PRO P 111 -104.21 -18.89 2.97
N VAL P 112 -105.43 -18.42 2.77
CA VAL P 112 -106.27 -18.41 1.59
C VAL P 112 -106.01 -17.13 0.83
N SER P 113 -105.91 -17.12 -0.48
CA SER P 113 -105.60 -15.97 -1.31
C SER P 113 -106.26 -14.65 -0.98
N SER P 114 -107.42 -14.53 -0.38
CA SER P 114 -108.05 -13.29 -0.01
C SER P 114 -107.55 -12.69 1.31
N ALA P 115 -106.54 -13.32 1.90
CA ALA P 115 -105.92 -12.89 3.14
C ALA P 115 -104.74 -12.02 2.63
N GLY P 116 -104.15 -11.17 3.45
CA GLY P 116 -103.08 -10.35 2.85
C GLY P 116 -102.74 -9.11 3.65
N GLY P 117 -103.51 -8.73 4.66
CA GLY P 117 -103.00 -7.57 5.46
C GLY P 117 -102.39 -8.17 6.76
N VAL P 118 -103.09 -7.92 7.84
CA VAL P 118 -102.80 -8.52 9.12
C VAL P 118 -103.74 -9.70 9.34
N ALA P 119 -103.31 -10.85 8.81
CA ALA P 119 -104.05 -12.12 8.99
C ALA P 119 -104.35 -12.35 10.47
N ILE P 120 -103.33 -12.34 11.32
CA ILE P 120 -103.49 -12.50 12.75
C ILE P 120 -103.05 -11.23 13.47
N LYS P 121 -103.89 -10.67 14.30
CA LYS P 121 -103.65 -9.45 15.07
C LYS P 121 -102.84 -9.73 16.33
N ALA P 122 -101.61 -9.16 16.42
CA ALA P 122 -100.84 -9.46 17.62
C ALA P 122 -101.81 -9.33 18.79
N GLY P 123 -101.85 -10.27 19.69
CA GLY P 123 -102.75 -10.26 20.82
C GLY P 123 -104.06 -10.98 20.75
N SER P 124 -104.53 -11.45 19.58
CA SER P 124 -105.88 -11.99 19.42
C SER P 124 -106.15 -13.43 19.75
N LEU P 125 -107.30 -13.85 20.29
CA LEU P 125 -107.58 -15.29 20.36
C LEU P 125 -107.29 -15.95 19.00
N ILE P 126 -106.42 -16.90 18.78
CA ILE P 126 -106.17 -17.73 17.64
C ILE P 126 -107.16 -18.95 17.68
N ALA P 127 -107.08 -19.61 18.86
CA ALA P 127 -107.75 -20.85 19.05
C ALA P 127 -108.08 -21.29 20.45
N VAL P 128 -109.09 -22.17 20.49
CA VAL P 128 -109.42 -22.82 21.75
C VAL P 128 -109.28 -24.34 21.46
N LEU P 129 -108.39 -25.01 22.13
CA LEU P 129 -108.13 -26.42 22.06
C LEU P 129 -108.55 -27.04 23.39
N ILE P 130 -109.48 -27.99 23.27
CA ILE P 130 -109.98 -28.63 24.49
C ILE P 130 -109.35 -30.00 24.67
N LEU P 131 -108.56 -30.15 25.71
CA LEU P 131 -107.93 -31.42 26.04
C LEU P 131 -108.84 -32.19 26.99
N ARG P 132 -109.17 -33.40 26.60
CA ARG P 132 -110.08 -34.25 27.36
C ARG P 132 -109.36 -35.54 27.79
N GLN P 133 -109.37 -35.65 29.10
CA GLN P 133 -108.77 -36.65 29.91
C GLN P 133 -109.72 -37.56 30.70
N THR P 134 -109.48 -38.86 30.45
CA THR P 134 -110.23 -39.88 31.21
C THR P 134 -109.16 -40.76 31.86
N ASN P 135 -109.44 -41.94 32.33
CA ASN P 135 -108.43 -42.82 32.91
C ASN P 135 -109.02 -44.24 32.91
N ASN P 136 -108.27 -45.23 33.33
CA ASN P 136 -108.82 -46.58 33.53
C ASN P 136 -109.19 -46.79 35.01
N TYR P 137 -109.44 -45.75 35.80
CA TYR P 137 -109.74 -45.94 37.22
C TYR P 137 -111.24 -45.78 37.45
N ASN P 138 -111.68 -44.59 37.84
CA ASN P 138 -113.10 -44.30 37.99
C ASN P 138 -113.64 -43.62 36.74
N SER P 139 -114.76 -42.95 36.84
CA SER P 139 -115.38 -42.25 35.72
C SER P 139 -115.03 -40.78 35.54
N ASP P 140 -113.89 -40.28 35.96
CA ASP P 140 -113.62 -38.86 35.67
C ASP P 140 -113.48 -38.61 34.16
N ASP P 141 -113.79 -37.34 33.89
CA ASP P 141 -113.94 -36.88 32.50
C ASP P 141 -113.79 -35.37 32.47
N PHE P 142 -112.49 -35.00 32.34
CA PHE P 142 -112.13 -33.62 32.50
C PHE P 142 -111.66 -32.94 31.24
N GLN P 143 -112.09 -31.67 31.18
CA GLN P 143 -111.69 -30.80 30.09
C GLN P 143 -110.76 -29.74 30.66
N PHE P 144 -109.62 -29.71 29.99
CA PHE P 144 -108.53 -28.78 30.13
C PHE P 144 -108.61 -27.90 28.86
N VAL P 145 -109.12 -26.70 28.95
CA VAL P 145 -109.23 -25.70 27.90
C VAL P 145 -108.01 -24.75 27.88
N TRP P 146 -107.36 -24.74 26.73
CA TRP P 146 -106.22 -24.00 26.27
C TRP P 146 -106.64 -22.97 25.22
N ASN P 147 -106.61 -21.70 25.64
CA ASN P 147 -106.94 -20.52 24.85
C ASN P 147 -105.60 -20.03 24.29
N ILE P 148 -105.51 -20.12 22.99
CA ILE P 148 -104.22 -19.87 22.35
C ILE P 148 -104.25 -18.45 21.83
N TYR P 149 -103.24 -17.62 22.12
CA TYR P 149 -103.20 -16.24 21.66
C TYR P 149 -101.88 -15.91 20.97
N ALA P 150 -102.02 -15.17 19.88
CA ALA P 150 -100.80 -14.73 19.17
C ALA P 150 -99.99 -13.74 20.02
N ASN P 151 -98.69 -13.95 19.99
CA ASN P 151 -97.76 -13.04 20.67
C ASN P 151 -97.52 -11.87 19.69
N ASN P 152 -97.54 -12.18 18.40
CA ASN P 152 -97.24 -11.17 17.41
C ASN P 152 -98.15 -11.27 16.20
N ASP P 153 -98.47 -10.12 15.64
CA ASP P 153 -99.20 -10.04 14.39
C ASP P 153 -98.61 -11.09 13.42
N VAL P 154 -99.40 -11.74 12.58
CA VAL P 154 -98.78 -12.51 11.49
C VAL P 154 -99.13 -11.73 10.22
N VAL P 155 -98.18 -11.46 9.33
CA VAL P 155 -98.59 -10.80 8.08
C VAL P 155 -98.55 -11.76 6.90
N VAL P 156 -99.50 -11.67 5.96
CA VAL P 156 -99.40 -12.42 4.70
C VAL P 156 -99.11 -11.34 3.65
N PRO P 157 -98.03 -11.47 2.91
CA PRO P 157 -97.67 -10.43 1.95
C PRO P 157 -98.54 -10.52 0.71
N THR P 158 -99.29 -9.44 0.46
CA THR P 158 -100.18 -9.31 -0.67
C THR P 158 -99.38 -9.31 -1.98
N GLY P 159 -99.92 -10.05 -2.97
CA GLY P 159 -99.27 -10.26 -4.24
C GLY P 159 -99.73 -9.37 -5.39
N GLY P 160 -99.05 -9.58 -6.53
CA GLY P 160 -99.45 -8.84 -7.74
C GLY P 160 -100.87 -9.31 -8.11
N CYS P 161 -101.29 -8.72 -9.24
CA CYS P 161 -102.57 -8.97 -9.87
C CYS P 161 -102.50 -9.77 -11.15
N ASP P 162 -103.69 -10.22 -11.57
CA ASP P 162 -103.76 -10.96 -12.85
C ASP P 162 -104.16 -9.95 -13.94
N VAL P 163 -103.29 -9.87 -14.92
CA VAL P 163 -103.41 -8.98 -16.05
C VAL P 163 -103.86 -9.64 -17.35
N SER P 164 -105.13 -9.95 -17.48
CA SER P 164 -105.71 -10.58 -18.66
C SER P 164 -105.73 -9.86 -20.01
N ALA P 165 -104.86 -10.21 -20.96
CA ALA P 165 -104.94 -9.66 -22.32
C ALA P 165 -106.16 -10.29 -23.06
N ARG P 166 -106.55 -11.15 -23.70
CA ARG P 166 -106.80 -12.14 -24.74
C ARG P 166 -105.63 -12.49 -25.65
N ASP P 167 -105.11 -11.59 -26.50
CA ASP P 167 -103.97 -11.97 -27.35
C ASP P 167 -103.34 -10.81 -28.09
N VAL P 168 -101.98 -10.12 -28.97
CA VAL P 168 -102.40 -10.07 -30.36
C VAL P 168 -103.87 -9.78 -30.63
N THR P 169 -104.02 -8.71 -31.44
CA THR P 169 -105.23 -8.07 -31.87
C THR P 169 -105.29 -7.77 -33.36
N VAL P 170 -106.39 -8.13 -34.01
CA VAL P 170 -106.50 -7.75 -35.44
C VAL P 170 -107.03 -6.32 -35.44
N THR P 171 -106.37 -5.45 -36.18
CA THR P 171 -106.54 -4.01 -36.24
C THR P 171 -107.28 -3.54 -37.50
N LEU P 172 -108.21 -2.58 -37.35
CA LEU P 172 -108.79 -3.05 -38.51
C LEU P 172 -108.18 -2.69 -39.83
N PRO P 173 -108.37 -3.39 -40.92
CA PRO P 173 -107.78 -3.05 -42.16
C PRO P 173 -108.52 -1.99 -42.99
N ASP P 174 -109.79 -1.75 -42.72
CA ASP P 174 -110.66 -0.83 -43.40
C ASP P 174 -110.32 0.65 -43.24
N TYR P 175 -109.52 1.02 -42.24
CA TYR P 175 -108.97 2.33 -42.01
C TYR P 175 -109.67 3.51 -41.39
N PRO P 176 -110.86 3.40 -40.85
CA PRO P 176 -111.52 4.53 -40.18
C PRO P 176 -111.29 4.45 -38.67
N GLY P 177 -111.18 3.21 -38.21
CA GLY P 177 -111.23 2.25 -37.28
C GLY P 177 -111.09 2.60 -35.81
N SER P 178 -111.29 1.63 -34.93
CA SER P 178 -111.24 1.81 -33.50
C SER P 178 -111.34 0.46 -32.79
N VAL P 179 -110.27 -0.33 -32.80
CA VAL P 179 -110.26 -1.67 -32.23
C VAL P 179 -110.11 -1.62 -30.73
N PRO P 180 -111.18 -1.85 -29.99
CA PRO P 180 -111.07 -1.93 -28.53
C PRO P 180 -109.93 -2.90 -28.25
N ILE P 181 -108.98 -2.63 -27.36
CA ILE P 181 -107.96 -3.66 -27.08
C ILE P 181 -108.34 -4.41 -25.80
N PRO P 182 -108.38 -5.72 -25.93
CA PRO P 182 -108.68 -6.63 -24.83
C PRO P 182 -107.86 -6.39 -23.58
N LEU P 183 -108.35 -5.75 -22.52
CA LEU P 183 -107.42 -5.68 -21.36
C LEU P 183 -108.09 -5.46 -20.01
N THR P 184 -108.04 -6.56 -19.23
CA THR P 184 -108.52 -6.51 -17.85
C THR P 184 -107.43 -6.78 -16.78
N VAL P 185 -107.67 -6.28 -15.56
CA VAL P 185 -106.85 -6.56 -14.41
C VAL P 185 -107.72 -6.97 -13.20
N TYR P 186 -107.18 -8.02 -12.55
CA TYR P 186 -107.82 -8.44 -11.28
C TYR P 186 -106.73 -8.66 -10.23
N CYS P 187 -107.02 -8.27 -9.01
CA CYS P 187 -106.13 -8.45 -7.86
C CYS P 187 -106.90 -9.13 -6.73
N ALA P 188 -106.41 -10.17 -6.07
CA ALA P 188 -107.15 -10.68 -4.90
C ALA P 188 -107.09 -9.53 -3.90
N LYS P 189 -105.81 -9.15 -3.65
CA LYS P 189 -105.61 -8.00 -2.76
C LYS P 189 -105.82 -6.66 -3.47
N SER P 190 -106.92 -6.02 -3.04
CA SER P 190 -107.29 -4.71 -3.57
C SER P 190 -106.18 -3.72 -3.22
N GLN P 191 -105.78 -3.02 -4.27
CA GLN P 191 -104.64 -2.11 -4.24
C GLN P 191 -104.57 -1.07 -5.35
N ASN P 192 -103.39 -0.47 -5.54
CA ASN P 192 -103.12 0.65 -6.43
C ASN P 192 -102.06 0.32 -7.46
N LEU P 193 -102.44 0.63 -8.69
CA LEU P 193 -101.67 0.28 -9.86
C LEU P 193 -101.69 1.34 -10.94
N GLY P 194 -100.65 1.25 -11.77
CA GLY P 194 -100.56 2.15 -12.91
C GLY P 194 -100.11 1.34 -14.12
N TYR P 195 -100.16 1.99 -15.29
CA TYR P 195 -99.63 1.25 -16.45
C TYR P 195 -98.89 2.27 -17.33
N TYR P 196 -98.10 1.81 -18.28
CA TYR P 196 -97.50 2.76 -19.21
C TYR P 196 -97.09 2.02 -20.46
N LEU P 197 -97.25 2.66 -21.61
CA LEU P 197 -96.92 2.06 -22.91
C LEU P 197 -95.48 2.31 -23.29
N SER P 198 -94.81 1.45 -24.01
CA SER P 198 -93.43 1.41 -24.41
C SER P 198 -93.36 0.97 -25.88
N GLY P 199 -92.41 1.44 -26.66
CA GLY P 199 -92.33 1.04 -28.04
C GLY P 199 -91.72 2.17 -28.88
N THR P 200 -91.23 1.84 -30.06
CA THR P 200 -90.65 2.84 -30.90
C THR P 200 -91.83 3.64 -31.47
N THR P 201 -91.65 4.94 -31.25
CA THR P 201 -92.67 5.92 -31.62
C THR P 201 -92.25 6.74 -32.82
N ALA P 202 -93.26 7.03 -33.67
CA ALA P 202 -92.92 7.76 -34.92
C ALA P 202 -93.06 9.27 -34.81
N ASP P 203 -93.90 9.78 -33.95
CA ASP P 203 -94.19 11.19 -33.81
C ASP P 203 -93.43 11.89 -32.68
N ALA P 204 -93.46 13.24 -32.76
CA ALA P 204 -92.68 14.04 -31.83
C ALA P 204 -93.41 14.12 -30.49
N GLY P 205 -94.68 13.78 -30.58
CA GLY P 205 -95.62 13.60 -29.50
C GLY P 205 -95.48 12.21 -28.87
N ASN P 206 -94.64 11.35 -29.45
CA ASN P 206 -94.44 10.01 -28.85
C ASN P 206 -95.75 9.29 -28.55
N SER P 207 -96.84 9.44 -29.34
CA SER P 207 -98.05 8.72 -28.97
C SER P 207 -98.31 7.70 -30.09
N ILE P 208 -97.59 7.85 -31.18
CA ILE P 208 -97.85 7.00 -32.33
C ILE P 208 -96.80 5.91 -32.52
N PHE P 209 -97.33 4.65 -32.43
CA PHE P 209 -96.36 3.55 -32.51
C PHE P 209 -96.03 3.20 -33.95
N THR P 210 -94.76 2.93 -34.15
CA THR P 210 -94.31 2.63 -35.50
C THR P 210 -94.69 1.30 -36.14
N ASN P 211 -95.12 1.41 -37.40
CA ASN P 211 -95.41 0.28 -38.28
C ASN P 211 -94.18 -0.62 -38.34
N THR P 212 -94.40 -1.92 -38.14
CA THR P 212 -93.27 -2.83 -38.05
C THR P 212 -93.39 -3.93 -39.10
N ALA P 213 -94.35 -3.80 -40.01
CA ALA P 213 -94.49 -4.76 -41.10
C ALA P 213 -93.39 -4.56 -42.13
N SER P 214 -93.05 -5.63 -42.86
CA SER P 214 -92.07 -5.47 -43.94
C SER P 214 -92.63 -6.03 -45.24
N PHE P 215 -93.77 -6.71 -45.22
CA PHE P 215 -94.40 -7.11 -46.49
C PHE P 215 -95.23 -5.90 -46.93
N SER P 216 -94.63 -4.91 -47.56
CA SER P 216 -95.30 -3.71 -48.05
C SER P 216 -96.00 -2.97 -46.92
N PRO P 217 -95.33 -1.95 -46.41
CA PRO P 217 -95.81 -1.18 -45.30
C PRO P 217 -96.63 0.04 -45.70
N ALA P 218 -97.67 0.30 -44.90
CA ALA P 218 -98.40 1.55 -45.19
C ALA P 218 -97.36 2.64 -44.85
N GLN P 219 -97.10 3.52 -45.81
CA GLN P 219 -96.19 4.64 -45.66
C GLN P 219 -96.88 5.65 -44.73
N GLY P 220 -96.15 6.33 -43.84
CA GLY P 220 -96.68 7.34 -42.97
C GLY P 220 -97.87 7.10 -42.08
N VAL P 221 -98.14 5.88 -41.61
CA VAL P 221 -99.21 5.55 -40.67
C VAL P 221 -98.60 4.80 -39.49
N GLY P 222 -99.31 4.79 -38.37
CA GLY P 222 -98.91 4.14 -37.13
C GLY P 222 -100.20 3.83 -36.38
N VAL P 223 -100.06 3.43 -35.12
CA VAL P 223 -101.15 3.01 -34.27
C VAL P 223 -101.01 3.85 -33.01
N GLN P 224 -102.12 4.35 -32.53
CA GLN P 224 -102.04 5.21 -31.35
C GLN P 224 -103.12 4.70 -30.41
N LEU P 225 -102.82 4.79 -29.09
CA LEU P 225 -103.81 4.20 -28.20
C LEU P 225 -104.57 5.29 -27.48
N THR P 226 -105.75 4.88 -27.01
CA THR P 226 -106.63 5.85 -26.36
C THR P 226 -107.41 5.16 -25.27
N ARG P 227 -107.67 5.80 -24.16
CA ARG P 227 -108.50 5.33 -23.05
C ARG P 227 -109.72 6.25 -23.03
N ASN P 228 -110.89 5.81 -23.42
CA ASN P 228 -112.09 6.61 -23.56
C ASN P 228 -111.86 8.10 -23.92
N GLY P 229 -111.19 8.32 -25.05
CA GLY P 229 -110.97 9.63 -25.57
C GLY P 229 -109.61 10.28 -25.39
N THR P 230 -108.98 10.04 -24.24
CA THR P 230 -107.65 10.62 -23.95
C THR P 230 -106.60 9.80 -24.70
N ILE P 231 -105.60 10.42 -25.29
CA ILE P 231 -104.54 9.67 -25.92
C ILE P 231 -103.50 9.42 -24.80
N ILE P 232 -102.89 8.26 -24.95
CA ILE P 232 -101.84 7.75 -24.12
C ILE P 232 -100.54 7.78 -24.90
N PRO P 233 -99.68 8.76 -24.65
CA PRO P 233 -98.34 8.82 -25.22
C PRO P 233 -97.43 7.85 -24.46
N ALA P 234 -96.30 7.43 -25.02
CA ALA P 234 -95.39 6.52 -24.42
C ALA P 234 -94.57 6.99 -23.21
N ASN P 235 -94.45 6.05 -22.24
CA ASN P 235 -93.66 6.27 -21.06
C ASN P 235 -94.28 7.37 -20.19
N ASN P 236 -95.60 7.35 -20.22
CA ASN P 236 -96.43 8.32 -19.56
C ASN P 236 -97.42 7.59 -18.68
N THR P 237 -96.90 7.16 -17.53
CA THR P 237 -97.77 6.46 -16.58
C THR P 237 -99.16 7.09 -16.46
N VAL P 238 -100.13 6.21 -16.44
CA VAL P 238 -101.54 6.37 -16.27
C VAL P 238 -101.84 5.59 -14.98
N SER P 239 -102.59 6.20 -14.08
CA SER P 239 -102.93 5.47 -12.86
C SER P 239 -104.34 4.90 -12.92
N LEU P 240 -104.43 3.59 -12.68
CA LEU P 240 -105.71 2.91 -12.49
C LEU P 240 -106.03 3.16 -11.02
N GLY P 241 -107.27 3.12 -10.62
CA GLY P 241 -107.54 3.37 -9.19
C GLY P 241 -107.16 2.19 -8.30
N ALA P 242 -108.19 1.78 -7.53
CA ALA P 242 -108.14 0.68 -6.59
C ALA P 242 -108.64 -0.61 -7.27
N VAL P 243 -107.78 -1.16 -8.12
CA VAL P 243 -107.99 -2.44 -8.79
C VAL P 243 -108.12 -3.60 -7.76
N GLY P 244 -109.35 -3.83 -7.30
CA GLY P 244 -109.69 -4.82 -6.32
C GLY P 244 -109.85 -6.24 -6.84
N THR P 245 -110.85 -6.98 -6.32
CA THR P 245 -111.00 -8.38 -6.79
C THR P 245 -111.57 -8.45 -8.20
N SER P 246 -112.83 -8.05 -8.32
CA SER P 246 -113.52 -7.89 -9.59
C SER P 246 -112.60 -7.35 -10.70
N ALA P 247 -112.60 -7.97 -11.87
CA ALA P 247 -111.83 -7.48 -13.01
C ALA P 247 -112.14 -6.04 -13.42
N VAL P 248 -111.07 -5.27 -13.64
CA VAL P 248 -111.16 -3.87 -14.09
C VAL P 248 -110.52 -3.74 -15.47
N SER P 249 -111.33 -3.15 -16.36
CA SER P 249 -110.98 -2.98 -17.76
C SER P 249 -110.20 -1.69 -18.01
N LEU P 250 -109.07 -1.75 -18.70
CA LEU P 250 -108.44 -0.52 -19.19
C LEU P 250 -109.36 -0.21 -20.38
N GLY P 251 -109.99 0.96 -20.45
CA GLY P 251 -110.85 1.12 -21.65
C GLY P 251 -110.00 1.57 -22.85
N LEU P 252 -109.07 0.78 -23.33
CA LEU P 252 -108.21 1.06 -24.43
C LEU P 252 -108.80 0.89 -25.83
N THR P 253 -108.35 1.81 -26.71
CA THR P 253 -108.75 1.77 -28.12
C THR P 253 -107.54 1.89 -29.04
N ALA P 254 -107.63 1.18 -30.17
CA ALA P 254 -106.54 1.25 -31.12
C ALA P 254 -107.01 1.92 -32.41
N ASN P 255 -106.33 3.01 -32.81
CA ASN P 255 -106.63 3.77 -33.99
C ASN P 255 -105.36 4.09 -34.79
N TYR P 256 -105.62 3.99 -36.12
CA TYR P 256 -104.57 4.36 -37.06
C TYR P 256 -104.30 5.87 -36.93
N ALA P 257 -103.04 6.29 -36.98
CA ALA P 257 -102.82 7.75 -36.92
C ALA P 257 -101.84 8.06 -38.05
N ARG P 258 -101.72 9.34 -38.38
CA ARG P 258 -100.86 9.74 -39.47
C ARG P 258 -99.51 10.21 -38.94
N THR P 259 -98.48 9.70 -39.58
CA THR P 259 -97.06 9.90 -39.29
C THR P 259 -96.49 10.85 -40.30
N GLY P 260 -95.37 10.61 -40.96
CA GLY P 260 -94.73 11.40 -41.95
C GLY P 260 -95.41 12.44 -42.80
N GLY P 261 -95.74 12.04 -44.04
CA GLY P 261 -96.41 12.89 -45.01
C GLY P 261 -97.65 12.21 -45.60
N GLN P 262 -97.48 11.61 -46.78
CA GLN P 262 -98.53 10.88 -47.46
C GLN P 262 -98.73 9.49 -46.87
N VAL P 263 -99.97 8.98 -46.93
CA VAL P 263 -100.24 7.61 -46.47
C VAL P 263 -100.28 6.72 -47.69
N THR P 264 -99.52 5.63 -47.75
CA THR P 264 -99.65 4.76 -48.95
C THR P 264 -100.23 3.44 -48.43
N ALA P 265 -101.50 3.22 -48.70
CA ALA P 265 -102.12 2.00 -48.21
C ALA P 265 -101.21 0.79 -48.49
N GLY P 266 -101.35 -0.15 -47.54
CA GLY P 266 -100.66 -1.40 -47.43
C GLY P 266 -100.92 -2.01 -46.04
N ASN P 267 -99.96 -2.83 -45.63
CA ASN P 267 -99.92 -3.55 -44.38
C ASN P 267 -99.35 -2.75 -43.21
N VAL P 268 -100.04 -2.64 -42.07
CA VAL P 268 -99.60 -1.93 -40.87
C VAL P 268 -99.36 -2.85 -39.67
N GLN P 269 -98.20 -2.75 -38.99
CA GLN P 269 -97.99 -3.61 -37.81
C GLN P 269 -97.33 -3.00 -36.58
N SER P 270 -97.93 -3.17 -35.40
CA SER P 270 -97.46 -2.59 -34.15
C SER P 270 -97.21 -3.55 -32.98
N ILE P 271 -96.05 -3.34 -32.36
CA ILE P 271 -95.64 -4.08 -31.19
C ILE P 271 -95.53 -3.05 -30.04
N ILE P 272 -96.35 -3.23 -29.03
CA ILE P 272 -96.41 -2.38 -27.84
C ILE P 272 -96.20 -3.20 -26.57
N GLY P 273 -95.48 -2.66 -25.57
CA GLY P 273 -95.44 -3.37 -24.28
C GLY P 273 -96.39 -2.52 -23.43
N VAL P 274 -97.03 -3.09 -22.46
CA VAL P 274 -97.89 -2.48 -21.48
C VAL P 274 -97.23 -2.99 -20.18
N THR P 275 -96.90 -2.08 -19.29
CA THR P 275 -96.20 -2.32 -18.06
C THR P 275 -97.08 -1.87 -16.91
N PHE P 276 -97.33 -2.82 -16.00
CA PHE P 276 -98.13 -2.53 -14.81
C PHE P 276 -97.09 -2.17 -13.76
N VAL P 277 -97.36 -1.06 -13.08
CA VAL P 277 -96.39 -0.58 -12.09
C VAL P 277 -97.01 -0.71 -10.70
N TYR P 278 -96.29 -1.41 -9.83
CA TYR P 278 -96.84 -1.60 -8.48
C TYR P 278 -96.36 -0.49 -7.55
N GLN P 279 -97.38 0.10 -6.92
CA GLN P 279 -97.26 1.16 -5.96
C GLN P 279 -96.63 0.66 -4.66
#